data_6WH9
#
_entry.id   6WH9
#
_cell.length_a   186.030
_cell.length_b   114.810
_cell.length_c   186.140
_cell.angle_alpha   90.000
_cell.angle_beta   96.530
_cell.angle_gamma   90.000
#
_symmetry.space_group_name_H-M   'C 1 2 1'
#
loop_
_entity.id
_entity.type
_entity.pdbx_description
1 polymer KR1
2 polymer '1D10 (Fab heavy chain)'
3 polymer '1D10 (Fab light chain)'
4 non-polymer 'SULFATE ION'
5 water water
#
loop_
_entity_poly.entity_id
_entity_poly.type
_entity_poly.pdbx_seq_one_letter_code
_entity_poly.pdbx_strand_id
1 'polypeptide(L)'
;GSHMDEVSALRYRIEWRPTGAGEPARLDGTWLVAKYAGTADETSTAAREALESAGARVRELVVDARCGRDELAERLRSVG
EVAGVLSLLAVDEAEPEEAPLALASLADTLSLVQAMVSAELGCPLWTVTESAVATGPFERVRNAAHGALWGVGRVIALEN
PAVWGGLVDVPAGSVAELARHLAAVVSGGAGEDQLALRADGVYGRRWVRAAAPATDDEWKPTGTVLVTGGTGGVGGQIAR
WLARRGAPHLLLVSRSGPDADGAGELVAELEALGARTTVAACDVTDRESVRELLGGIGDDVPLSAVFHAAATLDDGTVDT
LTGERIERASRAKVLGARNLHELTRELDLTAFVLFSSFASAFGAPGLGGYAPGNAYLDGLAQQRRSDGLPATAVAWGTWA
GSGMAEGPVADRFRRHGVIEMPPETACRALQNALDRAEVCPIVIDVRWDRFLLAYTAQRPTRLFDEIDDARRAAPQAAAE
PRVGA
;
G,D,A
2 'polypeptide(L)'
;MAEVQLVQSGAEVKKPGSSVKVSCKASGGTFSSYAISWVRQAPGQGLEWMGWISAYNGNTNYAQKLQGRVTMTTDTSTST
AYMELRSLRSDDTAVYYCARAPNYGDYVAFDIWGQGTTVTVSSASTKGPSVFPLAPSSKSTSGGTAALGCLVKDYFPEPV
TVSWNSGALTSGVHTFPAVLQSSGLYSLSSVVTVPSSSLGTQTYICNVNHKPSNTKVDKKVEPKSCAAAHHHHHHAADYK
DDDDKA
;
E,B,H
3 'polypeptide(L)'
;LFAIPLVVPFYSHSAQTVVIQEPSLTVSPGGTVTLTCGSSTGAVTSGHYPYWFQQKPGQAPRTLIYDTSNKHSWTPARFS
GSLLGGKAALTLSGAQPEDEAEYYCLLSYSGALWVFGGGTKLTVLGQPKAAPSVTLFPPSSEELQANKATLVCLISDFYP
GAVTVAWKADSSPVKAGVETTTPSKQSNNKYAASSYLSLTPEQWKSRKSYSCQVTHEGSTVEKTVAPAECS
;
F,C,I
#
loop_
_chem_comp.id
_chem_comp.type
_chem_comp.name
_chem_comp.formula
SO4 non-polymer 'SULFATE ION' 'O4 S -2'
#
# COMPACT_ATOMS: atom_id res chain seq x y z
N ASP A 5 -21.92 -30.92 -13.48
CA ASP A 5 -22.68 -31.71 -12.47
C ASP A 5 -23.16 -30.77 -11.36
N GLU A 6 -24.47 -30.75 -11.10
CA GLU A 6 -25.13 -30.06 -9.94
C GLU A 6 -24.68 -28.59 -9.84
N VAL A 7 -23.48 -28.35 -9.30
CA VAL A 7 -22.96 -26.99 -8.96
C VAL A 7 -22.73 -26.18 -10.24
N SER A 8 -22.10 -26.76 -11.27
CA SER A 8 -21.71 -26.06 -12.53
C SER A 8 -22.89 -25.23 -13.06
N ALA A 9 -24.11 -25.77 -13.00
CA ALA A 9 -25.35 -25.18 -13.55
C ALA A 9 -25.67 -23.82 -12.90
N LEU A 10 -25.28 -23.63 -11.63
CA LEU A 10 -25.60 -22.42 -10.83
C LEU A 10 -24.35 -21.55 -10.63
N ARG A 11 -23.36 -21.65 -11.54
CA ARG A 11 -22.12 -20.83 -11.49
C ARG A 11 -22.05 -19.92 -12.72
N TYR A 12 -21.97 -18.60 -12.50
CA TYR A 12 -21.99 -17.53 -13.52
C TYR A 12 -20.94 -16.47 -13.19
N ARG A 13 -20.90 -15.39 -13.96
CA ARG A 13 -19.86 -14.33 -13.87
C ARG A 13 -20.27 -13.15 -14.78
N ILE A 14 -19.77 -11.96 -14.47
CA ILE A 14 -19.92 -10.75 -15.34
C ILE A 14 -18.77 -10.75 -16.34
N GLU A 15 -19.07 -10.47 -17.61
CA GLU A 15 -18.08 -10.13 -18.67
C GLU A 15 -18.48 -8.76 -19.24
N TRP A 16 -17.65 -8.21 -20.13
CA TRP A 16 -17.94 -6.92 -20.81
C TRP A 16 -17.73 -7.09 -22.33
N ARG A 17 -18.80 -7.48 -23.04
CA ARG A 17 -18.73 -7.79 -24.49
C ARG A 17 -18.89 -6.47 -25.25
N PRO A 18 -18.15 -6.24 -26.36
CA PRO A 18 -18.29 -5.00 -27.12
C PRO A 18 -19.63 -4.92 -27.86
N THR A 19 -20.41 -3.87 -27.64
CA THR A 19 -21.67 -3.55 -28.38
C THR A 19 -22.05 -2.09 -28.16
N GLY A 20 -22.55 -1.42 -29.21
CA GLY A 20 -22.85 0.03 -29.24
C GLY A 20 -24.32 0.30 -29.51
N THR A 30 -34.87 19.91 -24.28
CA THR A 30 -33.99 20.41 -23.20
C THR A 30 -33.47 19.23 -22.37
N TRP A 31 -32.14 19.08 -22.30
CA TRP A 31 -31.43 18.10 -21.43
C TRP A 31 -30.81 18.86 -20.25
N LEU A 32 -30.94 18.35 -19.02
CA LEU A 32 -30.25 18.91 -17.82
C LEU A 32 -28.97 18.13 -17.54
N VAL A 33 -27.93 18.81 -17.06
CA VAL A 33 -26.68 18.17 -16.57
C VAL A 33 -26.60 18.40 -15.05
N ALA A 34 -26.94 17.38 -14.27
CA ALA A 34 -26.87 17.38 -12.79
C ALA A 34 -25.40 17.27 -12.38
N LYS A 35 -24.87 18.32 -11.76
CA LYS A 35 -23.42 18.46 -11.43
C LYS A 35 -23.28 19.24 -10.11
N TYR A 36 -22.20 19.01 -9.37
CA TYR A 36 -21.84 19.79 -8.15
C TYR A 36 -21.10 21.07 -8.58
N ALA A 37 -21.27 22.17 -7.84
CA ALA A 37 -20.61 23.47 -8.10
C ALA A 37 -19.09 23.31 -7.95
N GLY A 38 -18.33 23.56 -9.03
CA GLY A 38 -16.85 23.52 -9.04
C GLY A 38 -16.29 22.11 -9.21
N THR A 39 -17.11 21.18 -9.72
CA THR A 39 -16.79 19.74 -9.88
C THR A 39 -17.30 19.23 -11.24
N ALA A 40 -16.42 18.65 -12.07
CA ALA A 40 -16.74 18.04 -13.38
C ALA A 40 -16.64 19.06 -14.52
N ASP A 41 -16.77 20.36 -14.22
CA ASP A 41 -16.59 21.52 -15.15
C ASP A 41 -16.07 21.05 -16.52
N GLU A 42 -14.86 20.48 -16.57
CA GLU A 42 -14.20 19.95 -17.80
C GLU A 42 -15.10 18.93 -18.53
N THR A 43 -15.72 18.01 -17.77
CA THR A 43 -16.56 16.89 -18.27
C THR A 43 -17.99 17.38 -18.55
N SER A 44 -18.44 18.47 -17.90
CA SER A 44 -19.77 19.10 -18.13
C SER A 44 -19.79 19.86 -19.46
N THR A 45 -18.73 20.62 -19.77
CA THR A 45 -18.61 21.39 -21.04
C THR A 45 -18.50 20.40 -22.21
N ALA A 46 -17.74 19.31 -22.04
CA ALA A 46 -17.56 18.25 -23.05
C ALA A 46 -18.89 17.52 -23.27
N ALA A 47 -19.66 17.30 -22.20
CA ALA A 47 -21.01 16.68 -22.25
C ALA A 47 -21.97 17.60 -23.01
N ARG A 48 -21.95 18.92 -22.72
CA ARG A 48 -22.89 19.91 -23.33
C ARG A 48 -22.63 19.95 -24.84
N GLU A 49 -21.37 19.97 -25.25
CA GLU A 49 -20.94 20.06 -26.68
C GLU A 49 -21.53 18.89 -27.47
N ALA A 50 -21.34 17.68 -26.95
CA ALA A 50 -21.75 16.40 -27.59
C ALA A 50 -23.27 16.29 -27.66
N LEU A 51 -23.99 16.92 -26.72
CA LEU A 51 -25.46 16.83 -26.57
C LEU A 51 -26.17 17.73 -27.59
N GLU A 52 -25.85 19.03 -27.62
CA GLU A 52 -26.47 20.00 -28.56
C GLU A 52 -26.04 19.65 -30.00
N SER A 53 -24.88 19.00 -30.17
CA SER A 53 -24.36 18.47 -31.47
C SER A 53 -25.32 17.43 -32.05
N ALA A 54 -26.34 17.02 -31.29
CA ALA A 54 -27.46 16.16 -31.77
C ALA A 54 -28.81 16.83 -31.46
N GLY A 55 -28.87 18.17 -31.47
CA GLY A 55 -30.11 18.97 -31.44
C GLY A 55 -30.88 18.80 -30.14
N ALA A 56 -30.43 19.46 -29.08
CA ALA A 56 -31.08 19.49 -27.75
C ALA A 56 -30.43 20.60 -26.93
N ARG A 57 -31.23 21.51 -26.36
CA ARG A 57 -30.70 22.64 -25.54
C ARG A 57 -30.14 22.06 -24.24
N VAL A 58 -28.87 22.36 -23.94
CA VAL A 58 -28.21 22.02 -22.65
C VAL A 58 -28.41 23.20 -21.70
N ARG A 59 -28.90 22.94 -20.49
CA ARG A 59 -28.92 23.88 -19.33
C ARG A 59 -28.39 23.13 -18.10
N GLU A 60 -27.53 23.79 -17.31
CA GLU A 60 -26.85 23.18 -16.13
C GLU A 60 -27.83 23.13 -14.96
N LEU A 61 -27.85 22.01 -14.23
CA LEU A 61 -28.60 21.87 -12.95
C LEU A 61 -27.59 21.58 -11.85
N VAL A 62 -27.00 22.63 -11.30
CA VAL A 62 -26.01 22.57 -10.17
C VAL A 62 -26.76 22.07 -8.92
N VAL A 63 -26.10 21.24 -8.11
CA VAL A 63 -26.70 20.54 -6.92
C VAL A 63 -25.90 20.90 -5.67
N ASP A 64 -26.58 21.07 -4.54
CA ASP A 64 -25.97 21.31 -3.20
C ASP A 64 -25.62 19.95 -2.58
N ALA A 65 -24.51 19.90 -1.82
CA ALA A 65 -24.02 18.69 -1.12
C ALA A 65 -25.13 18.15 -0.20
N ARG A 66 -25.51 16.88 -0.36
CA ARG A 66 -26.62 16.23 0.40
C ARG A 66 -27.89 17.08 0.24
N CYS A 67 -28.43 17.13 -0.98
CA CYS A 67 -29.60 17.98 -1.33
C CYS A 67 -30.88 17.46 -0.65
N GLY A 68 -31.72 18.38 -0.15
CA GLY A 68 -33.07 18.09 0.35
C GLY A 68 -34.03 17.90 -0.80
N ARG A 69 -34.52 16.67 -1.01
CA ARG A 69 -35.30 16.29 -2.21
C ARG A 69 -36.48 17.25 -2.41
N ASP A 70 -37.07 17.75 -1.32
CA ASP A 70 -38.27 18.63 -1.37
C ASP A 70 -37.94 19.93 -2.12
N GLU A 71 -36.77 20.55 -1.86
CA GLU A 71 -36.36 21.83 -2.49
C GLU A 71 -35.96 21.59 -3.94
N LEU A 72 -35.44 20.40 -4.25
CA LEU A 72 -34.97 20.04 -5.61
C LEU A 72 -36.20 19.75 -6.49
N ALA A 73 -37.23 19.13 -5.91
CA ALA A 73 -38.54 18.87 -6.56
C ALA A 73 -39.12 20.20 -7.08
N GLU A 74 -39.04 21.26 -6.28
CA GLU A 74 -39.66 22.59 -6.59
C GLU A 74 -38.80 23.33 -7.62
N ARG A 75 -37.50 23.01 -7.72
CA ARG A 75 -36.60 23.64 -8.71
C ARG A 75 -36.75 22.94 -10.07
N LEU A 76 -37.35 21.75 -10.09
CA LEU A 76 -37.65 20.98 -11.33
C LEU A 76 -39.06 21.33 -11.83
N ARG A 77 -39.91 21.88 -10.95
CA ARG A 77 -41.30 22.30 -11.27
C ARG A 77 -41.29 23.74 -11.84
N SER A 78 -40.12 24.20 -12.29
CA SER A 78 -39.89 25.55 -12.89
C SER A 78 -39.35 25.43 -14.32
N VAL A 79 -38.23 24.69 -14.49
CA VAL A 79 -37.37 24.63 -15.71
C VAL A 79 -38.19 24.39 -16.99
N GLY A 80 -39.42 23.86 -16.89
CA GLY A 80 -40.30 23.60 -18.04
C GLY A 80 -39.99 22.26 -18.69
N GLU A 81 -40.73 21.87 -19.72
CA GLU A 81 -40.66 20.51 -20.35
C GLU A 81 -39.17 20.14 -20.54
N VAL A 82 -38.78 18.96 -20.04
CA VAL A 82 -37.38 18.43 -20.09
C VAL A 82 -37.41 17.02 -20.70
N ALA A 83 -36.54 16.77 -21.68
CA ALA A 83 -36.49 15.54 -22.52
C ALA A 83 -35.55 14.50 -21.89
N GLY A 84 -34.66 14.91 -20.99
CA GLY A 84 -33.73 13.99 -20.31
C GLY A 84 -32.85 14.70 -19.30
N VAL A 85 -31.99 13.96 -18.59
CA VAL A 85 -31.04 14.55 -17.63
C VAL A 85 -29.87 13.58 -17.39
N LEU A 86 -28.66 14.10 -17.63
CA LEU A 86 -27.35 13.42 -17.39
C LEU A 86 -26.86 13.86 -16.01
N SER A 87 -26.08 13.01 -15.33
CA SER A 87 -25.54 13.27 -13.98
C SER A 87 -24.01 13.09 -13.93
N LEU A 88 -23.31 14.14 -13.53
CA LEU A 88 -21.82 14.18 -13.37
C LEU A 88 -21.48 14.30 -11.87
N LEU A 89 -22.37 13.83 -11.00
CA LEU A 89 -22.25 13.89 -9.53
C LEU A 89 -21.10 12.99 -9.11
N ALA A 90 -21.02 11.79 -9.71
CA ALA A 90 -20.03 10.75 -9.37
C ALA A 90 -18.72 10.96 -10.15
N VAL A 91 -18.67 12.01 -10.99
CA VAL A 91 -17.48 12.41 -11.79
C VAL A 91 -16.67 13.43 -10.97
N ASP A 92 -15.34 13.32 -11.00
CA ASP A 92 -14.41 14.29 -10.35
C ASP A 92 -14.75 14.34 -8.86
N GLU A 93 -14.92 13.17 -8.23
CA GLU A 93 -15.34 13.04 -6.80
C GLU A 93 -14.17 12.47 -5.98
N ALA A 94 -14.11 12.82 -4.70
CA ALA A 94 -13.11 12.36 -3.71
C ALA A 94 -13.74 11.27 -2.83
N GLU A 95 -13.14 10.99 -1.67
CA GLU A 95 -13.78 10.19 -0.60
C GLU A 95 -13.15 10.59 0.74
N PRO A 96 -13.27 11.88 1.12
CA PRO A 96 -12.65 12.42 2.34
C PRO A 96 -12.51 11.48 3.55
N GLU A 97 -11.52 10.58 3.47
CA GLU A 97 -11.00 9.68 4.55
C GLU A 97 -12.05 9.32 5.61
N GLU A 98 -13.21 8.79 5.19
CA GLU A 98 -14.36 8.52 6.08
C GLU A 98 -15.00 7.17 5.71
N ALA A 99 -16.32 7.06 5.87
CA ALA A 99 -17.13 5.86 5.56
C ALA A 99 -17.35 5.82 4.06
N PRO A 100 -17.06 4.67 3.40
CA PRO A 100 -17.12 4.55 1.95
C PRO A 100 -18.47 4.87 1.29
N LEU A 101 -19.60 4.62 1.97
CA LEU A 101 -20.96 4.79 1.38
C LEU A 101 -21.63 6.07 1.91
N ALA A 102 -20.85 6.99 2.48
CA ALA A 102 -21.30 8.38 2.73
C ALA A 102 -21.47 9.05 1.37
N LEU A 103 -20.41 9.04 0.56
CA LEU A 103 -20.39 9.47 -0.87
C LEU A 103 -21.63 10.32 -1.21
N ALA A 104 -21.44 11.64 -1.29
CA ALA A 104 -22.50 12.63 -1.59
C ALA A 104 -23.32 12.14 -2.80
N SER A 105 -22.64 11.69 -3.85
CA SER A 105 -23.24 11.38 -5.18
C SER A 105 -24.23 10.21 -5.05
N LEU A 106 -24.03 9.30 -4.09
CA LEU A 106 -24.99 8.19 -3.84
C LEU A 106 -26.25 8.81 -3.21
N ALA A 107 -26.05 9.60 -2.17
CA ALA A 107 -27.16 10.20 -1.40
C ALA A 107 -27.99 11.09 -2.34
N ASP A 108 -27.35 11.66 -3.36
CA ASP A 108 -27.94 12.71 -4.22
C ASP A 108 -28.47 12.12 -5.53
N THR A 109 -27.94 10.99 -6.02
CA THR A 109 -28.60 10.27 -7.15
C THR A 109 -29.98 9.84 -6.64
N LEU A 110 -30.05 9.30 -5.43
CA LEU A 110 -31.33 8.81 -4.83
C LEU A 110 -32.30 9.98 -4.63
N SER A 111 -31.83 11.10 -4.08
CA SER A 111 -32.71 12.26 -3.82
C SER A 111 -32.96 13.02 -5.15
N LEU A 112 -32.12 12.83 -6.17
CA LEU A 112 -32.39 13.41 -7.51
C LEU A 112 -33.55 12.63 -8.13
N VAL A 113 -33.40 11.30 -8.27
CA VAL A 113 -34.42 10.39 -8.87
C VAL A 113 -35.75 10.63 -8.16
N GLN A 114 -35.77 10.57 -6.83
CA GLN A 114 -36.98 10.79 -5.99
C GLN A 114 -37.66 12.12 -6.35
N ALA A 115 -36.88 13.15 -6.70
CA ALA A 115 -37.35 14.55 -6.91
C ALA A 115 -37.90 14.73 -8.31
N MET A 116 -37.27 14.09 -9.30
CA MET A 116 -37.78 14.05 -10.71
C MET A 116 -39.17 13.42 -10.71
N VAL A 117 -39.30 12.23 -10.13
CA VAL A 117 -40.56 11.47 -9.91
C VAL A 117 -41.58 12.37 -9.21
N SER A 118 -41.17 13.17 -8.23
CA SER A 118 -42.08 14.13 -7.53
C SER A 118 -42.51 15.24 -8.48
N ALA A 119 -41.54 15.82 -9.22
CA ALA A 119 -41.77 16.95 -10.15
C ALA A 119 -42.46 16.46 -11.43
N GLU A 120 -42.59 15.14 -11.61
CA GLU A 120 -43.29 14.48 -12.75
C GLU A 120 -42.72 14.98 -14.08
N LEU A 121 -41.46 14.66 -14.39
CA LEU A 121 -40.79 15.05 -15.67
C LEU A 121 -41.05 13.98 -16.74
N GLY A 122 -41.18 12.73 -16.31
CA GLY A 122 -41.39 11.58 -17.22
C GLY A 122 -40.21 11.41 -18.18
N CYS A 123 -39.09 12.07 -17.91
CA CYS A 123 -37.82 11.90 -18.65
C CYS A 123 -36.87 11.03 -17.81
N PRO A 124 -35.98 10.25 -18.45
CA PRO A 124 -35.11 9.32 -17.73
C PRO A 124 -33.86 10.05 -17.21
N LEU A 125 -33.05 9.35 -16.39
CA LEU A 125 -31.78 9.90 -15.85
C LEU A 125 -30.62 8.96 -16.22
N TRP A 126 -29.53 9.53 -16.75
CA TRP A 126 -28.24 8.84 -17.04
C TRP A 126 -27.15 9.30 -16.07
N THR A 127 -26.65 8.37 -15.24
CA THR A 127 -25.47 8.57 -14.34
C THR A 127 -24.21 8.05 -15.05
N VAL A 128 -23.21 8.94 -15.20
CA VAL A 128 -21.83 8.57 -15.65
C VAL A 128 -20.95 8.45 -14.40
N THR A 129 -20.01 7.51 -14.45
CA THR A 129 -19.01 7.23 -13.39
C THR A 129 -17.63 7.15 -14.04
N GLU A 130 -16.59 7.34 -13.23
CA GLU A 130 -15.17 7.39 -13.66
C GLU A 130 -14.44 6.15 -13.10
N SER A 131 -14.12 5.19 -13.98
CA SER A 131 -13.36 3.95 -13.72
C SER A 131 -13.90 3.24 -12.47
N ALA A 132 -15.23 3.13 -12.39
CA ALA A 132 -15.97 2.45 -11.30
C ALA A 132 -16.07 0.95 -11.58
N VAL A 133 -15.77 0.50 -12.79
CA VAL A 133 -16.21 -0.82 -13.32
C VAL A 133 -15.01 -1.71 -13.72
N ALA A 134 -14.09 -1.22 -14.55
CA ALA A 134 -12.91 -1.97 -15.06
C ALA A 134 -13.37 -3.16 -15.93
N THR A 135 -13.29 -3.03 -17.26
CA THR A 135 -13.79 -4.00 -18.26
C THR A 135 -12.77 -5.12 -18.51
N GLY A 136 -12.50 -5.97 -17.53
CA GLY A 136 -11.48 -7.03 -17.61
C GLY A 136 -10.26 -6.71 -16.76
N PRO A 137 -9.41 -7.71 -16.43
CA PRO A 137 -8.43 -7.58 -15.34
C PRO A 137 -7.18 -6.72 -15.61
N PHE A 138 -7.17 -5.99 -16.72
CA PHE A 138 -6.10 -5.03 -17.13
C PHE A 138 -6.42 -3.64 -16.57
N GLU A 139 -7.69 -3.24 -16.57
CA GLU A 139 -8.15 -1.96 -15.94
C GLU A 139 -8.31 -2.15 -14.43
N ARG A 140 -8.25 -1.07 -13.67
CA ARG A 140 -8.39 -1.06 -12.18
C ARG A 140 -9.71 -0.36 -11.81
N VAL A 141 -10.28 -0.72 -10.65
CA VAL A 141 -11.47 -0.04 -10.05
C VAL A 141 -10.93 1.11 -9.18
N ARG A 142 -11.25 2.35 -9.55
CA ARG A 142 -10.66 3.58 -8.96
C ARG A 142 -11.17 3.76 -7.53
N ASN A 143 -12.50 3.76 -7.36
CA ASN A 143 -13.16 3.94 -6.04
C ASN A 143 -14.35 2.99 -5.96
N ALA A 144 -14.27 1.98 -5.08
CA ALA A 144 -15.23 0.84 -5.02
C ALA A 144 -16.64 1.33 -4.67
N ALA A 145 -16.74 2.53 -4.07
CA ALA A 145 -18.01 3.15 -3.62
C ALA A 145 -18.91 3.46 -4.82
N HIS A 146 -18.38 4.04 -5.90
CA HIS A 146 -19.18 4.40 -7.10
C HIS A 146 -19.89 3.15 -7.62
N GLY A 147 -19.35 1.97 -7.32
CA GLY A 147 -20.02 0.69 -7.61
C GLY A 147 -21.42 0.68 -7.02
N ALA A 148 -21.64 1.33 -5.87
CA ALA A 148 -22.96 1.40 -5.18
C ALA A 148 -23.98 2.05 -6.13
N LEU A 149 -23.56 3.10 -6.85
CA LEU A 149 -24.41 3.80 -7.85
C LEU A 149 -24.96 2.76 -8.84
N TRP A 150 -24.13 1.81 -9.30
CA TRP A 150 -24.49 0.76 -10.28
C TRP A 150 -25.50 -0.21 -9.66
N GLY A 151 -25.22 -0.73 -8.45
CA GLY A 151 -26.13 -1.59 -7.69
C GLY A 151 -27.50 -0.96 -7.53
N VAL A 152 -27.60 0.13 -6.77
CA VAL A 152 -28.88 0.85 -6.52
C VAL A 152 -29.50 1.21 -7.86
N GLY A 153 -28.72 1.73 -8.81
CA GLY A 153 -29.21 2.13 -10.14
C GLY A 153 -29.89 0.98 -10.87
N ARG A 154 -29.38 -0.23 -10.68
CA ARG A 154 -29.90 -1.47 -11.29
C ARG A 154 -31.26 -1.79 -10.67
N VAL A 155 -31.48 -1.48 -9.39
CA VAL A 155 -32.75 -1.83 -8.68
C VAL A 155 -33.72 -0.65 -8.76
N ILE A 156 -33.28 0.50 -9.30
CA ILE A 156 -34.20 1.65 -9.55
C ILE A 156 -34.90 1.35 -10.88
N ALA A 157 -34.15 0.89 -11.87
CA ALA A 157 -34.67 0.43 -13.18
C ALA A 157 -35.95 -0.38 -12.98
N LEU A 158 -35.87 -1.46 -12.19
CA LEU A 158 -36.97 -2.46 -12.04
C LEU A 158 -38.10 -1.93 -11.16
N GLU A 159 -37.87 -0.91 -10.33
CA GLU A 159 -38.89 -0.34 -9.41
C GLU A 159 -39.56 0.87 -10.06
N ASN A 160 -38.90 1.50 -11.02
CA ASN A 160 -39.43 2.70 -11.72
C ASN A 160 -38.67 2.88 -13.04
N PRO A 161 -39.02 2.07 -14.07
CA PRO A 161 -38.44 2.20 -15.41
C PRO A 161 -38.42 3.62 -15.98
N ALA A 162 -39.53 4.34 -15.82
CA ALA A 162 -39.82 5.67 -16.42
C ALA A 162 -38.65 6.65 -16.19
N VAL A 163 -38.01 6.58 -15.03
CA VAL A 163 -37.06 7.62 -14.52
C VAL A 163 -35.61 7.20 -14.74
N TRP A 164 -35.33 5.90 -14.92
CA TRP A 164 -33.95 5.36 -15.08
C TRP A 164 -33.61 5.12 -16.56
N GLY A 165 -32.67 5.90 -17.09
CA GLY A 165 -32.03 5.66 -18.39
C GLY A 165 -31.01 4.53 -18.31
N GLY A 166 -29.94 4.71 -17.54
CA GLY A 166 -28.89 3.69 -17.36
C GLY A 166 -27.59 4.28 -16.85
N LEU A 167 -26.58 3.43 -16.67
CA LEU A 167 -25.24 3.82 -16.15
C LEU A 167 -24.23 3.76 -17.29
N VAL A 168 -23.16 4.54 -17.20
CA VAL A 168 -22.12 4.64 -18.26
C VAL A 168 -20.76 4.98 -17.61
N ASP A 169 -19.85 3.99 -17.57
CA ASP A 169 -18.51 4.14 -16.94
C ASP A 169 -17.51 4.67 -17.96
N VAL A 170 -16.56 5.47 -17.50
CA VAL A 170 -15.64 6.29 -18.36
C VAL A 170 -14.26 6.28 -17.70
N PRO A 171 -13.15 6.25 -18.48
CA PRO A 171 -11.80 6.25 -17.90
C PRO A 171 -11.54 7.46 -17.01
N ALA A 172 -10.95 7.21 -15.83
CA ALA A 172 -10.78 8.15 -14.70
C ALA A 172 -11.10 9.59 -15.15
N GLY A 173 -10.17 10.27 -15.82
CA GLY A 173 -10.33 11.70 -16.12
C GLY A 173 -10.27 11.99 -17.61
N SER A 174 -11.07 11.29 -18.42
CA SER A 174 -11.14 11.47 -19.89
C SER A 174 -12.55 11.88 -20.31
N VAL A 175 -12.66 13.05 -20.97
CA VAL A 175 -13.92 13.59 -21.57
C VAL A 175 -14.08 13.00 -22.99
N ALA A 176 -12.98 12.57 -23.61
CA ALA A 176 -12.89 12.17 -25.03
C ALA A 176 -13.96 11.14 -25.39
N GLU A 177 -14.02 10.04 -24.64
CA GLU A 177 -14.92 8.89 -24.92
C GLU A 177 -16.37 9.36 -24.85
N LEU A 178 -16.72 10.17 -23.85
CA LEU A 178 -18.05 10.85 -23.77
C LEU A 178 -18.37 11.48 -25.13
N ALA A 179 -17.52 12.41 -25.58
CA ALA A 179 -17.75 13.39 -26.67
C ALA A 179 -18.35 12.72 -27.92
N ARG A 180 -17.83 11.56 -28.32
CA ARG A 180 -18.26 10.87 -29.56
C ARG A 180 -19.57 10.12 -29.29
N HIS A 181 -19.57 9.24 -28.30
CA HIS A 181 -20.60 8.18 -28.10
C HIS A 181 -21.88 8.72 -27.45
N LEU A 182 -21.77 9.58 -26.44
CA LEU A 182 -22.92 9.91 -25.54
C LEU A 182 -24.19 10.15 -26.36
N ALA A 183 -24.11 11.02 -27.38
CA ALA A 183 -25.22 11.31 -28.32
C ALA A 183 -26.01 10.01 -28.59
N ALA A 184 -25.30 8.98 -29.04
CA ALA A 184 -25.83 7.62 -29.36
C ALA A 184 -26.47 6.99 -28.11
N VAL A 185 -25.72 6.96 -27.00
CA VAL A 185 -26.03 6.12 -25.80
C VAL A 185 -27.41 6.50 -25.27
N VAL A 186 -27.76 7.79 -25.30
CA VAL A 186 -28.98 8.34 -24.62
C VAL A 186 -30.20 8.15 -25.52
N SER A 187 -30.02 8.08 -26.84
CA SER A 187 -31.10 7.97 -27.85
C SER A 187 -31.09 6.60 -28.54
N GLY A 188 -29.97 5.88 -28.49
CA GLY A 188 -29.77 4.58 -29.15
C GLY A 188 -30.87 3.60 -28.82
N GLY A 189 -31.35 2.87 -29.83
CA GLY A 189 -32.39 1.83 -29.68
C GLY A 189 -31.78 0.49 -29.33
N ALA A 190 -30.53 0.46 -28.86
CA ALA A 190 -29.78 -0.77 -28.49
C ALA A 190 -30.50 -1.49 -27.33
N GLY A 191 -30.93 -0.73 -26.32
CA GLY A 191 -31.48 -1.29 -25.07
C GLY A 191 -30.37 -1.72 -24.13
N GLU A 192 -29.17 -1.13 -24.30
CA GLU A 192 -28.03 -1.23 -23.35
C GLU A 192 -28.19 -0.12 -22.30
N ASP A 193 -28.20 -0.46 -21.01
CA ASP A 193 -28.41 0.50 -19.88
C ASP A 193 -27.24 0.43 -18.88
N GLN A 194 -26.30 -0.49 -19.10
CA GLN A 194 -25.10 -0.73 -18.26
C GLN A 194 -23.88 -0.76 -19.19
N LEU A 195 -23.41 0.43 -19.62
CA LEU A 195 -22.36 0.59 -20.65
C LEU A 195 -21.04 1.03 -20.00
N ALA A 196 -19.91 0.68 -20.61
CA ALA A 196 -18.56 1.19 -20.28
C ALA A 196 -17.89 1.70 -21.55
N LEU A 197 -17.67 3.01 -21.63
CA LEU A 197 -16.90 3.70 -22.70
C LEU A 197 -15.42 3.52 -22.42
N ARG A 198 -14.64 3.13 -23.43
CA ARG A 198 -13.15 3.05 -23.35
C ARG A 198 -12.53 3.54 -24.67
N ALA A 199 -11.20 3.64 -24.71
CA ALA A 199 -10.39 4.04 -25.88
C ALA A 199 -10.56 2.99 -26.98
N ASP A 200 -10.53 1.71 -26.62
CA ASP A 200 -10.61 0.56 -27.57
C ASP A 200 -12.08 0.20 -27.84
N GLY A 201 -12.95 1.22 -27.99
CA GLY A 201 -14.39 1.06 -28.29
C GLY A 201 -15.25 1.13 -27.04
N VAL A 202 -16.53 0.72 -27.17
CA VAL A 202 -17.56 0.77 -26.09
C VAL A 202 -17.96 -0.68 -25.75
N TYR A 203 -18.22 -0.94 -24.47
CA TYR A 203 -18.51 -2.30 -23.94
C TYR A 203 -19.83 -2.27 -23.18
N GLY A 204 -20.54 -3.39 -23.20
CA GLY A 204 -21.82 -3.57 -22.48
C GLY A 204 -21.66 -4.60 -21.37
N ARG A 205 -22.36 -4.42 -20.26
CA ARG A 205 -22.30 -5.34 -19.10
C ARG A 205 -23.08 -6.60 -19.46
N ARG A 206 -22.55 -7.76 -19.09
CA ARG A 206 -23.07 -9.08 -19.56
C ARG A 206 -22.93 -10.15 -18.46
N TRP A 207 -23.98 -10.95 -18.33
CA TRP A 207 -24.11 -12.16 -17.48
C TRP A 207 -23.81 -13.40 -18.36
N VAL A 208 -22.82 -14.22 -17.98
CA VAL A 208 -22.44 -15.47 -18.71
C VAL A 208 -22.17 -16.60 -17.71
N ARG A 209 -22.33 -17.85 -18.15
CA ARG A 209 -22.02 -19.09 -17.39
C ARG A 209 -20.50 -19.30 -17.39
N ALA A 210 -19.97 -20.08 -16.44
CA ALA A 210 -18.53 -20.15 -16.10
C ALA A 210 -17.95 -21.52 -16.45
N ALA A 211 -16.64 -21.58 -16.68
CA ALA A 211 -15.85 -22.79 -17.06
C ALA A 211 -15.52 -23.62 -15.81
N ALA A 212 -15.03 -24.85 -16.00
CA ALA A 212 -14.75 -25.85 -14.94
C ALA A 212 -13.39 -25.56 -14.28
N TRP A 219 -7.79 -26.35 -2.17
CA TRP A 219 -7.62 -25.04 -1.47
C TRP A 219 -7.11 -25.27 -0.04
N LYS A 220 -7.91 -25.92 0.82
CA LYS A 220 -7.54 -26.37 2.20
C LYS A 220 -7.31 -25.19 3.15
N PRO A 221 -7.90 -25.22 4.37
CA PRO A 221 -7.68 -24.21 5.42
C PRO A 221 -6.53 -24.52 6.38
N THR A 222 -5.85 -23.47 6.87
CA THR A 222 -4.58 -23.56 7.64
C THR A 222 -4.60 -22.58 8.81
N GLY A 223 -3.62 -22.67 9.70
CA GLY A 223 -3.56 -21.86 10.94
C GLY A 223 -4.94 -21.66 11.55
N THR A 224 -5.30 -20.42 11.89
CA THR A 224 -6.69 -20.02 12.23
C THR A 224 -7.32 -19.40 10.99
N VAL A 225 -8.62 -19.64 10.80
CA VAL A 225 -9.42 -18.91 9.77
C VAL A 225 -10.61 -18.25 10.48
N LEU A 226 -10.73 -16.92 10.30
CA LEU A 226 -11.71 -16.02 10.99
C LEU A 226 -12.97 -15.91 10.12
N VAL A 227 -14.15 -16.02 10.72
CA VAL A 227 -15.45 -15.73 10.04
C VAL A 227 -16.25 -14.73 10.87
N THR A 228 -16.59 -13.58 10.27
CA THR A 228 -17.50 -12.56 10.83
C THR A 228 -18.94 -12.97 10.48
N GLY A 229 -19.87 -12.75 11.41
CA GLY A 229 -21.25 -13.27 11.33
C GLY A 229 -21.28 -14.73 11.72
N GLY A 230 -20.19 -15.22 12.34
CA GLY A 230 -19.88 -16.65 12.52
C GLY A 230 -20.76 -17.33 13.56
N THR A 231 -21.43 -16.53 14.37
CA THR A 231 -22.26 -16.98 15.50
C THR A 231 -23.72 -17.07 15.01
N GLY A 232 -24.04 -16.34 13.93
CA GLY A 232 -25.36 -16.31 13.28
C GLY A 232 -25.44 -17.36 12.20
N GLY A 233 -26.55 -17.41 11.46
CA GLY A 233 -26.76 -18.30 10.30
C GLY A 233 -26.08 -17.78 9.04
N VAL A 234 -25.67 -18.67 8.16
CA VAL A 234 -24.76 -18.42 7.00
C VAL A 234 -23.34 -18.58 7.52
N GLY A 235 -22.88 -17.62 8.32
CA GLY A 235 -21.58 -17.71 9.04
C GLY A 235 -21.50 -19.00 9.83
N GLY A 236 -22.62 -19.35 10.50
CA GLY A 236 -22.80 -20.62 11.21
C GLY A 236 -22.59 -21.82 10.31
N GLN A 237 -23.10 -21.78 9.07
CA GLN A 237 -22.91 -22.87 8.08
C GLN A 237 -21.47 -22.82 7.54
N ILE A 238 -20.92 -21.64 7.28
CA ILE A 238 -19.51 -21.44 6.84
C ILE A 238 -18.58 -21.99 7.92
N ALA A 239 -18.90 -21.76 9.20
CA ALA A 239 -18.12 -22.19 10.38
C ALA A 239 -18.05 -23.72 10.44
N ARG A 240 -19.16 -24.40 10.17
CA ARG A 240 -19.27 -25.88 10.31
C ARG A 240 -18.94 -26.57 8.99
N TRP A 241 -19.08 -25.89 7.84
CA TRP A 241 -18.50 -26.34 6.55
C TRP A 241 -16.97 -26.33 6.67
N LEU A 242 -16.40 -25.23 7.19
CA LEU A 242 -14.93 -24.99 7.29
C LEU A 242 -14.31 -26.08 8.17
N ALA A 243 -15.09 -26.64 9.10
CA ALA A 243 -14.65 -27.69 10.07
C ALA A 243 -14.77 -29.09 9.44
N ARG A 244 -15.87 -29.39 8.73
CA ARG A 244 -16.08 -30.69 8.03
C ARG A 244 -15.13 -30.79 6.83
N ARG A 245 -14.60 -29.65 6.35
CA ARG A 245 -13.54 -29.59 5.32
C ARG A 245 -12.16 -29.59 6.01
N GLY A 246 -12.15 -29.78 7.33
CA GLY A 246 -10.98 -30.21 8.12
C GLY A 246 -10.09 -29.06 8.58
N ALA A 247 -10.69 -27.96 9.06
CA ALA A 247 -9.96 -26.75 9.51
C ALA A 247 -9.29 -27.03 10.86
N PRO A 248 -8.05 -26.52 11.09
CA PRO A 248 -7.34 -26.77 12.34
C PRO A 248 -7.95 -25.96 13.51
N HIS A 249 -8.11 -24.65 13.32
CA HIS A 249 -8.56 -23.68 14.36
C HIS A 249 -9.48 -22.61 13.75
N LEU A 250 -10.65 -22.39 14.37
CA LEU A 250 -11.70 -21.47 13.89
C LEU A 250 -11.95 -20.34 14.91
N LEU A 251 -11.79 -19.09 14.47
CA LEU A 251 -12.15 -17.90 15.28
C LEU A 251 -13.47 -17.33 14.74
N LEU A 252 -14.59 -17.62 15.42
CA LEU A 252 -15.92 -17.06 15.07
C LEU A 252 -16.07 -15.73 15.82
N VAL A 253 -16.37 -14.65 15.10
CA VAL A 253 -16.60 -13.32 15.73
C VAL A 253 -17.98 -12.78 15.34
N SER A 254 -18.49 -11.89 16.19
CA SER A 254 -19.83 -11.25 16.12
C SER A 254 -20.00 -10.34 17.32
N ARG A 255 -20.84 -9.32 17.21
CA ARG A 255 -21.18 -8.39 18.31
C ARG A 255 -21.57 -9.17 19.57
N SER A 256 -22.28 -10.29 19.42
CA SER A 256 -22.80 -11.12 20.55
C SER A 256 -21.76 -12.15 21.00
N GLY A 257 -20.87 -12.56 20.10
CA GLY A 257 -19.89 -13.62 20.38
C GLY A 257 -20.49 -14.72 21.26
N PRO A 258 -19.84 -15.07 22.39
CA PRO A 258 -20.22 -16.28 23.12
C PRO A 258 -21.68 -16.21 23.60
N ASP A 259 -22.20 -15.00 23.77
CA ASP A 259 -23.53 -14.73 24.38
C ASP A 259 -24.63 -14.86 23.32
N ALA A 260 -24.24 -15.00 22.06
CA ALA A 260 -25.14 -15.41 20.95
C ALA A 260 -25.93 -16.66 21.36
N ASP A 261 -27.23 -16.70 21.09
CA ASP A 261 -28.08 -17.91 21.22
C ASP A 261 -27.37 -19.08 20.52
N GLY A 262 -27.20 -20.21 21.23
CA GLY A 262 -26.67 -21.49 20.72
C GLY A 262 -25.22 -21.41 20.27
N ALA A 263 -24.46 -20.41 20.71
CA ALA A 263 -23.00 -20.34 20.54
C ALA A 263 -22.35 -21.47 21.32
N GLY A 264 -22.98 -21.88 22.44
CA GLY A 264 -22.54 -23.03 23.25
C GLY A 264 -22.60 -24.32 22.46
N GLU A 265 -23.75 -24.62 21.86
CA GLU A 265 -24.00 -25.91 21.17
C GLU A 265 -23.32 -25.88 19.80
N LEU A 266 -22.89 -24.70 19.32
CA LEU A 266 -22.16 -24.55 18.03
C LEU A 266 -20.71 -25.01 18.18
N VAL A 267 -19.94 -24.44 19.12
CA VAL A 267 -18.50 -24.83 19.28
C VAL A 267 -18.44 -26.34 19.52
N ALA A 268 -19.29 -26.87 20.39
CA ALA A 268 -19.39 -28.32 20.72
C ALA A 268 -19.63 -29.13 19.43
N GLU A 269 -20.52 -28.65 18.56
CA GLU A 269 -20.95 -29.36 17.33
C GLU A 269 -19.77 -29.47 16.36
N LEU A 270 -18.84 -28.50 16.33
CA LEU A 270 -17.68 -28.56 15.39
C LEU A 270 -16.35 -28.71 16.12
N GLU A 271 -16.32 -28.62 17.46
CA GLU A 271 -15.19 -29.16 18.27
C GLU A 271 -15.17 -30.68 18.04
N ALA A 272 -16.36 -31.26 17.80
CA ALA A 272 -16.56 -32.67 17.39
C ALA A 272 -15.79 -32.97 16.10
N LEU A 273 -15.85 -32.07 15.12
CA LEU A 273 -15.35 -32.30 13.74
C LEU A 273 -13.90 -31.80 13.61
N GLY A 274 -13.09 -31.94 14.67
CA GLY A 274 -11.63 -31.78 14.66
C GLY A 274 -11.19 -30.33 14.47
N ALA A 275 -11.92 -29.38 15.06
CA ALA A 275 -11.68 -27.92 14.96
C ALA A 275 -11.65 -27.30 16.37
N ARG A 276 -10.48 -26.84 16.82
CA ARG A 276 -10.29 -26.10 18.10
C ARG A 276 -10.75 -24.66 17.91
N THR A 277 -12.05 -24.42 18.05
CA THR A 277 -12.69 -23.12 17.72
C THR A 277 -12.89 -22.28 18.98
N THR A 278 -12.92 -20.97 18.79
CA THR A 278 -13.06 -19.94 19.85
C THR A 278 -14.07 -18.91 19.33
N VAL A 279 -15.01 -18.47 20.19
CA VAL A 279 -16.10 -17.51 19.83
C VAL A 279 -15.87 -16.18 20.55
N ALA A 280 -15.59 -15.10 19.81
CA ALA A 280 -15.21 -13.78 20.38
C ALA A 280 -16.27 -12.73 20.02
N ALA A 281 -16.63 -11.90 21.00
CA ALA A 281 -17.36 -10.64 20.78
C ALA A 281 -16.45 -9.69 20.01
N CYS A 282 -16.94 -9.08 18.93
CA CYS A 282 -16.17 -8.09 18.13
C CYS A 282 -17.11 -7.26 17.25
N ASP A 283 -16.89 -5.94 17.22
CA ASP A 283 -17.59 -4.95 16.36
C ASP A 283 -16.72 -4.66 15.14
N VAL A 284 -16.86 -5.48 14.09
CA VAL A 284 -16.04 -5.41 12.84
C VAL A 284 -16.04 -3.98 12.27
N THR A 285 -16.98 -3.14 12.68
CA THR A 285 -17.15 -1.74 12.21
C THR A 285 -16.12 -0.82 12.85
N ASP A 286 -15.54 -1.22 13.97
CA ASP A 286 -14.64 -0.36 14.81
C ASP A 286 -13.20 -0.81 14.56
N ARG A 287 -12.39 0.06 13.96
CA ARG A 287 -10.96 -0.23 13.61
C ARG A 287 -10.25 -0.83 14.82
N GLU A 288 -10.52 -0.32 16.03
CA GLU A 288 -9.86 -0.82 17.26
C GLU A 288 -10.33 -2.24 17.58
N SER A 289 -11.64 -2.47 17.72
CA SER A 289 -12.23 -3.76 18.15
C SER A 289 -11.62 -4.94 17.35
N VAL A 290 -11.30 -4.74 16.07
CA VAL A 290 -10.72 -5.82 15.21
C VAL A 290 -9.19 -5.87 15.43
N ARG A 291 -8.52 -4.72 15.55
CA ARG A 291 -7.06 -4.66 15.80
C ARG A 291 -6.76 -5.52 17.03
N GLU A 292 -7.55 -5.37 18.11
CA GLU A 292 -7.33 -6.10 19.39
C GLU A 292 -7.86 -7.54 19.26
N LEU A 293 -8.63 -7.84 18.21
CA LEU A 293 -9.03 -9.23 17.88
C LEU A 293 -7.88 -9.93 17.13
N LEU A 294 -7.22 -9.22 16.21
CA LEU A 294 -6.12 -9.75 15.37
C LEU A 294 -4.84 -9.93 16.20
N GLY A 295 -4.63 -9.05 17.18
CA GLY A 295 -3.49 -9.12 18.12
C GLY A 295 -3.69 -10.16 19.20
N GLY A 296 -4.87 -10.79 19.26
CA GLY A 296 -5.23 -11.79 20.29
C GLY A 296 -5.07 -13.22 19.80
N ILE A 297 -4.88 -13.45 18.50
CA ILE A 297 -4.67 -14.83 17.97
C ILE A 297 -3.24 -15.26 18.33
N GLY A 298 -3.09 -16.47 18.88
CA GLY A 298 -1.80 -17.06 19.25
C GLY A 298 -0.80 -16.94 18.11
N ASP A 299 0.47 -16.64 18.44
CA ASP A 299 1.62 -16.65 17.49
C ASP A 299 1.71 -18.07 16.91
N ASP A 300 1.41 -19.08 17.74
CA ASP A 300 1.53 -20.53 17.42
C ASP A 300 0.57 -20.89 16.27
N VAL A 301 -0.59 -20.25 16.20
CA VAL A 301 -1.64 -20.51 15.18
C VAL A 301 -1.94 -19.19 14.45
N PRO A 302 -1.18 -18.81 13.39
CA PRO A 302 -1.40 -17.56 12.68
C PRO A 302 -2.71 -17.50 11.86
N LEU A 303 -3.10 -16.30 11.42
CA LEU A 303 -4.35 -16.02 10.68
C LEU A 303 -4.11 -16.25 9.17
N SER A 304 -4.82 -17.24 8.59
CA SER A 304 -4.54 -17.78 7.25
C SER A 304 -5.62 -17.39 6.23
N ALA A 305 -6.89 -17.28 6.64
CA ALA A 305 -8.01 -16.89 5.76
C ALA A 305 -9.12 -16.22 6.58
N VAL A 306 -9.92 -15.34 5.95
CA VAL A 306 -11.12 -14.70 6.57
C VAL A 306 -12.34 -14.97 5.68
N PHE A 307 -13.51 -15.13 6.30
CA PHE A 307 -14.81 -15.20 5.59
C PHE A 307 -15.73 -14.12 6.18
N HIS A 308 -15.78 -12.96 5.53
CA HIS A 308 -16.55 -11.76 5.95
C HIS A 308 -18.03 -11.91 5.57
N ALA A 309 -18.82 -12.52 6.45
CA ALA A 309 -20.23 -12.94 6.23
C ALA A 309 -21.20 -12.09 7.05
N ALA A 310 -20.70 -11.13 7.84
CA ALA A 310 -21.50 -10.14 8.59
C ALA A 310 -22.56 -9.56 7.64
N ALA A 311 -23.80 -9.48 8.12
CA ALA A 311 -25.02 -9.17 7.33
C ALA A 311 -25.38 -7.68 7.38
N THR A 312 -26.22 -7.27 6.43
CA THR A 312 -27.00 -6.01 6.44
C THR A 312 -28.49 -6.42 6.40
N LEU A 313 -29.36 -5.67 7.08
CA LEU A 313 -30.84 -5.92 7.07
C LEU A 313 -31.54 -4.57 6.93
N ASP A 314 -32.02 -4.31 5.72
CA ASP A 314 -32.68 -3.05 5.30
C ASP A 314 -33.57 -3.41 4.11
N ASP A 315 -34.86 -3.64 4.36
CA ASP A 315 -35.85 -3.95 3.30
C ASP A 315 -36.39 -2.63 2.74
N GLY A 316 -37.58 -2.65 2.13
CA GLY A 316 -38.19 -1.44 1.59
C GLY A 316 -37.85 -1.18 0.12
N THR A 317 -38.34 -0.05 -0.38
CA THR A 317 -38.33 0.36 -1.81
C THR A 317 -37.43 1.58 -1.98
N VAL A 318 -36.99 1.87 -3.20
CA VAL A 318 -36.14 3.04 -3.52
C VAL A 318 -36.98 4.33 -3.47
N ASP A 319 -38.31 4.21 -3.35
CA ASP A 319 -39.23 5.35 -3.11
C ASP A 319 -38.65 6.28 -2.03
N THR A 320 -38.31 5.70 -0.87
CA THR A 320 -38.06 6.41 0.41
C THR A 320 -36.58 6.26 0.80
N LEU A 321 -35.99 5.09 0.59
CA LEU A 321 -34.55 4.78 0.82
C LEU A 321 -33.64 5.99 0.51
N THR A 322 -32.71 6.34 1.43
CA THR A 322 -31.75 7.48 1.33
C THR A 322 -30.29 7.01 1.47
N GLY A 323 -29.34 7.84 1.02
CA GLY A 323 -27.90 7.56 1.21
C GLY A 323 -27.60 7.35 2.68
N GLU A 324 -28.19 8.19 3.52
CA GLU A 324 -28.03 8.14 5.00
C GLU A 324 -28.48 6.75 5.50
N ARG A 325 -29.59 6.19 5.02
CA ARG A 325 -30.12 4.92 5.55
C ARG A 325 -29.18 3.77 5.14
N ILE A 326 -28.83 3.74 3.86
CA ILE A 326 -27.93 2.70 3.28
C ILE A 326 -26.62 2.65 4.07
N GLU A 327 -25.98 3.80 4.22
CA GLU A 327 -24.60 3.91 4.77
C GLU A 327 -24.63 3.31 6.17
N ARG A 328 -25.65 3.71 6.95
CA ARG A 328 -25.76 3.38 8.38
C ARG A 328 -26.08 1.89 8.58
N ALA A 329 -26.75 1.24 7.62
CA ALA A 329 -27.35 -0.09 7.83
C ALA A 329 -26.41 -1.16 7.28
N SER A 330 -25.28 -0.74 6.71
CA SER A 330 -24.40 -1.58 5.86
C SER A 330 -22.98 -1.63 6.42
N ARG A 331 -22.75 -1.02 7.59
CA ARG A 331 -21.40 -0.76 8.15
C ARG A 331 -20.70 -2.10 8.41
N ALA A 332 -21.32 -2.96 9.23
CA ALA A 332 -20.83 -4.33 9.51
C ALA A 332 -20.25 -4.95 8.23
N LYS A 333 -21.05 -5.09 7.18
CA LYS A 333 -20.59 -5.69 5.90
C LYS A 333 -19.49 -4.82 5.31
N VAL A 334 -19.70 -3.51 5.29
CA VAL A 334 -18.90 -2.58 4.43
C VAL A 334 -17.64 -2.18 5.18
N LEU A 335 -17.79 -1.46 6.32
CA LEU A 335 -16.67 -1.07 7.20
C LEU A 335 -15.89 -2.32 7.64
N GLY A 336 -16.58 -3.43 7.93
CA GLY A 336 -15.93 -4.71 8.24
C GLY A 336 -14.98 -5.13 7.13
N ALA A 337 -15.42 -5.04 5.87
CA ALA A 337 -14.57 -5.31 4.70
C ALA A 337 -13.39 -4.34 4.75
N ARG A 338 -13.66 -3.03 4.71
CA ARG A 338 -12.62 -1.98 4.58
C ARG A 338 -11.65 -2.07 5.77
N ASN A 339 -12.13 -2.51 6.94
CA ASN A 339 -11.30 -2.69 8.17
C ASN A 339 -10.42 -3.95 8.02
N LEU A 340 -11.02 -5.09 7.70
CA LEU A 340 -10.32 -6.39 7.65
C LEU A 340 -9.34 -6.38 6.46
N HIS A 341 -9.67 -5.68 5.37
CA HIS A 341 -8.73 -5.43 4.26
C HIS A 341 -7.55 -4.63 4.81
N GLU A 342 -7.82 -3.44 5.39
CA GLU A 342 -6.80 -2.50 5.91
C GLU A 342 -5.79 -3.23 6.81
N LEU A 343 -6.26 -4.12 7.67
CA LEU A 343 -5.45 -4.75 8.76
C LEU A 343 -4.94 -6.14 8.37
N THR A 344 -5.04 -6.55 7.11
CA THR A 344 -4.45 -7.83 6.61
C THR A 344 -3.61 -7.60 5.34
N ARG A 345 -3.51 -6.36 4.85
CA ARG A 345 -2.88 -6.04 3.53
C ARG A 345 -1.40 -6.48 3.54
N GLU A 346 -0.76 -6.40 4.72
CA GLU A 346 0.68 -6.68 4.92
C GLU A 346 0.87 -8.03 5.64
N LEU A 347 -0.08 -8.95 5.49
CA LEU A 347 0.00 -10.33 6.03
C LEU A 347 -0.29 -11.30 4.87
N ASP A 348 0.40 -12.44 4.82
CA ASP A 348 0.22 -13.48 3.77
C ASP A 348 -0.86 -14.45 4.24
N LEU A 349 -2.06 -14.31 3.69
CA LEU A 349 -3.21 -15.20 4.01
C LEU A 349 -3.70 -15.86 2.72
N THR A 350 -4.29 -17.06 2.89
CA THR A 350 -4.82 -17.97 1.85
C THR A 350 -5.98 -17.30 1.09
N ALA A 351 -7.11 -17.10 1.78
CA ALA A 351 -8.38 -16.57 1.20
C ALA A 351 -8.90 -15.39 2.04
N PHE A 352 -9.39 -14.37 1.33
CA PHE A 352 -10.06 -13.16 1.89
C PHE A 352 -11.45 -13.08 1.25
N VAL A 353 -12.40 -13.82 1.80
CA VAL A 353 -13.72 -14.11 1.16
C VAL A 353 -14.77 -13.13 1.71
N LEU A 354 -15.16 -12.17 0.85
CA LEU A 354 -16.34 -11.28 1.02
C LEU A 354 -17.59 -11.97 0.47
N PHE A 355 -18.72 -11.82 1.16
CA PHE A 355 -20.05 -12.36 0.78
C PHE A 355 -20.90 -11.23 0.18
N SER A 356 -20.92 -11.13 -1.16
CA SER A 356 -21.80 -10.23 -1.96
C SER A 356 -23.18 -10.91 -2.09
N SER A 357 -24.01 -10.51 -3.06
CA SER A 357 -25.28 -11.24 -3.35
C SER A 357 -25.86 -10.84 -4.72
N PHE A 358 -26.99 -11.47 -5.06
CA PHE A 358 -27.69 -11.32 -6.37
C PHE A 358 -28.27 -9.90 -6.49
N ALA A 359 -28.25 -9.12 -5.40
CA ALA A 359 -28.72 -7.72 -5.33
C ALA A 359 -27.75 -6.78 -6.06
N SER A 360 -26.45 -7.02 -5.91
CA SER A 360 -25.38 -6.32 -6.67
C SER A 360 -25.32 -6.91 -8.08
N ALA A 361 -25.47 -8.23 -8.23
CA ALA A 361 -25.32 -8.95 -9.52
C ALA A 361 -26.33 -8.41 -10.55
N PHE A 362 -27.64 -8.56 -10.32
CA PHE A 362 -28.71 -8.10 -11.26
C PHE A 362 -29.72 -7.18 -10.55
N GLY A 363 -29.99 -7.43 -9.27
CA GLY A 363 -30.79 -6.52 -8.43
C GLY A 363 -32.27 -6.68 -8.70
N ALA A 364 -33.04 -6.93 -7.64
CA ALA A 364 -34.48 -7.25 -7.68
C ALA A 364 -35.24 -6.19 -6.90
N PRO A 365 -36.52 -5.91 -7.26
CA PRO A 365 -37.32 -4.95 -6.50
C PRO A 365 -37.34 -5.26 -4.99
N GLY A 366 -36.91 -4.27 -4.20
CA GLY A 366 -36.90 -4.31 -2.72
C GLY A 366 -35.56 -4.75 -2.16
N LEU A 367 -34.52 -4.81 -3.01
CA LEU A 367 -33.14 -5.13 -2.62
C LEU A 367 -32.26 -3.88 -2.74
N GLY A 368 -32.88 -2.71 -2.84
CA GLY A 368 -32.17 -1.41 -2.85
C GLY A 368 -31.33 -1.22 -1.60
N GLY A 369 -31.74 -1.80 -0.47
CA GLY A 369 -31.01 -1.69 0.81
C GLY A 369 -29.80 -2.61 0.88
N TYR A 370 -29.70 -3.59 -0.02
CA TYR A 370 -28.63 -4.62 -0.04
C TYR A 370 -27.64 -4.36 -1.18
N ALA A 371 -28.09 -3.78 -2.30
CA ALA A 371 -27.26 -3.65 -3.51
C ALA A 371 -26.02 -2.82 -3.19
N PRO A 372 -26.16 -1.56 -2.71
CA PRO A 372 -24.99 -0.69 -2.51
C PRO A 372 -23.83 -1.33 -1.74
N GLY A 373 -24.10 -1.93 -0.57
CA GLY A 373 -23.11 -2.61 0.27
C GLY A 373 -22.33 -3.70 -0.45
N ASN A 374 -23.01 -4.58 -1.21
CA ASN A 374 -22.40 -5.75 -1.89
C ASN A 374 -21.65 -5.30 -3.16
N ALA A 375 -22.12 -4.24 -3.82
CA ALA A 375 -21.38 -3.51 -4.88
C ALA A 375 -19.98 -3.16 -4.36
N TYR A 376 -19.88 -2.58 -3.14
CA TYR A 376 -18.59 -2.21 -2.51
C TYR A 376 -17.72 -3.46 -2.46
N LEU A 377 -18.22 -4.53 -1.82
CA LEU A 377 -17.50 -5.83 -1.68
C LEU A 377 -17.03 -6.32 -3.05
N ASP A 378 -17.88 -6.21 -4.07
CA ASP A 378 -17.55 -6.59 -5.47
C ASP A 378 -16.32 -5.80 -5.92
N GLY A 379 -16.35 -4.48 -5.76
CA GLY A 379 -15.25 -3.56 -6.15
C GLY A 379 -13.96 -3.85 -5.40
N LEU A 380 -14.05 -4.13 -4.10
CA LEU A 380 -12.87 -4.24 -3.20
C LEU A 380 -12.05 -5.47 -3.57
N ALA A 381 -12.70 -6.59 -3.84
CA ALA A 381 -12.03 -7.84 -4.28
C ALA A 381 -11.27 -7.54 -5.58
N GLN A 382 -11.97 -6.99 -6.59
CA GLN A 382 -11.37 -6.63 -7.90
C GLN A 382 -10.10 -5.81 -7.61
N GLN A 383 -10.23 -4.69 -6.89
CA GLN A 383 -9.09 -3.75 -6.66
C GLN A 383 -8.08 -4.34 -5.67
N ARG A 384 -8.39 -5.46 -5.01
CA ARG A 384 -7.43 -6.23 -4.18
C ARG A 384 -6.55 -7.11 -5.08
N ARG A 385 -7.13 -8.03 -5.85
CA ARG A 385 -6.36 -8.93 -6.76
C ARG A 385 -5.61 -8.07 -7.79
N SER A 386 -6.18 -6.91 -8.12
CA SER A 386 -5.51 -5.84 -8.90
C SER A 386 -4.16 -5.48 -8.23
N ASP A 387 -4.19 -5.22 -6.92
CA ASP A 387 -3.01 -4.74 -6.12
C ASP A 387 -2.11 -5.91 -5.71
N GLY A 388 -2.54 -7.16 -5.94
CA GLY A 388 -1.73 -8.39 -5.74
C GLY A 388 -2.10 -9.16 -4.48
N LEU A 389 -3.36 -9.09 -4.03
CA LEU A 389 -3.84 -9.70 -2.76
C LEU A 389 -4.95 -10.71 -3.05
N PRO A 390 -5.06 -11.79 -2.23
CA PRO A 390 -5.98 -12.89 -2.53
C PRO A 390 -7.43 -12.64 -2.11
N ALA A 391 -8.24 -12.05 -2.99
CA ALA A 391 -9.64 -11.63 -2.72
C ALA A 391 -10.62 -12.59 -3.39
N THR A 392 -11.86 -12.62 -2.89
CA THR A 392 -12.98 -13.44 -3.41
C THR A 392 -14.31 -12.78 -3.03
N ALA A 393 -15.07 -12.30 -4.03
CA ALA A 393 -16.36 -11.59 -3.87
C ALA A 393 -17.51 -12.44 -4.42
N VAL A 394 -17.95 -13.42 -3.61
CA VAL A 394 -19.03 -14.37 -3.97
C VAL A 394 -20.37 -13.64 -3.93
N ALA A 395 -21.04 -13.53 -5.08
CA ALA A 395 -22.42 -13.01 -5.22
C ALA A 395 -23.40 -14.17 -5.03
N TRP A 396 -23.86 -14.35 -3.79
CA TRP A 396 -24.79 -15.45 -3.40
C TRP A 396 -26.21 -15.17 -3.91
N GLY A 397 -26.91 -16.25 -4.26
CA GLY A 397 -28.39 -16.30 -4.27
C GLY A 397 -28.89 -16.67 -2.89
N THR A 398 -30.19 -16.98 -2.79
CA THR A 398 -30.91 -17.40 -1.55
C THR A 398 -30.31 -18.69 -0.98
N TRP A 399 -30.52 -18.92 0.33
CA TRP A 399 -29.90 -19.99 1.18
C TRP A 399 -30.99 -20.75 1.97
N ALA A 400 -30.66 -21.32 3.13
CA ALA A 400 -31.54 -22.24 3.91
C ALA A 400 -32.49 -21.44 4.82
N GLY A 401 -33.25 -22.14 5.67
CA GLY A 401 -34.16 -21.53 6.66
C GLY A 401 -33.42 -20.71 7.70
N ASP A 411 -41.21 -17.36 -0.69
CA ASP A 411 -42.52 -17.62 -1.33
C ASP A 411 -42.75 -16.63 -2.48
N ARG A 412 -42.44 -15.34 -2.26
CA ARG A 412 -42.58 -14.26 -3.27
C ARG A 412 -41.37 -14.27 -4.22
N PHE A 413 -40.27 -14.90 -3.82
CA PHE A 413 -39.01 -14.99 -4.63
C PHE A 413 -38.91 -16.36 -5.31
N ARG A 414 -39.36 -17.43 -4.65
CA ARG A 414 -39.40 -18.80 -5.21
C ARG A 414 -40.24 -18.82 -6.50
N ARG A 415 -41.24 -17.93 -6.60
CA ARG A 415 -42.13 -17.81 -7.79
C ARG A 415 -41.43 -17.03 -8.91
N HIS A 416 -40.68 -15.98 -8.55
CA HIS A 416 -40.05 -15.02 -9.50
C HIS A 416 -38.68 -15.51 -9.97
N GLY A 417 -38.42 -16.83 -9.92
CA GLY A 417 -37.31 -17.48 -10.63
C GLY A 417 -36.25 -18.02 -9.69
N VAL A 418 -35.77 -17.18 -8.75
CA VAL A 418 -34.67 -17.52 -7.81
C VAL A 418 -35.19 -18.50 -6.76
N ILE A 419 -34.53 -19.66 -6.63
CA ILE A 419 -34.90 -20.73 -5.66
C ILE A 419 -33.71 -20.97 -4.74
N GLU A 420 -34.02 -21.37 -3.50
CA GLU A 420 -33.05 -21.52 -2.38
C GLU A 420 -32.03 -22.60 -2.71
N MET A 421 -30.77 -22.38 -2.31
CA MET A 421 -29.67 -23.38 -2.39
C MET A 421 -29.49 -24.00 -1.01
N PRO A 422 -29.35 -25.33 -0.89
CA PRO A 422 -29.04 -25.95 0.40
C PRO A 422 -27.68 -25.45 0.87
N PRO A 423 -27.41 -25.41 2.19
CA PRO A 423 -26.13 -24.92 2.70
C PRO A 423 -24.92 -25.59 2.04
N GLU A 424 -24.84 -26.93 2.13
CA GLU A 424 -23.70 -27.74 1.61
C GLU A 424 -23.50 -27.49 0.11
N THR A 425 -24.58 -27.40 -0.66
CA THR A 425 -24.60 -27.17 -2.13
C THR A 425 -23.89 -25.84 -2.46
N ALA A 426 -24.19 -24.80 -1.68
CA ALA A 426 -23.61 -23.45 -1.81
C ALA A 426 -22.13 -23.50 -1.44
N CYS A 427 -21.81 -24.10 -0.30
CA CYS A 427 -20.44 -24.17 0.25
C CYS A 427 -19.53 -24.92 -0.73
N ARG A 428 -19.87 -26.16 -1.10
CA ARG A 428 -19.10 -26.96 -2.10
C ARG A 428 -18.83 -26.10 -3.34
N ALA A 429 -19.80 -25.28 -3.74
CA ALA A 429 -19.73 -24.38 -4.92
C ALA A 429 -18.67 -23.29 -4.69
N LEU A 430 -18.55 -22.82 -3.44
CA LEU A 430 -17.47 -21.90 -2.98
C LEU A 430 -16.13 -22.63 -3.04
N GLN A 431 -16.10 -23.90 -2.61
CA GLN A 431 -14.86 -24.75 -2.53
C GLN A 431 -14.10 -24.66 -3.86
N ASN A 432 -14.80 -24.83 -4.97
CA ASN A 432 -14.23 -24.79 -6.35
C ASN A 432 -13.85 -23.36 -6.71
N ALA A 433 -14.75 -22.40 -6.42
CA ALA A 433 -14.59 -20.97 -6.75
C ALA A 433 -13.24 -20.45 -6.21
N LEU A 434 -12.80 -20.97 -5.06
CA LEU A 434 -11.48 -20.63 -4.44
C LEU A 434 -10.37 -21.43 -5.15
N ASP A 435 -10.60 -22.72 -5.41
CA ASP A 435 -9.67 -23.60 -6.16
C ASP A 435 -9.27 -22.91 -7.46
N ARG A 436 -10.25 -22.50 -8.27
CA ARG A 436 -10.07 -21.68 -9.50
C ARG A 436 -9.37 -20.37 -9.10
N ALA A 437 -9.72 -19.80 -7.95
CA ALA A 437 -9.21 -18.51 -7.44
C ALA A 437 -9.70 -17.39 -8.37
N GLU A 438 -10.99 -17.49 -8.76
CA GLU A 438 -11.74 -16.43 -9.48
C GLU A 438 -12.08 -15.31 -8.48
N VAL A 439 -12.23 -14.07 -8.96
CA VAL A 439 -12.37 -12.86 -8.09
C VAL A 439 -13.84 -12.64 -7.72
N CYS A 440 -14.75 -12.67 -8.70
CA CYS A 440 -16.18 -12.26 -8.53
C CYS A 440 -17.13 -13.31 -9.11
N PRO A 441 -17.11 -14.55 -8.58
CA PRO A 441 -18.00 -15.61 -9.05
C PRO A 441 -19.43 -15.43 -8.51
N ILE A 442 -20.43 -15.57 -9.39
CA ILE A 442 -21.86 -15.60 -9.01
C ILE A 442 -22.23 -17.07 -8.79
N VAL A 443 -23.07 -17.34 -7.78
CA VAL A 443 -23.44 -18.72 -7.33
C VAL A 443 -24.91 -18.70 -6.91
N ILE A 444 -25.80 -19.23 -7.75
CA ILE A 444 -27.27 -19.01 -7.62
C ILE A 444 -28.02 -20.04 -8.48
N ASP A 445 -28.96 -20.80 -7.89
CA ASP A 445 -29.89 -21.66 -8.67
C ASP A 445 -31.03 -20.76 -9.17
N VAL A 446 -31.09 -20.57 -10.49
CA VAL A 446 -32.09 -19.73 -11.21
C VAL A 446 -32.80 -20.61 -12.26
N ARG A 447 -34.07 -20.91 -12.03
CA ARG A 447 -35.01 -21.42 -13.07
C ARG A 447 -35.27 -20.26 -14.05
N TRP A 448 -34.62 -20.29 -15.22
CA TRP A 448 -34.46 -19.15 -16.17
C TRP A 448 -35.79 -18.75 -16.84
N ASP A 449 -36.66 -19.72 -17.15
CA ASP A 449 -37.93 -19.51 -17.90
C ASP A 449 -38.79 -18.43 -17.20
N ARG A 450 -39.01 -18.57 -15.89
CA ARG A 450 -39.84 -17.63 -15.06
C ARG A 450 -39.06 -16.34 -14.78
N PHE A 451 -37.79 -16.48 -14.41
CA PHE A 451 -36.89 -15.39 -13.95
C PHE A 451 -36.82 -14.28 -15.02
N LEU A 452 -36.54 -14.67 -16.26
CA LEU A 452 -36.42 -13.72 -17.40
C LEU A 452 -37.70 -12.89 -17.50
N LEU A 453 -38.85 -13.56 -17.65
CA LEU A 453 -40.18 -12.93 -17.84
C LEU A 453 -40.54 -12.06 -16.61
N ALA A 454 -40.19 -12.52 -15.41
CA ALA A 454 -40.40 -11.78 -14.14
C ALA A 454 -39.48 -10.55 -14.09
N TYR A 455 -38.27 -10.63 -14.63
CA TYR A 455 -37.26 -9.54 -14.61
C TYR A 455 -37.57 -8.51 -15.71
N THR A 456 -38.21 -8.93 -16.80
CA THR A 456 -38.48 -8.08 -17.99
C THR A 456 -39.95 -7.63 -18.05
N ALA A 457 -40.82 -8.17 -17.20
CA ALA A 457 -42.27 -7.86 -17.13
C ALA A 457 -42.52 -6.37 -17.45
N GLN A 458 -41.79 -5.46 -16.81
CA GLN A 458 -42.08 -3.99 -16.88
C GLN A 458 -40.99 -3.26 -17.68
N ARG A 459 -39.78 -3.81 -17.78
CA ARG A 459 -38.65 -3.10 -18.43
C ARG A 459 -37.74 -4.10 -19.15
N PRO A 460 -37.51 -3.89 -20.46
CA PRO A 460 -36.67 -4.79 -21.24
C PRO A 460 -35.21 -4.60 -20.83
N THR A 461 -34.49 -5.71 -20.68
CA THR A 461 -33.04 -5.73 -20.42
C THR A 461 -32.34 -6.39 -21.59
N ARG A 462 -31.04 -6.13 -21.74
CA ARG A 462 -30.18 -6.76 -22.75
C ARG A 462 -29.04 -7.49 -22.04
N LEU A 463 -29.15 -7.68 -20.73
CA LEU A 463 -28.04 -8.16 -19.85
C LEU A 463 -27.89 -9.68 -20.02
N PHE A 464 -29.00 -10.42 -20.09
CA PHE A 464 -29.02 -11.91 -20.05
C PHE A 464 -28.89 -12.49 -21.47
N ASP A 465 -28.66 -11.62 -22.47
CA ASP A 465 -28.64 -12.01 -23.91
C ASP A 465 -27.87 -13.33 -24.08
N GLU A 466 -26.65 -13.42 -23.54
CA GLU A 466 -25.68 -14.52 -23.85
C GLU A 466 -25.84 -15.67 -22.85
N ILE A 467 -26.94 -16.42 -22.97
CA ILE A 467 -27.26 -17.62 -22.13
C ILE A 467 -27.56 -18.82 -23.04
N ALA B 2 13.91 -22.45 -55.86
CA ALA B 2 14.79 -22.57 -57.05
C ALA B 2 14.05 -22.15 -58.32
N GLU B 3 12.79 -22.59 -58.47
CA GLU B 3 12.09 -22.76 -59.78
C GLU B 3 11.60 -21.41 -60.35
N VAL B 4 12.13 -20.27 -59.90
CA VAL B 4 11.96 -18.98 -60.64
C VAL B 4 12.82 -19.05 -61.90
N GLN B 5 12.33 -18.42 -62.96
CA GLN B 5 13.01 -18.22 -64.27
C GLN B 5 12.92 -16.74 -64.62
N LEU B 6 14.02 -16.21 -65.15
CA LEU B 6 14.14 -14.84 -65.72
C LEU B 6 14.31 -15.01 -67.23
N VAL B 7 13.40 -14.47 -68.04
CA VAL B 7 13.65 -14.34 -69.50
C VAL B 7 13.65 -12.85 -69.81
N GLN B 8 14.73 -12.39 -70.46
CA GLN B 8 14.96 -10.96 -70.80
C GLN B 8 14.54 -10.71 -72.25
N SER B 9 14.21 -9.45 -72.55
CA SER B 9 13.90 -8.90 -73.90
C SER B 9 14.97 -9.30 -74.92
N GLY B 10 14.65 -9.21 -76.22
CA GLY B 10 15.50 -9.71 -77.33
C GLY B 10 16.64 -8.77 -77.68
N ALA B 11 17.49 -9.16 -78.61
CA ALA B 11 18.65 -8.37 -79.09
C ALA B 11 18.23 -6.93 -79.45
N GLU B 12 19.00 -5.95 -78.98
CA GLU B 12 18.83 -4.51 -79.30
C GLU B 12 20.09 -4.03 -80.00
N VAL B 13 19.93 -3.17 -81.01
CA VAL B 13 21.05 -2.51 -81.76
C VAL B 13 20.67 -1.03 -81.90
N LYS B 14 21.58 -0.14 -81.51
CA LYS B 14 21.30 1.29 -81.20
C LYS B 14 22.45 2.17 -81.68
N LYS B 15 22.17 3.46 -81.91
CA LYS B 15 23.19 4.45 -82.34
C LYS B 15 23.71 5.21 -81.11
N PRO B 16 24.96 5.72 -81.14
CA PRO B 16 25.44 6.63 -80.09
C PRO B 16 24.41 7.73 -79.76
N GLY B 17 24.24 8.01 -78.45
CA GLY B 17 23.37 9.08 -77.94
C GLY B 17 21.98 8.57 -77.60
N SER B 18 21.54 7.45 -78.18
CA SER B 18 20.19 6.87 -77.91
C SER B 18 20.20 6.17 -76.55
N SER B 19 19.08 5.53 -76.21
CA SER B 19 18.89 4.81 -74.92
C SER B 19 18.31 3.41 -75.16
N VAL B 20 18.59 2.49 -74.23
CA VAL B 20 18.08 1.09 -74.23
C VAL B 20 17.25 0.88 -72.96
N LYS B 21 16.09 0.25 -73.11
CA LYS B 21 15.31 -0.35 -72.00
C LYS B 21 15.26 -1.87 -72.24
N VAL B 22 16.04 -2.65 -71.48
CA VAL B 22 15.96 -4.14 -71.52
C VAL B 22 15.09 -4.62 -70.37
N SER B 23 14.24 -5.61 -70.64
CA SER B 23 13.25 -6.17 -69.68
C SER B 23 13.76 -7.52 -69.13
N CYS B 24 13.22 -7.93 -67.98
CA CYS B 24 13.61 -9.14 -67.21
C CYS B 24 12.40 -9.64 -66.42
N LYS B 25 11.57 -10.49 -67.04
CA LYS B 25 10.33 -11.03 -66.41
C LYS B 25 10.67 -12.24 -65.54
N ALA B 26 10.37 -12.18 -64.25
CA ALA B 26 10.42 -13.35 -63.34
C ALA B 26 9.13 -14.15 -63.54
N SER B 27 9.24 -15.48 -63.60
CA SER B 27 8.11 -16.43 -63.43
C SER B 27 8.62 -17.63 -62.64
N GLY B 28 7.71 -18.38 -62.01
CA GLY B 28 8.04 -19.64 -61.31
C GLY B 28 8.07 -19.46 -59.80
N GLY B 29 7.58 -18.31 -59.31
CA GLY B 29 7.36 -17.99 -57.88
C GLY B 29 7.18 -16.49 -57.67
N THR B 30 6.91 -16.09 -56.43
CA THR B 30 6.69 -14.67 -56.01
C THR B 30 7.96 -13.84 -56.23
N PHE B 31 7.79 -12.58 -56.66
CA PHE B 31 8.90 -11.63 -56.93
C PHE B 31 8.74 -10.35 -56.09
N SER B 32 7.78 -10.36 -55.14
CA SER B 32 7.36 -9.17 -54.35
C SER B 32 8.47 -8.73 -53.40
N SER B 33 9.19 -9.67 -52.79
CA SER B 33 10.06 -9.45 -51.60
C SER B 33 11.54 -9.74 -51.93
N TYR B 34 11.98 -9.31 -53.12
CA TYR B 34 13.33 -9.58 -53.66
C TYR B 34 13.82 -8.36 -54.47
N ALA B 35 15.12 -8.10 -54.38
CA ALA B 35 15.86 -7.19 -55.29
C ALA B 35 16.37 -8.00 -56.48
N ILE B 36 16.11 -7.53 -57.70
CA ILE B 36 16.74 -8.13 -58.92
C ILE B 36 17.88 -7.20 -59.34
N SER B 37 19.05 -7.80 -59.58
CA SER B 37 20.35 -7.13 -59.82
C SER B 37 20.71 -7.24 -61.31
N TRP B 38 21.55 -6.33 -61.80
CA TRP B 38 21.98 -6.26 -63.21
C TRP B 38 23.51 -6.25 -63.31
N VAL B 39 24.06 -7.12 -64.15
CA VAL B 39 25.51 -7.17 -64.52
C VAL B 39 25.58 -7.13 -66.05
N ARG B 40 26.68 -6.62 -66.59
CA ARG B 40 26.93 -6.60 -68.05
C ARG B 40 28.39 -7.03 -68.31
N GLN B 41 28.66 -7.39 -69.56
CA GLN B 41 29.85 -8.14 -70.01
C GLN B 41 30.13 -7.71 -71.45
N ALA B 42 31.13 -6.85 -71.64
CA ALA B 42 31.60 -6.39 -72.98
C ALA B 42 32.17 -7.60 -73.73
N PRO B 43 32.14 -7.60 -75.08
CA PRO B 43 32.58 -8.78 -75.85
C PRO B 43 34.00 -9.20 -75.46
N GLY B 44 34.17 -10.46 -75.06
CA GLY B 44 35.47 -11.06 -74.73
C GLY B 44 36.02 -10.65 -73.37
N GLN B 45 35.26 -9.83 -72.64
CA GLN B 45 35.63 -9.29 -71.31
C GLN B 45 34.84 -10.04 -70.25
N GLY B 46 34.84 -9.52 -69.01
CA GLY B 46 34.28 -10.20 -67.83
C GLY B 46 33.07 -9.47 -67.28
N LEU B 47 32.45 -10.06 -66.26
CA LEU B 47 31.20 -9.56 -65.66
C LEU B 47 31.55 -8.30 -64.85
N GLU B 48 30.66 -7.32 -64.88
CA GLU B 48 30.77 -6.06 -64.10
C GLU B 48 29.40 -5.76 -63.48
N TRP B 49 29.36 -5.47 -62.18
CA TRP B 49 28.10 -5.15 -61.46
C TRP B 49 27.63 -3.74 -61.83
N MET B 50 26.34 -3.59 -62.12
CA MET B 50 25.70 -2.32 -62.57
C MET B 50 24.87 -1.69 -61.45
N GLY B 51 24.20 -2.52 -60.64
CA GLY B 51 23.26 -2.05 -59.60
C GLY B 51 22.19 -3.09 -59.32
N TRP B 52 21.22 -2.74 -58.46
CA TRP B 52 20.01 -3.55 -58.20
C TRP B 52 18.83 -2.61 -57.96
N ILE B 53 17.62 -3.06 -58.30
CA ILE B 53 16.35 -2.40 -57.86
C ILE B 53 15.61 -3.36 -56.93
N SER B 54 14.95 -2.82 -55.91
CA SER B 54 13.99 -3.55 -55.04
C SER B 54 12.63 -3.59 -55.71
N ALA B 55 12.16 -4.78 -56.07
CA ALA B 55 10.75 -5.05 -56.44
C ALA B 55 9.84 -4.49 -55.34
N TYR B 56 10.17 -4.74 -54.06
CA TYR B 56 9.30 -4.48 -52.87
C TYR B 56 9.01 -2.99 -52.72
N ASN B 57 10.03 -2.15 -52.59
CA ASN B 57 9.88 -0.73 -52.16
C ASN B 57 10.41 0.24 -53.25
N GLY B 58 10.70 -0.25 -54.45
CA GLY B 58 11.17 0.58 -55.59
C GLY B 58 12.55 1.16 -55.37
N ASN B 59 13.18 0.87 -54.22
CA ASN B 59 14.54 1.36 -53.86
C ASN B 59 15.54 0.90 -54.92
N THR B 60 16.61 1.66 -55.11
CA THR B 60 17.59 1.48 -56.20
C THR B 60 18.99 1.71 -55.63
N ASN B 61 19.99 0.94 -56.08
CA ASN B 61 21.42 1.23 -55.84
C ASN B 61 22.22 0.91 -57.09
N TYR B 62 22.83 1.94 -57.70
CA TYR B 62 23.61 1.85 -58.97
C TYR B 62 25.11 1.91 -58.67
N ALA B 63 25.93 1.44 -59.60
CA ALA B 63 27.39 1.61 -59.63
C ALA B 63 27.74 3.07 -59.94
N GLN B 64 28.80 3.60 -59.34
CA GLN B 64 29.17 5.04 -59.49
C GLN B 64 29.27 5.36 -60.98
N LYS B 65 30.12 4.64 -61.71
CA LYS B 65 30.51 4.98 -63.11
C LYS B 65 29.27 5.09 -64.02
N LEU B 66 28.10 4.64 -63.57
CA LEU B 66 26.84 4.66 -64.36
C LEU B 66 25.89 5.78 -63.90
N GLN B 67 26.02 6.28 -62.65
CA GLN B 67 25.01 7.21 -62.04
C GLN B 67 24.72 8.35 -63.01
N GLY B 68 23.43 8.73 -63.12
CA GLY B 68 22.92 9.75 -64.04
C GLY B 68 22.84 9.27 -65.49
N ARG B 69 22.83 7.94 -65.71
CA ARG B 69 22.60 7.29 -67.04
C ARG B 69 21.67 6.07 -66.90
N VAL B 70 21.84 5.28 -65.86
CA VAL B 70 21.02 4.06 -65.59
C VAL B 70 19.81 4.47 -64.74
N THR B 71 18.63 3.93 -65.05
CA THR B 71 17.41 3.97 -64.19
C THR B 71 16.76 2.58 -64.25
N MET B 72 16.83 1.83 -63.14
CA MET B 72 16.19 0.49 -62.96
C MET B 72 14.78 0.69 -62.39
N THR B 73 13.77 0.00 -62.92
CA THR B 73 12.36 0.09 -62.47
C THR B 73 11.81 -1.33 -62.27
N THR B 74 10.64 -1.44 -61.63
CA THR B 74 9.90 -2.71 -61.38
C THR B 74 8.43 -2.43 -61.68
N ASP B 75 7.72 -3.38 -62.29
CA ASP B 75 6.28 -3.25 -62.65
C ASP B 75 5.51 -4.40 -62.02
N THR B 76 5.19 -4.29 -60.72
CA THR B 76 4.75 -5.40 -59.83
C THR B 76 3.61 -6.19 -60.51
N SER B 77 2.75 -5.51 -61.25
CA SER B 77 1.61 -6.11 -62.00
C SER B 77 2.12 -7.22 -62.93
N THR B 78 3.08 -6.90 -63.81
CA THR B 78 3.65 -7.82 -64.86
C THR B 78 4.82 -8.65 -64.30
N SER B 79 5.20 -8.40 -63.03
CA SER B 79 6.36 -8.94 -62.28
C SER B 79 7.66 -8.95 -63.14
N THR B 80 7.79 -7.98 -64.05
CA THR B 80 9.00 -7.76 -64.87
C THR B 80 9.77 -6.59 -64.23
N ALA B 81 11.08 -6.54 -64.46
CA ALA B 81 12.00 -5.48 -63.97
C ALA B 81 12.80 -4.93 -65.15
N TYR B 82 12.95 -3.61 -65.21
CA TYR B 82 13.55 -2.88 -66.35
C TYR B 82 14.86 -2.27 -65.91
N MET B 83 15.80 -2.19 -66.84
CA MET B 83 17.03 -1.37 -66.75
C MET B 83 17.08 -0.49 -68.01
N GLU B 84 17.23 0.81 -67.84
CA GLU B 84 17.29 1.79 -68.95
C GLU B 84 18.64 2.51 -68.83
N LEU B 85 19.47 2.43 -69.88
CA LEU B 85 20.80 3.10 -69.95
C LEU B 85 20.80 4.16 -71.05
N ARG B 86 20.77 5.44 -70.68
CA ARG B 86 20.69 6.59 -71.62
C ARG B 86 22.09 6.97 -72.06
N SER B 87 22.21 7.90 -73.02
CA SER B 87 23.48 8.53 -73.50
C SER B 87 24.47 7.44 -73.92
N LEU B 88 24.05 6.49 -74.75
CA LEU B 88 24.85 5.31 -75.16
C LEU B 88 26.09 5.75 -75.97
N ARG B 89 27.27 5.26 -75.58
CA ARG B 89 28.51 5.34 -76.41
C ARG B 89 28.92 3.89 -76.73
N SER B 90 29.90 3.67 -77.61
CA SER B 90 30.25 2.34 -78.18
C SER B 90 30.71 1.38 -77.07
N ASP B 91 31.38 1.88 -76.02
CA ASP B 91 31.92 1.04 -74.92
C ASP B 91 30.78 0.55 -73.99
N ASP B 92 29.52 0.68 -74.42
CA ASP B 92 28.33 0.12 -73.71
C ASP B 92 27.86 -1.16 -74.42
N THR B 93 28.38 -1.47 -75.60
CA THR B 93 28.05 -2.74 -76.28
C THR B 93 28.53 -3.85 -75.33
N ALA B 94 27.71 -4.89 -75.17
CA ALA B 94 27.77 -5.86 -74.05
C ALA B 94 26.50 -6.70 -74.06
N VAL B 95 26.58 -7.93 -73.52
CA VAL B 95 25.37 -8.70 -73.15
C VAL B 95 25.03 -8.28 -71.72
N TYR B 96 23.75 -7.97 -71.49
CA TYR B 96 23.21 -7.45 -70.21
C TYR B 96 22.42 -8.57 -69.53
N TYR B 97 22.70 -8.76 -68.24
CA TYR B 97 22.26 -9.88 -67.41
C TYR B 97 21.47 -9.33 -66.21
N CYS B 98 20.31 -9.90 -65.93
CA CYS B 98 19.54 -9.70 -64.67
C CYS B 98 19.61 -11.00 -63.87
N ALA B 99 19.71 -10.88 -62.55
CA ALA B 99 19.84 -12.01 -61.61
C ALA B 99 19.08 -11.69 -60.31
N ARG B 100 18.69 -12.75 -59.61
CA ARG B 100 18.06 -12.64 -58.28
C ARG B 100 18.04 -14.01 -57.60
N ALA B 101 17.68 -14.00 -56.33
CA ALA B 101 17.60 -15.22 -55.49
C ALA B 101 16.58 -16.16 -56.12
N PRO B 102 16.63 -17.44 -55.74
CA PRO B 102 15.60 -18.39 -56.14
C PRO B 102 14.36 -18.10 -55.29
N ASN B 103 13.35 -18.98 -55.35
CA ASN B 103 12.15 -18.91 -54.48
C ASN B 103 12.61 -19.07 -53.02
N TYR B 104 12.11 -18.23 -52.12
CA TYR B 104 12.37 -18.29 -50.66
C TYR B 104 13.85 -18.02 -50.38
N GLY B 105 14.53 -17.29 -51.26
CA GLY B 105 15.97 -17.01 -51.16
C GLY B 105 16.20 -15.66 -50.52
N ASP B 106 17.34 -15.02 -50.81
CA ASP B 106 17.81 -13.76 -50.17
C ASP B 106 17.40 -12.54 -51.00
N TYR B 107 17.52 -11.34 -50.41
CA TYR B 107 16.98 -10.06 -50.95
C TYR B 107 17.81 -9.64 -52.16
N VAL B 108 19.09 -9.33 -51.99
CA VAL B 108 20.01 -9.02 -53.12
C VAL B 108 20.86 -10.28 -53.33
N ALA B 109 20.63 -10.99 -54.44
CA ALA B 109 21.30 -12.29 -54.72
C ALA B 109 21.56 -12.46 -56.22
N PHE B 110 22.35 -13.48 -56.56
CA PHE B 110 22.86 -13.73 -57.93
C PHE B 110 22.67 -15.22 -58.26
N ASP B 111 21.73 -15.88 -57.60
CA ASP B 111 21.57 -17.36 -57.68
C ASP B 111 20.97 -17.75 -59.03
N ILE B 112 20.14 -16.89 -59.60
CA ILE B 112 19.36 -17.24 -60.81
C ILE B 112 19.60 -16.14 -61.85
N TRP B 113 20.01 -16.56 -63.06
CA TRP B 113 20.43 -15.65 -64.15
C TRP B 113 19.42 -15.69 -65.30
N GLY B 114 19.14 -14.51 -65.86
CA GLY B 114 18.46 -14.37 -67.17
C GLY B 114 19.33 -14.94 -68.28
N GLN B 115 18.79 -15.11 -69.47
CA GLN B 115 19.55 -15.72 -70.59
C GLN B 115 20.45 -14.64 -71.19
N GLY B 116 20.22 -13.38 -70.82
CA GLY B 116 21.00 -12.22 -71.24
C GLY B 116 20.48 -11.62 -72.54
N THR B 117 20.48 -10.29 -72.65
CA THR B 117 20.20 -9.56 -73.91
C THR B 117 21.50 -8.97 -74.46
N THR B 118 21.84 -9.26 -75.71
CA THR B 118 22.89 -8.56 -76.49
C THR B 118 22.43 -7.12 -76.79
N VAL B 119 23.22 -6.11 -76.43
CA VAL B 119 23.05 -4.71 -76.90
C VAL B 119 24.33 -4.32 -77.64
N THR B 120 24.22 -4.04 -78.95
CA THR B 120 25.30 -3.48 -79.81
C THR B 120 25.01 -2.00 -80.07
N VAL B 121 25.90 -1.09 -79.66
CA VAL B 121 25.82 0.34 -80.11
C VAL B 121 27.02 0.66 -81.01
N SER B 122 26.76 1.19 -82.20
CA SER B 122 27.78 1.59 -83.21
C SER B 122 27.22 2.61 -84.20
N SER B 123 28.12 3.40 -84.80
CA SER B 123 27.84 4.45 -85.81
C SER B 123 27.11 3.85 -87.02
N ALA B 124 27.44 2.60 -87.36
CA ALA B 124 26.55 1.63 -88.03
C ALA B 124 26.13 2.14 -89.41
N SER B 125 24.83 1.99 -89.72
CA SER B 125 24.13 2.43 -90.96
C SER B 125 23.46 1.21 -91.61
N THR B 126 24.26 0.18 -91.90
CA THR B 126 23.88 -1.03 -92.68
C THR B 126 24.46 -0.88 -94.09
N LYS B 127 25.61 -1.53 -94.32
CA LYS B 127 26.32 -1.58 -95.61
C LYS B 127 26.40 -3.05 -96.04
N GLY B 128 26.33 -3.32 -97.35
CA GLY B 128 26.44 -4.69 -97.89
C GLY B 128 27.91 -5.07 -98.08
N PRO B 129 28.28 -6.36 -97.92
CA PRO B 129 29.68 -6.78 -98.02
C PRO B 129 30.17 -6.57 -99.45
N SER B 130 31.35 -5.98 -99.60
CA SER B 130 32.13 -5.94 -100.86
C SER B 130 33.03 -7.19 -100.88
N VAL B 131 32.78 -8.17 -101.76
CA VAL B 131 33.44 -9.52 -101.68
C VAL B 131 34.50 -9.64 -102.76
N PHE B 132 35.69 -10.17 -102.38
CA PHE B 132 36.91 -10.34 -103.21
C PHE B 132 37.39 -11.80 -103.17
N PRO B 133 38.12 -12.24 -104.21
CA PRO B 133 38.63 -13.60 -104.24
C PRO B 133 39.96 -13.71 -103.48
N LEU B 134 40.32 -14.92 -103.06
CA LEU B 134 41.69 -15.27 -102.60
C LEU B 134 42.23 -16.39 -103.50
N ALA B 135 42.79 -16.01 -104.64
CA ALA B 135 43.40 -16.92 -105.65
C ALA B 135 44.41 -17.83 -104.95
N PRO B 136 44.23 -19.17 -105.01
CA PRO B 136 45.29 -20.11 -104.64
C PRO B 136 46.57 -19.92 -105.46
N SER B 137 47.74 -20.16 -104.85
CA SER B 137 49.09 -19.84 -105.38
C SER B 137 49.62 -21.00 -106.24
N SER B 138 50.73 -20.74 -106.92
CA SER B 138 51.48 -21.69 -107.78
C SER B 138 52.40 -22.57 -106.92
N LYS B 139 52.99 -22.00 -105.86
CA LYS B 139 53.80 -22.69 -104.82
C LYS B 139 52.86 -23.55 -103.95
N SER B 140 52.58 -24.79 -104.38
CA SER B 140 51.79 -25.80 -103.62
C SER B 140 52.15 -27.21 -104.11
N THR B 141 51.15 -27.98 -104.57
CA THR B 141 51.22 -29.45 -104.83
C THR B 141 51.52 -30.16 -103.50
N SER B 142 52.74 -30.02 -102.98
CA SER B 142 53.17 -30.38 -101.60
C SER B 142 52.69 -31.80 -101.22
N GLY B 143 51.98 -31.95 -100.11
CA GLY B 143 51.38 -33.22 -99.65
C GLY B 143 50.16 -33.61 -100.47
N GLY B 144 49.61 -32.67 -101.24
CA GLY B 144 48.47 -32.88 -102.14
C GLY B 144 47.47 -31.74 -102.13
N THR B 145 47.38 -31.01 -101.01
CA THR B 145 46.33 -29.97 -100.74
C THR B 145 46.76 -28.59 -101.28
N ALA B 146 45.83 -27.64 -101.38
CA ALA B 146 46.08 -26.24 -101.84
C ALA B 146 44.91 -25.32 -101.45
N ALA B 147 45.16 -24.31 -100.60
CA ALA B 147 44.13 -23.49 -99.92
C ALA B 147 43.58 -22.37 -100.82
N LEU B 148 42.30 -22.05 -100.61
CA LEU B 148 41.36 -21.31 -101.51
C LEU B 148 40.36 -20.51 -100.65
N GLY B 149 40.05 -19.26 -100.99
CA GLY B 149 39.18 -18.46 -100.10
C GLY B 149 38.48 -17.28 -100.75
N CYS B 150 37.61 -16.65 -99.95
CA CYS B 150 36.85 -15.43 -100.30
C CYS B 150 37.10 -14.38 -99.21
N LEU B 151 37.07 -13.10 -99.55
CA LEU B 151 37.26 -12.03 -98.55
C LEU B 151 35.98 -11.22 -98.46
N VAL B 152 35.24 -11.41 -97.36
CA VAL B 152 33.92 -10.78 -97.08
C VAL B 152 34.17 -9.47 -96.30
N LYS B 153 34.49 -8.39 -97.00
CA LYS B 153 35.01 -7.12 -96.40
C LYS B 153 33.89 -6.08 -96.17
N ASP B 154 33.92 -5.42 -95.00
CA ASP B 154 33.29 -4.11 -94.68
C ASP B 154 31.77 -4.19 -94.78
N TYR B 155 31.13 -5.04 -93.95
CA TYR B 155 29.65 -5.16 -93.83
C TYR B 155 29.24 -4.93 -92.37
N PHE B 156 28.03 -4.40 -92.14
CA PHE B 156 27.48 -4.15 -90.77
C PHE B 156 26.29 -5.05 -90.40
N PRO B 157 25.53 -5.58 -91.37
CA PRO B 157 24.62 -6.70 -91.08
C PRO B 157 25.23 -7.99 -90.50
N GLU B 158 25.51 -8.02 -89.19
CA GLU B 158 26.31 -9.08 -88.50
C GLU B 158 26.23 -10.43 -89.22
N PRO B 159 25.05 -11.07 -89.41
CA PRO B 159 24.95 -12.40 -90.02
C PRO B 159 26.09 -12.86 -90.94
N VAL B 160 25.93 -12.83 -92.28
CA VAL B 160 26.89 -13.39 -93.29
C VAL B 160 27.32 -14.81 -92.88
N THR B 161 26.64 -15.83 -93.41
CA THR B 161 26.89 -17.30 -93.24
C THR B 161 27.69 -17.82 -94.45
N VAL B 162 28.48 -18.90 -94.32
CA VAL B 162 29.42 -19.35 -95.41
C VAL B 162 29.40 -20.88 -95.65
N SER B 163 29.04 -21.30 -96.88
CA SER B 163 29.03 -22.72 -97.35
C SER B 163 30.12 -22.94 -98.42
N TRP B 164 30.24 -24.15 -98.96
CA TRP B 164 31.28 -24.46 -99.98
C TRP B 164 30.67 -25.36 -101.07
N ASN B 165 30.77 -24.94 -102.33
CA ASN B 165 30.20 -25.72 -103.46
C ASN B 165 28.74 -26.04 -103.15
N SER B 166 27.95 -25.00 -102.80
CA SER B 166 26.52 -25.15 -102.45
C SER B 166 26.32 -26.18 -101.34
N GLY B 167 27.17 -26.12 -100.29
CA GLY B 167 27.06 -27.05 -99.16
C GLY B 167 27.93 -28.30 -99.31
N ALA B 168 27.94 -28.91 -100.50
CA ALA B 168 28.62 -30.19 -100.82
C ALA B 168 29.95 -30.28 -100.06
N LEU B 169 30.82 -29.26 -100.13
CA LEU B 169 32.19 -29.32 -99.55
C LEU B 169 32.16 -28.85 -98.09
N THR B 170 32.49 -29.73 -97.14
CA THR B 170 32.39 -29.53 -95.66
C THR B 170 33.73 -29.82 -94.98
N SER B 171 34.36 -30.96 -95.32
CA SER B 171 35.68 -31.40 -94.82
C SER B 171 36.73 -30.35 -95.14
N GLY B 172 37.50 -29.93 -94.14
CA GLY B 172 38.59 -28.96 -94.30
C GLY B 172 38.13 -27.51 -94.16
N VAL B 173 36.88 -27.25 -93.78
CA VAL B 173 36.28 -25.88 -93.77
C VAL B 173 36.36 -25.28 -92.36
N HIS B 174 37.08 -24.17 -92.23
CA HIS B 174 37.32 -23.49 -90.93
C HIS B 174 36.87 -22.04 -91.05
N THR B 175 35.56 -21.80 -91.18
CA THR B 175 34.96 -20.44 -91.30
C THR B 175 35.28 -19.64 -90.04
N PHE B 176 35.84 -18.43 -90.21
CA PHE B 176 36.46 -17.74 -89.06
C PHE B 176 35.37 -16.88 -88.44
N PRO B 177 35.48 -16.50 -87.15
CA PRO B 177 34.74 -15.35 -86.66
C PRO B 177 35.12 -14.11 -87.51
N ALA B 178 34.14 -13.25 -87.76
CA ALA B 178 34.34 -11.91 -88.34
C ALA B 178 34.87 -11.01 -87.22
N VAL B 179 35.87 -10.18 -87.55
CA VAL B 179 36.45 -9.16 -86.65
C VAL B 179 35.76 -7.82 -86.95
N LEU B 180 35.32 -7.08 -85.93
CA LEU B 180 34.77 -5.72 -86.18
C LEU B 180 35.96 -4.76 -86.15
N GLN B 181 35.95 -3.76 -87.02
CA GLN B 181 37.12 -2.88 -87.29
C GLN B 181 36.87 -1.54 -86.60
N SER B 182 37.87 -0.65 -86.65
CA SER B 182 37.79 0.73 -86.11
C SER B 182 36.55 1.44 -86.71
N SER B 183 36.20 1.07 -87.94
CA SER B 183 35.08 1.65 -88.72
C SER B 183 33.74 1.38 -88.03
N GLY B 184 33.60 0.24 -87.33
CA GLY B 184 32.32 -0.28 -86.84
C GLY B 184 31.78 -1.31 -87.81
N LEU B 185 32.63 -1.77 -88.76
CA LEU B 185 32.25 -2.66 -89.90
C LEU B 185 32.94 -4.02 -89.80
N TYR B 186 32.18 -5.10 -90.01
CA TYR B 186 32.63 -6.51 -89.94
C TYR B 186 33.33 -6.93 -91.24
N SER B 187 34.35 -7.78 -91.13
CA SER B 187 35.02 -8.47 -92.25
C SER B 187 35.27 -9.91 -91.82
N LEU B 188 35.51 -10.78 -92.81
CA LEU B 188 35.40 -12.26 -92.71
C LEU B 188 36.03 -12.87 -93.97
N SER B 189 36.42 -14.15 -93.94
CA SER B 189 37.04 -14.84 -95.10
C SER B 189 36.44 -16.23 -95.36
N SER B 190 36.61 -17.18 -94.43
CA SER B 190 36.34 -18.63 -94.65
C SER B 190 37.17 -19.24 -95.81
N VAL B 191 37.68 -20.45 -95.53
CA VAL B 191 38.64 -21.21 -96.39
C VAL B 191 38.24 -22.70 -96.38
N VAL B 192 38.70 -23.45 -97.39
CA VAL B 192 38.80 -24.94 -97.44
C VAL B 192 40.22 -25.28 -97.93
N THR B 193 40.70 -26.49 -97.65
CA THR B 193 41.90 -27.07 -98.32
C THR B 193 41.42 -28.22 -99.22
N VAL B 194 41.70 -28.12 -100.52
CA VAL B 194 41.32 -29.12 -101.56
C VAL B 194 42.59 -29.80 -102.09
N PRO B 195 42.49 -30.99 -102.72
CA PRO B 195 43.61 -31.53 -103.52
C PRO B 195 44.03 -30.62 -104.68
N SER B 196 45.32 -30.67 -105.05
CA SER B 196 46.00 -29.70 -105.95
C SER B 196 45.64 -29.94 -107.42
N SER B 197 45.45 -31.21 -107.82
CA SER B 197 45.05 -31.62 -109.20
C SER B 197 43.64 -31.12 -109.54
N SER B 198 42.85 -30.67 -108.55
CA SER B 198 41.45 -30.15 -108.68
C SER B 198 41.40 -28.90 -109.57
N LEU B 199 42.46 -28.09 -109.59
CA LEU B 199 42.46 -26.69 -110.09
C LEU B 199 42.68 -26.63 -111.61
N GLY B 200 42.56 -27.76 -112.31
CA GLY B 200 42.58 -27.81 -113.79
C GLY B 200 41.26 -27.31 -114.37
N THR B 201 40.16 -28.00 -114.05
CA THR B 201 38.77 -27.67 -114.50
C THR B 201 38.34 -26.35 -113.86
N GLN B 202 37.48 -26.39 -112.83
CA GLN B 202 36.93 -25.18 -112.16
C GLN B 202 36.76 -25.44 -110.65
N THR B 203 35.51 -25.70 -110.20
CA THR B 203 35.13 -26.49 -109.01
C THR B 203 35.38 -25.71 -107.69
N ILE B 205 32.84 -22.95 -105.37
CA ILE B 205 32.03 -21.69 -105.18
C ILE B 205 31.87 -21.40 -103.69
N CYS B 206 32.38 -20.25 -103.24
CA CYS B 206 32.15 -19.67 -101.90
C CYS B 206 30.71 -19.12 -101.83
N ASN B 207 29.88 -19.56 -100.87
CA ASN B 207 28.49 -19.09 -100.72
C ASN B 207 28.35 -18.36 -99.39
N VAL B 208 27.98 -17.07 -99.44
CA VAL B 208 28.04 -16.08 -98.32
C VAL B 208 26.69 -15.34 -98.27
N ASN B 209 25.93 -15.41 -97.17
CA ASN B 209 24.55 -14.85 -97.11
C ASN B 209 24.41 -13.78 -96.01
N HIS B 210 24.46 -12.49 -96.39
CA HIS B 210 24.23 -11.32 -95.48
C HIS B 210 22.73 -11.00 -95.40
N LYS B 211 22.05 -11.53 -94.38
CA LYS B 211 20.58 -11.44 -94.17
C LYS B 211 20.12 -9.98 -94.13
N PRO B 212 20.64 -9.12 -93.21
CA PRO B 212 20.13 -7.75 -93.04
C PRO B 212 20.50 -6.76 -94.16
N SER B 213 20.61 -7.24 -95.39
CA SER B 213 20.38 -6.46 -96.64
C SER B 213 20.14 -7.44 -97.79
N ASN B 214 19.57 -8.60 -97.44
CA ASN B 214 19.22 -9.77 -98.29
C ASN B 214 20.27 -9.97 -99.40
N THR B 215 21.56 -9.84 -99.05
CA THR B 215 22.75 -9.98 -99.94
C THR B 215 23.39 -11.35 -99.73
N LYS B 216 22.94 -12.35 -100.51
CA LYS B 216 23.62 -13.66 -100.63
C LYS B 216 24.62 -13.58 -101.79
N VAL B 217 25.94 -13.57 -101.56
CA VAL B 217 26.92 -13.62 -102.68
C VAL B 217 27.64 -14.99 -102.74
N ASP B 218 27.98 -15.41 -103.95
CA ASP B 218 28.64 -16.69 -104.31
C ASP B 218 29.99 -16.41 -104.96
N LYS B 219 31.10 -16.40 -104.22
CA LYS B 219 32.38 -16.16 -104.91
C LYS B 219 32.72 -17.43 -105.70
N LYS B 220 33.63 -17.32 -106.68
CA LYS B 220 34.26 -18.49 -107.36
C LYS B 220 35.74 -18.15 -107.61
N VAL B 221 36.01 -17.45 -108.73
CA VAL B 221 37.35 -16.96 -109.19
C VAL B 221 38.47 -17.92 -108.78
N GLU B 222 38.97 -18.69 -109.76
CA GLU B 222 40.10 -19.65 -109.60
C GLU B 222 41.40 -18.92 -109.92
N PRO B 223 42.54 -19.64 -109.91
CA PRO B 223 43.88 -19.00 -109.94
C PRO B 223 44.12 -17.95 -111.03
N LYS B 224 44.97 -16.95 -110.75
CA LYS B 224 45.38 -15.88 -111.71
C LYS B 224 46.64 -16.33 -112.45
N SER B 225 47.03 -15.59 -113.50
CA SER B 225 48.12 -15.93 -114.46
C SER B 225 49.49 -15.50 -113.91
N CYS B 226 50.32 -16.48 -113.54
CA CYS B 226 51.74 -16.31 -113.09
C CYS B 226 52.58 -17.46 -113.63
N SER C 14 40.53 7.70 -53.58
CA SER C 14 40.94 7.18 -54.93
C SER C 14 41.59 5.79 -54.77
N ALA C 15 41.06 4.97 -53.85
CA ALA C 15 41.57 3.62 -53.50
C ALA C 15 40.88 2.56 -54.36
N GLN C 16 39.61 2.24 -54.09
CA GLN C 16 38.72 1.44 -54.99
C GLN C 16 39.06 -0.06 -54.92
N THR C 17 38.07 -0.89 -54.59
CA THR C 17 38.25 -2.35 -54.39
C THR C 17 38.42 -3.05 -55.73
N VAL C 18 39.56 -3.71 -55.93
CA VAL C 18 39.79 -4.59 -57.12
C VAL C 18 40.00 -6.03 -56.63
N VAL C 19 39.19 -6.94 -57.19
CA VAL C 19 39.19 -8.41 -56.92
C VAL C 19 40.06 -9.08 -58.00
N ILE C 20 41.07 -9.86 -57.62
CA ILE C 20 42.08 -10.42 -58.57
C ILE C 20 41.95 -11.95 -58.57
N GLN C 21 41.83 -12.52 -59.77
CA GLN C 21 41.70 -13.98 -60.06
C GLN C 21 42.83 -14.39 -61.00
N GLU C 22 43.37 -15.59 -60.88
CA GLU C 22 44.32 -16.13 -61.90
C GLU C 22 43.71 -15.88 -63.27
N PRO C 23 44.41 -15.17 -64.20
CA PRO C 23 43.84 -14.90 -65.52
C PRO C 23 43.51 -16.19 -66.29
N SER C 24 44.33 -17.25 -66.17
CA SER C 24 44.09 -18.56 -66.82
C SER C 24 44.86 -19.69 -66.13
N LEU C 25 44.26 -20.88 -66.04
CA LEU C 25 44.84 -22.09 -65.42
C LEU C 25 44.39 -23.29 -66.27
N THR C 26 45.15 -24.38 -66.25
CA THR C 26 44.77 -25.62 -66.96
C THR C 26 44.94 -26.82 -66.03
N VAL C 27 43.95 -27.69 -66.03
CA VAL C 27 43.94 -28.99 -65.32
C VAL C 27 43.77 -30.04 -66.41
N SER C 28 44.30 -31.26 -66.21
CA SER C 28 43.99 -32.47 -67.02
C SER C 28 42.79 -33.19 -66.42
N PRO C 29 42.04 -33.98 -67.23
CA PRO C 29 40.87 -34.72 -66.74
C PRO C 29 41.26 -35.65 -65.59
N GLY C 30 40.53 -35.58 -64.47
CA GLY C 30 40.79 -36.41 -63.29
C GLY C 30 41.58 -35.68 -62.22
N GLY C 31 42.22 -34.56 -62.57
CA GLY C 31 43.11 -33.84 -61.65
C GLY C 31 42.36 -32.79 -60.85
N THR C 32 42.98 -32.22 -59.83
CA THR C 32 42.33 -31.13 -59.09
C THR C 32 43.09 -29.85 -59.40
N VAL C 33 42.34 -28.77 -59.53
CA VAL C 33 42.86 -27.40 -59.73
C VAL C 33 42.13 -26.51 -58.73
N THR C 34 42.83 -25.52 -58.20
CA THR C 34 42.31 -24.58 -57.17
C THR C 34 42.35 -23.18 -57.77
N LEU C 35 41.22 -22.49 -57.86
CA LEU C 35 41.12 -21.07 -58.31
C LEU C 35 40.97 -20.19 -57.07
N THR C 36 41.61 -19.02 -57.04
CA THR C 36 41.58 -18.11 -55.87
C THR C 36 40.95 -16.76 -56.25
N CYS C 37 40.56 -16.01 -55.22
CA CYS C 37 39.81 -14.74 -55.29
C CYS C 37 40.26 -13.89 -54.11
N GLY C 38 41.12 -12.92 -54.38
CA GLY C 38 41.65 -11.97 -53.38
C GLY C 38 41.14 -10.57 -53.64
N SER C 39 41.23 -9.69 -52.65
CA SER C 39 40.73 -8.30 -52.70
C SER C 39 41.90 -7.36 -52.36
N SER C 40 42.02 -6.26 -53.09
CA SER C 40 43.03 -5.20 -52.85
C SER C 40 42.84 -4.58 -51.45
N THR C 41 41.62 -4.56 -50.90
CA THR C 41 41.30 -3.79 -49.67
C THR C 41 41.60 -4.60 -48.41
N GLY C 42 41.86 -5.91 -48.55
CA GLY C 42 42.25 -6.81 -47.44
C GLY C 42 41.68 -8.20 -47.61
N ALA C 43 41.98 -9.11 -46.67
CA ALA C 43 41.52 -10.52 -46.62
C ALA C 43 40.03 -10.58 -46.94
N VAL C 44 39.64 -11.51 -47.82
CA VAL C 44 38.20 -11.88 -47.99
C VAL C 44 37.89 -12.97 -46.95
N THR C 45 36.73 -12.80 -46.31
CA THR C 45 36.15 -13.68 -45.27
C THR C 45 34.64 -13.79 -45.48
N SER C 46 33.99 -14.64 -44.68
CA SER C 46 32.54 -14.97 -44.72
C SER C 46 31.72 -13.69 -44.96
N GLY C 47 32.02 -12.61 -44.25
CA GLY C 47 31.21 -11.37 -44.32
C GLY C 47 31.22 -10.75 -45.71
N HIS C 48 32.02 -11.28 -46.63
CA HIS C 48 32.16 -10.75 -48.02
C HIS C 48 31.24 -11.50 -48.99
N TYR C 49 30.52 -12.51 -48.49
CA TYR C 49 29.50 -13.29 -49.24
C TYR C 49 30.04 -13.74 -50.60
N PRO C 50 31.21 -14.41 -50.70
CA PRO C 50 31.75 -14.78 -52.00
C PRO C 50 30.77 -15.70 -52.74
N TYR C 51 30.60 -15.48 -54.04
CA TYR C 51 29.91 -16.39 -54.99
C TYR C 51 30.97 -16.92 -55.95
N TRP C 52 30.76 -18.09 -56.56
CA TRP C 52 31.52 -18.52 -57.77
C TRP C 52 30.54 -18.85 -58.89
N PHE C 53 30.85 -18.37 -60.08
CA PHE C 53 30.00 -18.47 -61.29
C PHE C 53 30.81 -19.12 -62.41
N GLN C 54 30.28 -20.19 -62.99
CA GLN C 54 30.81 -20.90 -64.18
C GLN C 54 30.10 -20.29 -65.37
N GLN C 55 30.84 -19.86 -66.39
CA GLN C 55 30.29 -19.36 -67.67
C GLN C 55 30.97 -20.15 -68.81
N LYS C 56 30.31 -21.22 -69.28
CA LYS C 56 30.67 -21.99 -70.52
C LYS C 56 30.48 -21.02 -71.69
N PRO C 57 31.29 -21.13 -72.78
CA PRO C 57 31.22 -20.16 -73.88
C PRO C 57 29.87 -20.11 -74.61
N GLY C 58 29.33 -18.90 -74.78
CA GLY C 58 28.09 -18.63 -75.53
C GLY C 58 26.87 -18.40 -74.65
N GLN C 59 26.94 -18.78 -73.37
CA GLN C 59 25.73 -18.88 -72.52
C GLN C 59 25.84 -17.91 -71.34
N ALA C 60 24.81 -17.90 -70.49
CA ALA C 60 24.74 -17.06 -69.26
C ALA C 60 25.52 -17.73 -68.13
N PRO C 61 26.01 -16.97 -67.14
CA PRO C 61 26.57 -17.57 -65.93
C PRO C 61 25.59 -18.58 -65.32
N ARG C 62 26.16 -19.67 -64.78
CA ARG C 62 25.54 -20.61 -63.81
C ARG C 62 26.23 -20.37 -62.46
N THR C 63 25.51 -20.33 -61.34
CA THR C 63 26.13 -20.03 -60.02
C THR C 63 26.34 -21.35 -59.26
N LEU C 64 27.60 -21.78 -59.17
CA LEU C 64 28.03 -23.02 -58.49
C LEU C 64 28.05 -22.87 -56.96
N ILE C 65 28.62 -21.76 -56.46
CA ILE C 65 28.82 -21.55 -54.99
C ILE C 65 28.21 -20.21 -54.58
N TYR C 66 27.59 -20.17 -53.41
CA TYR C 66 27.22 -18.91 -52.71
C TYR C 66 27.59 -19.02 -51.24
N ASP C 67 27.81 -17.89 -50.58
CA ASP C 67 28.06 -17.84 -49.13
C ASP C 67 29.33 -18.63 -48.82
N THR C 68 30.42 -18.32 -49.50
CA THR C 68 31.76 -18.95 -49.32
C THR C 68 31.74 -20.39 -49.83
N SER C 69 30.78 -21.23 -49.42
CA SER C 69 30.88 -22.70 -49.59
C SER C 69 29.55 -23.44 -49.87
N ASN C 70 28.40 -22.75 -49.93
CA ASN C 70 27.08 -23.41 -50.17
C ASN C 70 26.96 -23.82 -51.64
N LYS C 71 26.58 -25.07 -51.86
CA LYS C 71 26.29 -25.61 -53.22
C LYS C 71 24.78 -25.59 -53.45
N HIS C 72 24.37 -25.12 -54.64
CA HIS C 72 22.99 -25.29 -55.15
C HIS C 72 22.76 -26.72 -55.64
N SER C 73 21.50 -27.13 -55.74
CA SER C 73 21.07 -28.46 -56.24
C SER C 73 21.86 -28.86 -57.50
N TRP C 74 22.20 -27.91 -58.37
CA TRP C 74 22.74 -28.13 -59.74
C TRP C 74 24.26 -27.95 -59.78
N THR C 75 24.92 -27.84 -58.63
CA THR C 75 26.39 -27.72 -58.46
C THR C 75 26.95 -29.13 -58.40
N PRO C 76 27.77 -29.55 -59.38
CA PRO C 76 28.46 -30.83 -59.26
C PRO C 76 29.30 -30.89 -57.96
N ALA C 77 29.21 -32.00 -57.24
CA ALA C 77 29.92 -32.31 -55.97
C ALA C 77 31.44 -32.09 -56.13
N ARG C 78 31.95 -32.39 -57.33
CA ARG C 78 33.31 -32.06 -57.86
C ARG C 78 33.84 -30.70 -57.37
N PHE C 79 32.95 -29.71 -57.26
CA PHE C 79 33.28 -28.30 -56.92
C PHE C 79 33.08 -28.05 -55.43
N SER C 80 33.94 -27.22 -54.85
CA SER C 80 33.95 -26.89 -53.40
C SER C 80 34.44 -25.45 -53.19
N GLY C 81 33.70 -24.72 -52.37
CA GLY C 81 34.03 -23.34 -51.99
C GLY C 81 34.73 -23.35 -50.65
N SER C 82 35.79 -22.57 -50.52
CA SER C 82 36.47 -22.40 -49.21
C SER C 82 37.08 -21.01 -49.14
N LEU C 83 37.63 -20.71 -48.00
CA LEU C 83 38.58 -19.60 -47.82
C LEU C 83 39.94 -20.23 -47.63
N LEU C 84 40.98 -19.60 -48.16
CA LEU C 84 42.37 -20.11 -48.09
C LEU C 84 43.31 -18.91 -48.06
N GLY C 85 43.92 -18.69 -46.90
CA GLY C 85 44.92 -17.64 -46.67
C GLY C 85 44.44 -16.28 -47.13
N GLY C 86 43.21 -15.91 -46.75
CA GLY C 86 42.68 -14.54 -46.95
C GLY C 86 42.23 -14.27 -48.38
N LYS C 87 42.19 -15.31 -49.20
CA LYS C 87 41.47 -15.35 -50.49
C LYS C 87 40.32 -16.35 -50.39
N ALA C 88 39.26 -16.15 -51.17
CA ALA C 88 38.27 -17.21 -51.44
C ALA C 88 38.91 -18.19 -52.42
N ALA C 89 38.54 -19.47 -52.32
CA ALA C 89 39.05 -20.56 -53.18
C ALA C 89 37.86 -21.32 -53.72
N LEU C 90 37.88 -21.62 -55.03
CA LEU C 90 37.05 -22.67 -55.68
C LEU C 90 38.00 -23.80 -56.01
N THR C 91 37.71 -25.00 -55.51
CA THR C 91 38.55 -26.22 -55.68
C THR C 91 37.75 -27.20 -56.52
N LEU C 92 38.19 -27.39 -57.77
CA LEU C 92 37.65 -28.41 -58.70
C LEU C 92 38.44 -29.68 -58.49
N SER C 93 37.80 -30.75 -58.06
CA SER C 93 38.48 -32.04 -57.78
C SER C 93 37.88 -33.14 -58.66
N GLY C 94 38.64 -33.64 -59.64
CA GLY C 94 38.27 -34.73 -60.56
C GLY C 94 37.72 -34.12 -61.83
N ALA C 95 38.46 -33.20 -62.42
CA ALA C 95 37.97 -32.28 -63.46
C ALA C 95 37.51 -33.11 -64.64
N GLN C 96 36.48 -32.68 -65.36
CA GLN C 96 35.99 -33.34 -66.59
C GLN C 96 35.94 -32.33 -67.71
N PRO C 97 36.05 -32.76 -68.98
CA PRO C 97 36.14 -31.82 -70.10
C PRO C 97 35.08 -30.72 -69.97
N GLU C 98 33.83 -31.14 -69.77
CA GLU C 98 32.63 -30.33 -69.39
C GLU C 98 33.02 -29.06 -68.63
N ASP C 99 33.94 -29.17 -67.65
CA ASP C 99 34.24 -28.12 -66.65
C ASP C 99 35.01 -26.96 -67.27
N GLU C 100 35.52 -27.12 -68.48
CA GLU C 100 36.14 -25.98 -69.24
C GLU C 100 35.16 -24.81 -69.28
N ALA C 101 35.58 -23.63 -68.81
CA ALA C 101 34.75 -22.40 -68.67
C ALA C 101 35.52 -21.23 -68.04
N GLU C 102 35.00 -20.02 -68.22
CA GLU C 102 35.35 -18.85 -67.38
C GLU C 102 34.72 -19.10 -66.01
N TYR C 103 35.47 -18.88 -64.92
CA TYR C 103 34.94 -18.88 -63.52
C TYR C 103 35.12 -17.47 -62.94
N TYR C 104 34.04 -16.90 -62.42
CA TYR C 104 34.00 -15.54 -61.84
C TYR C 104 33.75 -15.68 -60.34
N CYS C 105 34.42 -14.86 -59.54
CA CYS C 105 34.06 -14.66 -58.11
C CYS C 105 33.44 -13.27 -57.96
N LEU C 106 32.53 -13.14 -57.00
CA LEU C 106 31.79 -11.88 -56.70
C LEU C 106 31.85 -11.60 -55.19
N LEU C 107 32.38 -10.44 -54.79
CA LEU C 107 32.48 -10.04 -53.35
C LEU C 107 31.52 -8.89 -53.05
N SER C 108 30.93 -8.93 -51.85
CA SER C 108 29.97 -7.95 -51.30
C SER C 108 30.70 -7.03 -50.32
N TYR C 109 30.59 -5.72 -50.51
CA TYR C 109 31.41 -4.69 -49.80
C TYR C 109 30.52 -3.56 -49.26
N SER C 110 31.15 -2.48 -48.76
CA SER C 110 30.55 -1.33 -48.02
C SER C 110 29.17 -0.97 -48.58
N GLY C 111 28.23 -0.74 -47.66
CA GLY C 111 26.81 -0.52 -47.98
C GLY C 111 26.28 -1.60 -48.90
N ALA C 112 26.08 -1.25 -50.18
CA ALA C 112 25.29 -2.06 -51.12
C ALA C 112 26.16 -2.59 -52.28
N LEU C 113 27.45 -2.21 -52.31
CA LEU C 113 28.38 -2.42 -53.46
C LEU C 113 28.72 -3.92 -53.61
N TRP C 114 28.90 -4.33 -54.86
CA TRP C 114 29.34 -5.69 -55.27
C TRP C 114 30.43 -5.56 -56.33
N VAL C 115 31.47 -6.40 -56.25
CA VAL C 115 32.64 -6.32 -57.17
C VAL C 115 32.97 -7.73 -57.67
N PHE C 116 33.02 -7.91 -59.00
CA PHE C 116 33.46 -9.15 -59.69
C PHE C 116 34.99 -9.15 -59.77
N GLY C 117 35.60 -10.32 -59.60
CA GLY C 117 36.94 -10.64 -60.13
C GLY C 117 36.89 -10.65 -61.66
N GLY C 118 38.04 -10.61 -62.32
CA GLY C 118 38.17 -10.61 -63.80
C GLY C 118 38.01 -11.99 -64.42
N GLY C 119 37.89 -13.03 -63.60
CA GLY C 119 37.57 -14.40 -64.07
C GLY C 119 38.81 -15.17 -64.47
N THR C 120 38.74 -16.49 -64.37
CA THR C 120 39.85 -17.43 -64.69
C THR C 120 39.43 -18.27 -65.89
N LYS C 121 40.20 -18.24 -66.98
CA LYS C 121 40.02 -19.16 -68.14
C LYS C 121 40.62 -20.50 -67.71
N LEU C 122 39.77 -21.41 -67.24
CA LEU C 122 40.19 -22.80 -66.97
C LEU C 122 40.01 -23.60 -68.28
N THR C 123 41.11 -24.00 -68.91
CA THR C 123 41.08 -25.02 -69.97
C THR C 123 41.27 -26.37 -69.28
N VAL C 124 40.46 -27.37 -69.66
CA VAL C 124 40.72 -28.81 -69.39
C VAL C 124 41.29 -29.42 -70.66
N LEU C 125 42.45 -30.08 -70.58
CA LEU C 125 43.21 -30.57 -71.77
C LEU C 125 42.60 -31.91 -72.22
N GLY C 126 41.75 -31.85 -73.24
CA GLY C 126 40.96 -33.01 -73.73
C GLY C 126 41.62 -33.71 -74.89
N GLN C 127 42.84 -33.33 -75.30
CA GLN C 127 43.54 -33.89 -76.50
C GLN C 127 44.95 -33.33 -76.62
N PRO C 128 45.85 -33.99 -77.39
CA PRO C 128 47.24 -33.56 -77.46
C PRO C 128 47.44 -32.26 -78.25
N LYS C 129 48.57 -31.60 -77.99
CA LYS C 129 48.98 -30.33 -78.63
C LYS C 129 48.97 -30.55 -80.14
N ALA C 130 48.55 -29.52 -80.88
CA ALA C 130 48.43 -29.49 -82.35
C ALA C 130 48.85 -28.11 -82.85
N ALA C 131 49.86 -28.05 -83.72
CA ALA C 131 50.45 -26.77 -84.18
C ALA C 131 49.49 -26.15 -85.18
N PRO C 132 49.46 -24.81 -85.31
CA PRO C 132 48.53 -24.17 -86.22
C PRO C 132 48.96 -24.39 -87.68
N SER C 133 47.99 -24.47 -88.58
CA SER C 133 48.21 -24.32 -90.05
C SER C 133 47.91 -22.86 -90.40
N VAL C 134 48.84 -22.24 -91.12
CA VAL C 134 48.81 -20.80 -91.47
C VAL C 134 48.85 -20.70 -92.98
N THR C 135 47.84 -20.08 -93.57
CA THR C 135 47.82 -19.71 -95.00
C THR C 135 47.79 -18.18 -95.02
N LEU C 136 48.73 -17.55 -95.72
CA LEU C 136 48.76 -16.07 -95.88
C LEU C 136 48.42 -15.72 -97.33
N PHE C 137 47.39 -14.90 -97.56
CA PHE C 137 46.96 -14.46 -98.91
C PHE C 137 47.33 -12.99 -99.13
N PRO C 138 47.96 -12.65 -100.27
CA PRO C 138 48.21 -11.26 -100.60
C PRO C 138 46.92 -10.51 -100.85
N PRO C 139 46.99 -9.17 -100.96
CA PRO C 139 45.89 -8.41 -101.52
C PRO C 139 45.60 -8.95 -102.92
N SER C 140 44.36 -9.35 -103.19
CA SER C 140 43.91 -9.82 -104.52
C SER C 140 43.99 -8.65 -105.53
N SER C 141 44.23 -8.97 -106.81
CA SER C 141 44.30 -7.98 -107.92
C SER C 141 42.94 -7.26 -108.06
N GLU C 142 41.84 -7.99 -107.79
CA GLU C 142 40.47 -7.43 -107.73
C GLU C 142 40.37 -6.49 -106.51
N GLU C 143 40.93 -6.92 -105.36
CA GLU C 143 41.01 -6.13 -104.09
C GLU C 143 41.70 -4.78 -104.33
N LEU C 144 42.26 -4.59 -105.52
CA LEU C 144 42.60 -3.24 -106.09
C LEU C 144 41.32 -2.57 -106.61
N GLN C 145 40.45 -2.18 -105.67
CA GLN C 145 39.42 -1.12 -105.82
C GLN C 145 40.01 0.15 -105.20
N ALA C 146 40.96 0.77 -105.91
CA ALA C 146 41.62 2.07 -105.59
C ALA C 146 42.49 1.92 -104.34
N LYS C 148 42.43 0.34 -102.03
CA LYS C 148 42.24 -0.62 -100.91
C LYS C 148 43.11 -1.86 -101.16
N ALA C 149 43.32 -2.66 -100.10
CA ALA C 149 44.30 -3.78 -100.01
C ALA C 149 43.69 -4.95 -99.21
N THR C 150 44.31 -5.25 -98.04
CA THR C 150 43.97 -6.30 -97.03
C THR C 150 44.79 -7.57 -97.31
N LEU C 151 45.79 -7.86 -96.46
CA LEU C 151 46.50 -9.17 -96.30
C LEU C 151 45.71 -9.97 -95.28
N VAL C 152 45.40 -11.23 -95.57
CA VAL C 152 44.57 -12.04 -94.63
C VAL C 152 45.36 -13.31 -94.30
N CYS C 153 45.49 -13.55 -93.00
CA CYS C 153 46.28 -14.65 -92.41
C CYS C 153 45.35 -15.61 -91.66
N LEU C 154 45.12 -16.80 -92.24
CA LEU C 154 44.11 -17.76 -91.72
C LEU C 154 44.80 -18.88 -90.93
N ILE C 155 44.48 -18.98 -89.64
CA ILE C 155 45.15 -19.88 -88.65
C ILE C 155 44.12 -20.94 -88.27
N SER C 156 44.55 -22.19 -88.16
CA SER C 156 43.70 -23.39 -88.34
C SER C 156 44.29 -24.61 -87.62
N ASP C 157 43.44 -25.43 -87.00
CA ASP C 157 43.79 -26.75 -86.41
C ASP C 157 44.87 -26.64 -85.30
N PHE C 158 44.75 -25.72 -84.34
CA PHE C 158 45.66 -25.68 -83.15
C PHE C 158 44.86 -26.07 -81.90
N TYR C 159 45.43 -26.87 -80.98
CA TYR C 159 44.58 -27.37 -79.88
C TYR C 159 44.50 -26.35 -78.74
N PRO C 160 45.53 -26.17 -77.89
CA PRO C 160 45.31 -25.36 -76.69
C PRO C 160 44.27 -24.28 -76.97
N GLY C 161 44.41 -23.50 -78.05
CA GLY C 161 43.37 -22.55 -78.47
C GLY C 161 43.74 -21.13 -78.13
N ALA C 162 44.95 -20.92 -77.62
CA ALA C 162 45.57 -19.61 -77.45
C ALA C 162 46.62 -19.48 -78.55
N VAL C 163 46.74 -18.29 -79.14
CA VAL C 163 47.77 -17.97 -80.18
C VAL C 163 48.00 -16.45 -80.20
N THR C 164 49.26 -16.01 -80.37
CA THR C 164 49.54 -14.59 -80.71
C THR C 164 50.05 -14.51 -82.14
N VAL C 165 49.77 -13.39 -82.82
CA VAL C 165 50.25 -13.14 -84.22
C VAL C 165 50.95 -11.78 -84.27
N ALA C 166 52.13 -11.76 -84.87
CA ALA C 166 52.95 -10.58 -85.21
C ALA C 166 53.04 -10.47 -86.72
N TRP C 167 52.97 -9.25 -87.25
CA TRP C 167 53.10 -8.93 -88.70
C TRP C 167 54.42 -8.18 -88.96
N LYS C 168 55.22 -8.60 -89.94
CA LYS C 168 56.51 -7.96 -90.29
C LYS C 168 56.52 -7.47 -91.74
N ALA C 169 57.42 -6.52 -92.06
CA ALA C 169 57.89 -6.16 -93.42
C ALA C 169 59.40 -6.45 -93.51
N ASP C 170 59.83 -7.60 -92.96
CA ASP C 170 61.20 -7.95 -92.48
C ASP C 170 61.66 -6.98 -91.37
N SER C 171 61.22 -5.72 -91.43
CA SER C 171 61.18 -4.76 -90.29
C SER C 171 60.14 -5.25 -89.26
N SER C 172 58.95 -4.62 -89.13
CA SER C 172 58.00 -4.94 -88.03
C SER C 172 56.82 -3.97 -87.98
N PRO C 173 55.77 -4.10 -88.83
CA PRO C 173 54.48 -3.42 -88.61
C PRO C 173 53.58 -4.00 -87.50
N VAL C 174 52.66 -3.17 -87.04
CA VAL C 174 51.58 -3.50 -86.05
C VAL C 174 50.80 -2.20 -85.84
N LYS C 175 51.55 -1.10 -85.69
CA LYS C 175 51.08 0.31 -85.73
C LYS C 175 50.13 0.50 -86.93
N ALA C 176 50.32 -0.29 -88.00
CA ALA C 176 49.35 -0.40 -89.11
C ALA C 176 48.07 -0.99 -88.52
N GLY C 177 47.03 -1.12 -89.33
CA GLY C 177 45.78 -1.78 -88.95
C GLY C 177 45.96 -3.29 -88.94
N VAL C 178 46.44 -3.83 -87.83
CA VAL C 178 46.34 -5.27 -87.50
C VAL C 178 45.07 -5.45 -86.67
N GLU C 179 44.15 -6.27 -87.16
CA GLU C 179 42.96 -6.72 -86.40
C GLU C 179 43.04 -8.24 -86.35
N THR C 180 42.90 -8.79 -85.16
CA THR C 180 43.05 -10.24 -84.96
C THR C 180 41.86 -10.73 -84.16
N THR C 181 41.50 -11.97 -84.47
CA THR C 181 40.27 -12.65 -84.08
C THR C 181 40.61 -13.44 -82.83
N THR C 182 39.69 -13.42 -81.88
CA THR C 182 39.69 -14.30 -80.69
C THR C 182 39.60 -15.74 -81.20
N PRO C 183 40.34 -16.70 -80.62
CA PRO C 183 40.28 -18.09 -81.13
C PRO C 183 38.89 -18.73 -81.00
N SER C 184 38.38 -19.28 -82.11
CA SER C 184 37.04 -19.93 -82.24
C SER C 184 37.18 -21.44 -82.40
N LYS C 185 36.35 -22.21 -81.71
CA LYS C 185 36.34 -23.71 -81.76
C LYS C 185 35.66 -24.21 -83.04
N GLN C 186 36.24 -25.18 -83.75
CA GLN C 186 35.56 -25.79 -84.94
C GLN C 186 35.07 -27.21 -84.60
N SER C 187 34.20 -27.74 -85.48
CA SER C 187 33.82 -29.17 -85.65
C SER C 187 34.81 -30.12 -84.95
N ASN C 188 36.09 -30.05 -85.31
CA ASN C 188 37.11 -31.07 -84.91
C ASN C 188 37.65 -30.80 -83.50
N ASN C 189 37.06 -29.85 -82.76
CA ASN C 189 37.40 -29.52 -81.34
C ASN C 189 38.82 -28.90 -81.22
N LYS C 190 39.38 -28.41 -82.33
CA LYS C 190 40.56 -27.51 -82.33
C LYS C 190 40.08 -26.10 -82.67
N TYR C 191 41.01 -25.15 -82.75
CA TYR C 191 40.64 -23.72 -82.81
C TYR C 191 41.18 -23.10 -84.10
N ALA C 192 40.54 -22.03 -84.53
CA ALA C 192 40.86 -21.23 -85.73
C ALA C 192 40.88 -19.75 -85.35
N ALA C 193 41.74 -18.98 -86.01
CA ALA C 193 41.90 -17.52 -85.82
C ALA C 193 42.29 -16.90 -87.14
N SER C 194 41.65 -15.79 -87.51
CA SER C 194 42.04 -14.98 -88.68
C SER C 194 42.81 -13.76 -88.19
N SER C 195 43.83 -13.31 -88.94
CA SER C 195 44.48 -12.00 -88.69
C SER C 195 44.57 -11.20 -90.01
N TYR C 196 44.21 -9.91 -89.96
CA TYR C 196 44.07 -8.99 -91.12
C TYR C 196 44.99 -7.77 -90.91
N LEU C 197 45.69 -7.36 -91.97
CA LEU C 197 46.60 -6.19 -92.02
C LEU C 197 46.18 -5.32 -93.21
N SER C 198 45.80 -4.07 -92.97
CA SER C 198 45.26 -3.13 -93.99
C SER C 198 46.35 -2.15 -94.43
N LEU C 199 46.59 -2.08 -95.74
CA LEU C 199 47.72 -1.28 -96.25
C LEU C 199 47.25 -0.13 -97.12
N THR C 200 47.87 1.04 -96.96
CA THR C 200 47.54 2.27 -97.73
C THR C 200 48.81 2.86 -98.36
N PRO C 201 49.78 3.35 -97.57
CA PRO C 201 51.03 3.93 -98.11
C PRO C 201 51.83 2.92 -98.95
N GLU C 202 52.48 3.40 -100.03
CA GLU C 202 53.27 2.54 -100.95
C GLU C 202 52.39 1.33 -101.32
N GLN C 203 51.08 1.58 -101.32
CA GLN C 203 50.02 0.58 -101.55
C GLN C 203 50.39 -0.65 -100.73
N TRP C 204 51.14 -1.54 -101.34
CA TRP C 204 51.75 -2.72 -100.69
C TRP C 204 52.97 -3.13 -101.53
N LYS C 205 53.03 -2.63 -102.77
CA LYS C 205 54.20 -2.61 -103.68
C LYS C 205 55.44 -2.07 -102.96
N SER C 206 55.22 -1.28 -101.91
CA SER C 206 56.15 -0.87 -100.82
C SER C 206 57.39 -1.77 -100.73
N ARG C 207 57.31 -2.89 -99.97
CA ARG C 207 58.47 -3.64 -99.41
C ARG C 207 58.76 -4.86 -100.32
N LYS C 208 59.82 -5.61 -100.03
CA LYS C 208 60.20 -6.85 -100.77
C LYS C 208 59.32 -8.00 -100.31
N SER C 209 58.79 -7.92 -99.09
CA SER C 209 57.94 -8.98 -98.49
C SER C 209 57.22 -8.46 -97.23
N TYR C 210 56.00 -8.99 -97.01
CA TYR C 210 55.21 -8.90 -95.76
C TYR C 210 55.13 -10.29 -95.14
N SER C 211 54.89 -10.39 -93.83
CA SER C 211 54.95 -11.68 -93.11
C SER C 211 53.89 -11.75 -91.99
N CYS C 212 53.41 -12.96 -91.74
CA CYS C 212 52.46 -13.29 -90.65
C CYS C 212 53.13 -14.36 -89.78
N GLN C 213 53.44 -14.01 -88.52
CA GLN C 213 54.18 -14.88 -87.58
C GLN C 213 53.22 -15.33 -86.49
N VAL C 214 52.79 -16.58 -86.57
CA VAL C 214 51.80 -17.16 -85.63
C VAL C 214 52.59 -17.90 -84.57
N THR C 215 52.47 -17.49 -83.31
CA THR C 215 53.13 -18.15 -82.16
C THR C 215 52.06 -18.86 -81.33
N HIS C 216 52.26 -20.15 -81.15
CA HIS C 216 51.32 -21.05 -80.44
C HIS C 216 52.16 -21.94 -79.53
N GLU C 217 51.80 -22.01 -78.26
CA GLU C 217 52.43 -22.94 -77.28
C GLU C 217 53.97 -22.91 -77.50
N GLY C 218 54.56 -21.71 -77.43
CA GLY C 218 56.02 -21.50 -77.43
C GLY C 218 56.59 -21.30 -78.83
N SER C 219 56.36 -22.25 -79.75
CA SER C 219 56.92 -22.29 -81.14
C SER C 219 56.11 -21.42 -82.09
N THR C 220 56.79 -20.80 -83.06
CA THR C 220 56.24 -19.76 -83.96
C THR C 220 56.28 -20.27 -85.41
N VAL C 221 55.21 -20.03 -86.18
CA VAL C 221 54.99 -20.48 -87.59
C VAL C 221 54.84 -19.24 -88.46
N GLU C 222 55.74 -19.07 -89.44
CA GLU C 222 55.81 -17.87 -90.30
C GLU C 222 55.38 -18.21 -91.74
N LYS C 223 54.75 -17.25 -92.41
CA LYS C 223 54.38 -17.31 -93.84
C LYS C 223 54.61 -15.93 -94.44
N THR C 224 55.15 -15.88 -95.66
CA THR C 224 55.60 -14.63 -96.33
C THR C 224 54.93 -14.51 -97.71
N VAL C 225 54.52 -13.30 -98.11
CA VAL C 225 54.13 -12.97 -99.50
C VAL C 225 55.05 -11.84 -99.97
N ALA C 226 55.53 -11.94 -101.22
CA ALA C 226 56.32 -10.89 -101.91
C ALA C 226 55.42 -10.17 -102.91
N PRO C 227 55.21 -8.84 -102.80
CA PRO C 227 54.37 -8.13 -103.77
C PRO C 227 54.89 -8.33 -105.21
N ALA C 228 56.21 -8.40 -105.37
CA ALA C 228 56.91 -8.57 -106.67
C ALA C 228 56.58 -9.93 -107.31
N GLU C 229 56.63 -11.03 -106.54
CA GLU C 229 56.52 -12.44 -107.05
C GLU C 229 55.05 -12.90 -107.00
N CYS C 230 54.80 -14.21 -107.08
CA CYS C 230 53.45 -14.85 -107.11
C CYS C 230 53.35 -15.96 -106.04
N ALA D 2 -40.46 12.68 10.37
CA ALA D 2 -40.75 13.16 11.73
C ALA D 2 -42.26 13.12 11.97
N GLU D 3 -43.05 13.84 11.15
CA GLU D 3 -44.50 14.08 11.39
C GLU D 3 -45.30 12.78 11.22
N VAL D 4 -44.63 11.63 11.17
CA VAL D 4 -45.27 10.30 11.44
C VAL D 4 -45.66 10.27 12.92
N GLN D 5 -46.94 10.05 13.23
CA GLN D 5 -47.38 9.67 14.59
C GLN D 5 -47.71 8.19 14.57
N LEU D 6 -47.80 7.60 15.77
CA LEU D 6 -48.36 6.26 16.03
C LEU D 6 -49.39 6.40 17.15
N VAL D 7 -50.62 5.93 16.91
CA VAL D 7 -51.73 5.92 17.92
C VAL D 7 -52.12 4.48 18.19
N GLN D 8 -52.14 4.09 19.46
CA GLN D 8 -52.34 2.70 19.89
C GLN D 8 -53.79 2.48 20.31
N SER D 9 -54.21 1.21 20.40
CA SER D 9 -55.49 0.78 21.02
C SER D 9 -55.60 1.38 22.42
N GLY D 10 -56.83 1.63 22.86
CA GLY D 10 -57.18 1.98 24.25
C GLY D 10 -56.78 0.89 25.22
N ALA D 11 -56.92 1.19 26.53
CA ALA D 11 -56.54 0.34 27.67
C ALA D 11 -57.31 -0.98 27.61
N GLU D 12 -56.71 -2.03 28.15
CA GLU D 12 -57.25 -3.40 28.13
C GLU D 12 -57.13 -3.97 29.56
N VAL D 13 -58.16 -4.64 30.06
CA VAL D 13 -58.05 -5.44 31.33
C VAL D 13 -58.46 -6.87 31.02
N LYS D 14 -57.66 -7.84 31.48
CA LYS D 14 -57.72 -9.28 31.08
C LYS D 14 -57.57 -10.18 32.32
N LYS D 15 -58.04 -11.42 32.24
CA LYS D 15 -57.84 -12.46 33.27
C LYS D 15 -56.77 -13.42 32.74
N PRO D 16 -55.99 -14.06 33.64
CA PRO D 16 -55.03 -15.07 33.22
C PRO D 16 -55.63 -16.09 32.25
N GLY D 17 -54.85 -16.45 31.21
CA GLY D 17 -55.20 -17.51 30.25
C GLY D 17 -55.82 -16.96 28.97
N SER D 18 -56.25 -15.70 28.98
CA SER D 18 -56.83 -14.98 27.81
C SER D 18 -55.71 -14.35 26.97
N SER D 19 -56.10 -13.60 25.94
CA SER D 19 -55.21 -12.97 24.94
C SER D 19 -55.45 -11.46 24.91
N VAL D 20 -54.57 -10.72 24.25
CA VAL D 20 -54.72 -9.25 24.04
C VAL D 20 -54.12 -8.94 22.67
N LYS D 21 -54.85 -8.19 21.84
CA LYS D 21 -54.33 -7.72 20.53
C LYS D 21 -54.28 -6.20 20.58
N VAL D 22 -53.09 -5.65 20.72
CA VAL D 22 -52.87 -4.19 20.75
C VAL D 22 -52.57 -3.74 19.32
N SER D 23 -53.11 -2.57 18.95
CA SER D 23 -53.00 -1.95 17.60
C SER D 23 -52.07 -0.74 17.68
N CYS D 24 -51.39 -0.45 16.58
CA CYS D 24 -50.52 0.73 16.36
C CYS D 24 -50.75 1.21 14.94
N LYS D 25 -51.59 2.23 14.77
CA LYS D 25 -51.88 2.87 13.45
C LYS D 25 -50.85 3.98 13.22
N ALA D 26 -50.23 4.03 12.04
CA ALA D 26 -49.14 4.98 11.72
C ALA D 26 -49.61 5.98 10.66
N SER D 27 -50.10 7.12 11.10
CA SER D 27 -50.51 8.25 10.25
C SER D 27 -49.30 9.14 10.01
N GLY D 28 -49.40 10.02 9.03
CA GLY D 28 -48.52 11.19 8.85
C GLY D 28 -47.32 10.88 7.96
N GLY D 29 -47.16 9.64 7.52
CA GLY D 29 -46.15 9.29 6.50
C GLY D 29 -46.30 7.89 5.94
N THR D 30 -45.69 7.68 4.77
CA THR D 30 -45.50 6.36 4.12
C THR D 30 -45.22 5.28 5.18
N PHE D 31 -45.78 4.08 4.99
CA PHE D 31 -45.88 3.01 6.02
C PHE D 31 -45.06 1.76 5.64
N SER D 32 -44.67 1.64 4.38
CA SER D 32 -44.44 0.32 3.72
C SER D 32 -43.00 -0.17 3.97
N SER D 33 -42.04 0.76 4.07
CA SER D 33 -40.58 0.49 3.98
C SER D 33 -39.94 0.57 5.37
N TYR D 34 -40.55 -0.07 6.37
CA TYR D 34 -40.23 0.13 7.81
C TYR D 34 -40.67 -1.09 8.63
N ALA D 35 -39.92 -1.33 9.71
CA ALA D 35 -40.26 -2.32 10.76
C ALA D 35 -40.78 -1.55 11.97
N ILE D 36 -42.00 -1.88 12.40
CA ILE D 36 -42.61 -1.48 13.69
C ILE D 36 -41.99 -2.40 14.75
N SER D 37 -41.40 -1.83 15.79
CA SER D 37 -40.83 -2.59 16.94
C SER D 37 -41.76 -2.35 18.13
N TRP D 38 -41.90 -3.34 19.01
CA TRP D 38 -42.78 -3.29 20.21
C TRP D 38 -41.91 -3.46 21.46
N VAL D 39 -42.24 -2.75 22.54
CA VAL D 39 -41.54 -2.80 23.85
C VAL D 39 -42.60 -2.66 24.95
N ARG D 40 -42.45 -3.40 26.07
CA ARG D 40 -43.35 -3.29 27.24
C ARG D 40 -42.55 -2.84 28.48
N GLN D 41 -43.27 -2.50 29.56
CA GLN D 41 -42.74 -1.89 30.81
C GLN D 41 -43.74 -2.20 31.93
N ALA D 42 -43.36 -3.07 32.87
CA ALA D 42 -44.17 -3.44 34.05
C ALA D 42 -44.28 -2.21 34.95
N PRO D 43 -45.34 -2.08 35.77
CA PRO D 43 -45.43 -0.93 36.67
C PRO D 43 -44.05 -0.66 37.28
N GLY D 44 -43.57 0.58 37.11
CA GLY D 44 -42.34 1.08 37.75
C GLY D 44 -41.14 0.19 37.53
N GLN D 45 -40.99 -0.37 36.33
CA GLN D 45 -39.78 -1.15 35.95
C GLN D 45 -39.31 -0.61 34.60
N GLY D 46 -38.38 -1.29 33.94
CA GLY D 46 -37.69 -0.74 32.76
C GLY D 46 -38.37 -1.12 31.47
N LEU D 47 -38.02 -0.43 30.37
CA LEU D 47 -38.45 -0.79 28.99
C LEU D 47 -37.79 -2.14 28.64
N GLU D 48 -38.55 -3.10 28.12
CA GLU D 48 -38.02 -4.39 27.61
C GLU D 48 -38.45 -4.54 26.15
N TRP D 49 -37.54 -5.00 25.30
CA TRP D 49 -37.74 -5.23 23.85
C TRP D 49 -38.51 -6.54 23.64
N MET D 50 -39.60 -6.45 22.85
CA MET D 50 -40.51 -7.57 22.56
C MET D 50 -40.18 -8.16 21.18
N GLY D 51 -39.92 -7.30 20.19
CA GLY D 51 -39.63 -7.71 18.82
C GLY D 51 -40.01 -6.64 17.83
N TRP D 52 -39.86 -6.95 16.54
CA TRP D 52 -40.27 -6.09 15.40
C TRP D 52 -40.97 -6.92 14.32
N ILE D 53 -42.04 -6.35 13.75
CA ILE D 53 -42.71 -6.84 12.51
C ILE D 53 -42.32 -5.90 11.35
N SER D 54 -41.94 -6.48 10.21
CA SER D 54 -41.69 -5.75 8.93
C SER D 54 -43.02 -5.42 8.27
N ALA D 55 -43.24 -4.14 7.98
CA ALA D 55 -44.42 -3.67 7.23
C ALA D 55 -44.21 -3.96 5.73
N TYR D 56 -42.97 -4.25 5.32
CA TYR D 56 -42.57 -4.49 3.91
C TYR D 56 -42.84 -5.94 3.48
N ASN D 57 -42.41 -6.95 4.26
CA ASN D 57 -42.52 -8.37 3.85
C ASN D 57 -43.06 -9.26 4.98
N GLY D 58 -43.62 -8.68 6.04
CA GLY D 58 -44.34 -9.39 7.12
C GLY D 58 -43.44 -10.31 7.94
N ASN D 59 -42.11 -10.18 7.82
CA ASN D 59 -41.08 -10.87 8.64
C ASN D 59 -41.17 -10.42 10.10
N THR D 60 -40.73 -11.28 11.03
CA THR D 60 -40.81 -11.05 12.49
C THR D 60 -39.56 -11.62 13.14
N ASN D 61 -38.99 -10.89 14.11
CA ASN D 61 -38.00 -11.42 15.08
C ASN D 61 -38.58 -11.17 16.47
N TYR D 62 -38.67 -12.22 17.30
CA TYR D 62 -39.33 -12.13 18.62
C TYR D 62 -38.30 -12.29 19.72
N ALA D 63 -38.54 -11.65 20.87
CA ALA D 63 -37.75 -11.87 22.10
C ALA D 63 -37.92 -13.31 22.53
N GLN D 64 -36.82 -14.04 22.69
CA GLN D 64 -36.82 -15.48 23.05
C GLN D 64 -37.88 -15.74 24.13
N LYS D 65 -37.80 -15.06 25.27
CA LYS D 65 -38.66 -15.32 26.45
C LYS D 65 -40.15 -15.30 26.05
N LEU D 66 -40.51 -14.74 24.89
CA LEU D 66 -41.91 -14.67 24.41
C LEU D 66 -42.23 -15.82 23.45
N GLN D 67 -41.34 -16.11 22.49
CA GLN D 67 -41.56 -17.04 21.36
C GLN D 67 -42.63 -18.07 21.74
N GLY D 68 -43.65 -18.22 20.88
CA GLY D 68 -44.75 -19.21 21.01
C GLY D 68 -45.99 -18.61 21.67
N ARG D 69 -45.89 -17.38 22.17
CA ARG D 69 -46.94 -16.67 22.94
C ARG D 69 -47.26 -15.33 22.28
N VAL D 70 -46.40 -14.84 21.38
CA VAL D 70 -46.50 -13.50 20.73
C VAL D 70 -46.58 -13.66 19.22
N THR D 71 -47.47 -12.89 18.59
CA THR D 71 -47.67 -12.84 17.12
C THR D 71 -47.82 -11.37 16.72
N MET D 72 -46.91 -10.87 15.88
CA MET D 72 -46.91 -9.48 15.36
C MET D 72 -47.29 -9.51 13.87
N THR D 73 -48.20 -8.64 13.47
CA THR D 73 -48.82 -8.60 12.12
C THR D 73 -48.94 -7.15 11.68
N THR D 74 -49.11 -6.93 10.38
CA THR D 74 -49.27 -5.58 9.78
C THR D 74 -50.48 -5.64 8.86
N ASP D 75 -51.25 -4.56 8.76
CA ASP D 75 -52.39 -4.41 7.81
C ASP D 75 -52.11 -3.19 6.91
N THR D 76 -51.35 -3.43 5.83
CA THR D 76 -50.86 -2.40 4.86
C THR D 76 -52.05 -1.51 4.48
N SER D 77 -53.23 -2.15 4.35
CA SER D 77 -54.56 -1.51 4.15
C SER D 77 -54.76 -0.39 5.19
N THR D 78 -54.99 -0.73 6.47
CA THR D 78 -55.29 0.23 7.57
C THR D 78 -54.01 1.00 8.00
N SER D 79 -52.84 0.63 7.46
CA SER D 79 -51.54 1.30 7.76
C SER D 79 -51.24 1.14 9.26
N THR D 80 -51.60 -0.01 9.84
CA THR D 80 -51.44 -0.29 11.29
C THR D 80 -50.73 -1.63 11.50
N ALA D 81 -50.01 -1.72 12.61
CA ALA D 81 -49.35 -2.94 13.13
C ALA D 81 -50.12 -3.41 14.36
N TYR D 82 -50.23 -4.72 14.51
CA TYR D 82 -50.85 -5.37 15.69
C TYR D 82 -49.77 -6.20 16.39
N MET D 83 -49.86 -6.26 17.72
CA MET D 83 -49.08 -7.15 18.59
C MET D 83 -50.09 -7.95 19.38
N GLU D 84 -49.95 -9.27 19.43
CA GLU D 84 -50.95 -10.18 20.06
C GLU D 84 -50.21 -11.15 20.98
N LEU D 85 -50.59 -11.18 22.25
CA LEU D 85 -49.93 -11.96 23.33
C LEU D 85 -50.95 -12.94 23.90
N ARG D 86 -50.68 -14.24 23.76
CA ARG D 86 -51.61 -15.35 24.10
C ARG D 86 -51.30 -15.84 25.53
N SER D 87 -52.23 -16.59 26.14
CA SER D 87 -52.04 -17.29 27.44
C SER D 87 -51.37 -16.34 28.44
N LEU D 88 -51.99 -15.19 28.73
CA LEU D 88 -51.43 -14.14 29.63
C LEU D 88 -51.40 -14.67 31.07
N ARG D 89 -50.35 -14.34 31.83
CA ARG D 89 -50.36 -14.49 33.31
C ARG D 89 -50.00 -13.11 33.93
N SER D 90 -50.01 -12.97 35.26
CA SER D 90 -50.12 -11.69 35.99
C SER D 90 -48.95 -10.76 35.61
N ASP D 91 -47.76 -11.33 35.49
CA ASP D 91 -46.50 -10.60 35.20
C ASP D 91 -46.51 -10.08 33.75
N ASP D 92 -47.62 -10.24 33.00
CA ASP D 92 -47.74 -9.67 31.64
C ASP D 92 -48.40 -8.28 31.70
N THR D 93 -48.97 -7.90 32.85
CA THR D 93 -49.34 -6.51 33.20
C THR D 93 -48.14 -5.61 32.88
N ALA D 94 -48.37 -4.51 32.15
CA ALA D 94 -47.35 -3.58 31.63
C ALA D 94 -48.02 -2.52 30.77
N VAL D 95 -47.31 -1.45 30.42
CA VAL D 95 -47.67 -0.57 29.29
C VAL D 95 -46.85 -0.99 28.09
N TYR D 96 -47.52 -1.33 26.98
CA TYR D 96 -46.96 -1.81 25.69
C TYR D 96 -46.80 -0.62 24.73
N TYR D 97 -45.60 -0.43 24.16
CA TYR D 97 -45.30 0.69 23.23
C TYR D 97 -44.95 0.15 21.84
N CYS D 98 -45.43 0.81 20.79
CA CYS D 98 -44.92 0.61 19.42
C CYS D 98 -43.92 1.72 19.12
N ALA D 99 -42.91 1.43 18.32
CA ALA D 99 -41.94 2.44 17.83
C ALA D 99 -41.44 2.08 16.43
N ARG D 100 -41.15 3.13 15.65
CA ARG D 100 -40.53 3.03 14.30
C ARG D 100 -39.70 4.28 14.02
N ALA D 101 -39.12 4.34 12.82
CA ALA D 101 -38.33 5.48 12.31
C ALA D 101 -39.26 6.65 12.03
N PRO D 102 -38.71 7.88 11.85
CA PRO D 102 -39.47 8.99 11.30
C PRO D 102 -39.58 8.79 9.77
N ASN D 103 -39.65 9.87 9.01
CA ASN D 103 -40.28 9.82 7.65
C ASN D 103 -39.30 9.37 6.57
N TYR D 104 -37.98 9.48 6.74
CA TYR D 104 -37.04 8.94 5.73
C TYR D 104 -35.88 8.27 6.46
N GLY D 105 -36.23 7.48 7.47
CA GLY D 105 -35.32 6.91 8.47
C GLY D 105 -35.11 5.43 8.28
N ASP D 106 -34.44 4.81 9.26
CA ASP D 106 -33.89 3.45 9.18
C ASP D 106 -35.03 2.43 9.16
N TYR D 107 -34.74 1.18 8.83
CA TYR D 107 -35.73 0.08 8.71
C TYR D 107 -36.23 -0.34 10.10
N VAL D 108 -35.30 -0.75 10.96
CA VAL D 108 -35.56 -1.15 12.38
C VAL D 108 -35.01 -0.03 13.27
N ALA D 109 -35.91 0.81 13.77
CA ALA D 109 -35.63 2.10 14.45
C ALA D 109 -36.63 2.32 15.58
N PHE D 110 -36.28 3.21 16.52
CA PHE D 110 -37.07 3.55 17.72
C PHE D 110 -37.16 5.07 17.88
N ASP D 111 -37.12 5.84 16.79
CA ASP D 111 -37.05 7.33 16.88
C ASP D 111 -38.41 7.90 17.33
N ILE D 112 -39.53 7.29 16.91
CA ILE D 112 -40.91 7.76 17.19
C ILE D 112 -41.63 6.72 18.03
N TRP D 113 -42.39 7.15 19.03
CA TRP D 113 -43.03 6.22 19.99
C TRP D 113 -44.55 6.32 19.90
N GLY D 114 -45.26 5.20 20.12
CA GLY D 114 -46.70 5.22 20.43
C GLY D 114 -46.94 6.07 21.66
N GLN D 115 -48.17 6.18 22.14
CA GLN D 115 -48.48 6.83 23.44
C GLN D 115 -48.54 5.75 24.52
N GLY D 116 -48.50 4.48 24.12
CA GLY D 116 -48.58 3.33 25.04
C GLY D 116 -50.02 2.83 25.17
N THR D 117 -50.20 1.53 25.41
CA THR D 117 -51.46 0.89 25.85
C THR D 117 -51.17 0.18 27.18
N THR D 118 -51.84 0.59 28.26
CA THR D 118 -51.88 -0.12 29.56
C THR D 118 -52.73 -1.38 29.38
N VAL D 119 -52.13 -2.54 29.62
CA VAL D 119 -52.80 -3.87 29.68
C VAL D 119 -52.63 -4.39 31.10
N THR D 120 -53.73 -4.62 31.80
CA THR D 120 -53.74 -5.18 33.16
C THR D 120 -54.25 -6.62 33.09
N VAL D 121 -53.50 -7.59 33.59
CA VAL D 121 -54.04 -8.96 33.76
C VAL D 121 -54.09 -9.29 35.25
N SER D 122 -55.27 -9.73 35.73
CA SER D 122 -55.59 -9.97 37.16
C SER D 122 -56.73 -10.99 37.35
N SER D 123 -56.71 -11.75 38.46
CA SER D 123 -57.77 -12.67 38.98
C SER D 123 -58.95 -11.87 39.55
N ALA D 124 -58.84 -10.55 39.61
CA ALA D 124 -59.94 -9.56 39.52
C ALA D 124 -61.08 -9.87 40.51
N SER D 125 -62.27 -10.17 39.99
CA SER D 125 -63.52 -10.45 40.73
C SER D 125 -64.11 -9.15 41.28
N THR D 126 -63.74 -8.00 40.72
CA THR D 126 -64.51 -6.72 40.80
C THR D 126 -65.38 -6.73 42.07
N LYS D 127 -64.79 -6.32 43.19
CA LYS D 127 -65.48 -6.29 44.50
C LYS D 127 -65.66 -4.84 44.94
N GLY D 128 -66.45 -4.64 45.99
CA GLY D 128 -66.71 -3.29 46.53
C GLY D 128 -65.89 -3.09 47.77
N PRO D 129 -65.43 -1.87 48.07
CA PRO D 129 -64.57 -1.65 49.21
C PRO D 129 -65.30 -1.64 50.55
N SER D 130 -64.65 -2.12 51.59
CA SER D 130 -65.20 -2.01 52.97
C SER D 130 -64.54 -0.76 53.55
N VAL D 131 -65.29 0.21 54.04
CA VAL D 131 -64.60 1.41 54.57
C VAL D 131 -64.72 1.43 56.09
N PHE D 132 -63.60 1.66 56.77
CA PHE D 132 -63.54 1.72 58.24
C PHE D 132 -63.05 3.10 58.66
N PRO D 133 -63.44 3.57 59.86
CA PRO D 133 -63.06 4.90 60.34
C PRO D 133 -61.65 4.86 60.93
N LEU D 134 -60.91 5.95 60.78
CA LEU D 134 -59.61 6.14 61.47
C LEU D 134 -59.80 7.24 62.50
N ALA D 135 -60.28 6.86 63.68
CA ALA D 135 -60.62 7.76 64.79
C ALA D 135 -59.44 8.66 65.11
N PRO D 136 -59.70 9.95 65.43
CA PRO D 136 -58.64 10.87 65.81
C PRO D 136 -58.07 10.51 67.18
N SER D 137 -56.84 10.97 67.44
CA SER D 137 -56.10 10.73 68.71
C SER D 137 -56.72 11.56 69.85
N SER D 138 -56.81 10.97 71.05
CA SER D 138 -57.08 11.65 72.34
C SER D 138 -55.89 12.55 72.70
N LYS D 139 -54.70 12.17 72.20
CA LYS D 139 -53.37 12.78 72.49
C LYS D 139 -53.43 14.31 72.37
N SER D 140 -52.48 14.96 73.04
CA SER D 140 -52.30 16.43 73.25
C SER D 140 -53.05 17.30 72.22
N THR D 141 -53.55 18.46 72.68
CA THR D 141 -54.05 19.58 71.84
C THR D 141 -53.02 19.88 70.74
N SER D 142 -51.72 19.69 71.04
CA SER D 142 -50.59 19.65 70.08
C SER D 142 -50.26 21.08 69.61
N GLY D 143 -50.21 21.32 68.30
CA GLY D 143 -50.34 22.64 67.68
C GLY D 143 -51.78 22.94 67.27
N GLY D 144 -52.77 22.35 67.96
CA GLY D 144 -54.21 22.67 67.86
C GLY D 144 -54.97 21.79 66.89
N THR D 145 -54.29 20.91 66.14
CA THR D 145 -54.93 20.02 65.13
C THR D 145 -54.98 18.56 65.62
N ALA D 146 -55.79 17.75 64.94
CA ALA D 146 -55.82 16.28 65.05
C ALA D 146 -56.22 15.70 63.68
N ALA D 147 -55.58 14.58 63.29
CA ALA D 147 -55.86 13.81 62.05
C ALA D 147 -56.87 12.74 62.37
N LEU D 148 -57.91 12.66 61.54
CA LEU D 148 -58.91 11.57 61.47
C LEU D 148 -59.03 11.24 59.98
N GLY D 149 -59.54 10.05 59.66
CA GLY D 149 -59.67 9.62 58.26
C GLY D 149 -60.63 8.46 58.14
N CYS D 150 -60.65 7.80 57.00
CA CYS D 150 -61.18 6.42 56.90
C CYS D 150 -60.31 5.59 55.96
N LEU D 151 -60.35 4.28 56.18
CA LEU D 151 -59.61 3.23 55.44
C LEU D 151 -60.60 2.57 54.47
N VAL D 152 -60.28 2.62 53.18
CA VAL D 152 -61.11 2.01 52.11
C VAL D 152 -60.39 0.74 51.66
N LYS D 153 -60.77 -0.40 52.22
CA LYS D 153 -60.03 -1.69 52.10
C LYS D 153 -60.73 -2.59 51.06
N ASP D 154 -59.93 -3.16 50.15
CA ASP D 154 -60.19 -4.40 49.38
C ASP D 154 -61.26 -4.17 48.32
N TYR D 155 -60.98 -3.30 47.33
CA TYR D 155 -61.87 -3.05 46.17
C TYR D 155 -61.10 -3.40 44.91
N PHE D 156 -61.78 -3.77 43.81
CA PHE D 156 -61.04 -4.10 42.56
C PHE D 156 -60.96 -2.88 41.65
N PRO D 157 -61.81 -2.70 40.61
CA PRO D 157 -61.39 -1.82 39.52
C PRO D 157 -60.92 -0.48 40.12
N GLU D 158 -59.74 -0.02 39.69
CA GLU D 158 -58.85 0.90 40.43
C GLU D 158 -59.58 2.18 40.84
N PRO D 159 -60.44 2.83 40.02
CA PRO D 159 -60.98 4.14 40.41
C PRO D 159 -61.96 4.03 41.59
N VAL D 160 -61.71 4.82 42.63
CA VAL D 160 -62.52 5.03 43.87
C VAL D 160 -62.40 6.53 44.21
N THR D 161 -63.40 7.09 44.86
CA THR D 161 -63.49 8.56 45.05
C THR D 161 -63.90 8.79 46.51
N VAL D 162 -63.22 9.70 47.21
CA VAL D 162 -63.57 10.06 48.63
C VAL D 162 -63.72 11.58 48.74
N SER D 163 -64.90 12.04 49.15
CA SER D 163 -65.23 13.45 49.52
C SER D 163 -65.37 13.48 51.04
N TRP D 164 -65.44 14.66 51.65
CA TRP D 164 -65.75 14.79 53.09
C TRP D 164 -66.88 15.81 53.32
N ASN D 165 -67.82 15.44 54.18
CA ASN D 165 -69.02 16.24 54.50
C ASN D 165 -69.71 16.57 53.16
N SER D 166 -69.91 15.53 52.35
CA SER D 166 -70.54 15.63 51.02
C SER D 166 -69.94 16.82 50.24
N GLY D 167 -68.61 17.00 50.33
CA GLY D 167 -67.82 17.93 49.51
C GLY D 167 -67.54 19.27 50.20
N ALA D 168 -68.25 19.53 51.30
CA ALA D 168 -68.21 20.83 52.04
C ALA D 168 -66.85 21.03 52.68
N LEU D 169 -66.24 19.95 53.14
CA LEU D 169 -64.92 19.91 53.83
C LEU D 169 -63.84 19.54 52.82
N THR D 170 -63.00 20.51 52.44
CA THR D 170 -61.86 20.30 51.51
C THR D 170 -60.55 20.67 52.19
N SER D 171 -60.46 21.80 52.89
CA SER D 171 -59.27 22.19 53.69
C SER D 171 -58.73 20.97 54.45
N GLY D 172 -57.48 20.59 54.19
CA GLY D 172 -56.73 19.61 54.99
C GLY D 172 -57.11 18.17 54.72
N VAL D 173 -57.90 17.89 53.68
CA VAL D 173 -58.08 16.50 53.17
C VAL D 173 -56.87 16.21 52.28
N HIS D 174 -56.24 15.07 52.53
CA HIS D 174 -55.25 14.37 51.68
C HIS D 174 -55.77 12.93 51.58
N THR D 175 -56.09 12.46 50.37
CA THR D 175 -56.38 11.01 50.13
C THR D 175 -55.22 10.40 49.31
N PHE D 176 -54.71 9.26 49.78
CA PHE D 176 -53.44 8.65 49.32
C PHE D 176 -53.72 7.73 48.13
N PRO D 177 -52.91 7.77 47.05
CA PRO D 177 -52.98 6.73 46.02
C PRO D 177 -53.07 5.36 46.68
N ALA D 178 -53.84 4.45 46.08
CA ALA D 178 -54.14 3.10 46.58
C ALA D 178 -52.86 2.25 46.57
N VAL D 179 -52.78 1.30 47.48
CA VAL D 179 -51.77 0.22 47.43
C VAL D 179 -52.46 -0.94 46.74
N LEU D 180 -51.72 -1.68 45.92
CA LEU D 180 -52.16 -2.93 45.26
C LEU D 180 -51.59 -4.13 46.02
N GLN D 181 -52.46 -4.93 46.63
CA GLN D 181 -52.06 -6.06 47.52
C GLN D 181 -51.68 -7.26 46.66
N SER D 182 -51.14 -8.29 47.32
CA SER D 182 -50.84 -9.64 46.76
C SER D 182 -52.12 -10.24 46.19
N SER D 183 -53.27 -9.94 46.80
CA SER D 183 -54.60 -10.50 46.46
C SER D 183 -55.18 -9.92 45.15
N GLY D 184 -54.48 -9.03 44.46
CA GLY D 184 -55.00 -8.36 43.26
C GLY D 184 -55.95 -7.23 43.60
N LEU D 185 -56.20 -6.98 44.90
CA LEU D 185 -57.13 -5.91 45.40
C LEU D 185 -56.35 -4.67 45.87
N TYR D 186 -57.07 -3.55 45.89
CA TYR D 186 -56.58 -2.21 46.32
C TYR D 186 -57.20 -1.85 47.67
N SER D 187 -56.38 -1.30 48.56
CA SER D 187 -56.83 -0.46 49.70
C SER D 187 -56.25 0.95 49.50
N LEU D 188 -56.92 1.98 50.04
CA LEU D 188 -56.38 3.35 50.17
C LEU D 188 -56.89 4.00 51.45
N SER D 189 -56.31 5.12 51.87
CA SER D 189 -56.79 5.90 53.05
C SER D 189 -56.99 7.34 52.62
N SER D 190 -58.03 7.96 53.17
CA SER D 190 -58.28 9.42 53.11
C SER D 190 -58.15 9.91 54.54
N VAL D 191 -57.32 10.92 54.78
CA VAL D 191 -57.16 11.54 56.12
C VAL D 191 -57.54 13.02 56.01
N VAL D 192 -58.14 13.58 57.07
CA VAL D 192 -58.36 15.04 57.23
C VAL D 192 -57.63 15.52 58.49
N THR D 193 -56.83 16.57 58.38
CA THR D 193 -56.35 17.34 59.56
C THR D 193 -57.44 18.37 59.89
N VAL D 194 -57.85 18.43 61.16
CA VAL D 194 -58.95 19.32 61.64
C VAL D 194 -58.54 19.92 62.98
N PRO D 195 -59.18 21.03 63.42
CA PRO D 195 -58.99 21.55 64.77
C PRO D 195 -59.57 20.61 65.85
N SER D 196 -58.77 20.32 66.88
CA SER D 196 -59.10 19.38 67.99
C SER D 196 -60.13 20.00 68.95
N SER D 197 -60.31 21.32 68.92
CA SER D 197 -61.41 22.04 69.62
C SER D 197 -62.77 21.68 69.01
N SER D 198 -62.79 21.25 67.74
CA SER D 198 -64.03 20.92 66.98
C SER D 198 -64.49 19.49 67.28
N LEU D 199 -63.57 18.61 67.68
CA LEU D 199 -63.79 17.15 67.86
C LEU D 199 -64.87 16.88 68.91
N GLY D 200 -66.09 16.55 68.47
CA GLY D 200 -67.22 16.27 69.39
C GLY D 200 -68.23 17.41 69.44
N THR D 201 -68.06 18.42 68.58
CA THR D 201 -69.09 19.43 68.24
C THR D 201 -69.40 19.31 66.74
N GLN D 202 -68.38 19.35 65.89
CA GLN D 202 -68.47 19.27 64.41
C GLN D 202 -68.35 17.80 63.99
N THR D 203 -69.19 17.38 63.05
CA THR D 203 -69.28 15.99 62.54
C THR D 203 -68.45 15.87 61.25
N TYR D 204 -67.98 14.66 60.99
CA TYR D 204 -67.17 14.31 59.80
C TYR D 204 -67.70 12.99 59.22
N ILE D 205 -68.11 13.00 57.96
CA ILE D 205 -68.58 11.73 57.36
C ILE D 205 -67.80 11.57 56.07
N CYS D 206 -67.11 10.44 55.89
CA CYS D 206 -66.43 10.29 54.58
C CYS D 206 -67.38 9.59 53.63
N ASN D 207 -67.55 10.15 52.45
CA ASN D 207 -68.44 9.55 51.45
C ASN D 207 -67.58 8.79 50.45
N VAL D 208 -67.50 7.46 50.54
CA VAL D 208 -66.61 6.82 49.53
C VAL D 208 -67.49 6.31 48.40
N ASN D 209 -67.06 6.49 47.16
CA ASN D 209 -67.81 6.03 45.96
C ASN D 209 -66.88 5.23 45.04
N HIS D 210 -67.18 3.93 44.91
CA HIS D 210 -66.57 2.99 43.93
C HIS D 210 -67.63 2.68 42.85
N LYS D 211 -67.66 3.46 41.76
CA LYS D 211 -68.74 3.39 40.74
C LYS D 211 -68.62 2.08 39.95
N PRO D 212 -67.43 1.46 39.72
CA PRO D 212 -67.37 0.13 39.10
C PRO D 212 -68.12 -1.00 39.81
N SER D 213 -68.53 -0.80 41.07
CA SER D 213 -69.42 -1.70 41.84
C SER D 213 -70.73 -0.97 42.19
N ASN D 214 -70.90 0.25 41.64
CA ASN D 214 -71.93 1.26 42.01
C ASN D 214 -72.22 1.18 43.51
N THR D 215 -71.17 1.28 44.34
CA THR D 215 -71.19 1.19 45.82
C THR D 215 -70.86 2.57 46.39
N LYS D 216 -71.88 3.26 46.91
CA LYS D 216 -71.74 4.56 47.62
C LYS D 216 -71.91 4.28 49.11
N VAL D 217 -70.84 4.44 49.91
CA VAL D 217 -70.91 4.24 51.39
C VAL D 217 -70.45 5.53 52.09
N ASP D 218 -71.25 6.01 53.06
CA ASP D 218 -70.97 7.15 53.99
C ASP D 218 -70.50 6.58 55.34
N LYS D 219 -69.31 6.97 55.82
CA LYS D 219 -68.81 6.55 57.17
C LYS D 219 -68.63 7.76 58.10
N LYS D 220 -69.44 7.82 59.15
CA LYS D 220 -69.26 8.74 60.29
C LYS D 220 -68.00 8.28 61.03
N VAL D 221 -66.98 9.13 61.10
CA VAL D 221 -65.77 8.83 61.91
C VAL D 221 -65.82 9.72 63.16
N GLU D 222 -65.98 9.09 64.32
CA GLU D 222 -66.21 9.73 65.63
C GLU D 222 -64.95 9.57 66.49
N PRO D 223 -64.77 10.45 67.50
CA PRO D 223 -63.76 10.23 68.54
C PRO D 223 -63.97 8.91 69.31
N LYS D 224 -62.92 8.43 69.97
CA LYS D 224 -62.91 7.16 70.74
C LYS D 224 -63.61 7.38 72.08
N SER D 225 -63.91 6.31 72.82
CA SER D 225 -64.62 6.34 74.12
C SER D 225 -63.66 5.98 75.27
N CYS D 226 -62.42 6.48 75.22
CA CYS D 226 -61.33 6.18 76.19
C CYS D 226 -60.83 7.46 76.87
N GLN E 16 -26.16 -14.51 28.23
CA GLN E 16 -27.22 -13.55 27.76
C GLN E 16 -26.79 -12.12 28.11
N THR E 17 -26.52 -11.27 27.10
CA THR E 17 -26.05 -9.87 27.25
C THR E 17 -26.87 -9.11 28.28
N VAL E 18 -26.22 -8.52 29.28
CA VAL E 18 -26.88 -7.58 30.24
C VAL E 18 -26.28 -6.18 30.03
N VAL E 19 -27.16 -5.18 29.91
CA VAL E 19 -26.78 -3.75 29.75
C VAL E 19 -27.07 -3.02 31.06
N ILE E 20 -26.03 -2.42 31.64
CA ILE E 20 -26.08 -1.84 33.01
C ILE E 20 -25.99 -0.32 32.90
N GLN E 21 -26.95 0.39 33.51
CA GLN E 21 -26.88 1.85 33.74
C GLN E 21 -26.85 2.08 35.27
N GLU E 22 -26.45 3.27 35.72
CA GLU E 22 -26.55 3.66 37.15
C GLU E 22 -28.05 3.70 37.49
N PRO E 23 -28.49 2.99 38.55
CA PRO E 23 -29.91 2.94 38.89
C PRO E 23 -30.50 4.34 39.06
N SER E 24 -29.77 5.22 39.74
CA SER E 24 -30.22 6.60 40.04
C SER E 24 -29.04 7.54 40.29
N LEU E 25 -29.19 8.79 39.89
CA LEU E 25 -28.22 9.90 39.96
C LEU E 25 -28.96 11.20 40.25
N THR E 26 -28.34 12.07 41.02
CA THR E 26 -28.94 13.37 41.39
C THR E 26 -27.97 14.47 40.93
N VAL E 27 -28.54 15.50 40.30
CA VAL E 27 -27.84 16.72 39.77
C VAL E 27 -28.60 17.95 40.29
N SER E 28 -27.90 19.07 40.47
CA SER E 28 -28.54 20.37 40.80
C SER E 28 -28.70 21.18 39.52
N PRO E 29 -29.73 22.05 39.49
CA PRO E 29 -29.95 22.90 38.34
C PRO E 29 -28.64 23.63 38.05
N GLY E 30 -28.19 23.61 36.80
CA GLY E 30 -26.96 24.28 36.33
C GLY E 30 -25.81 23.31 36.31
N GLY E 31 -25.99 22.19 37.00
CA GLY E 31 -24.94 21.15 37.12
C GLY E 31 -24.80 20.41 35.82
N THR E 32 -23.68 19.71 35.63
CA THR E 32 -23.57 18.72 34.54
C THR E 32 -23.50 17.35 35.21
N VAL E 33 -24.19 16.39 34.60
CA VAL E 33 -24.26 14.99 35.09
C VAL E 33 -24.05 14.10 33.87
N THR E 34 -23.44 12.94 34.05
CA THR E 34 -23.02 12.08 32.93
C THR E 34 -23.45 10.67 33.32
N LEU E 35 -24.35 10.12 32.53
CA LEU E 35 -24.91 8.75 32.60
C LEU E 35 -24.10 7.86 31.66
N THR E 36 -23.93 6.59 32.01
CA THR E 36 -23.19 5.61 31.19
C THR E 36 -24.02 4.34 31.04
N CYS E 37 -23.69 3.59 29.99
CA CYS E 37 -24.42 2.41 29.50
C CYS E 37 -23.34 1.41 29.07
N GLY E 38 -22.99 0.46 29.96
CA GLY E 38 -22.08 -0.66 29.68
C GLY E 38 -22.83 -1.95 29.32
N SER E 39 -22.15 -2.90 28.69
CA SER E 39 -22.65 -4.27 28.36
C SER E 39 -21.73 -5.32 28.97
N SER E 40 -22.29 -6.44 29.46
CA SER E 40 -21.56 -7.60 30.03
C SER E 40 -20.70 -8.31 28.97
N THR E 41 -21.08 -8.24 27.70
CA THR E 41 -20.46 -9.09 26.63
C THR E 41 -19.18 -8.41 26.11
N GLY E 42 -19.07 -7.09 26.28
CA GLY E 42 -17.84 -6.34 25.98
C GLY E 42 -18.03 -4.84 25.84
N ALA E 43 -17.03 -4.18 25.23
CA ALA E 43 -17.03 -2.75 24.86
C ALA E 43 -18.26 -2.42 24.01
N VAL E 44 -19.16 -1.63 24.58
CA VAL E 44 -20.16 -0.87 23.79
C VAL E 44 -19.38 0.02 22.83
N THR E 45 -19.76 -0.01 21.56
CA THR E 45 -19.02 0.64 20.44
C THR E 45 -20.04 0.89 19.34
N SER E 46 -19.76 1.79 18.39
CA SER E 46 -20.80 2.49 17.59
C SER E 46 -21.51 1.53 16.61
N GLY E 47 -21.05 0.29 16.46
CA GLY E 47 -21.76 -0.80 15.76
C GLY E 47 -22.88 -1.38 16.59
N HIS E 48 -23.00 -0.92 17.84
CA HIS E 48 -24.11 -1.26 18.76
C HIS E 48 -25.22 -0.22 18.64
N TYR E 49 -25.05 0.77 17.76
CA TYR E 49 -26.11 1.77 17.41
C TYR E 49 -26.80 2.30 18.67
N PRO E 50 -26.05 2.74 19.71
CA PRO E 50 -26.65 3.14 20.98
C PRO E 50 -27.68 4.25 20.81
N TYR E 51 -28.88 4.09 21.37
CA TYR E 51 -29.91 5.15 21.47
C TYR E 51 -29.93 5.69 22.90
N TRP E 52 -30.43 6.92 23.10
CA TRP E 52 -30.78 7.46 24.44
C TRP E 52 -32.22 7.98 24.42
N PHE E 53 -33.00 7.54 25.41
CA PHE E 53 -34.45 7.80 25.54
C PHE E 53 -34.69 8.51 26.86
N GLN E 54 -35.71 9.36 26.92
CA GLN E 54 -36.08 10.10 28.15
C GLN E 54 -37.55 9.82 28.44
N GLN E 55 -37.85 9.49 29.68
CA GLN E 55 -39.20 9.13 30.12
C GLN E 55 -39.54 9.92 31.38
N LYS E 56 -40.09 11.12 31.21
CA LYS E 56 -40.75 11.85 32.31
C LYS E 56 -41.87 10.96 32.81
N PRO E 57 -42.26 11.07 34.09
CA PRO E 57 -43.28 10.20 34.64
C PRO E 57 -44.63 10.38 33.92
N GLY E 58 -45.37 9.26 33.76
CA GLY E 58 -46.71 9.20 33.13
C GLY E 58 -46.65 9.17 31.61
N GLN E 59 -45.50 9.47 31.00
CA GLN E 59 -45.38 9.74 29.55
C GLN E 59 -44.78 8.53 28.82
N ALA E 60 -44.71 8.59 27.49
CA ALA E 60 -44.00 7.60 26.66
C ALA E 60 -42.55 8.05 26.49
N PRO E 61 -41.61 7.14 26.15
CA PRO E 61 -40.26 7.54 25.81
C PRO E 61 -40.25 8.60 24.71
N ARG E 62 -39.43 9.63 24.87
CA ARG E 62 -38.92 10.52 23.80
C ARG E 62 -37.48 10.08 23.54
N THR E 63 -36.97 10.18 22.32
CA THR E 63 -35.59 9.72 21.98
C THR E 63 -34.72 10.96 21.76
N LEU E 64 -33.63 11.07 22.52
CA LEU E 64 -32.75 12.28 22.52
C LEU E 64 -31.55 12.03 21.62
N ILE E 65 -31.07 10.79 21.58
CA ILE E 65 -29.84 10.40 20.82
C ILE E 65 -30.06 9.07 20.09
N TYR E 66 -29.58 8.98 18.86
CA TYR E 66 -29.50 7.73 18.06
C TYR E 66 -28.12 7.66 17.40
N ASP E 67 -27.63 6.46 17.13
CA ASP E 67 -26.37 6.26 16.38
C ASP E 67 -25.20 6.85 17.19
N THR E 68 -25.13 6.51 18.48
CA THR E 68 -24.13 6.96 19.48
C THR E 68 -24.32 8.43 19.84
N SER E 69 -24.30 9.33 18.86
CA SER E 69 -24.12 10.79 19.08
C SER E 69 -25.09 11.69 18.29
N ASN E 70 -26.02 11.17 17.48
CA ASN E 70 -26.89 12.01 16.61
C ASN E 70 -28.08 12.51 17.40
N LYS E 71 -28.37 13.81 17.28
CA LYS E 71 -29.52 14.45 17.92
C LYS E 71 -30.67 14.55 16.92
N HIS E 72 -31.90 14.40 17.41
CA HIS E 72 -33.15 14.83 16.74
C HIS E 72 -33.34 16.33 16.98
N SER E 73 -34.11 16.99 16.13
CA SER E 73 -34.44 18.43 16.22
C SER E 73 -35.06 18.77 17.57
N TRP E 74 -35.71 17.80 18.23
CA TRP E 74 -36.45 18.06 19.49
C TRP E 74 -35.55 17.85 20.69
N THR E 75 -34.41 17.18 20.50
CA THR E 75 -33.36 17.01 21.53
C THR E 75 -32.83 18.38 21.95
N PRO E 76 -32.89 18.74 23.24
CA PRO E 76 -32.27 19.98 23.70
C PRO E 76 -30.73 19.97 23.54
N ALA E 77 -30.15 21.12 23.15
CA ALA E 77 -28.68 21.28 22.90
C ALA E 77 -27.85 20.73 24.05
N ARG E 78 -28.34 20.88 25.28
CA ARG E 78 -27.61 20.58 26.54
C ARG E 78 -27.46 19.07 26.73
N PHE E 79 -28.09 18.24 25.89
CA PHE E 79 -27.90 16.76 25.90
C PHE E 79 -26.93 16.40 24.78
N SER E 80 -26.15 15.35 25.02
CA SER E 80 -25.01 14.96 24.16
C SER E 80 -24.62 13.50 24.40
N GLY E 81 -24.56 12.71 23.32
CA GLY E 81 -24.20 11.28 23.33
C GLY E 81 -22.75 11.08 22.91
N SER E 82 -22.08 10.10 23.48
CA SER E 82 -20.62 9.87 23.32
C SER E 82 -20.30 8.42 23.67
N LEU E 83 -19.12 7.98 23.27
CA LEU E 83 -18.46 6.77 23.82
C LEU E 83 -17.41 7.26 24.81
N LEU E 84 -17.54 6.85 26.06
CA LEU E 84 -16.55 7.10 27.13
C LEU E 84 -15.98 5.74 27.53
N GLY E 85 -14.76 5.44 27.08
CA GLY E 85 -13.99 4.25 27.47
C GLY E 85 -14.85 3.02 27.69
N GLY E 86 -15.39 2.45 26.62
CA GLY E 86 -16.00 1.10 26.69
C GLY E 86 -17.49 1.14 27.02
N LYS E 87 -18.01 2.23 27.56
CA LYS E 87 -19.47 2.38 27.71
C LYS E 87 -19.92 3.46 26.73
N ALA E 88 -21.23 3.54 26.51
CA ALA E 88 -21.92 4.73 25.97
C ALA E 88 -22.24 5.67 27.15
N ALA E 89 -22.24 6.97 26.86
CA ALA E 89 -22.40 8.09 27.82
C ALA E 89 -23.39 9.11 27.25
N LEU E 90 -24.36 9.52 28.05
CA LEU E 90 -25.19 10.73 27.82
C LEU E 90 -24.71 11.78 28.82
N THR E 91 -24.53 13.03 28.39
CA THR E 91 -23.98 14.09 29.26
C THR E 91 -25.00 15.23 29.25
N LEU E 92 -25.56 15.53 30.42
CA LEU E 92 -26.44 16.70 30.65
C LEU E 92 -25.58 17.86 31.17
N SER E 93 -25.61 19.00 30.51
CA SER E 93 -24.79 20.18 30.86
C SER E 93 -25.75 21.32 31.18
N GLY E 94 -25.58 22.00 32.31
CA GLY E 94 -26.57 23.01 32.72
C GLY E 94 -27.99 22.43 32.74
N ALA E 95 -28.14 21.31 33.45
CA ALA E 95 -29.42 20.68 33.83
C ALA E 95 -30.44 21.71 34.31
N GLN E 96 -31.70 21.46 33.97
CA GLN E 96 -32.88 22.27 34.38
C GLN E 96 -33.86 21.34 35.08
N PRO E 97 -34.76 21.87 35.93
CA PRO E 97 -35.76 21.04 36.59
C PRO E 97 -36.46 20.10 35.61
N GLU E 98 -36.79 20.60 34.41
CA GLU E 98 -37.58 19.87 33.38
C GLU E 98 -36.85 18.61 32.87
N ASP E 99 -35.60 18.34 33.28
CA ASP E 99 -34.85 17.14 32.83
C ASP E 99 -34.98 16.03 33.86
N GLU E 100 -35.60 16.28 35.01
CA GLU E 100 -35.95 15.17 35.92
C GLU E 100 -36.76 14.16 35.09
N ALA E 101 -36.25 12.93 35.03
CA ALA E 101 -36.72 11.89 34.09
C ALA E 101 -35.99 10.58 34.35
N GLU E 102 -36.47 9.49 33.77
CA GLU E 102 -35.72 8.22 33.62
C GLU E 102 -35.07 8.23 32.24
N TYR E 103 -33.83 7.80 32.15
CA TYR E 103 -33.07 7.74 30.88
C TYR E 103 -32.70 6.28 30.62
N TYR E 104 -33.03 5.80 29.43
CA TYR E 104 -32.76 4.41 28.99
C TYR E 104 -31.79 4.47 27.82
N CYS E 105 -30.82 3.57 27.82
CA CYS E 105 -29.97 3.30 26.63
C CYS E 105 -30.43 1.97 26.01
N LEU E 106 -30.26 1.84 24.70
CA LEU E 106 -30.66 0.64 23.91
C LEU E 106 -29.52 0.31 22.95
N LEU E 107 -29.13 -0.97 22.91
CA LEU E 107 -27.98 -1.47 22.10
C LEU E 107 -28.45 -2.56 21.12
N SER E 108 -27.81 -2.61 19.95
CA SER E 108 -28.09 -3.55 18.83
C SER E 108 -27.02 -4.65 18.82
N TYR E 109 -27.46 -5.90 18.90
CA TYR E 109 -26.60 -7.11 18.86
C TYR E 109 -27.06 -8.08 17.75
N SER E 110 -26.16 -8.96 17.30
CA SER E 110 -26.41 -10.31 16.74
C SER E 110 -27.50 -10.34 15.67
N GLY E 111 -28.53 -11.17 15.92
CA GLY E 111 -29.59 -11.51 14.97
C GLY E 111 -30.78 -10.62 15.21
N ALA E 112 -30.63 -9.34 14.83
CA ALA E 112 -31.71 -8.33 14.93
C ALA E 112 -32.23 -8.28 16.37
N LEU E 113 -31.36 -8.57 17.35
CA LEU E 113 -31.64 -8.45 18.80
C LEU E 113 -31.45 -6.98 19.20
N TRP E 114 -32.19 -6.55 20.21
CA TRP E 114 -31.99 -5.26 20.91
C TRP E 114 -32.12 -5.51 22.42
N VAL E 115 -31.30 -4.87 23.22
CA VAL E 115 -31.41 -5.03 24.70
C VAL E 115 -31.32 -3.64 25.36
N PHE E 116 -32.34 -3.30 26.16
CA PHE E 116 -32.42 -2.06 26.96
C PHE E 116 -31.56 -2.22 28.22
N GLY E 117 -30.93 -1.10 28.64
CA GLY E 117 -30.45 -0.88 30.01
C GLY E 117 -31.62 -0.75 30.99
N GLY E 118 -31.32 -0.91 32.28
CA GLY E 118 -32.30 -0.89 33.39
C GLY E 118 -32.91 0.48 33.63
N GLY E 119 -32.30 1.52 33.07
CA GLY E 119 -32.67 2.92 33.35
C GLY E 119 -31.82 3.56 34.44
N THR E 120 -31.64 4.87 34.36
CA THR E 120 -31.15 5.77 35.42
C THR E 120 -32.29 6.70 35.87
N LYS E 121 -32.65 6.72 37.17
CA LYS E 121 -33.60 7.74 37.69
C LYS E 121 -32.76 9.00 37.99
N LEU E 122 -32.79 9.96 37.06
CA LEU E 122 -32.12 11.26 37.24
C LEU E 122 -33.08 12.18 37.99
N THR E 123 -32.68 12.62 39.17
CA THR E 123 -33.42 13.57 40.02
C THR E 123 -32.76 14.93 39.82
N VAL E 124 -33.54 15.98 39.55
CA VAL E 124 -32.98 17.36 39.56
C VAL E 124 -33.56 18.07 40.77
N LEU E 125 -32.72 18.52 41.70
CA LEU E 125 -33.18 19.07 43.00
C LEU E 125 -33.75 20.45 42.74
N GLY E 126 -35.07 20.58 42.82
CA GLY E 126 -35.82 21.80 42.50
C GLY E 126 -36.34 22.49 43.75
N GLN E 127 -36.20 21.86 44.92
CA GLN E 127 -36.43 22.58 46.20
C GLN E 127 -35.53 22.00 47.29
N PRO E 128 -35.54 22.60 48.49
CA PRO E 128 -34.81 22.05 49.62
C PRO E 128 -35.41 20.74 50.17
N LYS E 129 -34.52 19.87 50.63
CA LYS E 129 -34.82 18.66 51.43
C LYS E 129 -35.93 19.02 52.41
N ALA E 130 -36.92 18.14 52.55
CA ALA E 130 -38.07 18.27 53.46
C ALA E 130 -38.37 16.89 54.05
N ALA E 131 -38.36 16.76 55.36
CA ALA E 131 -38.56 15.46 56.03
C ALA E 131 -40.04 15.11 55.95
N PRO E 132 -40.39 13.81 55.84
CA PRO E 132 -41.78 13.38 55.87
C PRO E 132 -42.49 13.62 57.21
N SER E 133 -43.76 14.06 57.17
CA SER E 133 -44.75 13.86 58.25
C SER E 133 -45.27 12.44 58.18
N VAL E 134 -45.46 11.83 59.33
CA VAL E 134 -45.90 10.41 59.49
C VAL E 134 -47.07 10.42 60.47
N THR E 135 -48.20 9.86 60.05
CA THR E 135 -49.40 9.63 60.87
C THR E 135 -49.66 8.13 60.92
N LEU E 136 -49.61 7.53 62.11
CA LEU E 136 -49.91 6.09 62.31
C LEU E 136 -51.30 5.93 62.96
N PHE E 137 -52.19 5.20 62.30
CA PHE E 137 -53.53 4.82 62.82
C PHE E 137 -53.46 3.36 63.24
N PRO E 138 -54.01 3.00 64.42
CA PRO E 138 -54.21 1.61 64.79
C PRO E 138 -55.39 1.00 64.04
N PRO E 139 -55.64 -0.31 64.22
CA PRO E 139 -56.88 -0.91 63.74
C PRO E 139 -58.05 -0.16 64.38
N SER E 140 -59.11 0.05 63.60
CA SER E 140 -60.41 0.57 64.11
C SER E 140 -61.04 -0.53 64.97
N SER E 141 -61.83 -0.15 65.98
CA SER E 141 -62.59 -1.12 66.80
C SER E 141 -63.60 -1.86 65.91
N GLU E 142 -64.09 -1.20 64.85
CA GLU E 142 -65.05 -1.81 63.89
C GLU E 142 -64.31 -2.73 62.90
N GLU E 143 -63.08 -2.39 62.48
CA GLU E 143 -62.28 -3.26 61.57
C GLU E 143 -61.83 -4.50 62.34
N LEU E 144 -61.87 -4.41 63.66
CA LEU E 144 -61.52 -5.58 64.50
C LEU E 144 -62.73 -6.50 64.41
N GLN E 145 -63.20 -6.69 63.18
CA GLN E 145 -64.36 -7.56 62.85
C GLN E 145 -63.87 -9.00 62.82
N ALA E 146 -63.78 -9.62 61.66
CA ALA E 146 -63.28 -11.02 61.62
C ALA E 146 -61.81 -11.08 62.05
N ASN E 147 -60.93 -10.66 61.14
CA ASN E 147 -59.49 -10.44 61.39
C ASN E 147 -59.30 -8.92 61.35
N LYS E 148 -58.75 -8.40 62.44
CA LYS E 148 -58.36 -7.00 62.69
C LYS E 148 -57.56 -6.45 61.54
N ALA E 149 -56.24 -6.36 61.78
CA ALA E 149 -55.19 -6.04 60.79
C ALA E 149 -55.15 -4.53 60.58
N THR E 150 -54.47 -4.20 59.50
CA THR E 150 -54.33 -2.87 58.91
C THR E 150 -53.90 -1.79 59.89
N LEU E 151 -52.59 -1.68 60.06
CA LEU E 151 -51.98 -0.52 60.75
C LEU E 151 -51.70 0.41 59.57
N VAL E 152 -52.18 1.64 59.62
CA VAL E 152 -52.08 2.54 58.44
C VAL E 152 -51.04 3.61 58.75
N CYS E 153 -49.91 3.59 58.02
CA CYS E 153 -48.85 4.62 58.10
C CYS E 153 -48.95 5.55 56.88
N LEU E 154 -49.24 6.82 57.09
CA LEU E 154 -49.38 7.81 56.00
C LEU E 154 -48.16 8.74 56.01
N ILE E 155 -47.55 8.94 54.84
CA ILE E 155 -46.26 9.67 54.70
C ILE E 155 -46.47 10.80 53.69
N SER E 156 -46.16 12.04 54.09
CA SER E 156 -46.59 13.28 53.38
C SER E 156 -45.51 14.37 53.49
N ASP E 157 -45.38 15.19 52.45
CA ASP E 157 -44.47 16.37 52.38
C ASP E 157 -42.99 15.99 52.57
N PHE E 158 -42.33 15.59 51.48
CA PHE E 158 -40.87 15.29 51.50
C PHE E 158 -40.30 15.49 50.09
N TYR E 159 -39.52 16.59 49.99
CA TYR E 159 -38.98 17.04 48.69
C TYR E 159 -38.35 15.85 48.06
N PRO E 160 -37.22 15.05 48.63
CA PRO E 160 -36.60 13.83 48.10
C PRO E 160 -37.71 12.77 47.96
N GLY E 161 -38.26 12.65 46.75
CA GLY E 161 -39.35 11.68 46.48
C GLY E 161 -38.87 10.25 46.60
N ALA E 162 -38.35 9.87 47.77
CA ALA E 162 -37.85 8.51 48.01
C ALA E 162 -37.74 8.31 49.51
N VAL E 163 -38.38 7.26 50.01
CA VAL E 163 -38.37 6.90 51.45
C VAL E 163 -38.29 5.38 51.55
N THR E 164 -37.83 4.93 52.73
CA THR E 164 -37.73 3.51 53.14
C THR E 164 -38.62 3.35 54.37
N VAL E 165 -39.42 2.28 54.42
CA VAL E 165 -40.40 2.08 55.51
C VAL E 165 -40.05 0.77 56.23
N ALA E 166 -40.06 0.81 57.54
CA ALA E 166 -39.61 -0.31 58.39
C ALA E 166 -40.54 -0.39 59.57
N TRP E 167 -41.27 -1.49 59.68
CA TRP E 167 -42.23 -1.73 60.78
C TRP E 167 -41.50 -2.49 61.89
N LYS E 168 -41.76 -2.11 63.14
CA LYS E 168 -41.23 -2.77 64.37
C LYS E 168 -42.45 -3.23 65.18
N ALA E 169 -42.28 -4.27 65.99
CA ALA E 169 -43.30 -4.78 66.94
C ALA E 169 -42.61 -5.01 68.29
N ASP E 170 -42.18 -3.93 68.96
CA ASP E 170 -41.04 -3.92 69.92
C ASP E 170 -39.76 -4.32 69.16
N SER E 171 -39.79 -5.49 68.51
CA SER E 171 -38.64 -6.21 67.87
C SER E 171 -38.43 -5.79 66.40
N SER E 172 -39.15 -6.36 65.39
CA SER E 172 -38.87 -6.18 63.93
C SER E 172 -39.65 -7.12 63.01
N PRO E 173 -40.91 -6.82 62.57
CA PRO E 173 -41.73 -7.75 61.77
C PRO E 173 -41.46 -7.94 60.28
N VAL E 174 -41.42 -6.84 59.49
CA VAL E 174 -41.13 -6.81 58.02
C VAL E 174 -41.85 -7.95 57.26
N LYS E 175 -41.57 -9.21 57.64
CA LYS E 175 -42.13 -10.44 57.02
C LYS E 175 -43.65 -10.29 56.95
N ALA E 176 -44.27 -10.09 58.11
CA ALA E 176 -45.74 -9.89 58.24
C ALA E 176 -46.14 -8.92 57.13
N GLY E 177 -47.32 -9.13 56.54
CA GLY E 177 -47.89 -8.29 55.47
C GLY E 177 -47.56 -6.82 55.68
N VAL E 178 -46.43 -6.38 55.15
CA VAL E 178 -46.12 -4.94 54.94
C VAL E 178 -46.36 -4.66 53.46
N GLU E 179 -47.23 -3.70 53.16
CA GLU E 179 -47.44 -3.25 51.76
C GLU E 179 -47.29 -1.73 51.74
N THR E 180 -46.24 -1.28 51.05
CA THR E 180 -45.86 0.14 50.91
C THR E 180 -46.08 0.63 49.48
N THR E 181 -46.77 1.75 49.37
CA THR E 181 -46.99 2.54 48.15
C THR E 181 -45.66 3.01 47.57
N THR E 182 -45.61 3.27 46.27
CA THR E 182 -44.51 4.07 45.66
C THR E 182 -44.77 5.53 46.02
N PRO E 183 -43.78 6.44 45.92
CA PRO E 183 -44.03 7.85 46.16
C PRO E 183 -44.86 8.48 45.04
N SER E 184 -45.71 9.44 45.41
CA SER E 184 -46.60 10.18 44.48
C SER E 184 -46.45 11.67 44.75
N LYS E 185 -46.33 12.47 43.69
CA LYS E 185 -46.21 13.96 43.76
C LYS E 185 -47.52 14.53 44.31
N GLN E 186 -47.43 15.50 45.22
CA GLN E 186 -48.59 16.20 45.81
C GLN E 186 -48.77 17.51 45.04
N SER E 187 -49.85 18.26 45.30
CA SER E 187 -50.03 19.68 44.86
C SER E 187 -48.75 20.45 45.22
N ASN E 188 -48.29 20.31 46.46
CA ASN E 188 -47.01 20.83 47.02
C ASN E 188 -45.85 20.78 46.02
N ASN E 189 -45.78 19.76 45.17
CA ASN E 189 -44.51 19.34 44.49
C ASN E 189 -43.62 18.55 45.46
N LYS E 190 -44.08 18.25 46.67
CA LYS E 190 -43.45 17.28 47.58
C LYS E 190 -44.17 15.96 47.38
N TYR E 191 -43.79 14.91 48.11
CA TYR E 191 -44.21 13.53 47.81
C TYR E 191 -44.95 12.95 49.01
N ALA E 192 -45.88 12.07 48.66
CA ALA E 192 -46.72 11.31 49.62
C ALA E 192 -46.46 9.84 49.37
N ALA E 193 -46.72 9.02 50.39
CA ALA E 193 -46.59 7.55 50.34
C ALA E 193 -47.42 6.98 51.49
N SER E 194 -47.84 5.73 51.40
CA SER E 194 -48.61 5.06 52.48
C SER E 194 -47.97 3.70 52.68
N SER E 195 -48.01 3.17 53.90
CA SER E 195 -47.62 1.78 54.23
C SER E 195 -48.69 1.15 55.12
N TYR E 196 -48.95 -0.13 54.93
CA TYR E 196 -50.05 -0.88 55.59
C TYR E 196 -49.47 -2.17 56.17
N LEU E 197 -49.62 -2.40 57.48
CA LEU E 197 -49.20 -3.66 58.17
C LEU E 197 -50.46 -4.48 58.49
N SER E 198 -50.54 -5.70 57.96
CA SER E 198 -51.66 -6.63 58.16
C SER E 198 -51.31 -7.66 59.24
N LEU E 199 -52.21 -7.77 60.22
CA LEU E 199 -52.09 -8.67 61.39
C LEU E 199 -53.41 -9.42 61.62
N THR E 200 -53.35 -10.48 62.42
CA THR E 200 -54.54 -11.06 63.08
C THR E 200 -54.71 -10.32 64.40
N PRO E 201 -55.96 -10.04 64.81
CA PRO E 201 -56.22 -9.23 65.99
C PRO E 201 -55.52 -9.72 67.27
N GLU E 202 -55.30 -11.03 67.40
CA GLU E 202 -54.58 -11.58 68.59
C GLU E 202 -53.14 -11.08 68.48
N GLN E 203 -52.56 -11.12 67.27
CA GLN E 203 -51.21 -10.58 66.94
C GLN E 203 -51.15 -9.12 67.37
N TRP E 204 -52.19 -8.35 67.05
CA TRP E 204 -52.33 -6.92 67.41
C TRP E 204 -52.33 -6.74 68.93
N LYS E 205 -53.15 -7.50 69.64
CA LYS E 205 -53.32 -7.41 71.11
C LYS E 205 -52.04 -7.90 71.81
N SER E 206 -51.27 -8.78 71.14
CA SER E 206 -50.19 -9.61 71.74
C SER E 206 -48.90 -8.82 72.05
N ARG E 207 -48.81 -7.55 71.63
CA ARG E 207 -47.57 -6.72 71.74
C ARG E 207 -47.85 -5.47 72.57
N LYS E 208 -46.80 -4.91 73.20
CA LYS E 208 -46.87 -3.65 73.99
C LYS E 208 -47.09 -2.49 73.02
N SER E 209 -46.48 -2.53 71.85
CA SER E 209 -46.60 -1.48 70.81
C SER E 209 -46.13 -1.96 69.44
N TYR E 210 -46.59 -1.21 68.42
CA TYR E 210 -46.15 -1.29 67.01
C TYR E 210 -45.65 0.10 66.58
N SER E 211 -44.59 0.12 65.79
CA SER E 211 -43.95 1.37 65.30
C SER E 211 -43.77 1.32 63.79
N CYS E 212 -44.06 2.45 63.14
CA CYS E 212 -43.77 2.70 61.70
C CYS E 212 -42.58 3.65 61.62
N GLN E 213 -41.51 3.25 60.93
CA GLN E 213 -40.24 4.00 60.85
C GLN E 213 -39.97 4.38 59.39
N VAL E 214 -40.27 5.62 59.02
CA VAL E 214 -39.96 6.17 57.68
C VAL E 214 -38.57 6.78 57.76
N THR E 215 -37.71 6.41 56.82
CA THR E 215 -36.36 7.00 56.74
C THR E 215 -36.26 7.60 55.34
N HIS E 216 -35.98 8.90 55.34
CA HIS E 216 -35.78 9.75 54.15
C HIS E 216 -34.39 10.40 54.29
N GLU E 217 -33.55 10.25 53.27
CA GLU E 217 -32.26 10.97 53.15
C GLU E 217 -31.53 10.82 54.49
N GLY E 218 -31.38 9.59 54.96
CA GLY E 218 -30.53 9.22 56.11
C GLY E 218 -31.22 9.31 57.47
N SER E 219 -32.16 10.24 57.66
CA SER E 219 -32.86 10.49 58.94
C SER E 219 -34.25 9.80 58.98
N THR E 220 -34.50 9.13 60.10
CA THR E 220 -35.75 8.38 60.40
C THR E 220 -36.77 9.26 61.14
N VAL E 221 -38.00 9.33 60.63
CA VAL E 221 -39.18 9.74 61.43
C VAL E 221 -39.93 8.47 61.83
N GLU E 222 -40.61 8.46 62.98
CA GLU E 222 -41.20 7.24 63.61
C GLU E 222 -42.47 7.62 64.38
N LYS E 223 -43.52 6.80 64.23
CA LYS E 223 -44.70 6.81 65.11
C LYS E 223 -44.92 5.40 65.65
N THR E 224 -45.54 5.35 66.82
CA THR E 224 -45.76 4.16 67.66
C THR E 224 -47.22 4.22 68.10
N VAL E 225 -47.94 3.09 68.02
CA VAL E 225 -49.29 2.92 68.63
C VAL E 225 -49.19 1.70 69.55
N ALA E 226 -50.02 1.68 70.60
CA ALA E 226 -50.05 0.64 71.65
C ALA E 226 -51.45 0.04 71.72
N PRO E 227 -51.61 -1.24 71.38
CA PRO E 227 -52.92 -1.89 71.43
C PRO E 227 -53.72 -1.72 72.73
N ALA E 228 -53.09 -1.23 73.80
CA ALA E 228 -53.77 -0.88 75.07
C ALA E 228 -54.39 0.52 74.98
N GLU E 229 -53.67 1.58 75.39
CA GLU E 229 -54.26 2.91 75.68
C GLU E 229 -54.29 3.75 74.38
N CYS E 230 -55.41 4.43 74.12
CA CYS E 230 -55.66 5.36 72.98
C CYS E 230 -54.39 5.68 72.20
N ALA F 2 2.90 -1.61 32.00
CA ALA F 2 3.84 -2.72 31.75
C ALA F 2 3.69 -3.81 32.81
N GLU F 3 3.88 -5.05 32.39
CA GLU F 3 3.69 -6.29 33.20
C GLU F 3 4.84 -6.38 34.21
N VAL F 4 5.65 -5.32 34.37
CA VAL F 4 6.75 -5.20 35.38
C VAL F 4 6.14 -4.94 36.76
N GLN F 5 6.67 -5.60 37.79
CA GLN F 5 6.17 -5.48 39.20
C GLN F 5 7.35 -5.23 40.14
N LEU F 6 7.04 -4.56 41.25
CA LEU F 6 7.96 -4.19 42.35
C LEU F 6 7.42 -4.85 43.62
N VAL F 7 8.17 -5.77 44.21
CA VAL F 7 7.84 -6.42 45.51
C VAL F 7 8.89 -5.97 46.54
N GLN F 8 8.42 -5.43 47.65
CA GLN F 8 9.23 -4.83 48.73
C GLN F 8 9.33 -5.80 49.92
N SER F 9 10.48 -5.84 50.61
CA SER F 9 10.70 -6.57 51.89
C SER F 9 9.56 -6.27 52.88
N GLY F 10 9.41 -7.11 53.91
CA GLY F 10 8.32 -7.03 54.89
C GLY F 10 8.49 -5.93 55.94
N ALA F 11 7.46 -5.79 56.79
CA ALA F 11 7.37 -4.82 57.91
C ALA F 11 8.66 -4.87 58.74
N GLU F 12 9.24 -3.70 59.02
CA GLU F 12 10.32 -3.48 60.03
C GLU F 12 9.73 -2.73 61.23
N VAL F 13 10.18 -3.05 62.44
CA VAL F 13 9.91 -2.25 63.67
C VAL F 13 11.25 -2.06 64.40
N LYS F 14 11.71 -0.80 64.51
CA LYS F 14 13.11 -0.41 64.85
C LYS F 14 13.16 0.55 66.05
N LYS F 15 14.36 0.87 66.55
CA LYS F 15 14.51 1.80 67.70
C LYS F 15 15.29 3.04 67.27
N PRO F 16 15.06 4.19 67.93
CA PRO F 16 15.81 5.41 67.63
C PRO F 16 17.31 5.12 67.62
N GLY F 17 18.02 5.63 66.61
CA GLY F 17 19.47 5.44 66.44
C GLY F 17 19.81 4.28 65.52
N SER F 18 18.93 3.28 65.42
CA SER F 18 19.07 2.10 64.54
C SER F 18 18.97 2.57 63.08
N SER F 19 19.27 1.70 62.12
CA SER F 19 19.02 1.95 60.67
C SER F 19 18.09 0.87 60.09
N VAL F 20 17.67 1.02 58.83
CA VAL F 20 16.77 0.05 58.14
C VAL F 20 17.14 -0.02 56.66
N LYS F 21 17.01 -1.21 56.05
CA LYS F 21 17.30 -1.45 54.61
C LYS F 21 16.09 -2.16 53.99
N VAL F 22 15.21 -1.39 53.35
CA VAL F 22 14.04 -1.90 52.60
C VAL F 22 14.54 -2.27 51.21
N SER F 23 14.18 -3.47 50.71
CA SER F 23 14.51 -3.93 49.34
C SER F 23 13.30 -3.72 48.42
N CYS F 24 13.58 -3.65 47.12
CA CYS F 24 12.57 -3.44 46.06
C CYS F 24 13.02 -4.21 44.79
N LYS F 25 12.63 -5.49 44.68
CA LYS F 25 12.95 -6.38 43.55
C LYS F 25 11.95 -6.16 42.40
N ALA F 26 12.48 -5.78 41.22
CA ALA F 26 11.72 -5.60 39.96
C ALA F 26 11.79 -6.92 39.16
N SER F 27 10.64 -7.48 38.85
CA SER F 27 10.45 -8.70 38.03
C SER F 27 9.47 -8.40 36.88
N GLY F 28 9.62 -9.10 35.75
CA GLY F 28 8.67 -9.07 34.62
C GLY F 28 9.08 -8.10 33.54
N GLY F 29 10.33 -7.61 33.59
CA GLY F 29 10.89 -6.72 32.57
C GLY F 29 12.36 -6.44 32.81
N THR F 30 13.01 -5.82 31.82
CA THR F 30 14.40 -5.30 31.91
C THR F 30 14.48 -4.34 33.11
N PHE F 31 15.64 -4.32 33.79
CA PHE F 31 15.91 -3.65 35.09
C PHE F 31 17.02 -2.60 34.98
N SER F 32 17.86 -2.69 33.94
CA SER F 32 19.17 -2.02 33.82
C SER F 32 18.98 -0.55 33.45
N SER F 33 18.06 -0.22 32.53
CA SER F 33 18.00 1.10 31.83
C SER F 33 16.97 2.04 32.48
N TYR F 34 16.82 1.96 33.80
CA TYR F 34 15.78 2.73 34.55
C TYR F 34 16.30 3.07 35.95
N ALA F 35 15.75 4.13 36.55
CA ALA F 35 15.98 4.55 37.95
C ALA F 35 14.75 4.21 38.80
N ILE F 36 14.98 3.61 39.96
CA ILE F 36 13.94 3.30 40.99
C ILE F 36 13.82 4.56 41.85
N SER F 37 12.64 5.18 41.94
CA SER F 37 12.42 6.31 42.89
C SER F 37 11.92 5.72 44.20
N TRP F 38 12.09 6.46 45.30
CA TRP F 38 11.60 6.09 46.65
C TRP F 38 10.77 7.25 47.23
N VAL F 39 9.71 6.89 47.93
CA VAL F 39 8.68 7.80 48.50
C VAL F 39 8.34 7.21 49.89
N ARG F 40 7.95 8.05 50.84
CA ARG F 40 7.55 7.61 52.22
C ARG F 40 6.28 8.37 52.58
N GLN F 41 5.51 7.88 53.56
CA GLN F 41 4.18 8.46 53.88
C GLN F 41 3.88 8.18 55.36
N ALA F 42 3.83 9.22 56.18
CA ALA F 42 3.66 9.10 57.64
C ALA F 42 2.18 8.85 57.94
N PRO F 43 1.89 8.20 59.07
CA PRO F 43 0.51 7.97 59.49
C PRO F 43 -0.36 9.21 59.20
N GLY F 44 -1.34 9.08 58.30
CA GLY F 44 -2.37 10.10 58.07
C GLY F 44 -1.86 11.29 57.28
N GLN F 45 -0.67 11.19 56.68
CA GLN F 45 -0.07 12.29 55.87
C GLN F 45 0.09 11.86 54.40
N GLY F 46 0.69 12.74 53.60
CA GLY F 46 0.90 12.58 52.15
C GLY F 46 2.19 11.87 51.79
N LEU F 47 2.34 11.56 50.52
CA LEU F 47 3.58 11.02 49.90
C LEU F 47 4.63 12.12 49.96
N GLU F 48 5.86 11.80 50.35
CA GLU F 48 7.00 12.75 50.34
C GLU F 48 8.13 12.13 49.52
N TRP F 49 8.73 12.91 48.62
CA TRP F 49 9.83 12.43 47.75
C TRP F 49 11.10 12.21 48.58
N MET F 50 11.75 11.05 48.42
CA MET F 50 13.01 10.68 49.11
C MET F 50 14.19 10.79 48.16
N GLY F 51 14.10 10.22 46.95
CA GLY F 51 15.23 10.19 46.00
C GLY F 51 15.08 9.09 44.96
N TRP F 52 16.11 8.89 44.14
CA TRP F 52 16.21 7.77 43.19
C TRP F 52 17.64 7.22 43.12
N ILE F 53 17.77 5.98 42.64
CA ILE F 53 19.04 5.40 42.14
C ILE F 53 18.86 4.83 40.72
N SER F 54 19.75 5.26 39.82
CA SER F 54 20.00 4.67 38.48
C SER F 54 20.48 3.24 38.67
N ALA F 55 19.75 2.27 38.12
CA ALA F 55 20.20 0.86 37.98
C ALA F 55 21.29 0.78 36.90
N TYR F 56 21.33 1.72 35.95
CA TYR F 56 22.32 1.69 34.83
C TYR F 56 23.73 2.00 35.34
N ASN F 57 23.92 3.13 36.03
CA ASN F 57 25.26 3.70 36.34
C ASN F 57 25.46 3.94 37.84
N GLY F 58 24.53 3.55 38.71
CA GLY F 58 24.66 3.67 40.18
C GLY F 58 24.51 5.10 40.71
N ASN F 59 24.38 6.10 39.83
CA ASN F 59 24.16 7.54 40.17
C ASN F 59 22.87 7.68 41.00
N THR F 60 22.83 8.65 41.93
CA THR F 60 21.74 8.86 42.93
C THR F 60 21.42 10.36 43.05
N ASN F 61 20.23 10.67 43.57
CA ASN F 61 19.80 12.02 44.02
C ASN F 61 18.98 11.82 45.28
N TYR F 62 19.22 12.59 46.33
CA TYR F 62 18.48 12.49 47.61
C TYR F 62 17.82 13.83 47.94
N ALA F 63 16.80 13.82 48.77
CA ALA F 63 16.15 15.05 49.26
C ALA F 63 17.08 15.71 50.30
N GLN F 64 17.26 17.02 50.18
CA GLN F 64 18.05 17.87 51.11
C GLN F 64 17.91 17.32 52.54
N LYS F 65 16.68 17.21 53.05
CA LYS F 65 16.39 16.97 54.50
C LYS F 65 16.80 15.55 54.91
N LEU F 66 17.16 14.72 53.94
CA LEU F 66 17.55 13.31 54.17
C LEU F 66 19.06 13.13 54.01
N GLN F 67 19.74 14.08 53.35
CA GLN F 67 21.16 13.95 52.94
C GLN F 67 22.04 13.66 54.17
N GLY F 68 22.94 12.70 54.02
CA GLY F 68 23.79 12.16 55.09
C GLY F 68 23.28 10.81 55.56
N ARG F 69 21.97 10.63 55.69
CA ARG F 69 21.45 9.44 56.41
C ARG F 69 20.60 8.56 55.50
N VAL F 70 20.56 8.80 54.19
CA VAL F 70 19.98 7.82 53.23
C VAL F 70 21.09 7.37 52.26
N THR F 71 21.11 6.07 51.93
CA THR F 71 21.93 5.48 50.84
C THR F 71 21.07 4.44 50.10
N MET F 72 20.64 4.78 48.88
CA MET F 72 19.93 3.83 47.97
C MET F 72 20.98 3.32 46.97
N THR F 73 20.78 2.11 46.47
CA THR F 73 21.83 1.20 45.96
C THR F 73 21.15 0.06 45.19
N THR F 74 21.75 -0.42 44.09
CA THR F 74 21.13 -1.45 43.19
C THR F 74 22.05 -2.66 43.16
N ASP F 75 21.52 -3.85 43.47
CA ASP F 75 22.19 -5.15 43.17
C ASP F 75 21.74 -5.57 41.78
N THR F 76 22.41 -5.00 40.76
CA THR F 76 22.12 -5.21 39.31
C THR F 76 21.98 -6.72 39.03
N SER F 77 22.73 -7.57 39.75
CA SER F 77 22.69 -9.05 39.62
C SER F 77 21.29 -9.60 39.90
N THR F 78 20.81 -9.50 41.15
CA THR F 78 19.52 -10.08 41.62
C THR F 78 18.35 -9.12 41.32
N SER F 79 18.62 -8.03 40.59
CA SER F 79 17.61 -7.18 39.89
C SER F 79 16.76 -6.41 40.91
N THR F 80 17.31 -6.20 42.13
CA THR F 80 16.60 -5.49 43.22
C THR F 80 17.35 -4.20 43.57
N ALA F 81 16.63 -3.24 44.14
CA ALA F 81 17.14 -1.92 44.58
C ALA F 81 16.85 -1.75 46.06
N TYR F 82 17.74 -1.04 46.78
CA TYR F 82 17.78 -0.97 48.26
C TYR F 82 17.70 0.50 48.68
N MET F 83 16.99 0.78 49.78
CA MET F 83 16.95 2.11 50.43
C MET F 83 17.33 1.91 51.89
N GLU F 84 18.58 2.23 52.23
CA GLU F 84 19.07 2.21 53.63
C GLU F 84 18.78 3.58 54.23
N LEU F 85 18.24 3.62 55.44
CA LEU F 85 18.05 4.87 56.22
C LEU F 85 18.62 4.66 57.63
N ARG F 86 19.55 5.52 58.06
CA ARG F 86 20.26 5.42 59.38
C ARG F 86 19.86 6.59 60.30
N SER F 87 20.36 6.57 61.54
CA SER F 87 20.08 7.61 62.57
C SER F 87 18.57 7.82 62.65
N LEU F 88 17.78 6.74 62.74
CA LEU F 88 16.30 6.78 62.71
C LEU F 88 15.78 7.50 63.96
N ARG F 89 14.86 8.45 63.79
CA ARG F 89 14.07 9.03 64.92
C ARG F 89 12.62 8.58 64.74
N SER F 90 11.76 8.85 65.71
CA SER F 90 10.38 8.30 65.76
C SER F 90 9.50 8.98 64.71
N ASP F 91 9.99 10.01 64.04
CA ASP F 91 9.26 10.70 62.95
C ASP F 91 9.76 10.13 61.62
N ASP F 92 10.34 8.93 61.64
CA ASP F 92 10.69 8.17 60.43
C ASP F 92 9.61 7.10 60.18
N THR F 93 8.69 6.92 61.13
CA THR F 93 7.64 5.88 61.02
C THR F 93 6.74 6.32 59.87
N ALA F 94 6.45 5.40 58.95
CA ALA F 94 5.88 5.68 57.62
C ALA F 94 5.79 4.39 56.82
N VAL F 95 4.96 4.37 55.76
CA VAL F 95 5.04 3.33 54.70
C VAL F 95 6.04 3.84 53.68
N TYR F 96 6.99 3.00 53.28
CA TYR F 96 8.05 3.31 52.27
C TYR F 96 7.69 2.59 50.97
N TYR F 97 7.68 3.35 49.87
CA TYR F 97 7.27 2.94 48.51
C TYR F 97 8.44 3.11 47.53
N CYS F 98 8.81 2.06 46.80
CA CYS F 98 9.63 2.23 45.58
C CYS F 98 8.68 2.32 44.37
N ALA F 99 9.13 3.02 43.34
CA ALA F 99 8.40 3.28 42.08
C ALA F 99 9.40 3.42 40.94
N ARG F 100 9.06 2.93 39.75
CA ARG F 100 9.83 3.16 38.51
C ARG F 100 8.86 3.24 37.34
N ALA F 101 9.42 3.37 36.13
CA ALA F 101 8.67 3.32 34.86
C ALA F 101 8.11 1.93 34.63
N PRO F 102 7.15 1.80 33.70
CA PRO F 102 6.77 0.49 33.16
C PRO F 102 7.86 0.02 32.17
N ASN F 103 7.82 -1.24 31.73
CA ASN F 103 8.60 -1.73 30.55
C ASN F 103 8.54 -0.71 29.41
N TYR F 104 9.73 -0.37 28.90
CA TYR F 104 9.95 0.67 27.86
C TYR F 104 9.47 1.98 28.49
N GLY F 105 9.86 2.17 29.75
CA GLY F 105 9.48 3.31 30.62
C GLY F 105 10.23 4.61 30.37
N ASP F 106 10.60 5.32 31.44
CA ASP F 106 11.16 6.67 31.22
C ASP F 106 12.27 7.08 32.19
N TYR F 107 13.11 6.14 32.66
CA TYR F 107 14.30 6.35 33.54
C TYR F 107 13.76 6.79 34.90
N VAL F 108 13.78 8.09 35.18
CA VAL F 108 13.20 8.61 36.45
C VAL F 108 11.68 8.69 36.25
N ALA F 109 10.92 7.77 36.83
CA ALA F 109 9.46 7.66 36.61
C ALA F 109 8.73 7.06 37.82
N PHE F 110 7.43 7.35 37.93
CA PHE F 110 6.58 6.97 39.09
C PHE F 110 5.33 6.23 38.61
N ASP F 111 5.44 5.59 37.44
CA ASP F 111 4.29 4.96 36.72
C ASP F 111 3.87 3.69 37.46
N ILE F 112 4.84 2.95 38.04
CA ILE F 112 4.62 1.63 38.73
C ILE F 112 5.10 1.68 40.19
N TRP F 113 4.25 1.32 41.15
CA TRP F 113 4.55 1.36 42.59
C TRP F 113 4.71 -0.05 43.17
N GLY F 114 5.50 -0.16 44.23
CA GLY F 114 5.52 -1.34 45.11
C GLY F 114 4.36 -1.28 46.07
N GLN F 115 4.20 -2.30 46.91
CA GLN F 115 3.04 -2.43 47.83
C GLN F 115 3.33 -1.60 49.09
N GLY F 116 4.60 -1.24 49.29
CA GLY F 116 5.05 -0.40 50.40
C GLY F 116 5.48 -1.23 51.60
N THR F 117 6.56 -0.85 52.27
CA THR F 117 7.02 -1.45 53.55
C THR F 117 6.60 -0.50 54.67
N THR F 118 5.93 -1.00 55.72
CA THR F 118 5.61 -0.16 56.91
C THR F 118 6.76 -0.32 57.91
N VAL F 119 7.57 0.72 58.04
CA VAL F 119 8.65 0.86 59.06
C VAL F 119 8.11 1.67 60.24
N THR F 120 8.15 1.09 61.43
CA THR F 120 7.76 1.72 62.71
C THR F 120 9.01 1.92 63.57
N VAL F 121 9.35 3.16 63.93
CA VAL F 121 10.42 3.35 64.94
C VAL F 121 9.80 3.95 66.21
N SER F 122 10.09 3.33 67.34
CA SER F 122 9.75 3.87 68.68
C SER F 122 10.73 3.33 69.73
N SER F 123 10.83 4.03 70.86
CA SER F 123 11.48 3.56 72.11
C SER F 123 10.74 2.30 72.57
N ALA F 124 9.48 2.44 72.90
CA ALA F 124 8.47 1.36 72.84
C ALA F 124 8.87 0.15 73.71
N SER F 125 9.49 -0.86 73.10
CA SER F 125 9.72 -2.20 73.70
C SER F 125 8.41 -3.01 73.79
N THR F 126 8.37 -4.13 73.06
CA THR F 126 7.28 -5.13 73.03
C THR F 126 6.59 -5.20 74.39
N LYS F 127 5.31 -4.87 74.46
CA LYS F 127 4.45 -4.85 75.67
C LYS F 127 3.10 -5.49 75.36
N GLY F 128 2.65 -6.40 76.22
CA GLY F 128 1.26 -6.87 76.26
C GLY F 128 0.35 -5.75 76.73
N PRO F 129 -0.93 -5.74 76.30
CA PRO F 129 -1.87 -4.71 76.72
C PRO F 129 -2.41 -4.96 78.13
N SER F 130 -2.94 -3.94 78.78
CA SER F 130 -3.82 -4.06 79.95
C SER F 130 -5.28 -3.91 79.49
N VAL F 131 -6.16 -4.82 79.90
CA VAL F 131 -7.57 -4.83 79.43
C VAL F 131 -8.52 -4.45 80.57
N PHE F 132 -9.24 -3.36 80.41
CA PHE F 132 -10.24 -2.89 81.40
C PHE F 132 -11.64 -3.04 80.82
N PRO F 133 -12.62 -3.48 81.65
CA PRO F 133 -14.01 -3.56 81.21
C PRO F 133 -14.63 -2.17 81.13
N LEU F 134 -15.37 -1.87 80.07
CA LEU F 134 -16.22 -0.64 79.97
C LEU F 134 -17.67 -1.00 80.32
N ALA F 135 -18.05 -0.77 81.58
CA ALA F 135 -19.37 -1.13 82.14
C ALA F 135 -20.47 -0.47 81.31
N PRO F 136 -21.61 -1.18 81.10
CA PRO F 136 -22.81 -0.57 80.52
C PRO F 136 -23.60 0.19 81.59
N SER F 137 -24.33 1.23 81.16
CA SER F 137 -25.13 2.11 82.06
C SER F 137 -26.29 1.30 82.67
N SER F 138 -26.71 1.71 83.88
CA SER F 138 -27.95 1.25 84.58
C SER F 138 -29.16 1.65 83.73
N LYS F 139 -29.17 2.90 83.27
CA LYS F 139 -30.16 3.49 82.33
C LYS F 139 -30.21 2.65 81.06
N GLY F 144 -34.38 -0.09 73.99
CA GLY F 144 -33.83 -1.06 74.96
C GLY F 144 -32.51 -1.68 74.50
N THR F 145 -31.46 -0.86 74.32
CA THR F 145 -30.08 -1.32 74.01
C THR F 145 -29.06 -0.64 74.94
N ALA F 146 -28.00 -1.37 75.30
CA ALA F 146 -26.93 -1.01 76.26
C ALA F 146 -25.56 -1.16 75.59
N ALA F 147 -24.81 -0.05 75.48
CA ALA F 147 -23.42 -0.04 74.97
C ALA F 147 -22.48 -0.56 76.06
N LEU F 148 -21.48 -1.31 75.60
CA LEU F 148 -20.74 -2.33 76.37
C LEU F 148 -19.39 -2.53 75.66
N GLY F 149 -18.27 -2.52 76.36
CA GLY F 149 -16.97 -2.51 75.66
C GLY F 149 -15.81 -2.98 76.52
N CYS F 150 -14.60 -2.91 75.97
CA CYS F 150 -13.38 -2.87 76.81
C CYS F 150 -12.25 -2.04 76.19
N LEU F 151 -11.41 -1.53 77.09
CA LEU F 151 -10.22 -0.69 76.84
C LEU F 151 -8.99 -1.61 76.81
N VAL F 152 -8.23 -1.51 75.73
CA VAL F 152 -7.00 -2.32 75.48
C VAL F 152 -5.85 -1.34 75.46
N LYS F 153 -5.19 -1.16 76.61
CA LYS F 153 -4.32 0.00 76.95
C LYS F 153 -2.84 -0.41 76.93
N ASP F 154 -2.03 0.31 76.16
CA ASP F 154 -0.54 0.42 76.30
C ASP F 154 0.13 -0.87 75.85
N TYR F 155 0.14 -1.15 74.56
CA TYR F 155 0.80 -2.37 74.01
C TYR F 155 1.75 -1.89 72.90
N PHE F 156 2.83 -2.60 72.58
CA PHE F 156 3.70 -2.01 71.54
C PHE F 156 3.34 -2.53 70.16
N PRO F 157 3.93 -3.60 69.62
CA PRO F 157 3.79 -3.82 68.17
C PRO F 157 2.27 -3.85 67.88
N GLU F 158 1.83 -3.36 66.72
CA GLU F 158 0.45 -2.82 66.57
C GLU F 158 -0.59 -3.93 66.43
N PRO F 159 -0.33 -5.07 65.78
CA PRO F 159 -1.43 -6.00 65.53
C PRO F 159 -1.89 -6.60 66.86
N VAL F 160 -2.90 -6.00 67.48
CA VAL F 160 -3.80 -6.62 68.50
C VAL F 160 -5.12 -7.01 67.80
N THR F 161 -5.74 -8.08 68.24
CA THR F 161 -6.99 -8.60 67.65
C THR F 161 -7.97 -8.84 68.80
N VAL F 162 -9.19 -8.31 68.72
CA VAL F 162 -10.24 -8.48 69.76
C VAL F 162 -11.47 -9.18 69.16
N SER F 163 -12.14 -10.01 69.95
CA SER F 163 -13.40 -10.72 69.60
C SER F 163 -14.31 -10.69 70.83
N TRP F 164 -15.56 -11.13 70.68
CA TRP F 164 -16.56 -11.15 71.79
C TRP F 164 -17.13 -12.56 71.94
N ASN F 165 -17.36 -12.96 73.19
CA ASN F 165 -17.91 -14.30 73.55
C ASN F 165 -17.31 -15.31 72.57
N SER F 166 -15.99 -15.20 72.40
CA SER F 166 -15.14 -16.19 71.71
C SER F 166 -15.59 -16.37 70.26
N GLY F 167 -16.14 -15.33 69.64
CA GLY F 167 -16.60 -15.36 68.24
C GLY F 167 -18.12 -15.36 68.14
N ALA F 168 -18.81 -16.00 69.10
CA ALA F 168 -20.28 -16.11 69.19
C ALA F 168 -20.95 -14.77 68.89
N LEU F 169 -20.39 -13.66 69.36
CA LEU F 169 -21.05 -12.33 69.32
C LEU F 169 -20.31 -11.45 68.31
N THR F 170 -21.02 -11.01 67.27
CA THR F 170 -20.47 -10.29 66.10
C THR F 170 -21.38 -9.11 65.71
N SER F 171 -22.69 -9.24 65.88
CA SER F 171 -23.69 -8.17 65.61
C SER F 171 -23.54 -7.04 66.64
N GLY F 172 -23.22 -5.84 66.16
CA GLY F 172 -23.09 -4.63 67.00
C GLY F 172 -21.68 -4.42 67.52
N VAL F 173 -20.77 -5.37 67.26
CA VAL F 173 -19.31 -5.27 67.54
C VAL F 173 -18.70 -4.20 66.63
N HIS F 174 -18.10 -3.16 67.21
CA HIS F 174 -17.20 -2.20 66.51
C HIS F 174 -15.84 -2.20 67.21
N THR F 175 -14.80 -2.66 66.55
CA THR F 175 -13.41 -2.51 67.06
C THR F 175 -12.76 -1.30 66.39
N PHE F 176 -12.40 -0.30 67.17
CA PHE F 176 -11.79 0.93 66.63
C PHE F 176 -10.33 0.66 66.35
N PRO F 177 -9.78 1.20 65.26
CA PRO F 177 -8.33 1.32 65.14
C PRO F 177 -7.72 2.07 66.34
N ALA F 178 -6.44 1.79 66.56
CA ALA F 178 -5.65 2.16 67.76
C ALA F 178 -5.19 3.61 67.67
N VAL F 179 -5.23 4.31 68.79
CA VAL F 179 -4.49 5.60 68.92
C VAL F 179 -3.04 5.23 69.23
N LEU F 180 -2.13 5.99 68.64
CA LEU F 180 -0.68 6.00 68.96
C LEU F 180 -0.40 7.18 69.87
N GLN F 181 -0.13 6.89 71.13
CA GLN F 181 0.16 7.86 72.22
C GLN F 181 1.55 8.47 72.01
N SER F 182 1.85 9.59 72.65
CA SER F 182 3.23 10.18 72.73
C SER F 182 4.25 9.12 73.18
N SER F 183 3.89 8.23 74.11
CA SER F 183 4.76 7.15 74.67
C SER F 183 5.30 6.21 73.58
N GLY F 184 4.76 6.24 72.36
CA GLY F 184 5.10 5.25 71.32
C GLY F 184 4.32 3.95 71.47
N LEU F 185 3.36 3.90 72.41
CA LEU F 185 2.46 2.73 72.66
C LEU F 185 1.07 2.97 72.04
N TYR F 186 0.34 1.89 71.81
CA TYR F 186 -0.97 1.86 71.13
C TYR F 186 -2.06 1.57 72.16
N SER F 187 -3.20 2.20 71.98
CA SER F 187 -4.43 1.86 72.71
C SER F 187 -5.59 1.79 71.70
N LEU F 188 -6.61 1.01 72.08
CA LEU F 188 -7.71 0.55 71.19
C LEU F 188 -8.90 0.28 72.10
N SER F 189 -10.11 0.36 71.57
CA SER F 189 -11.31 -0.05 72.32
C SER F 189 -12.24 -0.84 71.38
N SER F 190 -12.99 -1.76 71.96
CA SER F 190 -14.02 -2.54 71.23
C SER F 190 -15.32 -2.26 71.96
N VAL F 191 -16.37 -2.00 71.21
CA VAL F 191 -17.72 -1.77 71.79
C VAL F 191 -18.67 -2.76 71.13
N VAL F 192 -19.74 -3.14 71.84
CA VAL F 192 -20.86 -3.94 71.27
C VAL F 192 -22.16 -3.44 71.91
N THR F 193 -23.22 -3.33 71.12
CA THR F 193 -24.57 -2.96 71.60
C THR F 193 -25.40 -4.25 71.72
N VAL F 194 -26.00 -4.44 72.89
CA VAL F 194 -26.74 -5.67 73.30
C VAL F 194 -28.12 -5.24 73.80
N PRO F 195 -29.18 -6.08 73.68
CA PRO F 195 -30.45 -5.80 74.34
C PRO F 195 -30.25 -5.63 75.85
N SER F 196 -30.81 -4.58 76.45
CA SER F 196 -30.58 -4.22 77.88
C SER F 196 -31.28 -5.21 78.82
N SER F 197 -32.19 -6.05 78.32
CA SER F 197 -32.79 -7.17 79.09
C SER F 197 -31.72 -8.20 79.49
N SER F 198 -30.62 -8.27 78.71
CA SER F 198 -29.56 -9.33 78.76
C SER F 198 -28.63 -9.13 79.96
N LEU F 199 -28.30 -7.87 80.26
CA LEU F 199 -27.40 -7.51 81.37
C LEU F 199 -27.83 -8.28 82.64
N GLY F 200 -26.87 -8.84 83.38
CA GLY F 200 -27.11 -9.53 84.66
C GLY F 200 -27.78 -10.90 84.52
N THR F 201 -28.12 -11.32 83.30
CA THR F 201 -28.54 -12.71 82.97
C THR F 201 -27.55 -13.35 81.96
N GLN F 202 -27.09 -12.61 80.93
CA GLN F 202 -26.09 -13.11 79.95
C GLN F 202 -24.72 -12.43 80.16
N THR F 203 -23.65 -13.21 80.00
CA THR F 203 -22.27 -12.78 80.29
C THR F 203 -21.55 -12.44 78.98
N TYR F 204 -20.87 -11.29 78.95
CA TYR F 204 -20.08 -10.75 77.80
C TYR F 204 -18.59 -10.73 78.18
N ILE F 205 -17.71 -11.16 77.27
CA ILE F 205 -16.24 -11.25 77.50
C ILE F 205 -15.49 -10.72 76.25
N CYS F 206 -14.51 -9.82 76.41
CA CYS F 206 -13.48 -9.55 75.36
C CYS F 206 -12.50 -10.73 75.37
N ASN F 207 -12.27 -11.28 74.19
CA ASN F 207 -11.11 -12.16 73.90
C ASN F 207 -10.12 -11.29 73.12
N VAL F 208 -9.11 -10.78 73.84
CA VAL F 208 -8.02 -9.88 73.34
C VAL F 208 -6.78 -10.72 73.13
N ASN F 209 -6.18 -10.70 71.93
CA ASN F 209 -4.95 -11.47 71.63
C ASN F 209 -3.90 -10.52 71.06
N HIS F 210 -2.78 -10.33 71.76
CA HIS F 210 -1.58 -9.60 71.27
C HIS F 210 -0.45 -10.62 71.01
N LYS F 211 -0.47 -11.23 69.81
CA LYS F 211 0.48 -12.30 69.42
C LYS F 211 1.92 -11.87 69.71
N PRO F 212 2.35 -10.63 69.36
CA PRO F 212 3.75 -10.26 69.54
C PRO F 212 4.32 -10.29 70.96
N SER F 213 3.52 -10.60 71.99
CA SER F 213 4.01 -10.86 73.38
C SER F 213 3.33 -12.06 74.02
N ASN F 214 2.76 -12.95 73.20
CA ASN F 214 2.04 -14.19 73.60
C ASN F 214 1.17 -13.90 74.83
N THR F 215 0.30 -12.88 74.73
CA THR F 215 -0.73 -12.57 75.76
C THR F 215 -2.13 -12.64 75.10
N LYS F 216 -2.92 -13.58 75.60
CA LYS F 216 -4.37 -13.72 75.40
C LYS F 216 -5.03 -13.28 76.72
N VAL F 217 -6.07 -12.46 76.66
CA VAL F 217 -6.86 -12.08 77.86
C VAL F 217 -8.33 -12.23 77.55
N ASP F 218 -9.09 -12.82 78.46
CA ASP F 218 -10.58 -12.90 78.40
C ASP F 218 -11.12 -12.06 79.56
N LYS F 219 -11.45 -10.79 79.34
CA LYS F 219 -12.10 -9.95 80.39
C LYS F 219 -13.61 -10.15 80.36
N LYS F 220 -14.23 -10.36 81.52
CA LYS F 220 -15.70 -10.34 81.69
C LYS F 220 -16.13 -8.88 81.83
N VAL F 221 -17.31 -8.53 81.32
CA VAL F 221 -17.84 -7.14 81.36
C VAL F 221 -19.24 -7.16 82.02
N GLU F 222 -19.25 -6.99 83.35
CA GLU F 222 -20.44 -7.04 84.25
C GLU F 222 -20.86 -5.61 84.58
N PRO F 223 -22.18 -5.27 84.65
CA PRO F 223 -22.61 -3.96 85.13
C PRO F 223 -22.37 -3.69 86.64
N LYS F 224 -22.40 -2.41 87.04
CA LYS F 224 -22.15 -1.97 88.44
C LYS F 224 -23.48 -1.65 89.14
N ALA G 15 12.36 30.08 50.34
CA ALA G 15 12.57 29.76 48.89
C ALA G 15 12.82 28.26 48.72
N GLN G 16 11.88 27.44 49.21
CA GLN G 16 11.67 26.02 48.81
C GLN G 16 10.29 25.94 48.14
N THR G 17 10.21 25.11 47.09
CA THR G 17 9.00 24.87 46.25
C THR G 17 7.94 24.16 47.08
N VAL G 18 6.74 24.73 47.12
CA VAL G 18 5.56 24.17 47.83
C VAL G 18 4.42 24.00 46.82
N VAL G 19 3.86 22.80 46.75
CA VAL G 19 2.82 22.42 45.75
C VAL G 19 1.47 22.36 46.46
N ILE G 20 0.54 23.23 46.06
CA ILE G 20 -0.77 23.41 46.75
C ILE G 20 -1.85 22.59 46.02
N GLN G 21 -2.47 21.67 46.75
CA GLN G 21 -3.72 20.96 46.35
C GLN G 21 -4.82 21.43 47.30
N GLU G 22 -6.01 21.71 46.79
CA GLU G 22 -7.25 21.82 47.61
C GLU G 22 -7.22 20.71 48.67
N PRO G 23 -7.24 21.04 49.97
CA PRO G 23 -7.28 19.98 50.99
C PRO G 23 -8.39 18.95 50.77
N SER G 24 -9.59 19.38 50.34
CA SER G 24 -10.74 18.45 50.26
C SER G 24 -11.85 18.98 49.34
N LEU G 25 -12.49 18.09 48.58
CA LEU G 25 -13.63 18.46 47.70
C LEU G 25 -14.67 17.36 47.82
N THR G 26 -15.95 17.67 47.64
CA THR G 26 -16.97 16.59 47.54
C THR G 26 -17.79 16.74 46.24
N VAL G 27 -18.11 15.61 45.61
CA VAL G 27 -18.90 15.55 44.35
C VAL G 27 -19.98 14.47 44.49
N SER G 28 -21.16 14.72 43.92
CA SER G 28 -22.23 13.70 43.75
C SER G 28 -21.78 12.69 42.72
N PRO G 29 -22.18 11.40 42.85
CA PRO G 29 -22.01 10.43 41.77
C PRO G 29 -22.66 10.96 40.49
N GLY G 30 -21.94 10.90 39.36
CA GLY G 30 -22.36 11.46 38.07
C GLY G 30 -21.86 12.88 37.82
N GLY G 31 -21.55 13.60 38.91
CA GLY G 31 -21.05 14.98 38.88
C GLY G 31 -19.64 15.01 38.31
N THR G 32 -19.17 16.18 37.88
CA THR G 32 -17.78 16.40 37.42
C THR G 32 -17.11 17.31 38.46
N VAL G 33 -15.89 16.96 38.85
CA VAL G 33 -15.05 17.73 39.80
C VAL G 33 -13.66 17.89 39.19
N THR G 34 -13.07 19.10 39.28
CA THR G 34 -11.69 19.39 38.83
C THR G 34 -10.87 19.74 40.08
N LEU G 35 -9.71 19.08 40.22
CA LEU G 35 -8.71 19.26 41.31
C LEU G 35 -7.56 20.10 40.76
N THR G 36 -7.02 21.07 41.49
CA THR G 36 -5.87 21.87 41.00
C THR G 36 -4.62 21.57 41.83
N CYS G 37 -3.48 21.89 41.22
CA CYS G 37 -2.09 21.57 41.64
C CYS G 37 -1.26 22.80 41.27
N GLY G 38 -1.15 23.78 42.16
CA GLY G 38 -0.38 25.03 41.96
C GLY G 38 1.00 24.98 42.61
N SER G 39 1.92 25.82 42.14
CA SER G 39 3.29 25.94 42.73
C SER G 39 3.55 27.36 43.25
N SER G 40 4.15 27.45 44.44
CA SER G 40 4.71 28.68 45.05
C SER G 40 5.76 29.34 44.15
N THR G 41 6.55 28.59 43.37
CA THR G 41 7.68 29.15 42.56
C THR G 41 7.14 29.72 41.24
N GLY G 42 5.94 29.35 40.81
CA GLY G 42 5.27 30.04 39.69
C GLY G 42 4.29 29.14 39.00
N ALA G 43 4.05 29.40 37.71
CA ALA G 43 3.05 28.71 36.88
C ALA G 43 3.52 27.27 36.60
N VAL G 44 2.63 26.29 36.87
CA VAL G 44 2.82 24.87 36.51
C VAL G 44 2.58 24.72 35.00
N THR G 45 3.57 24.20 34.29
CA THR G 45 3.62 24.07 32.82
C THR G 45 4.10 22.66 32.50
N SER G 46 4.26 22.35 31.21
CA SER G 46 4.55 21.00 30.70
C SER G 46 5.90 20.50 31.23
N GLY G 47 6.90 21.38 31.34
CA GLY G 47 8.28 21.07 31.74
C GLY G 47 8.45 20.66 33.19
N HIS G 48 7.37 20.72 33.97
CA HIS G 48 7.26 20.22 35.38
C HIS G 48 6.69 18.79 35.43
N TYR G 49 6.36 18.19 34.28
CA TYR G 49 5.94 16.77 34.13
C TYR G 49 4.86 16.36 35.13
N PRO G 50 3.72 17.07 35.25
CA PRO G 50 2.69 16.70 36.23
C PRO G 50 2.23 15.25 36.12
N TYR G 51 2.32 14.52 37.24
CA TYR G 51 1.66 13.21 37.47
C TYR G 51 0.42 13.46 38.32
N TRP G 52 -0.58 12.59 38.22
CA TRP G 52 -1.71 12.50 39.17
C TRP G 52 -1.78 11.06 39.67
N PHE G 53 -1.87 10.87 40.99
CA PHE G 53 -1.94 9.54 41.62
C PHE G 53 -3.24 9.43 42.40
N GLN G 54 -3.79 8.22 42.47
CA GLN G 54 -4.99 7.92 43.30
C GLN G 54 -4.53 7.03 44.45
N GLN G 55 -4.93 7.32 45.70
CA GLN G 55 -4.63 6.45 46.86
C GLN G 55 -5.92 6.18 47.64
N LYS G 56 -6.39 4.94 47.57
CA LYS G 56 -7.49 4.39 48.40
C LYS G 56 -6.86 3.85 49.69
N PRO G 57 -7.60 3.75 50.82
CA PRO G 57 -7.01 3.35 52.09
C PRO G 57 -6.30 1.96 52.11
N GLY G 58 -5.14 1.91 52.75
CA GLY G 58 -4.31 0.70 52.95
C GLY G 58 -3.73 0.16 51.66
N GLN G 59 -3.51 1.02 50.66
CA GLN G 59 -3.10 0.59 49.29
C GLN G 59 -2.02 1.56 48.81
N ALA G 60 -1.16 1.10 47.90
CA ALA G 60 -0.16 1.95 47.21
C ALA G 60 -0.87 2.85 46.20
N PRO G 61 -0.31 4.02 45.89
CA PRO G 61 -0.81 4.84 44.79
C PRO G 61 -1.06 4.06 43.50
N ARG G 62 -2.07 4.44 42.71
CA ARG G 62 -2.23 4.11 41.26
C ARG G 62 -1.95 5.39 40.48
N THR G 63 -1.13 5.32 39.42
CA THR G 63 -0.80 6.48 38.55
C THR G 63 -1.86 6.67 37.48
N LEU G 64 -2.73 7.67 37.59
CA LEU G 64 -3.82 7.93 36.61
C LEU G 64 -3.27 8.71 35.42
N ILE G 65 -2.39 9.68 35.68
CA ILE G 65 -1.92 10.65 34.67
C ILE G 65 -0.40 10.79 34.78
N TYR G 66 0.24 10.93 33.63
CA TYR G 66 1.66 11.32 33.54
C TYR G 66 1.78 12.32 32.40
N ASP G 67 2.84 13.12 32.44
CA ASP G 67 3.16 14.15 31.44
C ASP G 67 1.93 15.04 31.18
N THR G 68 1.45 15.69 32.25
CA THR G 68 0.29 16.61 32.31
C THR G 68 -0.98 15.87 31.83
N SER G 69 -1.05 15.42 30.57
CA SER G 69 -2.31 14.96 29.91
C SER G 69 -2.36 13.44 29.67
N ASN G 70 -1.25 12.72 29.79
CA ASN G 70 -1.14 11.31 29.35
C ASN G 70 -1.88 10.37 30.32
N LYS G 71 -2.63 9.40 29.78
CA LYS G 71 -3.33 8.34 30.56
C LYS G 71 -2.58 7.02 30.39
N HIS G 72 -2.77 6.10 31.32
CA HIS G 72 -2.23 4.72 31.24
C HIS G 72 -3.39 3.80 30.83
N SER G 73 -3.05 2.63 30.30
CA SER G 73 -3.93 1.46 30.07
C SER G 73 -4.97 1.31 31.19
N TRP G 74 -4.57 1.49 32.45
CA TRP G 74 -5.42 1.25 33.65
C TRP G 74 -6.09 2.54 34.14
N THR G 75 -5.79 3.71 33.55
CA THR G 75 -6.49 4.98 33.87
C THR G 75 -7.92 4.87 33.38
N PRO G 76 -8.94 5.07 34.23
CA PRO G 76 -10.31 5.15 33.74
C PRO G 76 -10.55 6.45 32.95
N ALA G 77 -11.28 6.38 31.84
CA ALA G 77 -11.49 7.46 30.85
C ALA G 77 -12.19 8.70 31.44
N ARG G 78 -12.93 8.53 32.55
CA ARG G 78 -13.57 9.65 33.31
C ARG G 78 -12.53 10.68 33.77
N PHE G 79 -11.30 10.21 34.00
CA PHE G 79 -10.11 10.99 34.43
C PHE G 79 -9.37 11.55 33.21
N SER G 80 -9.23 12.88 33.23
CA SER G 80 -8.42 13.66 32.28
C SER G 80 -7.46 14.59 33.05
N GLY G 81 -6.23 14.75 32.54
CA GLY G 81 -5.26 15.75 32.97
C GLY G 81 -5.11 16.89 31.97
N SER G 82 -4.88 18.09 32.48
CA SER G 82 -4.67 19.37 31.74
C SER G 82 -3.84 20.35 32.56
N LEU G 83 -3.52 21.46 31.91
CA LEU G 83 -3.07 22.74 32.52
C LEU G 83 -4.28 23.69 32.48
N LEU G 84 -4.71 24.18 33.64
CA LEU G 84 -5.77 25.23 33.73
C LEU G 84 -5.12 26.46 34.40
N GLY G 85 -5.10 27.57 33.66
CA GLY G 85 -4.19 28.73 33.82
C GLY G 85 -3.47 28.80 35.15
N GLY G 86 -2.20 28.43 35.18
CA GLY G 86 -1.32 28.59 36.35
C GLY G 86 -1.04 27.26 37.01
N LYS G 87 -2.02 26.35 37.05
CA LYS G 87 -1.92 25.10 37.83
C LYS G 87 -2.15 23.90 36.90
N ALA G 88 -1.67 22.73 37.32
CA ALA G 88 -2.03 21.43 36.73
C ALA G 88 -3.41 21.08 37.28
N ALA G 89 -4.19 20.30 36.52
CA ALA G 89 -5.62 20.04 36.82
C ALA G 89 -5.95 18.59 36.52
N LEU G 90 -6.71 17.96 37.41
CA LEU G 90 -7.33 16.63 37.22
C LEU G 90 -8.85 16.85 37.21
N THR G 91 -9.45 16.71 36.03
CA THR G 91 -10.91 16.73 35.85
C THR G 91 -11.43 15.29 35.97
N LEU G 92 -12.53 15.11 36.69
CA LEU G 92 -13.27 13.84 36.89
C LEU G 92 -14.68 14.03 36.33
N SER G 93 -14.94 13.48 35.15
CA SER G 93 -16.24 13.64 34.46
C SER G 93 -17.07 12.39 34.72
N GLY G 94 -18.01 12.47 35.66
CA GLY G 94 -18.91 11.36 35.99
C GLY G 94 -18.37 10.55 37.13
N ALA G 95 -18.11 11.23 38.24
CA ALA G 95 -17.58 10.64 39.49
C ALA G 95 -18.44 9.41 39.83
N GLN G 96 -17.81 8.31 40.24
CA GLN G 96 -18.51 7.11 40.76
C GLN G 96 -18.15 6.94 42.23
N PRO G 97 -18.90 6.15 43.01
CA PRO G 97 -18.64 6.02 44.44
C PRO G 97 -17.25 5.48 44.80
N GLU G 98 -16.63 4.73 43.90
CA GLU G 98 -15.28 4.12 44.10
C GLU G 98 -14.16 5.09 43.69
N ASP G 99 -14.46 6.38 43.51
CA ASP G 99 -13.41 7.41 43.28
C ASP G 99 -13.15 8.19 44.57
N GLU G 100 -14.00 8.03 45.60
CA GLU G 100 -13.70 8.47 47.00
C GLU G 100 -12.35 7.91 47.38
N ALA G 101 -11.36 8.77 47.47
CA ALA G 101 -9.94 8.40 47.61
C ALA G 101 -9.16 9.69 47.77
N GLU G 102 -7.84 9.59 47.97
CA GLU G 102 -6.89 10.72 47.98
C GLU G 102 -6.25 10.83 46.60
N TYR G 103 -6.17 12.05 46.08
CA TYR G 103 -5.50 12.36 44.79
C TYR G 103 -4.31 13.28 45.09
N TYR G 104 -3.12 12.83 44.72
CA TYR G 104 -1.85 13.58 44.84
C TYR G 104 -1.35 13.91 43.44
N CYS G 105 -0.87 15.14 43.23
CA CYS G 105 -0.07 15.51 42.03
C CYS G 105 1.41 15.50 42.41
N LEU G 106 2.29 15.45 41.41
CA LEU G 106 3.76 15.39 41.58
C LEU G 106 4.40 16.24 40.51
N LEU G 107 5.33 17.13 40.86
CA LEU G 107 5.97 18.03 39.88
C LEU G 107 7.47 17.74 39.83
N SER G 108 8.08 17.91 38.66
CA SER G 108 9.55 17.87 38.46
C SER G 108 10.08 19.30 38.51
N TYR G 109 11.17 19.54 39.24
CA TYR G 109 11.88 20.84 39.21
C TYR G 109 13.38 20.56 38.96
N SER G 110 14.19 21.62 38.87
CA SER G 110 15.64 21.57 38.63
C SER G 110 16.31 20.68 39.67
N GLY G 111 17.57 20.34 39.44
CA GLY G 111 18.21 19.12 39.97
C GLY G 111 17.52 17.95 39.30
N ALA G 112 17.42 16.83 39.99
CA ALA G 112 16.46 15.78 39.65
C ALA G 112 15.50 15.69 40.85
N LEU G 113 14.84 16.83 41.12
CA LEU G 113 13.99 17.07 42.30
C LEU G 113 12.49 17.00 41.92
N TRP G 114 11.69 16.44 42.82
CA TRP G 114 10.26 16.12 42.63
C TRP G 114 9.49 16.53 43.90
N VAL G 115 8.40 17.29 43.80
CA VAL G 115 7.64 17.71 45.00
C VAL G 115 6.20 17.23 44.89
N PHE G 116 5.77 16.35 45.77
CA PHE G 116 4.35 15.95 45.89
C PHE G 116 3.55 17.13 46.45
N GLY G 117 2.34 17.34 45.95
CA GLY G 117 1.35 18.22 46.60
C GLY G 117 0.91 17.65 47.93
N GLY G 118 0.08 18.40 48.67
CA GLY G 118 -0.49 17.94 49.94
C GLY G 118 -1.45 16.76 49.76
N GLY G 119 -1.90 16.49 48.52
CA GLY G 119 -3.02 15.58 48.28
C GLY G 119 -4.37 16.24 48.52
N THR G 120 -5.42 15.74 47.88
CA THR G 120 -6.82 16.23 47.97
C THR G 120 -7.73 15.08 48.38
N LYS G 121 -8.46 15.22 49.49
CA LYS G 121 -9.42 14.18 49.96
C LYS G 121 -10.76 14.38 49.26
N LEU G 122 -11.00 13.58 48.22
CA LEU G 122 -12.23 13.66 47.39
C LEU G 122 -13.34 12.79 48.00
N THR G 123 -14.35 13.43 48.57
CA THR G 123 -15.57 12.71 48.95
C THR G 123 -16.44 12.63 47.68
N VAL G 124 -16.98 11.43 47.40
CA VAL G 124 -18.02 11.19 46.37
C VAL G 124 -19.26 10.67 47.11
N LEU G 125 -20.33 11.46 47.20
CA LEU G 125 -21.46 11.22 48.12
C LEU G 125 -22.19 9.91 47.79
N GLY G 126 -21.70 8.79 48.30
CA GLY G 126 -22.31 7.46 48.05
C GLY G 126 -23.60 7.25 48.83
N GLN G 127 -23.78 7.96 49.94
CA GLN G 127 -24.97 7.83 50.80
C GLN G 127 -25.32 9.22 51.32
N PRO G 128 -26.45 9.40 52.03
CA PRO G 128 -26.75 10.68 52.65
C PRO G 128 -25.95 10.85 53.93
N LYS G 129 -25.55 12.09 54.19
CA LYS G 129 -25.03 12.60 55.49
C LYS G 129 -25.64 11.80 56.64
N ALA G 130 -24.79 11.34 57.55
CA ALA G 130 -25.15 10.64 58.79
C ALA G 130 -24.34 11.27 59.93
N ALA G 131 -25.00 11.82 60.94
CA ALA G 131 -24.33 12.41 62.11
C ALA G 131 -23.72 11.26 62.89
N PRO G 132 -22.61 11.49 63.61
CA PRO G 132 -21.97 10.47 64.43
C PRO G 132 -22.83 10.12 65.66
N SER G 133 -22.85 8.83 65.99
CA SER G 133 -23.33 8.30 67.29
C SER G 133 -22.15 8.29 68.25
N VAL G 134 -22.29 8.90 69.42
CA VAL G 134 -21.18 9.02 70.41
C VAL G 134 -21.56 8.19 71.62
N THR G 135 -20.66 7.33 72.05
CA THR G 135 -20.75 6.57 73.31
C THR G 135 -19.52 6.96 74.13
N LEU G 136 -19.73 7.56 75.30
CA LEU G 136 -18.63 7.99 76.20
C LEU G 136 -18.59 7.09 77.45
N PHE G 137 -17.47 6.42 77.70
CA PHE G 137 -17.26 5.54 78.88
C PHE G 137 -16.41 6.25 79.93
N PRO G 138 -16.82 6.23 81.21
CA PRO G 138 -15.96 6.70 82.30
C PRO G 138 -14.82 5.74 82.55
N PRO G 139 -13.88 6.08 83.47
CA PRO G 139 -12.89 5.11 83.91
C PRO G 139 -13.56 3.90 84.59
N SER G 140 -13.19 2.69 84.21
CA SER G 140 -13.46 1.47 85.02
C SER G 140 -12.95 1.69 86.46
N SER G 141 -13.64 1.10 87.44
CA SER G 141 -13.20 1.00 88.85
C SER G 141 -11.89 0.20 88.89
N GLU G 142 -11.77 -0.78 87.99
CA GLU G 142 -10.58 -1.65 87.85
C GLU G 142 -9.38 -0.82 87.36
N GLU G 143 -9.54 0.02 86.33
CA GLU G 143 -8.45 0.95 85.91
C GLU G 143 -8.21 1.93 87.05
N LEU G 144 -9.24 2.35 87.78
CA LEU G 144 -9.08 3.34 88.89
C LEU G 144 -8.19 2.72 89.96
N GLN G 145 -7.00 2.30 89.51
CA GLN G 145 -5.75 2.05 90.28
C GLN G 145 -4.80 3.21 90.01
N ALA G 146 -3.51 2.94 89.83
CA ALA G 146 -2.49 4.01 89.88
C ALA G 146 -2.70 4.87 88.63
N ASN G 147 -1.85 4.71 87.60
CA ASN G 147 -2.06 5.26 86.23
C ASN G 147 -3.47 4.91 85.76
N LYS G 148 -4.49 5.30 86.52
CA LYS G 148 -5.92 5.07 86.16
C LYS G 148 -6.44 6.25 85.36
N ALA G 149 -7.75 6.38 85.40
CA ALA G 149 -8.58 7.37 84.67
C ALA G 149 -8.13 7.52 83.21
N THR G 150 -8.76 6.80 82.29
CA THR G 150 -8.91 7.26 80.88
C THR G 150 -10.42 7.27 80.55
N LEU G 151 -10.91 8.32 79.92
CA LEU G 151 -12.29 8.40 79.41
C LEU G 151 -12.27 7.96 77.95
N VAL G 152 -13.10 6.97 77.58
CA VAL G 152 -13.13 6.46 76.19
C VAL G 152 -14.35 7.05 75.46
N CYS G 153 -14.11 7.87 74.44
CA CYS G 153 -15.15 8.47 73.57
C CYS G 153 -15.06 7.79 72.20
N LEU G 154 -16.14 7.10 71.81
CA LEU G 154 -16.19 6.23 70.60
C LEU G 154 -17.21 6.82 69.65
N ILE G 155 -16.81 7.07 68.41
CA ILE G 155 -17.58 7.87 67.42
C ILE G 155 -17.78 7.00 66.18
N SER G 156 -19.04 6.74 65.82
CA SER G 156 -19.43 5.70 64.83
C SER G 156 -20.43 6.27 63.84
N ASP G 157 -20.47 5.68 62.64
CA ASP G 157 -21.57 5.82 61.65
C ASP G 157 -21.79 7.30 61.35
N PHE G 158 -20.73 8.05 61.03
CA PHE G 158 -20.85 9.43 60.51
C PHE G 158 -20.41 9.37 59.05
N TYR G 159 -21.17 9.96 58.10
CA TYR G 159 -20.73 9.80 56.70
C TYR G 159 -19.62 10.81 56.45
N PRO G 160 -19.81 11.97 55.78
CA PRO G 160 -18.65 12.67 55.25
C PRO G 160 -17.52 12.52 56.31
N GLY G 161 -16.43 11.83 55.96
CA GLY G 161 -15.53 11.13 56.89
C GLY G 161 -14.58 12.04 57.66
N ALA G 162 -15.09 13.08 58.27
CA ALA G 162 -14.26 14.09 58.94
C ALA G 162 -15.02 14.59 60.15
N VAL G 163 -14.38 14.59 61.30
CA VAL G 163 -15.02 15.01 62.56
C VAL G 163 -13.95 15.74 63.38
N THR G 164 -14.33 16.71 64.22
CA THR G 164 -13.44 17.29 65.26
C THR G 164 -13.98 17.00 66.66
N VAL G 165 -13.09 16.69 67.61
CA VAL G 165 -13.53 16.29 68.98
C VAL G 165 -12.93 17.28 69.98
N ALA G 166 -13.76 17.85 70.84
CA ALA G 166 -13.36 18.77 71.92
C ALA G 166 -13.83 18.20 73.25
N TRP G 167 -12.92 17.99 74.19
CA TRP G 167 -13.24 17.56 75.58
C TRP G 167 -13.59 18.79 76.43
N LYS G 168 -14.68 18.72 77.20
CA LYS G 168 -15.17 19.76 78.16
C LYS G 168 -15.15 19.15 79.57
N ALA G 169 -14.91 19.98 80.60
CA ALA G 169 -14.86 19.58 82.03
C ALA G 169 -15.62 20.63 82.85
N ASP G 170 -16.75 21.13 82.33
CA ASP G 170 -17.45 22.40 82.69
C ASP G 170 -17.02 23.48 81.67
N SER G 171 -15.73 23.48 81.32
CA SER G 171 -15.05 24.45 80.41
C SER G 171 -13.77 23.84 79.83
N SER G 172 -13.52 24.02 78.53
CA SER G 172 -12.51 23.38 77.64
C SER G 172 -11.26 22.85 78.36
N PRO G 173 -11.19 21.54 78.67
CA PRO G 173 -9.94 20.86 79.04
C PRO G 173 -9.08 20.12 78.00
N VAL G 174 -9.03 20.53 76.73
CA VAL G 174 -8.22 19.82 75.70
C VAL G 174 -6.72 20.01 76.01
N LYS G 175 -6.34 21.08 76.72
CA LYS G 175 -4.92 21.30 77.09
C LYS G 175 -4.35 19.94 77.57
N ALA G 176 -5.18 19.09 78.18
CA ALA G 176 -4.82 17.80 78.83
C ALA G 176 -4.30 16.81 77.80
N GLY G 177 -4.34 15.53 78.15
CA GLY G 177 -3.78 14.41 77.36
C GLY G 177 -4.86 13.71 76.57
N VAL G 178 -5.61 14.50 75.80
CA VAL G 178 -6.59 14.08 74.75
C VAL G 178 -5.81 13.58 73.53
N GLU G 179 -5.97 12.30 73.21
CA GLU G 179 -5.34 11.62 72.05
C GLU G 179 -6.51 11.13 71.17
N THR G 180 -6.70 11.77 70.02
CA THR G 180 -7.83 11.49 69.10
C THR G 180 -7.32 10.77 67.86
N THR G 181 -8.17 9.91 67.32
CA THR G 181 -7.84 9.03 66.18
C THR G 181 -8.25 9.73 64.88
N THR G 182 -7.49 9.43 63.84
CA THR G 182 -7.81 9.60 62.40
C THR G 182 -9.13 8.92 62.07
N PRO G 183 -9.99 9.48 61.18
CA PRO G 183 -11.22 8.77 60.76
C PRO G 183 -10.87 7.54 59.92
N SER G 184 -11.55 6.42 60.13
CA SER G 184 -11.36 5.15 59.38
C SER G 184 -12.70 4.76 58.78
N LYS G 185 -12.67 4.11 57.61
CA LYS G 185 -13.87 3.58 56.89
C LYS G 185 -14.27 2.24 57.52
N GLN G 186 -15.52 2.06 57.98
N GLN G 186 -15.57 2.14 57.83
CA GLN G 186 -15.98 0.70 58.42
CA GLN G 186 -16.28 0.96 58.39
C GLN G 186 -16.81 0.09 57.29
C GLN G 186 -16.68 0.03 57.23
N SER G 187 -17.29 -1.13 57.54
CA SER G 187 -17.98 -2.00 56.56
C SER G 187 -19.06 -1.20 55.82
N ASN G 188 -19.94 -0.53 56.58
CA ASN G 188 -21.16 0.17 56.08
C ASN G 188 -20.78 1.45 55.32
N ASN G 189 -19.48 1.68 55.05
CA ASN G 189 -18.89 2.81 54.26
C ASN G 189 -19.07 4.17 54.95
N LYS G 190 -19.64 4.17 56.16
CA LYS G 190 -19.55 5.33 57.09
C LYS G 190 -18.21 5.22 57.80
N TYR G 191 -17.88 6.24 58.60
CA TYR G 191 -16.55 6.41 59.21
C TYR G 191 -16.67 6.29 60.73
N ALA G 192 -15.55 6.01 61.38
CA ALA G 192 -15.41 5.92 62.86
C ALA G 192 -14.13 6.67 63.27
N ALA G 193 -14.07 7.05 64.54
CA ALA G 193 -12.92 7.67 65.20
C ALA G 193 -13.09 7.40 66.68
N SER G 194 -11.98 7.41 67.42
CA SER G 194 -11.96 7.32 68.90
C SER G 194 -11.15 8.51 69.45
N SER G 195 -11.45 8.91 70.68
CA SER G 195 -10.72 9.94 71.45
C SER G 195 -10.64 9.52 72.91
N TYR G 196 -9.44 9.59 73.49
CA TYR G 196 -9.12 9.21 74.89
C TYR G 196 -8.64 10.46 75.63
N LEU G 197 -9.25 10.80 76.76
CA LEU G 197 -8.79 11.88 77.68
C LEU G 197 -8.09 11.23 78.87
N SER G 198 -6.76 11.30 78.94
CA SER G 198 -5.95 10.74 80.07
C SER G 198 -5.96 11.70 81.27
N LEU G 199 -6.26 11.22 82.46
CA LEU G 199 -6.17 12.10 83.65
C LEU G 199 -5.89 11.29 84.94
N THR G 200 -5.66 11.96 86.06
CA THR G 200 -5.37 11.29 87.35
C THR G 200 -6.73 11.01 87.98
N PRO G 201 -6.87 9.91 88.74
CA PRO G 201 -8.11 9.63 89.46
C PRO G 201 -8.61 10.77 90.35
N GLU G 202 -7.73 11.62 90.87
CA GLU G 202 -8.17 12.71 91.80
C GLU G 202 -8.80 13.77 90.91
N GLN G 203 -8.15 14.07 89.78
CA GLN G 203 -8.68 14.93 88.68
C GLN G 203 -10.07 14.44 88.30
N TRP G 204 -10.22 13.15 88.06
CA TRP G 204 -11.49 12.54 87.63
C TRP G 204 -12.54 12.72 88.74
N LYS G 205 -12.23 12.31 89.97
CA LYS G 205 -13.12 12.39 91.18
C LYS G 205 -13.43 13.84 91.53
N SER G 206 -12.55 14.79 91.16
CA SER G 206 -12.65 16.25 91.44
C SER G 206 -13.84 16.87 90.70
N ARG G 207 -13.72 17.05 89.37
CA ARG G 207 -14.60 17.90 88.53
C ARG G 207 -16.05 17.39 88.63
N LYS G 208 -17.00 18.31 88.50
CA LYS G 208 -18.47 18.08 88.50
C LYS G 208 -18.79 16.93 87.53
N SER G 209 -18.34 17.06 86.28
CA SER G 209 -18.61 16.15 85.13
C SER G 209 -17.63 16.43 83.99
N TYR G 210 -17.45 15.46 83.08
CA TYR G 210 -16.62 15.58 81.86
C TYR G 210 -17.45 15.30 80.60
N SER G 211 -17.19 16.04 79.52
CA SER G 211 -17.93 15.92 78.23
C SER G 211 -16.97 15.65 77.07
N CYS G 212 -17.35 14.68 76.22
CA CYS G 212 -16.84 14.48 74.84
C CYS G 212 -17.80 15.13 73.85
N GLN G 213 -17.32 16.11 73.07
CA GLN G 213 -18.13 16.96 72.14
C GLN G 213 -17.62 16.74 70.71
N VAL G 214 -18.44 16.09 69.89
CA VAL G 214 -18.08 15.68 68.50
C VAL G 214 -18.88 16.56 67.54
N THR G 215 -18.22 17.30 66.66
CA THR G 215 -18.93 18.10 65.63
C THR G 215 -18.63 17.47 64.27
N HIS G 216 -19.69 17.14 63.52
CA HIS G 216 -19.63 16.58 62.16
C HIS G 216 -20.45 17.47 61.24
N GLU G 217 -19.83 18.00 60.20
CA GLU G 217 -20.47 18.88 59.20
C GLU G 217 -21.32 19.93 59.94
N GLY G 218 -20.70 20.70 60.84
CA GLY G 218 -21.25 21.97 61.36
C GLY G 218 -22.00 21.82 62.68
N SER G 219 -22.81 20.77 62.85
CA SER G 219 -23.64 20.51 64.05
C SER G 219 -22.97 19.47 64.96
N THR G 220 -23.25 19.54 66.27
CA THR G 220 -22.49 18.87 67.35
C THR G 220 -23.35 17.82 68.06
N VAL G 221 -22.73 16.69 68.40
CA VAL G 221 -23.25 15.63 69.30
C VAL G 221 -22.33 15.58 70.52
N GLU G 222 -22.87 15.45 71.73
CA GLU G 222 -22.05 15.44 72.98
C GLU G 222 -22.62 14.42 73.97
N LYS G 223 -21.73 13.63 74.55
CA LYS G 223 -22.02 12.82 75.75
C LYS G 223 -21.20 13.40 76.90
N THR G 224 -21.77 13.33 78.08
CA THR G 224 -21.21 13.84 79.35
C THR G 224 -21.22 12.70 80.36
N VAL G 225 -20.39 12.77 81.39
CA VAL G 225 -20.37 11.73 82.45
C VAL G 225 -19.81 12.35 83.72
N ALA G 226 -20.52 12.15 84.84
CA ALA G 226 -20.14 12.62 86.20
C ALA G 226 -19.63 11.43 87.00
N PRO G 227 -18.47 11.54 87.69
CA PRO G 227 -17.96 10.46 88.53
C PRO G 227 -18.88 9.96 89.66
N ALA G 228 -19.81 10.77 90.14
CA ALA G 228 -20.74 10.43 91.26
C ALA G 228 -21.72 9.32 90.85
N GLU G 229 -22.57 9.58 89.84
CA GLU G 229 -23.80 8.78 89.51
C GLU G 229 -23.43 7.60 88.59
N CYS G 230 -24.40 7.14 87.77
CA CYS G 230 -24.27 5.99 86.82
C CYS G 230 -24.89 6.34 85.46
N HIS H 3 16.66 24.03 -24.60
CA HIS H 3 15.77 24.21 -25.80
C HIS H 3 14.45 23.46 -25.60
N MET H 4 13.55 23.49 -26.59
CA MET H 4 12.28 22.71 -26.61
C MET H 4 12.62 21.22 -26.60
N ASP H 5 12.79 20.65 -25.39
CA ASP H 5 13.29 19.26 -25.18
C ASP H 5 12.24 18.29 -25.77
N GLU H 6 12.15 18.26 -27.10
CA GLU H 6 11.39 17.24 -27.88
C GLU H 6 12.03 15.87 -27.64
N VAL H 7 13.34 15.85 -27.38
CA VAL H 7 14.17 14.63 -27.11
C VAL H 7 13.49 13.76 -26.04
N SER H 8 13.00 14.38 -24.95
CA SER H 8 12.28 13.69 -23.85
C SER H 8 10.88 13.29 -24.31
N ALA H 9 10.29 14.07 -25.23
CA ALA H 9 8.94 13.83 -25.82
C ALA H 9 8.97 12.67 -26.81
N LEU H 10 10.17 12.22 -27.25
CA LEU H 10 10.33 11.01 -28.11
C LEU H 10 11.29 10.00 -27.46
N ARG H 11 11.41 10.00 -26.12
CA ARG H 11 12.14 8.96 -25.36
C ARG H 11 11.11 7.99 -24.75
N TYR H 12 11.33 6.69 -24.90
CA TYR H 12 10.43 5.61 -24.38
C TYR H 12 11.26 4.44 -23.84
N ARG H 13 10.56 3.49 -23.21
CA ARG H 13 11.12 2.20 -22.72
C ARG H 13 9.98 1.17 -22.81
N ILE H 14 10.31 -0.12 -22.74
CA ILE H 14 9.29 -1.19 -22.53
C ILE H 14 9.38 -1.64 -21.07
N GLU H 15 8.20 -1.75 -20.44
CA GLU H 15 8.02 -2.21 -19.04
C GLU H 15 7.05 -3.39 -19.07
N TRP H 16 7.03 -4.17 -17.99
CA TRP H 16 6.17 -5.38 -17.89
C TRP H 16 5.15 -5.21 -16.73
N ARG H 17 3.90 -4.82 -17.05
CA ARG H 17 2.82 -4.52 -16.08
C ARG H 17 1.95 -5.74 -15.81
N PRO H 18 1.52 -5.99 -14.55
CA PRO H 18 0.70 -7.15 -14.24
C PRO H 18 -0.75 -7.01 -14.72
N THR H 19 -1.36 -8.13 -15.12
CA THR H 19 -2.71 -8.22 -15.76
C THR H 19 -3.15 -9.68 -15.78
N GLY H 20 -3.68 -10.16 -16.92
CA GLY H 20 -3.73 -11.58 -17.29
C GLY H 20 -5.12 -12.02 -17.70
N ALA H 21 -5.44 -11.96 -19.00
CA ALA H 21 -6.71 -12.47 -19.57
C ALA H 21 -7.20 -13.64 -18.71
N GLY H 22 -8.30 -13.47 -17.98
CA GLY H 22 -8.87 -14.48 -17.07
C GLY H 22 -9.70 -15.49 -17.84
N GLU H 23 -10.97 -15.16 -18.09
CA GLU H 23 -11.92 -15.77 -19.08
C GLU H 23 -11.40 -17.10 -19.65
N PRO H 24 -11.42 -18.24 -18.92
CA PRO H 24 -11.23 -19.56 -19.54
C PRO H 24 -12.54 -20.16 -20.08
N ASP H 28 -12.95 -24.81 -26.88
CA ASP H 28 -12.99 -26.27 -27.21
C ASP H 28 -12.76 -26.46 -28.72
N GLY H 29 -12.95 -27.70 -29.20
CA GLY H 29 -12.52 -28.17 -30.54
C GLY H 29 -11.34 -29.12 -30.44
N THR H 30 -10.30 -28.91 -31.23
CA THR H 30 -9.05 -29.74 -31.20
C THR H 30 -7.82 -28.84 -31.41
N TRP H 31 -6.80 -29.01 -30.56
CA TRP H 31 -5.58 -28.16 -30.49
C TRP H 31 -4.33 -29.01 -30.75
N LEU H 32 -3.32 -28.47 -31.44
CA LEU H 32 -2.03 -29.17 -31.71
C LEU H 32 -0.92 -28.56 -30.85
N VAL H 33 -0.05 -29.41 -30.30
CA VAL H 33 1.20 -29.03 -29.57
C VAL H 33 2.40 -29.29 -30.50
N ALA H 34 2.88 -28.25 -31.18
CA ALA H 34 4.04 -28.32 -32.11
C ALA H 34 5.32 -28.34 -31.27
N LYS H 35 6.12 -29.42 -31.38
CA LYS H 35 7.42 -29.58 -30.66
C LYS H 35 8.37 -30.43 -31.50
N TYR H 36 9.64 -30.51 -31.08
CA TYR H 36 10.70 -31.40 -31.65
C TYR H 36 10.69 -32.74 -30.90
N ALA H 37 11.18 -33.81 -31.55
CA ALA H 37 11.26 -35.16 -30.98
C ALA H 37 12.29 -35.19 -29.82
N GLY H 38 11.91 -35.78 -28.69
CA GLY H 38 12.78 -35.95 -27.51
C GLY H 38 13.27 -34.60 -26.99
N THR H 39 12.40 -33.58 -27.02
CA THR H 39 12.67 -32.20 -26.54
C THR H 39 11.38 -31.63 -25.96
N ALA H 40 11.46 -31.00 -24.78
CA ALA H 40 10.33 -30.30 -24.12
C ALA H 40 9.17 -31.27 -23.83
N ASP H 41 9.46 -32.55 -23.58
CA ASP H 41 8.45 -33.61 -23.28
C ASP H 41 7.77 -33.27 -21.95
N GLU H 42 8.53 -32.74 -20.99
CA GLU H 42 8.06 -32.43 -19.60
C GLU H 42 7.06 -31.27 -19.64
N THR H 43 7.31 -30.25 -20.48
CA THR H 43 6.44 -29.07 -20.69
C THR H 43 5.20 -29.48 -21.52
N SER H 44 5.38 -30.31 -22.55
CA SER H 44 4.33 -30.74 -23.52
C SER H 44 3.24 -31.53 -22.80
N THR H 45 3.66 -32.49 -21.95
CA THR H 45 2.78 -33.42 -21.20
C THR H 45 1.95 -32.61 -20.18
N ALA H 46 2.47 -31.47 -19.72
CA ALA H 46 1.80 -30.54 -18.78
C ALA H 46 0.93 -29.53 -19.54
N ALA H 47 1.48 -28.92 -20.58
CA ALA H 47 0.75 -28.04 -21.53
C ALA H 47 -0.53 -28.75 -22.02
N ARG H 48 -0.47 -30.07 -22.14
CA ARG H 48 -1.56 -30.95 -22.66
C ARG H 48 -2.68 -31.07 -21.63
N GLU H 49 -2.36 -31.54 -20.41
CA GLU H 49 -3.35 -31.76 -19.33
C GLU H 49 -4.07 -30.43 -19.02
N ALA H 50 -3.36 -29.29 -19.10
CA ALA H 50 -3.89 -27.92 -18.88
C ALA H 50 -4.93 -27.57 -19.95
N LEU H 51 -4.63 -27.93 -21.19
CA LEU H 51 -5.46 -27.61 -22.38
C LEU H 51 -6.65 -28.59 -22.45
N GLU H 52 -6.48 -29.83 -21.96
CA GLU H 52 -7.53 -30.90 -21.89
C GLU H 52 -8.53 -30.61 -20.76
N SER H 53 -8.09 -29.92 -19.71
CA SER H 53 -8.92 -29.53 -18.53
C SER H 53 -10.03 -28.57 -18.97
N ALA H 54 -9.77 -27.74 -20.00
CA ALA H 54 -10.69 -26.72 -20.53
C ALA H 54 -11.58 -27.31 -21.62
N GLY H 55 -11.50 -28.62 -21.85
CA GLY H 55 -12.32 -29.34 -22.85
C GLY H 55 -11.80 -29.16 -24.26
N ALA H 56 -10.85 -29.99 -24.67
CA ALA H 56 -10.14 -29.91 -25.98
C ALA H 56 -9.21 -31.11 -26.14
N ARG H 57 -9.43 -31.92 -27.19
CA ARG H 57 -8.51 -33.02 -27.58
C ARG H 57 -7.19 -32.38 -28.00
N VAL H 58 -6.11 -32.72 -27.30
CA VAL H 58 -4.73 -32.29 -27.64
C VAL H 58 -4.13 -33.38 -28.54
N ARG H 59 -3.44 -32.95 -29.61
CA ARG H 59 -2.67 -33.84 -30.51
C ARG H 59 -1.23 -33.30 -30.59
N GLU H 60 -0.26 -34.20 -30.39
CA GLU H 60 1.20 -33.91 -30.48
C GLU H 60 1.57 -33.89 -31.97
N LEU H 61 1.98 -32.73 -32.49
CA LEU H 61 2.50 -32.55 -33.88
C LEU H 61 4.02 -32.38 -33.82
N VAL H 62 4.79 -33.46 -33.94
CA VAL H 62 6.27 -33.43 -33.75
C VAL H 62 6.92 -33.04 -35.09
N VAL H 63 7.68 -31.94 -35.10
CA VAL H 63 8.24 -31.31 -36.33
C VAL H 63 9.71 -31.75 -36.49
N ASP H 64 10.14 -31.94 -37.73
CA ASP H 64 11.56 -32.25 -38.07
C ASP H 64 12.37 -30.96 -37.93
N ALA H 65 13.62 -31.07 -37.47
CA ALA H 65 14.56 -29.94 -37.24
C ALA H 65 14.89 -29.27 -38.58
N ARG H 66 14.54 -27.99 -38.72
CA ARG H 66 14.52 -27.22 -40.00
C ARG H 66 13.68 -27.98 -41.03
N CYS H 67 12.39 -28.11 -40.70
CA CYS H 67 11.29 -28.60 -41.55
C CYS H 67 11.35 -27.97 -42.95
N GLY H 68 11.03 -28.76 -43.97
CA GLY H 68 10.60 -28.23 -45.29
C GLY H 68 9.14 -27.81 -45.21
N ARG H 69 8.83 -26.54 -45.47
CA ARG H 69 7.50 -25.94 -45.19
C ARG H 69 6.44 -26.63 -46.07
N ASP H 70 6.82 -27.15 -47.23
CA ASP H 70 5.90 -27.83 -48.20
C ASP H 70 5.38 -29.13 -47.60
N GLU H 71 6.26 -29.92 -46.97
CA GLU H 71 5.96 -31.28 -46.45
C GLU H 71 5.21 -31.22 -45.12
N LEU H 72 5.20 -30.06 -44.45
CA LEU H 72 4.50 -29.84 -43.16
C LEU H 72 3.16 -29.14 -43.39
N ALA H 73 2.98 -28.48 -44.55
CA ALA H 73 1.68 -27.96 -45.03
C ALA H 73 0.78 -29.14 -45.45
N GLU H 74 1.34 -30.19 -46.04
CA GLU H 74 0.59 -31.40 -46.48
C GLU H 74 0.18 -32.20 -45.23
N ARG H 75 0.93 -32.06 -44.13
CA ARG H 75 0.68 -32.79 -42.85
C ARG H 75 -0.43 -32.09 -42.06
N LEU H 76 -0.65 -30.79 -42.31
CA LEU H 76 -1.70 -29.96 -41.66
C LEU H 76 -2.98 -29.99 -42.48
N ARG H 77 -2.89 -30.32 -43.78
CA ARG H 77 -4.06 -30.37 -44.70
C ARG H 77 -4.73 -31.76 -44.58
N SER H 78 -4.55 -32.46 -43.46
CA SER H 78 -5.00 -33.86 -43.25
C SER H 78 -5.60 -34.02 -41.84
N VAL H 79 -4.88 -33.56 -40.81
CA VAL H 79 -5.24 -33.66 -39.37
C VAL H 79 -6.72 -33.30 -39.10
N GLY H 80 -7.41 -32.63 -40.04
CA GLY H 80 -8.83 -32.26 -39.89
C GLY H 80 -8.95 -30.91 -39.20
N GLU H 81 -10.19 -30.45 -38.97
CA GLU H 81 -10.50 -29.10 -38.40
C GLU H 81 -9.78 -28.95 -37.06
N VAL H 82 -9.10 -27.83 -36.87
CA VAL H 82 -8.28 -27.49 -35.67
C VAL H 82 -8.58 -26.05 -35.24
N ALA H 83 -8.73 -25.81 -33.93
CA ALA H 83 -9.15 -24.51 -33.34
C ALA H 83 -7.95 -23.68 -32.86
N GLY H 84 -6.74 -24.25 -32.90
CA GLY H 84 -5.48 -23.53 -32.62
C GLY H 84 -4.28 -24.46 -32.52
N VAL H 85 -3.07 -23.91 -32.48
CA VAL H 85 -1.82 -24.71 -32.28
C VAL H 85 -0.90 -23.97 -31.30
N LEU H 86 -0.20 -24.76 -30.47
CA LEU H 86 0.70 -24.32 -29.38
C LEU H 86 2.12 -24.84 -29.66
N SER H 87 3.07 -23.93 -29.89
CA SER H 87 4.47 -24.26 -30.31
C SER H 87 5.41 -24.27 -29.11
N LEU H 88 6.00 -25.42 -28.79
CA LEU H 88 7.07 -25.56 -27.78
C LEU H 88 8.42 -25.73 -28.49
N LEU H 89 8.60 -25.08 -29.64
CA LEU H 89 9.85 -25.17 -30.45
C LEU H 89 10.98 -24.46 -29.71
N ALA H 90 10.69 -23.32 -29.08
CA ALA H 90 11.69 -22.49 -28.39
C ALA H 90 11.89 -22.98 -26.93
N VAL H 91 11.07 -23.93 -26.49
CA VAL H 91 11.17 -24.52 -25.12
C VAL H 91 12.21 -25.63 -25.14
N ASP H 92 13.07 -25.66 -24.11
CA ASP H 92 14.08 -26.73 -23.91
C ASP H 92 15.06 -26.75 -25.08
N GLU H 93 15.39 -25.58 -25.63
CA GLU H 93 16.30 -25.43 -26.80
C GLU H 93 17.73 -25.23 -26.30
N ALA H 94 18.71 -25.61 -27.12
CA ALA H 94 20.15 -25.72 -26.76
C ALA H 94 20.93 -24.54 -27.36
N GLU H 95 20.85 -24.34 -28.68
CA GLU H 95 21.58 -23.31 -29.49
C GLU H 95 23.09 -23.50 -29.32
N PRO H 96 23.61 -24.74 -29.46
CA PRO H 96 24.98 -25.05 -29.08
C PRO H 96 26.01 -24.27 -29.92
N GLU H 97 25.94 -24.48 -31.24
CA GLU H 97 26.82 -23.94 -32.32
C GLU H 97 27.26 -22.49 -32.09
N GLU H 98 27.73 -21.85 -33.16
CA GLU H 98 28.18 -20.43 -33.21
C GLU H 98 26.98 -19.53 -33.50
N ALA H 99 26.44 -19.64 -34.72
CA ALA H 99 25.51 -18.65 -35.34
C ALA H 99 24.29 -18.50 -34.44
N PRO H 100 24.02 -17.31 -33.88
CA PRO H 100 22.93 -17.14 -32.93
C PRO H 100 21.52 -17.28 -33.54
N LEU H 101 21.25 -16.71 -34.72
CA LEU H 101 19.90 -16.69 -35.33
C LEU H 101 19.77 -17.88 -36.30
N ALA H 102 20.78 -18.74 -36.35
CA ALA H 102 20.69 -20.09 -36.94
C ALA H 102 19.87 -20.98 -36.00
N LEU H 103 19.46 -20.45 -34.86
CA LEU H 103 18.38 -21.02 -34.02
C LEU H 103 17.33 -21.64 -34.93
N ALA H 104 16.93 -22.87 -34.64
CA ALA H 104 15.99 -23.69 -35.44
C ALA H 104 14.55 -23.24 -35.18
N SER H 105 14.23 -22.87 -33.94
CA SER H 105 12.87 -22.41 -33.52
C SER H 105 12.47 -21.16 -34.33
N LEU H 106 13.43 -20.30 -34.66
CA LEU H 106 13.21 -19.12 -35.54
C LEU H 106 12.94 -19.62 -36.95
N ALA H 107 13.77 -20.53 -37.44
CA ALA H 107 13.63 -21.18 -38.76
C ALA H 107 12.23 -21.79 -38.89
N ASP H 108 11.76 -22.51 -37.86
CA ASP H 108 10.62 -23.45 -37.93
C ASP H 108 9.34 -22.77 -37.46
N THR H 109 9.43 -21.67 -36.71
CA THR H 109 8.27 -20.80 -36.38
C THR H 109 7.79 -20.14 -37.68
N LEU H 110 8.72 -19.61 -38.46
CA LEU H 110 8.38 -18.97 -39.76
C LEU H 110 7.75 -20.03 -40.66
N SER H 111 8.38 -21.20 -40.82
CA SER H 111 7.90 -22.32 -41.68
C SER H 111 6.52 -22.80 -41.21
N LEU H 112 6.25 -22.82 -39.90
CA LEU H 112 4.97 -23.29 -39.32
C LEU H 112 3.84 -22.32 -39.68
N VAL H 113 4.09 -21.01 -39.51
CA VAL H 113 3.14 -19.91 -39.87
C VAL H 113 2.87 -19.94 -41.37
N GLN H 114 3.87 -20.32 -42.18
CA GLN H 114 3.82 -20.29 -43.67
C GLN H 114 2.93 -21.42 -44.17
N ALA H 115 2.93 -22.54 -43.44
CA ALA H 115 2.25 -23.80 -43.79
C ALA H 115 0.79 -23.69 -43.35
N MET H 116 0.56 -23.24 -42.12
CA MET H 116 -0.81 -23.05 -41.57
C MET H 116 -1.64 -22.26 -42.59
N VAL H 117 -1.18 -21.07 -42.99
CA VAL H 117 -1.91 -20.20 -43.96
C VAL H 117 -2.10 -20.97 -45.29
N SER H 118 -1.13 -21.80 -45.66
CA SER H 118 -1.13 -22.67 -46.87
C SER H 118 -2.14 -23.81 -46.70
N ALA H 119 -2.27 -24.35 -45.48
CA ALA H 119 -3.21 -25.44 -45.12
C ALA H 119 -4.60 -24.87 -44.83
N GLU H 120 -4.70 -23.57 -44.56
CA GLU H 120 -5.97 -22.84 -44.32
C GLU H 120 -6.68 -23.40 -43.09
N LEU H 121 -6.11 -23.21 -41.89
CA LEU H 121 -6.65 -23.77 -40.63
C LEU H 121 -7.53 -22.75 -39.90
N GLY H 122 -7.52 -21.49 -40.34
CA GLY H 122 -8.39 -20.40 -39.82
C GLY H 122 -8.18 -20.11 -38.34
N CYS H 123 -7.19 -20.74 -37.71
CA CYS H 123 -6.95 -20.70 -36.23
C CYS H 123 -5.66 -19.93 -35.94
N PRO H 124 -5.37 -19.60 -34.65
CA PRO H 124 -4.12 -18.92 -34.29
C PRO H 124 -2.96 -19.85 -33.89
N LEU H 125 -1.74 -19.30 -33.83
CA LEU H 125 -0.51 -19.98 -33.33
C LEU H 125 0.06 -19.22 -32.12
N TRP H 126 0.22 -19.93 -31.00
CA TRP H 126 0.73 -19.43 -29.70
C TRP H 126 2.14 -19.98 -29.42
N THR H 127 3.15 -19.12 -29.46
CA THR H 127 4.58 -19.49 -29.31
C THR H 127 5.03 -19.25 -27.87
N VAL H 128 5.25 -20.34 -27.12
CA VAL H 128 5.80 -20.31 -25.73
C VAL H 128 7.31 -20.12 -25.84
N THR H 129 7.91 -19.27 -24.99
CA THR H 129 9.38 -19.13 -24.88
C THR H 129 9.78 -19.34 -23.42
N GLU H 130 11.10 -19.40 -23.15
CA GLU H 130 11.68 -19.71 -21.82
C GLU H 130 12.74 -18.65 -21.47
N SER H 131 12.39 -17.76 -20.53
CA SER H 131 13.30 -16.78 -19.89
C SER H 131 13.89 -15.86 -20.95
N ALA H 132 13.16 -15.65 -22.06
CA ALA H 132 13.60 -14.89 -23.24
C ALA H 132 13.45 -13.38 -22.97
N VAL H 133 12.40 -13.01 -22.25
CA VAL H 133 12.21 -11.63 -21.71
C VAL H 133 12.54 -11.66 -20.21
N ALA H 134 12.85 -10.48 -19.65
CA ALA H 134 12.98 -10.23 -18.19
C ALA H 134 11.96 -9.16 -17.80
N THR H 135 11.09 -9.46 -16.83
CA THR H 135 10.08 -8.52 -16.28
C THR H 135 10.75 -7.70 -15.19
N GLY H 136 11.66 -6.81 -15.58
CA GLY H 136 12.52 -6.04 -14.65
C GLY H 136 13.93 -6.62 -14.61
N PRO H 137 14.93 -5.80 -14.20
CA PRO H 137 16.34 -6.14 -14.35
C PRO H 137 16.98 -7.02 -13.25
N PHE H 138 16.17 -7.55 -12.33
CA PHE H 138 16.56 -8.55 -11.30
C PHE H 138 16.71 -9.93 -11.98
N GLU H 139 15.93 -10.18 -13.04
CA GLU H 139 16.01 -11.42 -13.87
C GLU H 139 17.20 -11.34 -14.83
N ARG H 140 17.32 -12.34 -15.71
CA ARG H 140 18.37 -12.40 -16.75
C ARG H 140 17.77 -13.07 -18.01
N VAL H 141 18.01 -12.47 -19.17
CA VAL H 141 17.60 -13.03 -20.48
C VAL H 141 18.39 -14.33 -20.70
N ARG H 142 17.70 -15.48 -20.77
CA ARG H 142 18.32 -16.84 -20.92
C ARG H 142 19.20 -16.84 -22.17
N ASN H 143 18.57 -16.96 -23.34
CA ASN H 143 19.25 -16.98 -24.67
C ASN H 143 18.80 -15.76 -25.48
N ALA H 144 19.74 -14.90 -25.89
CA ALA H 144 19.44 -13.60 -26.52
C ALA H 144 18.69 -13.84 -27.82
N ALA H 145 18.96 -14.96 -28.49
CA ALA H 145 18.38 -15.31 -29.80
C ALA H 145 16.85 -15.34 -29.69
N HIS H 146 16.30 -16.10 -28.74
CA HIS H 146 14.84 -16.36 -28.64
C HIS H 146 14.06 -15.04 -28.81
N GLY H 147 14.60 -13.93 -28.29
CA GLY H 147 14.04 -12.58 -28.50
C GLY H 147 13.68 -12.33 -29.95
N ALA H 148 14.47 -12.86 -30.90
CA ALA H 148 14.15 -12.88 -32.34
C ALA H 148 12.71 -13.33 -32.56
N LEU H 149 12.32 -14.48 -31.97
CA LEU H 149 10.97 -15.09 -32.10
C LEU H 149 9.89 -14.07 -31.75
N TRP H 150 10.18 -13.16 -30.83
CA TRP H 150 9.26 -12.05 -30.44
C TRP H 150 9.25 -10.96 -31.51
N GLY H 151 10.42 -10.58 -32.03
CA GLY H 151 10.58 -9.53 -33.05
C GLY H 151 9.76 -9.83 -34.30
N VAL H 152 10.12 -10.91 -35.01
CA VAL H 152 9.40 -11.43 -36.20
C VAL H 152 7.94 -11.67 -35.80
N GLY H 153 7.72 -12.33 -34.65
CA GLY H 153 6.38 -12.72 -34.16
C GLY H 153 5.45 -11.53 -34.08
N ARG H 154 5.99 -10.37 -33.71
CA ARG H 154 5.24 -9.09 -33.70
C ARG H 154 4.82 -8.73 -35.12
N VAL H 155 5.72 -8.83 -36.11
CA VAL H 155 5.42 -8.32 -37.47
C VAL H 155 4.53 -9.32 -38.20
N ILE H 156 4.48 -10.58 -37.78
CA ILE H 156 3.57 -11.58 -38.39
C ILE H 156 2.12 -11.23 -37.99
N ALA H 157 1.95 -10.65 -36.80
CA ALA H 157 0.63 -10.28 -36.22
C ALA H 157 -0.06 -9.23 -37.10
N LEU H 158 0.68 -8.27 -37.65
CA LEU H 158 0.13 -7.11 -38.42
C LEU H 158 0.01 -7.46 -39.90
N GLU H 159 0.89 -8.32 -40.42
CA GLU H 159 0.90 -8.72 -41.86
C GLU H 159 -0.18 -9.78 -42.10
N ASN H 160 -0.49 -10.60 -41.09
CA ASN H 160 -1.53 -11.67 -41.17
C ASN H 160 -2.00 -12.03 -39.76
N PRO H 161 -3.00 -11.32 -39.19
CA PRO H 161 -3.40 -11.54 -37.80
C PRO H 161 -4.05 -12.92 -37.56
N ALA H 162 -5.01 -13.32 -38.40
CA ALA H 162 -5.85 -14.53 -38.24
C ALA H 162 -5.03 -15.70 -37.65
N VAL H 163 -3.73 -15.78 -37.98
CA VAL H 163 -2.85 -16.95 -37.70
C VAL H 163 -1.87 -16.68 -36.54
N TRP H 164 -1.76 -15.44 -36.06
CA TRP H 164 -0.92 -15.12 -34.86
C TRP H 164 -1.81 -14.95 -33.61
N GLY H 165 -1.78 -15.93 -32.71
CA GLY H 165 -2.40 -15.85 -31.37
C GLY H 165 -1.63 -14.86 -30.50
N GLY H 166 -0.37 -15.18 -30.20
CA GLY H 166 0.54 -14.28 -29.46
C GLY H 166 1.74 -15.00 -28.89
N LEU H 167 2.52 -14.28 -28.09
CA LEU H 167 3.77 -14.77 -27.43
C LEU H 167 3.51 -14.95 -25.93
N VAL H 168 4.13 -15.97 -25.33
CA VAL H 168 4.02 -16.34 -23.89
C VAL H 168 5.40 -16.75 -23.39
N ASP H 169 6.02 -15.97 -22.49
CA ASP H 169 7.31 -16.35 -21.86
C ASP H 169 7.04 -17.06 -20.54
N VAL H 170 8.00 -17.87 -20.09
CA VAL H 170 7.85 -18.86 -19.00
C VAL H 170 9.21 -19.08 -18.36
N PRO H 171 9.32 -19.15 -17.02
CA PRO H 171 10.63 -19.39 -16.41
C PRO H 171 11.26 -20.63 -17.05
N ALA H 172 12.57 -20.59 -17.31
CA ALA H 172 13.37 -21.75 -17.77
C ALA H 172 13.13 -22.91 -16.79
N GLY H 173 12.68 -24.07 -17.29
CA GLY H 173 12.58 -25.32 -16.50
C GLY H 173 11.22 -25.51 -15.83
N SER H 174 10.54 -24.40 -15.49
CA SER H 174 9.26 -24.42 -14.72
C SER H 174 8.08 -24.70 -15.67
N VAL H 175 7.07 -25.42 -15.16
CA VAL H 175 5.90 -25.91 -15.93
C VAL H 175 4.58 -25.52 -15.22
N ALA H 176 4.66 -25.05 -13.97
CA ALA H 176 3.52 -24.76 -13.07
C ALA H 176 2.71 -23.56 -13.60
N GLU H 177 3.39 -22.43 -13.85
CA GLU H 177 2.77 -21.15 -14.25
C GLU H 177 2.06 -21.32 -15.60
N LEU H 178 2.57 -22.21 -16.47
CA LEU H 178 1.95 -22.53 -17.77
C LEU H 178 0.60 -23.22 -17.55
N ALA H 179 0.60 -24.40 -16.91
CA ALA H 179 -0.62 -25.21 -16.65
C ALA H 179 -1.76 -24.32 -16.16
N ARG H 180 -1.51 -23.49 -15.14
CA ARG H 180 -2.52 -22.59 -14.50
C ARG H 180 -3.12 -21.65 -15.55
N HIS H 181 -2.29 -20.82 -16.17
CA HIS H 181 -2.71 -19.65 -16.98
C HIS H 181 -2.83 -19.99 -18.47
N LEU H 182 -2.53 -21.23 -18.89
CA LEU H 182 -2.52 -21.61 -20.32
C LEU H 182 -3.94 -21.56 -20.89
N ALA H 183 -4.90 -22.19 -20.21
CA ALA H 183 -6.34 -22.17 -20.54
C ALA H 183 -6.74 -20.72 -20.88
N ALA H 184 -6.23 -19.78 -20.08
CA ALA H 184 -6.64 -18.37 -20.06
C ALA H 184 -5.91 -17.54 -21.14
N VAL H 185 -4.58 -17.67 -21.28
CA VAL H 185 -3.79 -16.84 -22.25
C VAL H 185 -4.46 -16.91 -23.63
N VAL H 186 -5.01 -18.08 -23.98
CA VAL H 186 -5.63 -18.36 -25.31
C VAL H 186 -7.01 -17.68 -25.38
N SER H 187 -8.02 -18.32 -24.80
CA SER H 187 -9.46 -17.94 -24.89
C SER H 187 -9.68 -16.58 -24.23
N GLY H 188 -8.93 -16.28 -23.17
CA GLY H 188 -9.03 -15.06 -22.35
C GLY H 188 -9.23 -13.81 -23.17
N GLY H 189 -10.13 -12.93 -22.72
CA GLY H 189 -10.66 -11.79 -23.49
C GLY H 189 -10.02 -10.47 -23.14
N ALA H 190 -8.94 -10.48 -22.35
CA ALA H 190 -8.21 -9.24 -21.96
C ALA H 190 -7.67 -8.56 -23.22
N GLY H 191 -7.26 -9.35 -24.22
CA GLY H 191 -6.64 -8.87 -25.48
C GLY H 191 -5.15 -9.17 -25.52
N GLU H 192 -4.53 -9.42 -24.37
CA GLU H 192 -3.06 -9.57 -24.20
C GLU H 192 -2.55 -10.70 -25.11
N ASP H 193 -1.58 -10.39 -25.97
CA ASP H 193 -0.92 -11.35 -26.89
C ASP H 193 0.60 -11.38 -26.64
N GLN H 194 1.10 -10.55 -25.72
CA GLN H 194 2.52 -10.48 -25.31
C GLN H 194 2.59 -10.59 -23.79
N LEU H 195 2.72 -11.82 -23.26
CA LEU H 195 2.66 -12.15 -21.82
C LEU H 195 4.02 -12.68 -21.36
N ALA H 196 4.35 -12.44 -20.08
CA ALA H 196 5.43 -13.14 -19.33
C ALA H 196 4.83 -13.74 -18.06
N LEU H 197 4.64 -15.05 -18.03
CA LEU H 197 4.20 -15.81 -16.82
C LEU H 197 5.40 -16.00 -15.90
N ARG H 198 5.21 -15.77 -14.60
CA ARG H 198 6.28 -15.90 -13.59
C ARG H 198 5.66 -16.29 -12.25
N ALA H 199 6.48 -16.36 -11.19
CA ALA H 199 6.10 -16.80 -9.84
C ALA H 199 5.23 -15.75 -9.14
N ASP H 200 5.36 -14.46 -9.48
CA ASP H 200 4.60 -13.34 -8.84
C ASP H 200 3.15 -13.31 -9.34
N GLY H 201 2.89 -13.84 -10.53
CA GLY H 201 1.62 -13.69 -11.27
C GLY H 201 1.88 -13.72 -12.77
N VAL H 202 1.15 -12.89 -13.53
CA VAL H 202 1.36 -12.73 -15.01
C VAL H 202 1.61 -11.24 -15.29
N TYR H 203 2.36 -10.95 -16.36
CA TYR H 203 2.86 -9.61 -16.74
C TYR H 203 2.65 -9.39 -18.24
N GLY H 204 2.29 -8.15 -18.63
CA GLY H 204 1.95 -7.75 -20.01
C GLY H 204 2.90 -6.69 -20.57
N ARG H 205 3.27 -6.83 -21.86
CA ARG H 205 4.25 -5.93 -22.54
C ARG H 205 3.58 -4.60 -22.88
N ARG H 206 4.15 -3.49 -22.39
CA ARG H 206 3.66 -2.10 -22.59
C ARG H 206 4.78 -1.17 -23.08
N TRP H 207 4.37 -0.08 -23.76
CA TRP H 207 5.18 1.14 -24.03
C TRP H 207 4.91 2.17 -22.94
N VAL H 208 5.97 2.80 -22.41
CA VAL H 208 5.91 3.93 -21.44
C VAL H 208 6.91 5.02 -21.87
N ARG H 209 6.81 6.22 -21.28
CA ARG H 209 7.67 7.39 -21.59
C ARG H 209 8.78 7.52 -20.53
N ALA H 210 9.58 8.59 -20.60
CA ALA H 210 10.58 9.00 -19.56
C ALA H 210 10.95 10.47 -19.75
N ALA H 211 10.92 11.26 -18.66
CA ALA H 211 11.31 12.69 -18.61
C ALA H 211 12.43 12.90 -17.58
N ALA H 212 13.21 13.98 -17.72
CA ALA H 212 14.33 14.38 -16.84
C ALA H 212 15.03 13.16 -16.24
N ASP H 216 23.18 13.00 -15.42
CA ASP H 216 24.20 13.36 -14.40
C ASP H 216 25.53 13.63 -15.11
N ASP H 217 26.21 12.58 -15.60
CA ASP H 217 27.50 12.64 -16.36
C ASP H 217 27.41 11.67 -17.54
N GLU H 218 28.05 12.01 -18.66
CA GLU H 218 27.84 11.36 -20.00
C GLU H 218 29.06 10.50 -20.36
N TRP H 219 28.85 9.53 -21.27
CA TRP H 219 29.87 8.56 -21.77
C TRP H 219 31.03 9.29 -22.47
N LYS H 220 31.60 10.31 -21.79
CA LYS H 220 32.58 11.29 -22.33
C LYS H 220 33.63 10.57 -23.16
N PRO H 221 33.74 10.84 -24.49
CA PRO H 221 34.60 10.07 -25.37
C PRO H 221 36.08 10.20 -25.00
N THR H 222 36.62 9.20 -24.30
CA THR H 222 38.05 9.10 -23.91
C THR H 222 38.75 8.20 -24.93
N GLY H 223 40.08 8.05 -24.80
CA GLY H 223 40.95 7.18 -25.61
C GLY H 223 40.51 7.04 -27.06
N THR H 224 40.72 5.84 -27.63
CA THR H 224 40.17 5.43 -28.95
C THR H 224 38.74 4.91 -28.77
N VAL H 225 37.80 5.51 -29.51
CA VAL H 225 36.40 5.02 -29.67
C VAL H 225 36.31 4.29 -31.01
N LEU H 226 35.71 3.09 -31.02
CA LEU H 226 35.45 2.29 -32.24
C LEU H 226 34.01 2.55 -32.68
N VAL H 227 33.78 2.69 -34.00
CA VAL H 227 32.40 2.71 -34.59
C VAL H 227 32.40 1.82 -35.85
N THR H 228 31.73 0.65 -35.74
CA THR H 228 31.40 -0.27 -36.86
C THR H 228 30.34 0.42 -37.72
N GLY H 229 30.37 0.17 -39.03
CA GLY H 229 29.61 0.90 -40.05
C GLY H 229 30.17 2.29 -40.26
N GLY H 230 31.39 2.54 -39.77
CA GLY H 230 31.98 3.88 -39.54
C GLY H 230 32.09 4.72 -40.81
N THR H 231 32.36 4.09 -41.96
CA THR H 231 32.47 4.73 -43.29
C THR H 231 31.10 4.67 -43.99
N GLY H 232 30.22 5.62 -43.70
CA GLY H 232 28.97 5.82 -44.47
C GLY H 232 27.72 5.67 -43.63
N GLY H 233 26.62 6.27 -44.10
CA GLY H 233 25.28 6.15 -43.54
C GLY H 233 25.18 6.70 -42.12
N VAL H 234 24.38 6.01 -41.30
CA VAL H 234 24.11 6.32 -39.86
C VAL H 234 25.43 6.25 -39.10
N GLY H 235 26.28 5.28 -39.42
CA GLY H 235 27.62 5.16 -38.82
C GLY H 235 28.42 6.43 -39.01
N GLY H 236 28.45 6.95 -40.25
CA GLY H 236 29.20 8.15 -40.63
C GLY H 236 28.80 9.35 -39.78
N GLN H 237 27.56 9.36 -39.28
CA GLN H 237 27.00 10.47 -38.48
C GLN H 237 27.48 10.36 -37.02
N ILE H 238 27.52 9.15 -36.46
CA ILE H 238 27.98 8.93 -35.06
C ILE H 238 29.46 9.33 -34.94
N ALA H 239 30.21 9.22 -36.05
CA ALA H 239 31.63 9.65 -36.11
C ALA H 239 31.69 11.18 -36.00
N ARG H 240 30.79 11.90 -36.68
CA ARG H 240 30.68 13.38 -36.63
C ARG H 240 30.20 13.83 -35.24
N TRP H 241 29.10 13.25 -34.73
CA TRP H 241 28.61 13.49 -33.35
C TRP H 241 29.79 13.43 -32.37
N LEU H 242 30.59 12.36 -32.44
CA LEU H 242 31.73 12.08 -31.51
C LEU H 242 32.82 13.14 -31.67
N ALA H 243 33.13 13.55 -32.89
CA ALA H 243 34.14 14.60 -33.20
C ALA H 243 33.69 15.94 -32.58
N ARG H 244 32.47 16.38 -32.93
CA ARG H 244 31.84 17.62 -32.41
C ARG H 244 31.78 17.56 -30.88
N ARG H 245 31.48 16.39 -30.32
CA ARG H 245 31.34 16.19 -28.86
C ARG H 245 32.74 16.01 -28.23
N GLY H 246 33.80 16.15 -29.04
CA GLY H 246 35.19 16.37 -28.57
C GLY H 246 35.93 15.07 -28.29
N ALA H 247 35.91 14.12 -29.25
CA ALA H 247 36.64 12.84 -29.19
C ALA H 247 38.08 13.08 -29.65
N PRO H 248 39.10 12.56 -28.92
CA PRO H 248 40.51 12.70 -29.33
C PRO H 248 40.81 11.85 -30.56
N HIS H 249 40.70 10.53 -30.43
CA HIS H 249 41.00 9.55 -31.51
C HIS H 249 39.73 8.74 -31.79
N LEU H 250 39.38 8.61 -33.07
CA LEU H 250 38.36 7.66 -33.58
C LEU H 250 39.01 6.51 -34.35
N LEU H 251 38.41 5.32 -34.28
CA LEU H 251 38.68 4.18 -35.18
C LEU H 251 37.36 3.84 -35.88
N LEU H 252 37.27 4.15 -37.17
CA LEU H 252 36.11 3.76 -38.03
C LEU H 252 36.45 2.47 -38.77
N VAL H 253 35.71 1.39 -38.53
CA VAL H 253 35.85 0.13 -39.31
C VAL H 253 34.61 -0.11 -40.18
N SER H 254 34.83 -0.88 -41.25
CA SER H 254 33.81 -1.36 -42.23
C SER H 254 34.52 -2.30 -43.23
N ARG H 255 33.75 -3.08 -43.97
CA ARG H 255 34.28 -4.00 -45.00
C ARG H 255 35.20 -3.20 -45.91
N SER H 256 34.75 -2.04 -46.38
CA SER H 256 35.47 -1.23 -47.39
C SER H 256 36.52 -0.32 -46.73
N GLY H 257 36.30 0.12 -45.48
CA GLY H 257 37.24 1.01 -44.76
C GLY H 257 37.82 2.09 -45.68
N PRO H 258 39.15 2.14 -45.91
CA PRO H 258 39.74 3.23 -46.68
C PRO H 258 39.19 3.31 -48.10
N ASP H 259 38.75 2.18 -48.65
CA ASP H 259 38.32 2.06 -50.07
C ASP H 259 36.85 2.51 -50.19
N ALA H 260 36.15 2.72 -49.07
CA ALA H 260 34.78 3.29 -49.04
C ALA H 260 34.76 4.64 -49.77
N ASP H 261 33.62 4.98 -50.39
CA ASP H 261 33.42 6.19 -51.21
C ASP H 261 33.37 7.40 -50.29
N GLY H 262 34.23 8.38 -50.53
CA GLY H 262 34.39 9.60 -49.71
C GLY H 262 34.77 9.25 -48.29
N ALA H 263 35.75 8.36 -48.11
CA ALA H 263 36.36 8.04 -46.81
C ALA H 263 37.56 8.97 -46.59
N GLY H 264 38.18 9.45 -47.68
CA GLY H 264 39.22 10.50 -47.64
C GLY H 264 38.63 11.81 -47.17
N GLU H 265 37.46 12.17 -47.68
CA GLU H 265 36.72 13.40 -47.30
C GLU H 265 36.41 13.35 -45.80
N LEU H 266 35.94 12.21 -45.30
CA LEU H 266 35.48 12.05 -43.90
C LEU H 266 36.66 12.19 -42.92
N VAL H 267 37.81 11.59 -43.22
CA VAL H 267 39.01 11.65 -42.31
C VAL H 267 39.45 13.11 -42.24
N ALA H 268 39.56 13.81 -43.38
CA ALA H 268 39.94 15.25 -43.46
C ALA H 268 38.98 16.10 -42.64
N GLU H 269 37.68 15.76 -42.67
CA GLU H 269 36.56 16.55 -42.09
C GLU H 269 36.48 16.36 -40.58
N LEU H 270 36.77 15.16 -40.07
CA LEU H 270 36.78 14.87 -38.62
C LEU H 270 38.08 15.40 -37.98
N GLU H 271 39.20 15.36 -38.71
CA GLU H 271 40.53 15.83 -38.26
C GLU H 271 40.44 17.33 -37.95
N ALA H 272 39.73 18.07 -38.81
CA ALA H 272 39.36 19.49 -38.62
C ALA H 272 38.71 19.69 -37.25
N LEU H 273 37.80 18.79 -36.83
CA LEU H 273 37.07 18.88 -35.52
C LEU H 273 37.85 18.15 -34.41
N GLY H 274 39.18 18.13 -34.50
CA GLY H 274 40.09 17.66 -33.43
C GLY H 274 39.88 16.19 -33.07
N ALA H 275 39.72 15.34 -34.08
CA ALA H 275 39.62 13.87 -33.93
C ALA H 275 40.73 13.20 -34.76
N ARG H 276 41.68 12.53 -34.10
CA ARG H 276 42.76 11.75 -34.77
C ARG H 276 42.16 10.42 -35.24
N THR H 277 41.52 10.43 -36.43
CA THR H 277 40.68 9.31 -36.93
C THR H 277 41.50 8.45 -37.89
N THR H 278 41.44 7.13 -37.71
CA THR H 278 42.05 6.11 -38.60
C THR H 278 40.93 5.22 -39.13
N VAL H 279 40.92 4.95 -40.44
CA VAL H 279 39.89 4.09 -41.10
C VAL H 279 40.54 2.75 -41.46
N ALA H 280 39.98 1.67 -40.95
CA ALA H 280 40.49 0.30 -41.15
C ALA H 280 39.39 -0.56 -41.78
N ALA H 281 39.71 -1.32 -42.81
CA ALA H 281 38.84 -2.42 -43.29
C ALA H 281 38.82 -3.49 -42.21
N CYS H 282 37.64 -4.03 -41.91
CA CYS H 282 37.45 -5.15 -40.95
C CYS H 282 36.11 -5.83 -41.23
N ASP H 283 36.10 -7.16 -41.24
CA ASP H 283 34.84 -7.94 -41.31
C ASP H 283 34.38 -8.22 -39.87
N VAL H 284 33.47 -7.40 -39.33
CA VAL H 284 33.05 -7.52 -37.90
C VAL H 284 32.51 -8.93 -37.64
N THR H 285 32.01 -9.63 -38.67
CA THR H 285 31.43 -11.01 -38.58
C THR H 285 32.51 -12.03 -38.25
N ASP H 286 33.77 -11.80 -38.66
CA ASP H 286 34.90 -12.76 -38.50
C ASP H 286 35.64 -12.47 -37.19
N ARG H 287 35.65 -13.44 -36.27
CA ARG H 287 36.26 -13.32 -34.92
C ARG H 287 37.73 -12.86 -35.07
N GLU H 288 38.49 -13.51 -35.97
CA GLU H 288 39.96 -13.31 -36.12
C GLU H 288 40.26 -11.90 -36.66
N SER H 289 39.44 -11.39 -37.58
CA SER H 289 39.67 -10.08 -38.23
C SER H 289 39.44 -8.96 -37.21
N VAL H 290 38.57 -9.14 -36.21
CA VAL H 290 38.31 -8.08 -35.18
C VAL H 290 39.32 -8.23 -34.02
N ARG H 291 39.82 -9.44 -33.77
CA ARG H 291 40.93 -9.66 -32.79
C ARG H 291 42.14 -8.85 -33.26
N GLU H 292 42.47 -8.95 -34.56
CA GLU H 292 43.62 -8.29 -35.23
C GLU H 292 43.42 -6.77 -35.17
N LEU H 293 42.17 -6.29 -35.28
CA LEU H 293 41.82 -4.84 -35.25
C LEU H 293 42.10 -4.25 -33.85
N LEU H 294 41.58 -4.91 -32.81
CA LEU H 294 41.75 -4.48 -31.40
C LEU H 294 43.25 -4.50 -31.06
N GLY H 295 43.98 -5.49 -31.58
CA GLY H 295 45.44 -5.62 -31.43
C GLY H 295 46.20 -4.44 -32.05
N GLY H 296 45.61 -3.78 -33.06
CA GLY H 296 46.24 -2.68 -33.81
C GLY H 296 46.25 -1.38 -33.03
N ILE H 297 45.23 -1.15 -32.20
CA ILE H 297 45.12 0.04 -31.30
C ILE H 297 46.41 0.13 -30.48
N GLY H 298 47.05 1.31 -30.46
CA GLY H 298 48.30 1.58 -29.71
C GLY H 298 48.06 1.63 -28.21
N ASP H 299 48.99 1.06 -27.43
CA ASP H 299 48.92 0.99 -25.94
C ASP H 299 48.66 2.40 -25.37
N ASP H 300 49.22 3.42 -26.04
CA ASP H 300 49.08 4.88 -25.73
C ASP H 300 47.61 5.28 -25.55
N VAL H 301 46.71 4.76 -26.38
CA VAL H 301 45.31 5.27 -26.55
C VAL H 301 44.32 4.12 -26.45
N PRO H 302 44.12 3.50 -25.26
CA PRO H 302 43.28 2.31 -25.12
C PRO H 302 41.82 2.44 -25.59
N LEU H 303 41.27 1.32 -26.07
CA LEU H 303 39.84 1.16 -26.48
C LEU H 303 38.96 1.46 -25.26
N SER H 304 38.08 2.45 -25.37
CA SER H 304 37.31 3.03 -24.25
C SER H 304 35.80 2.82 -24.42
N ALA H 305 35.27 2.83 -25.65
CA ALA H 305 33.85 2.53 -25.97
C ALA H 305 33.73 1.93 -27.38
N VAL H 306 32.55 1.39 -27.71
CA VAL H 306 32.23 0.92 -29.10
C VAL H 306 30.81 1.35 -29.47
N PHE H 307 30.64 1.85 -30.69
CA PHE H 307 29.34 2.15 -31.32
C PHE H 307 29.13 1.17 -32.49
N HIS H 308 28.48 0.04 -32.21
CA HIS H 308 28.18 -1.02 -33.20
C HIS H 308 26.92 -0.66 -34.01
N ALA H 309 27.10 -0.03 -35.18
CA ALA H 309 26.01 0.47 -36.06
C ALA H 309 26.09 -0.13 -37.48
N ALA H 310 26.78 -1.27 -37.65
CA ALA H 310 26.79 -2.06 -38.89
C ALA H 310 25.35 -2.47 -39.21
N ALA H 311 24.95 -2.33 -40.48
CA ALA H 311 23.55 -2.36 -40.98
C ALA H 311 23.12 -3.76 -41.47
N THR H 312 21.82 -3.88 -41.71
CA THR H 312 21.15 -5.03 -42.37
C THR H 312 20.34 -4.49 -43.55
N LEU H 313 20.33 -5.18 -44.69
CA LEU H 313 19.41 -4.82 -45.79
C LEU H 313 18.56 -6.04 -46.16
N ASP H 314 17.27 -5.99 -45.83
CA ASP H 314 16.33 -7.12 -46.02
C ASP H 314 14.89 -6.61 -45.93
N ASP H 315 14.38 -6.15 -47.08
CA ASP H 315 12.98 -5.67 -47.20
C ASP H 315 12.14 -6.81 -47.76
N GLY H 316 10.99 -7.07 -47.17
CA GLY H 316 10.09 -8.14 -47.65
C GLY H 316 8.99 -8.50 -46.66
N THR H 317 7.93 -9.12 -47.16
CA THR H 317 6.79 -9.66 -46.39
C THR H 317 7.19 -10.99 -45.74
N VAL H 318 6.50 -11.39 -44.70
CA VAL H 318 6.87 -12.58 -43.89
C VAL H 318 6.34 -13.86 -44.54
N ASP H 319 5.55 -13.79 -45.62
CA ASP H 319 5.08 -14.99 -46.39
C ASP H 319 6.29 -15.84 -46.81
N THR H 320 7.33 -15.18 -47.34
CA THR H 320 8.49 -15.78 -48.04
C THR H 320 9.69 -15.91 -47.10
N LEU H 321 9.82 -14.99 -46.13
CA LEU H 321 10.96 -14.91 -45.18
C LEU H 321 11.26 -16.30 -44.61
N THR H 322 12.54 -16.60 -44.39
CA THR H 322 13.02 -17.88 -43.79
C THR H 322 14.13 -17.57 -42.77
N GLY H 323 14.28 -18.44 -41.77
CA GLY H 323 15.33 -18.32 -40.75
C GLY H 323 16.71 -18.23 -41.39
N GLU H 324 16.98 -19.13 -42.33
CA GLU H 324 18.20 -19.15 -43.17
C GLU H 324 18.48 -17.73 -43.71
N ARG H 325 17.46 -17.07 -44.30
CA ARG H 325 17.62 -15.77 -45.01
C ARG H 325 18.00 -14.69 -44.02
N ILE H 326 17.27 -14.58 -42.90
CA ILE H 326 17.47 -13.48 -41.90
C ILE H 326 18.82 -13.71 -41.20
N GLU H 327 19.15 -14.96 -40.88
CA GLU H 327 20.45 -15.33 -40.27
C GLU H 327 21.55 -14.74 -41.17
N ARG H 328 21.50 -15.06 -42.46
CA ARG H 328 22.54 -14.73 -43.46
C ARG H 328 22.67 -13.20 -43.62
N ALA H 329 21.56 -12.48 -43.62
CA ALA H 329 21.51 -11.03 -43.95
C ALA H 329 21.92 -10.20 -42.73
N SER H 330 21.69 -10.72 -41.52
CA SER H 330 21.80 -9.99 -40.23
C SER H 330 23.17 -10.23 -39.57
N ARG H 331 24.06 -10.99 -40.22
CA ARG H 331 25.35 -11.47 -39.64
C ARG H 331 26.19 -10.29 -39.14
N ALA H 332 26.42 -9.26 -39.97
CA ALA H 332 27.14 -8.04 -39.57
C ALA H 332 26.59 -7.51 -38.24
N LYS H 333 25.26 -7.46 -38.09
CA LYS H 333 24.61 -6.91 -36.88
C LYS H 333 24.85 -7.85 -35.70
N VAL H 334 24.43 -9.10 -35.79
CA VAL H 334 24.32 -10.00 -34.59
C VAL H 334 25.68 -10.64 -34.29
N LEU H 335 26.44 -11.04 -35.32
CA LEU H 335 27.77 -11.71 -35.12
C LEU H 335 28.80 -10.65 -34.71
N GLY H 336 28.74 -9.44 -35.27
CA GLY H 336 29.62 -8.32 -34.90
C GLY H 336 29.46 -8.01 -33.43
N ALA H 337 28.23 -7.70 -33.01
CA ALA H 337 27.87 -7.50 -31.60
C ALA H 337 28.51 -8.61 -30.76
N ARG H 338 28.21 -9.87 -31.08
CA ARG H 338 28.65 -11.06 -30.32
C ARG H 338 30.18 -11.04 -30.23
N ASN H 339 30.87 -10.88 -31.37
CA ASN H 339 32.36 -10.93 -31.48
C ASN H 339 32.98 -9.82 -30.60
N LEU H 340 32.47 -8.60 -30.76
CA LEU H 340 32.93 -7.39 -30.04
C LEU H 340 32.58 -7.51 -28.55
N HIS H 341 31.47 -8.17 -28.20
CA HIS H 341 31.09 -8.48 -26.80
C HIS H 341 32.18 -9.37 -26.19
N GLU H 342 32.43 -10.51 -26.82
CA GLU H 342 33.38 -11.56 -26.33
C GLU H 342 34.78 -10.97 -26.13
N LEU H 343 35.23 -10.06 -26.99
CA LEU H 343 36.64 -9.58 -27.03
C LEU H 343 36.83 -8.24 -26.28
N THR H 344 35.79 -7.72 -25.62
CA THR H 344 35.86 -6.49 -24.77
C THR H 344 35.26 -6.73 -23.37
N ARG H 345 34.97 -7.98 -23.02
CA ARG H 345 34.34 -8.37 -21.73
C ARG H 345 35.33 -8.10 -20.59
N GLU H 346 36.63 -8.12 -20.87
CA GLU H 346 37.69 -7.93 -19.85
C GLU H 346 38.38 -6.57 -20.01
N LEU H 347 37.94 -5.77 -20.99
CA LEU H 347 38.32 -4.33 -21.11
C LEU H 347 37.35 -3.52 -20.24
N ASP H 348 37.86 -2.48 -19.57
CA ASP H 348 37.04 -1.55 -18.76
C ASP H 348 36.59 -0.40 -19.68
N LEU H 349 35.36 -0.44 -20.20
CA LEU H 349 34.83 0.50 -21.22
C LEU H 349 33.83 1.50 -20.62
N THR H 350 33.81 2.72 -21.15
CA THR H 350 32.81 3.80 -20.88
C THR H 350 31.41 3.30 -21.25
N ALA H 351 31.22 2.94 -22.53
CA ALA H 351 29.92 2.57 -23.13
C ALA H 351 30.12 1.44 -24.15
N PHE H 352 29.06 0.68 -24.39
CA PHE H 352 28.98 -0.43 -25.38
C PHE H 352 27.64 -0.27 -26.09
N VAL H 353 27.62 0.53 -27.15
CA VAL H 353 26.35 1.01 -27.76
C VAL H 353 26.03 0.11 -28.94
N LEU H 354 24.98 -0.67 -28.81
CA LEU H 354 24.34 -1.43 -29.93
C LEU H 354 23.27 -0.54 -30.54
N PHE H 355 23.13 -0.56 -31.87
CA PHE H 355 22.13 0.21 -32.65
C PHE H 355 20.98 -0.74 -33.03
N SER H 356 19.97 -0.83 -32.17
CA SER H 356 18.70 -1.56 -32.44
C SER H 356 17.80 -0.65 -33.28
N SER H 357 16.57 -1.07 -33.53
CA SER H 357 15.55 -0.24 -34.21
C SER H 357 14.17 -0.54 -33.62
N PHE H 358 13.20 0.34 -33.94
CA PHE H 358 11.77 0.22 -33.62
C PHE H 358 11.18 -1.08 -34.20
N ALA H 359 11.84 -1.75 -35.14
CA ALA H 359 11.37 -3.01 -35.75
C ALA H 359 11.27 -4.13 -34.70
N SER H 360 12.22 -4.18 -33.77
CA SER H 360 12.22 -5.15 -32.64
C SER H 360 11.23 -4.67 -31.56
N ALA H 361 10.99 -3.35 -31.47
CA ALA H 361 10.29 -2.65 -30.36
C ALA H 361 8.76 -2.72 -30.51
N PHE H 362 8.20 -2.36 -31.66
CA PHE H 362 6.74 -2.53 -31.94
C PHE H 362 6.57 -3.43 -33.17
N GLY H 363 7.39 -3.27 -34.20
CA GLY H 363 7.32 -4.08 -35.43
C GLY H 363 6.18 -3.65 -36.33
N ALA H 364 6.40 -3.64 -37.64
CA ALA H 364 5.42 -3.23 -38.67
C ALA H 364 5.57 -4.14 -39.89
N PRO H 365 4.60 -4.12 -40.82
CA PRO H 365 4.74 -4.80 -42.10
C PRO H 365 6.06 -4.49 -42.84
N GLY H 366 6.75 -5.54 -43.30
CA GLY H 366 8.01 -5.43 -44.07
C GLY H 366 9.18 -5.00 -43.21
N LEU H 367 9.16 -5.37 -41.92
CA LEU H 367 10.32 -5.26 -41.00
C LEU H 367 10.64 -6.65 -40.43
N GLY H 368 10.17 -7.71 -41.09
CA GLY H 368 10.47 -9.10 -40.73
C GLY H 368 11.97 -9.35 -40.70
N GLY H 369 12.69 -8.75 -41.65
CA GLY H 369 14.15 -8.93 -41.83
C GLY H 369 14.94 -8.29 -40.69
N TYR H 370 14.49 -7.15 -40.17
CA TYR H 370 15.28 -6.29 -39.26
C TYR H 370 14.94 -6.58 -37.79
N ALA H 371 13.78 -7.19 -37.53
CA ALA H 371 13.30 -7.40 -36.14
C ALA H 371 14.20 -8.42 -35.45
N PRO H 372 14.39 -9.64 -36.00
CA PRO H 372 15.20 -10.65 -35.34
C PRO H 372 16.55 -10.11 -34.83
N GLY H 373 17.34 -9.49 -35.71
CA GLY H 373 18.70 -9.02 -35.40
C GLY H 373 18.72 -8.02 -34.27
N ASN H 374 17.84 -7.03 -34.32
CA ASN H 374 17.77 -5.94 -33.30
C ASN H 374 17.23 -6.52 -31.98
N ALA H 375 16.31 -7.48 -32.05
CA ALA H 375 15.79 -8.22 -30.89
C ALA H 375 16.94 -8.94 -30.18
N TYR H 376 17.97 -9.37 -30.92
CA TYR H 376 19.18 -10.02 -30.36
C TYR H 376 20.04 -9.02 -29.59
N LEU H 377 20.20 -7.82 -30.16
CA LEU H 377 21.03 -6.72 -29.58
C LEU H 377 20.41 -6.29 -28.25
N ASP H 378 19.09 -6.09 -28.26
CA ASP H 378 18.23 -5.80 -27.07
C ASP H 378 18.51 -6.84 -25.99
N GLY H 379 18.48 -8.12 -26.37
CA GLY H 379 18.79 -9.27 -25.49
C GLY H 379 20.18 -9.14 -24.91
N LEU H 380 21.19 -8.91 -25.76
CA LEU H 380 22.62 -8.98 -25.37
C LEU H 380 22.94 -7.90 -24.32
N ALA H 381 22.49 -6.67 -24.54
CA ALA H 381 22.75 -5.53 -23.62
C ALA H 381 22.27 -5.89 -22.22
N GLN H 382 21.10 -6.52 -22.12
CA GLN H 382 20.48 -6.95 -20.85
C GLN H 382 21.38 -8.02 -20.21
N GLN H 383 21.87 -8.97 -21.01
CA GLN H 383 22.77 -10.06 -20.53
C GLN H 383 24.07 -9.46 -20.00
N ARG H 384 24.60 -8.45 -20.72
CA ARG H 384 25.85 -7.73 -20.34
C ARG H 384 25.68 -7.11 -18.94
N ARG H 385 24.56 -6.42 -18.71
CA ARG H 385 24.34 -5.64 -17.46
C ARG H 385 24.07 -6.62 -16.31
N SER H 386 23.46 -7.77 -16.61
CA SER H 386 23.30 -8.89 -15.64
C SER H 386 24.67 -9.43 -15.18
N ASP H 387 25.73 -9.25 -15.99
CA ASP H 387 27.13 -9.70 -15.70
C ASP H 387 27.99 -8.51 -15.22
N GLY H 388 27.47 -7.29 -15.26
CA GLY H 388 28.12 -6.09 -14.69
C GLY H 388 28.86 -5.25 -15.72
N LEU H 389 28.67 -5.54 -17.00
CA LEU H 389 29.37 -4.84 -18.11
C LEU H 389 28.50 -3.68 -18.55
N PRO H 390 29.08 -2.59 -19.09
CA PRO H 390 28.29 -1.48 -19.62
C PRO H 390 27.63 -1.94 -20.93
N ALA H 391 26.38 -1.54 -21.17
CA ALA H 391 25.60 -1.99 -22.35
C ALA H 391 24.44 -1.04 -22.62
N THR H 392 24.23 -0.67 -23.88
CA THR H 392 23.24 0.34 -24.31
C THR H 392 22.67 -0.09 -25.67
N ALA H 393 21.55 -0.83 -25.66
CA ALA H 393 20.80 -1.23 -26.88
C ALA H 393 19.73 -0.17 -27.19
N VAL H 394 20.07 0.78 -28.07
CA VAL H 394 19.18 1.91 -28.48
C VAL H 394 18.26 1.43 -29.61
N ALA H 395 16.94 1.42 -29.36
CA ALA H 395 15.89 1.08 -30.36
C ALA H 395 15.49 2.35 -31.12
N TRP H 396 16.23 2.65 -32.18
CA TRP H 396 16.12 3.85 -33.05
C TRP H 396 14.84 3.84 -33.90
N GLY H 397 14.27 5.02 -34.14
CA GLY H 397 13.26 5.26 -35.19
C GLY H 397 13.92 5.50 -36.52
N THR H 398 13.20 6.15 -37.45
CA THR H 398 13.70 6.52 -38.81
C THR H 398 14.71 7.67 -38.65
N TRP H 399 15.18 8.25 -39.77
CA TRP H 399 16.38 9.13 -39.83
C TRP H 399 16.28 10.07 -41.05
N ALA H 400 17.42 10.65 -41.47
CA ALA H 400 17.64 11.30 -42.79
C ALA H 400 17.55 10.23 -43.89
N ALA H 410 8.98 4.77 -46.41
CA ALA H 410 9.51 6.12 -46.11
C ALA H 410 8.42 7.19 -46.35
N ASP H 411 7.89 7.25 -47.57
CA ASP H 411 6.79 8.18 -47.98
C ASP H 411 5.45 7.63 -47.47
N ARG H 412 5.37 6.32 -47.22
CA ARG H 412 4.22 5.61 -46.62
C ARG H 412 4.43 5.43 -45.11
N PHE H 413 5.67 5.64 -44.62
CA PHE H 413 6.04 5.62 -43.17
C PHE H 413 5.84 7.00 -42.55
N ARG H 414 6.34 8.06 -43.22
CA ARG H 414 6.09 9.48 -42.84
C ARG H 414 4.58 9.73 -42.75
N ARG H 415 3.79 8.90 -43.45
CA ARG H 415 2.31 8.97 -43.51
C ARG H 415 1.69 8.23 -42.31
N HIS H 416 2.21 7.05 -41.97
CA HIS H 416 1.61 6.10 -40.98
C HIS H 416 2.05 6.45 -39.54
N GLY H 417 2.62 7.64 -39.32
CA GLY H 417 2.80 8.23 -37.97
C GLY H 417 4.25 8.43 -37.58
N VAL H 418 5.20 7.68 -38.17
CA VAL H 418 6.63 7.67 -37.75
C VAL H 418 7.38 8.78 -38.51
N ILE H 419 7.72 9.86 -37.81
CA ILE H 419 8.44 11.05 -38.36
C ILE H 419 9.92 10.70 -38.52
N GLU H 420 10.56 11.21 -39.58
CA GLU H 420 12.03 11.18 -39.81
C GLU H 420 12.74 12.12 -38.82
N MET H 421 13.63 11.61 -37.98
CA MET H 421 14.43 12.41 -37.01
C MET H 421 15.70 12.91 -37.70
N PRO H 422 16.01 14.24 -37.65
CA PRO H 422 17.28 14.76 -38.17
C PRO H 422 18.45 14.19 -37.39
N PRO H 423 19.63 13.99 -38.02
CA PRO H 423 20.76 13.37 -37.33
C PRO H 423 21.22 14.17 -36.10
N GLU H 424 21.17 15.50 -36.17
CA GLU H 424 21.51 16.42 -35.05
C GLU H 424 20.80 15.94 -33.78
N THR H 425 19.47 15.84 -33.83
CA THR H 425 18.55 15.48 -32.70
C THR H 425 18.84 14.06 -32.20
N ALA H 426 18.96 13.08 -33.10
CA ALA H 426 19.19 11.65 -32.77
C ALA H 426 20.48 11.53 -31.97
N CYS H 427 21.61 11.90 -32.59
CA CYS H 427 22.95 11.90 -31.97
C CYS H 427 22.93 12.63 -30.62
N ARG H 428 22.04 13.63 -30.43
CA ARG H 428 21.87 14.36 -29.14
C ARG H 428 21.06 13.50 -28.16
N ALA H 429 20.03 12.80 -28.64
CA ALA H 429 19.16 11.92 -27.83
C ALA H 429 19.97 10.73 -27.31
N LEU H 430 21.03 10.36 -28.04
CA LEU H 430 21.98 9.27 -27.70
C LEU H 430 22.90 9.72 -26.54
N GLN H 431 23.35 10.99 -26.58
CA GLN H 431 24.10 11.64 -25.48
C GLN H 431 23.34 11.39 -24.17
N ASN H 432 22.06 11.78 -24.17
CA ASN H 432 21.14 11.70 -23.01
C ASN H 432 21.07 10.27 -22.50
N ALA H 433 20.80 9.31 -23.40
CA ALA H 433 20.51 7.90 -23.09
C ALA H 433 21.76 7.23 -22.49
N LEU H 434 22.95 7.64 -22.93
CA LEU H 434 24.26 7.24 -22.33
C LEU H 434 24.43 7.93 -20.97
N ASP H 435 24.18 9.25 -20.93
CA ASP H 435 24.21 10.08 -19.70
C ASP H 435 23.28 9.46 -18.66
N ARG H 436 22.08 9.03 -19.09
CA ARG H 436 20.99 8.51 -18.22
C ARG H 436 21.29 7.06 -17.81
N ALA H 437 21.91 6.29 -18.70
CA ALA H 437 22.31 4.88 -18.48
C ALA H 437 21.08 3.98 -18.24
N GLU H 438 20.14 3.96 -19.19
CA GLU H 438 19.11 2.90 -19.35
C GLU H 438 19.63 1.91 -20.40
N VAL H 439 19.30 0.64 -20.24
CA VAL H 439 19.90 -0.51 -20.98
C VAL H 439 19.29 -0.58 -22.40
N CYS H 440 17.96 -0.53 -22.51
CA CYS H 440 17.19 -0.70 -23.77
C CYS H 440 16.30 0.51 -24.00
N PRO H 441 16.89 1.70 -24.27
CA PRO H 441 16.09 2.91 -24.52
C PRO H 441 15.49 2.94 -25.92
N ILE H 442 14.27 3.46 -26.06
CA ILE H 442 13.60 3.71 -27.39
C ILE H 442 13.64 5.20 -27.69
N VAL H 443 14.02 5.56 -28.91
CA VAL H 443 14.18 6.97 -29.38
C VAL H 443 13.52 7.06 -30.76
N ILE H 444 12.35 7.69 -30.85
CA ILE H 444 11.50 7.68 -32.08
C ILE H 444 10.43 8.79 -32.00
N ASP H 445 10.47 9.73 -32.95
CA ASP H 445 9.46 10.79 -33.17
C ASP H 445 8.23 10.16 -33.82
N VAL H 446 7.10 10.15 -33.11
CA VAL H 446 5.84 9.49 -33.56
C VAL H 446 4.65 10.43 -33.33
N ARG H 447 4.04 10.92 -34.41
CA ARG H 447 2.73 11.61 -34.38
C ARG H 447 1.67 10.55 -34.06
N TRP H 448 1.45 10.30 -32.75
CA TRP H 448 0.47 9.31 -32.20
C TRP H 448 -0.92 9.55 -32.80
N ASP H 449 -1.29 10.83 -32.97
CA ASP H 449 -2.55 11.27 -33.64
C ASP H 449 -3.10 10.09 -34.44
N ARG H 450 -2.41 9.71 -35.52
CA ARG H 450 -2.86 8.68 -36.50
C ARG H 450 -1.76 7.64 -36.74
N PHE H 451 -0.92 7.39 -35.74
CA PHE H 451 -0.06 6.18 -35.66
C PHE H 451 -0.91 5.01 -35.16
N LEU H 452 -1.77 5.27 -34.16
CA LEU H 452 -2.63 4.25 -33.50
C LEU H 452 -3.64 3.68 -34.51
N LEU H 453 -4.21 4.53 -35.36
CA LEU H 453 -5.10 4.09 -36.46
C LEU H 453 -4.35 3.08 -37.34
N ALA H 454 -3.04 3.28 -37.52
CA ALA H 454 -2.18 2.51 -38.47
C ALA H 454 -1.66 1.20 -37.84
N TYR H 455 -1.52 1.12 -36.51
CA TYR H 455 -1.08 -0.11 -35.79
C TYR H 455 -2.30 -0.91 -35.33
N THR H 456 -3.46 -0.25 -35.22
CA THR H 456 -4.74 -0.85 -34.74
C THR H 456 -5.66 -1.21 -35.91
N ALA H 457 -5.32 -0.78 -37.13
CA ALA H 457 -6.15 -0.87 -38.36
C ALA H 457 -6.97 -2.17 -38.36
N GLN H 458 -6.28 -3.32 -38.37
CA GLN H 458 -6.90 -4.67 -38.49
C GLN H 458 -6.46 -5.57 -37.33
N ARG H 459 -5.63 -5.08 -36.42
CA ARG H 459 -5.14 -5.85 -35.23
C ARG H 459 -5.16 -4.94 -34.00
N PRO H 460 -6.07 -5.17 -33.02
CA PRO H 460 -6.05 -4.42 -31.76
C PRO H 460 -4.89 -4.89 -30.88
N THR H 461 -4.31 -3.96 -30.11
CA THR H 461 -3.15 -4.17 -29.21
C THR H 461 -3.38 -3.42 -27.89
N ARG H 462 -2.92 -3.99 -26.77
CA ARG H 462 -2.91 -3.32 -25.44
C ARG H 462 -1.47 -2.92 -25.09
N LEU H 463 -0.54 -3.08 -26.04
CA LEU H 463 0.86 -2.62 -25.94
C LEU H 463 0.88 -1.11 -25.63
N PHE H 464 -0.10 -0.36 -26.13
CA PHE H 464 -0.14 1.12 -26.06
C PHE H 464 -1.32 1.58 -25.19
N ASP H 465 -1.41 1.06 -23.96
CA ASP H 465 -2.48 1.42 -22.99
C ASP H 465 -2.00 2.49 -22.01
N GLU H 466 -0.68 2.70 -21.90
CA GLU H 466 -0.06 3.64 -20.93
C GLU H 466 0.67 4.75 -21.71
N ILE H 467 -0.11 5.62 -22.36
CA ILE H 467 0.37 6.67 -23.32
C ILE H 467 0.02 8.06 -22.76
N ASP I 5 50.08 25.73 26.60
CA ASP I 5 48.60 25.85 26.76
C ASP I 5 47.91 24.69 26.05
N GLU I 6 47.35 23.77 26.85
CA GLU I 6 46.48 22.62 26.47
C GLU I 6 45.38 23.04 25.48
N VAL I 7 44.92 24.30 25.57
CA VAL I 7 43.74 24.91 24.87
C VAL I 7 43.38 24.20 23.56
N SER I 8 44.33 24.00 22.64
CA SER I 8 44.10 23.54 21.24
C SER I 8 44.37 22.04 21.09
N ALA I 9 45.16 21.45 22.00
CA ALA I 9 45.48 20.00 22.03
C ALA I 9 44.18 19.19 22.12
N LEU I 10 43.13 19.77 22.73
CA LEU I 10 41.85 19.08 23.01
C LEU I 10 40.69 19.77 22.27
N ARG I 11 40.99 20.55 21.22
CA ARG I 11 40.01 21.26 20.36
C ARG I 11 39.95 20.61 18.97
N TYR I 12 38.74 20.31 18.48
CA TYR I 12 38.48 19.58 17.20
C TYR I 12 37.27 20.19 16.48
N ARG I 13 37.06 19.75 15.24
CA ARG I 13 35.92 20.10 14.35
C ARG I 13 35.43 18.83 13.64
N ILE I 14 34.27 18.88 12.99
CA ILE I 14 33.76 17.83 12.06
C ILE I 14 33.81 18.40 10.65
N GLU I 15 34.60 17.79 9.76
CA GLU I 15 34.63 18.14 8.33
C GLU I 15 34.21 16.91 7.51
N TRP I 16 33.82 17.13 6.26
CA TRP I 16 33.35 16.09 5.32
C TRP I 16 34.34 16.00 4.15
N ARG I 17 35.19 14.97 4.15
CA ARG I 17 36.24 14.72 3.12
C ARG I 17 35.70 13.75 2.06
N PRO I 18 36.12 13.86 0.78
CA PRO I 18 35.64 12.96 -0.28
C PRO I 18 36.36 11.60 -0.27
N THR I 19 35.62 10.51 -0.55
CA THR I 19 36.13 9.11 -0.56
C THR I 19 35.15 8.22 -1.34
N GLY I 20 34.92 6.98 -0.88
CA GLY I 20 33.92 6.05 -1.43
C GLY I 20 33.94 4.69 -0.75
N THR I 30 17.02 -10.76 -1.95
CA THR I 30 16.04 -10.37 -0.90
C THR I 30 16.66 -9.29 -0.01
N TRP I 31 16.27 -8.03 -0.24
CA TRP I 31 16.67 -6.83 0.55
C TRP I 31 15.44 -5.95 0.83
N LEU I 32 15.02 -5.86 2.10
CA LEU I 32 13.81 -5.11 2.56
C LEU I 32 14.06 -3.60 2.42
N VAL I 33 13.10 -2.85 1.88
CA VAL I 33 13.15 -1.36 1.78
C VAL I 33 11.99 -0.77 2.58
N ALA I 34 12.28 -0.18 3.75
CA ALA I 34 11.30 0.29 4.76
C ALA I 34 10.98 1.77 4.55
N LYS I 35 9.70 2.08 4.34
CA LYS I 35 9.18 3.46 4.11
C LYS I 35 7.78 3.58 4.74
N TYR I 36 7.22 4.79 4.75
CA TYR I 36 5.80 5.06 5.09
C TYR I 36 4.93 4.95 3.82
N ALA I 37 3.69 4.48 3.96
CA ALA I 37 2.70 4.31 2.87
C ALA I 37 2.37 5.67 2.26
N GLY I 38 2.46 5.79 0.93
CA GLY I 38 2.22 7.03 0.18
C GLY I 38 3.13 8.15 0.66
N THR I 39 4.44 7.86 0.81
CA THR I 39 5.50 8.82 1.23
C THR I 39 6.86 8.25 0.83
N ALA I 40 7.70 9.08 0.21
CA ALA I 40 9.02 8.71 -0.38
C ALA I 40 8.83 7.67 -1.49
N ASP I 41 7.71 7.71 -2.21
CA ASP I 41 7.41 6.79 -3.34
C ASP I 41 8.36 7.09 -4.50
N GLU I 42 8.76 8.35 -4.65
CA GLU I 42 9.71 8.81 -5.70
C GLU I 42 11.10 8.24 -5.44
N THR I 43 11.47 8.06 -4.17
CA THR I 43 12.82 7.61 -3.73
C THR I 43 12.82 6.09 -3.48
N SER I 44 11.63 5.47 -3.44
CA SER I 44 11.42 4.00 -3.33
C SER I 44 11.55 3.35 -4.72
N THR I 45 11.03 4.02 -5.75
CA THR I 45 11.08 3.57 -7.16
C THR I 45 12.57 3.63 -7.59
N ALA I 46 13.29 4.69 -7.19
CA ALA I 46 14.70 4.97 -7.59
C ALA I 46 15.69 4.16 -6.75
N ALA I 47 15.24 3.56 -5.65
CA ALA I 47 16.05 2.66 -4.80
C ALA I 47 16.14 1.28 -5.46
N ARG I 48 15.00 0.59 -5.60
CA ARG I 48 14.95 -0.82 -6.09
C ARG I 48 15.50 -0.89 -7.53
N GLU I 49 15.29 0.17 -8.33
CA GLU I 49 15.89 0.35 -9.68
C GLU I 49 17.40 0.13 -9.58
N ALA I 50 18.05 0.78 -8.61
CA ALA I 50 19.51 0.74 -8.36
C ALA I 50 19.89 -0.53 -7.59
N LEU I 51 19.08 -0.93 -6.60
CA LEU I 51 19.33 -2.11 -5.73
C LEU I 51 19.35 -3.39 -6.58
N GLU I 52 18.45 -3.51 -7.55
CA GLU I 52 18.26 -4.72 -8.40
C GLU I 52 19.58 -5.09 -9.12
N SER I 53 20.36 -4.09 -9.53
CA SER I 53 21.51 -4.20 -10.47
C SER I 53 22.64 -5.05 -9.89
N ALA I 54 23.00 -4.88 -8.61
CA ALA I 54 24.22 -5.45 -7.98
C ALA I 54 23.92 -6.77 -7.26
N GLY I 55 23.12 -7.64 -7.90
CA GLY I 55 22.74 -8.97 -7.40
C GLY I 55 21.99 -8.85 -6.08
N ALA I 56 20.71 -8.48 -6.17
CA ALA I 56 19.79 -8.29 -5.02
C ALA I 56 18.35 -8.08 -5.52
N ARG I 57 17.42 -8.92 -5.06
CA ARG I 57 15.96 -8.76 -5.27
C ARG I 57 15.37 -7.97 -4.09
N VAL I 58 14.24 -7.30 -4.32
CA VAL I 58 13.67 -6.24 -3.43
C VAL I 58 12.22 -6.58 -3.08
N ARG I 59 11.81 -6.29 -1.83
CA ARG I 59 10.38 -6.36 -1.37
C ARG I 59 10.10 -5.15 -0.47
N GLU I 60 9.10 -4.34 -0.87
CA GLU I 60 8.68 -3.05 -0.24
C GLU I 60 8.04 -3.33 1.13
N LEU I 61 8.75 -3.00 2.22
CA LEU I 61 8.26 -3.17 3.63
C LEU I 61 7.66 -1.85 4.13
N VAL I 62 6.33 -1.71 4.04
CA VAL I 62 5.58 -0.52 4.57
C VAL I 62 5.41 -0.71 6.09
N VAL I 63 5.70 0.33 6.87
CA VAL I 63 5.62 0.34 8.36
C VAL I 63 4.65 1.44 8.80
N ASP I 64 3.66 1.09 9.62
CA ASP I 64 2.68 2.01 10.26
C ASP I 64 3.46 3.05 11.09
N ALA I 65 2.97 4.30 11.17
CA ALA I 65 3.54 5.36 12.02
C ALA I 65 3.37 4.94 13.50
N ARG I 66 4.49 4.83 14.22
CA ARG I 66 4.59 4.30 15.60
C ARG I 66 4.24 2.80 15.57
N CYS I 67 5.15 1.97 15.05
CA CYS I 67 4.93 0.52 14.84
C CYS I 67 5.38 -0.25 16.10
N GLY I 68 4.43 -0.93 16.76
CA GLY I 68 4.65 -1.78 17.95
C GLY I 68 5.69 -2.87 17.68
N ARG I 69 6.92 -2.67 18.16
CA ARG I 69 8.12 -3.46 17.76
C ARG I 69 7.90 -4.96 17.97
N ASP I 70 6.88 -5.37 18.72
CA ASP I 70 6.57 -6.80 18.99
C ASP I 70 5.95 -7.43 17.73
N GLU I 71 5.05 -6.71 17.05
CA GLU I 71 4.29 -7.23 15.86
C GLU I 71 4.97 -6.78 14.56
N LEU I 72 6.20 -6.27 14.63
CA LEU I 72 7.13 -6.17 13.48
C LEU I 72 8.12 -7.34 13.58
N ALA I 73 8.39 -7.80 14.81
CA ALA I 73 9.30 -8.93 15.13
C ALA I 73 8.66 -10.25 14.67
N GLU I 74 7.33 -10.29 14.52
CA GLU I 74 6.58 -11.47 14.01
C GLU I 74 6.25 -11.29 12.52
N ARG I 75 6.27 -10.05 12.01
CA ARG I 75 6.16 -9.73 10.56
C ARG I 75 7.49 -10.04 9.87
N LEU I 76 8.62 -9.71 10.51
CA LEU I 76 9.99 -9.90 9.98
C LEU I 76 10.55 -11.26 10.41
N ARG I 77 9.71 -12.15 10.96
CA ARG I 77 10.07 -13.54 11.33
C ARG I 77 9.33 -14.52 10.41
N SER I 78 8.82 -14.06 9.26
CA SER I 78 8.01 -14.85 8.28
C SER I 78 8.59 -14.76 6.85
N VAL I 79 9.49 -13.80 6.57
CA VAL I 79 10.18 -13.65 5.25
C VAL I 79 11.51 -14.43 5.34
N GLY I 80 12.07 -14.83 4.20
CA GLY I 80 13.29 -15.65 4.12
C GLY I 80 14.54 -14.84 4.43
N GLU I 81 15.69 -15.52 4.56
CA GLU I 81 17.02 -14.91 4.80
C GLU I 81 17.18 -13.68 3.89
N VAL I 82 17.51 -12.53 4.49
CA VAL I 82 17.58 -11.19 3.82
C VAL I 82 19.02 -10.64 3.92
N ALA I 83 19.49 -10.00 2.85
CA ALA I 83 20.89 -9.58 2.63
C ALA I 83 21.16 -8.22 3.31
N GLY I 84 20.44 -7.17 2.88
CA GLY I 84 20.45 -5.83 3.49
C GLY I 84 19.02 -5.33 3.70
N VAL I 85 18.86 -4.20 4.39
CA VAL I 85 17.55 -3.49 4.51
C VAL I 85 17.81 -1.99 4.58
N LEU I 86 17.30 -1.24 3.60
CA LEU I 86 17.38 0.24 3.52
C LEU I 86 16.14 0.83 4.19
N SER I 87 16.21 2.09 4.64
CA SER I 87 15.09 2.83 5.30
C SER I 87 14.99 4.24 4.73
N LEU I 88 13.90 4.53 4.01
CA LEU I 88 13.52 5.89 3.57
C LEU I 88 12.41 6.40 4.49
N LEU I 89 12.55 6.14 5.79
CA LEU I 89 11.62 6.61 6.85
C LEU I 89 11.84 8.12 7.07
N ALA I 90 13.05 8.61 6.79
CA ALA I 90 13.45 10.05 6.94
C ALA I 90 13.36 10.78 5.60
N VAL I 91 12.82 10.17 4.54
CA VAL I 91 12.57 10.82 3.22
C VAL I 91 11.12 11.33 3.19
N ASP I 92 10.92 12.52 2.63
CA ASP I 92 9.64 13.27 2.57
C ASP I 92 9.37 13.93 3.93
N GLU I 93 9.58 13.23 5.05
CA GLU I 93 9.64 13.84 6.40
C GLU I 93 8.30 14.50 6.72
N ALA I 94 8.34 15.59 7.51
CA ALA I 94 7.28 16.62 7.64
C ALA I 94 7.81 17.74 8.53
N GLU I 95 8.05 17.44 9.81
CA GLU I 95 8.29 18.42 10.91
C GLU I 95 6.94 18.76 11.52
N PRO I 96 6.43 17.94 12.48
CA PRO I 96 5.15 18.21 13.13
C PRO I 96 5.24 19.45 14.02
N GLU I 97 4.22 20.31 13.95
CA GLU I 97 4.27 21.76 14.25
C GLU I 97 5.03 22.06 15.55
N GLU I 98 4.91 21.23 16.60
CA GLU I 98 5.25 21.62 17.99
C GLU I 98 6.53 20.95 18.53
N ALA I 99 6.83 19.70 18.12
CA ALA I 99 7.80 18.82 18.81
C ALA I 99 8.82 18.26 17.81
N PRO I 100 9.97 18.93 17.64
CA PRO I 100 11.02 18.46 16.72
C PRO I 100 11.42 16.98 16.81
N LEU I 101 11.46 16.38 18.00
CA LEU I 101 11.93 14.98 18.17
C LEU I 101 10.73 14.02 18.21
N ALA I 102 9.52 14.55 18.03
CA ALA I 102 8.30 13.76 17.78
C ALA I 102 8.48 12.99 16.47
N LEU I 103 9.21 13.56 15.52
CA LEU I 103 9.68 12.91 14.26
C LEU I 103 9.44 11.40 14.36
N ALA I 104 8.55 10.87 13.52
CA ALA I 104 8.20 9.43 13.48
C ALA I 104 9.42 8.62 13.04
N SER I 105 10.20 9.15 12.10
CA SER I 105 11.47 8.55 11.58
C SER I 105 12.35 8.06 12.74
N LEU I 106 12.52 8.87 13.79
CA LEU I 106 13.39 8.59 14.98
C LEU I 106 12.85 7.41 15.78
N ALA I 107 11.63 7.56 16.32
CA ALA I 107 10.88 6.49 17.02
C ALA I 107 11.00 5.18 16.24
N ASP I 108 10.70 5.22 14.94
CA ASP I 108 10.49 4.01 14.08
C ASP I 108 11.84 3.35 13.78
N THR I 109 12.92 4.14 13.65
CA THR I 109 14.30 3.61 13.49
C THR I 109 14.63 2.70 14.68
N LEU I 110 14.30 3.14 15.88
CA LEU I 110 14.61 2.39 17.13
C LEU I 110 13.72 1.15 17.21
N SER I 111 12.44 1.26 16.85
CA SER I 111 11.48 0.13 16.89
C SER I 111 11.79 -0.85 15.74
N LEU I 112 12.41 -0.38 14.66
CA LEU I 112 12.79 -1.21 13.47
C LEU I 112 14.04 -2.03 13.82
N VAL I 113 15.05 -1.38 14.43
CA VAL I 113 16.33 -2.01 14.82
C VAL I 113 16.05 -3.04 15.91
N GLN I 114 15.16 -2.71 16.85
CA GLN I 114 14.72 -3.60 17.95
C GLN I 114 14.04 -4.84 17.34
N ALA I 115 13.17 -4.63 16.34
CA ALA I 115 12.40 -5.70 15.66
C ALA I 115 13.34 -6.54 14.78
N MET I 116 14.35 -5.92 14.16
CA MET I 116 15.38 -6.61 13.33
C MET I 116 16.18 -7.59 14.19
N VAL I 117 16.62 -7.13 15.36
CA VAL I 117 17.42 -7.95 16.33
C VAL I 117 16.49 -8.96 17.04
N SER I 118 15.19 -8.65 17.15
CA SER I 118 14.16 -9.53 17.75
C SER I 118 13.86 -10.71 16.83
N ALA I 119 13.77 -10.46 15.52
CA ALA I 119 13.37 -11.45 14.49
C ALA I 119 14.61 -12.17 13.92
N GLU I 120 15.79 -11.90 14.48
CA GLU I 120 17.08 -12.53 14.08
C GLU I 120 17.21 -12.55 12.55
N LEU I 121 17.50 -11.40 11.93
CA LEU I 121 17.79 -11.28 10.47
C LEU I 121 19.29 -11.46 10.25
N GLY I 122 20.13 -10.76 11.01
CA GLY I 122 21.59 -10.82 10.95
C GLY I 122 22.17 -9.75 10.02
N CYS I 123 21.33 -9.10 9.22
CA CYS I 123 21.75 -8.13 8.17
C CYS I 123 21.83 -6.71 8.75
N PRO I 124 22.64 -5.81 8.15
CA PRO I 124 22.71 -4.41 8.59
C PRO I 124 21.51 -3.57 8.13
N LEU I 125 21.25 -2.45 8.82
CA LEU I 125 20.23 -1.42 8.46
C LEU I 125 20.94 -0.14 7.98
N TRP I 126 20.63 0.30 6.77
CA TRP I 126 21.08 1.59 6.19
C TRP I 126 19.89 2.56 6.17
N THR I 127 20.11 3.78 6.65
CA THR I 127 19.09 4.83 6.87
C THR I 127 19.49 6.07 6.06
N VAL I 128 18.84 6.31 4.92
CA VAL I 128 19.05 7.55 4.11
C VAL I 128 18.37 8.70 4.84
N THR I 129 18.91 9.90 4.69
CA THR I 129 18.33 11.18 5.16
C THR I 129 18.34 12.16 3.99
N GLU I 130 17.64 13.28 4.12
CA GLU I 130 17.56 14.34 3.07
C GLU I 130 18.08 15.65 3.66
N SER I 131 19.34 16.00 3.33
CA SER I 131 19.98 17.30 3.65
C SER I 131 20.00 17.52 5.17
N ALA I 132 20.21 16.45 5.93
CA ALA I 132 20.24 16.47 7.41
C ALA I 132 21.61 16.95 7.89
N VAL I 133 22.62 16.88 7.01
CA VAL I 133 24.01 17.36 7.25
C VAL I 133 24.35 18.42 6.20
N ALA I 134 25.43 19.19 6.43
CA ALA I 134 25.99 20.21 5.51
C ALA I 134 27.49 19.95 5.34
N THR I 135 27.96 19.79 4.09
CA THR I 135 29.36 19.41 3.75
C THR I 135 30.27 20.65 3.81
N GLY I 136 29.68 21.85 3.73
CA GLY I 136 30.35 23.14 4.02
C GLY I 136 29.31 24.21 4.33
N PRO I 137 29.71 25.43 4.77
CA PRO I 137 28.74 26.47 5.16
C PRO I 137 27.93 27.05 4.00
N PHE I 138 28.19 26.60 2.77
CA PHE I 138 27.46 26.97 1.52
C PHE I 138 26.13 26.21 1.45
N GLU I 139 26.16 24.91 1.75
CA GLU I 139 24.96 24.04 1.85
C GLU I 139 24.12 24.50 3.05
N ARG I 140 22.87 24.06 3.15
CA ARG I 140 21.97 24.39 4.28
C ARG I 140 21.37 23.08 4.81
N VAL I 141 21.31 22.94 6.14
CA VAL I 141 20.66 21.78 6.82
C VAL I 141 19.13 22.01 6.84
N ARG I 142 18.36 21.11 6.22
CA ARG I 142 16.92 21.30 5.91
C ARG I 142 16.09 21.20 7.19
N ASN I 143 16.25 20.12 7.96
CA ASN I 143 15.60 19.89 9.28
C ASN I 143 16.65 19.40 10.30
N ALA I 144 17.01 20.26 11.24
CA ALA I 144 17.97 19.98 12.34
C ALA I 144 17.62 18.62 12.99
N ALA I 145 16.35 18.45 13.34
CA ALA I 145 15.76 17.26 14.01
C ALA I 145 16.21 15.97 13.33
N HIS I 146 16.44 15.97 12.01
CA HIS I 146 16.89 14.76 11.28
C HIS I 146 18.31 14.38 11.73
N GLY I 147 19.11 15.38 12.11
CA GLY I 147 20.42 15.18 12.77
C GLY I 147 20.37 14.13 13.88
N ALA I 148 19.27 14.04 14.63
CA ALA I 148 19.08 13.10 15.76
C ALA I 148 19.32 11.66 15.31
N LEU I 149 18.76 11.27 14.17
CA LEU I 149 18.91 9.90 13.62
C LEU I 149 20.39 9.54 13.49
N TRP I 150 21.25 10.54 13.27
CA TRP I 150 22.73 10.35 13.16
C TRP I 150 23.31 10.05 14.56
N GLY I 151 22.94 10.86 15.56
CA GLY I 151 23.38 10.69 16.95
C GLY I 151 23.16 9.26 17.44
N VAL I 152 21.90 8.90 17.70
CA VAL I 152 21.49 7.55 18.19
C VAL I 152 22.01 6.48 17.21
N GLY I 153 22.04 6.80 15.90
CA GLY I 153 22.58 5.94 14.84
C GLY I 153 23.97 5.44 15.20
N ARG I 154 24.89 6.37 15.50
CA ARG I 154 26.27 6.12 16.02
C ARG I 154 26.21 5.18 17.23
N VAL I 155 25.49 5.58 18.28
CA VAL I 155 25.42 4.81 19.56
C VAL I 155 24.93 3.39 19.26
N ILE I 156 23.98 3.23 18.32
CA ILE I 156 23.37 1.92 17.96
C ILE I 156 24.45 1.02 17.34
N ALA I 157 25.39 1.59 16.59
CA ALA I 157 26.52 0.86 15.96
C ALA I 157 27.37 0.18 17.05
N LEU I 158 27.90 0.95 18.00
CA LEU I 158 28.90 0.47 19.00
C LEU I 158 28.25 -0.51 19.97
N GLU I 159 26.95 -0.34 20.25
CA GLU I 159 26.19 -1.13 21.26
C GLU I 159 25.79 -2.48 20.64
N ASN I 160 25.58 -2.50 19.31
CA ASN I 160 25.22 -3.72 18.53
C ASN I 160 25.64 -3.50 17.08
N PRO I 161 26.93 -3.77 16.73
CA PRO I 161 27.46 -3.47 15.39
C PRO I 161 26.89 -4.35 14.27
N ALA I 162 26.39 -5.54 14.61
CA ALA I 162 25.84 -6.55 13.69
C ALA I 162 24.69 -5.95 12.86
N VAL I 163 23.83 -5.12 13.46
CA VAL I 163 22.54 -4.69 12.85
C VAL I 163 22.59 -3.21 12.41
N TRP I 164 23.76 -2.56 12.38
CA TRP I 164 23.88 -1.17 11.85
C TRP I 164 24.85 -1.10 10.68
N GLY I 165 24.30 -0.95 9.47
CA GLY I 165 25.03 -0.59 8.23
C GLY I 165 25.61 0.80 8.34
N GLY I 166 24.85 1.84 7.97
CA GLY I 166 25.34 3.23 8.02
C GLY I 166 24.29 4.29 7.74
N LEU I 167 24.76 5.54 7.57
CA LEU I 167 23.95 6.77 7.40
C LEU I 167 24.36 7.47 6.09
N VAL I 168 23.36 7.84 5.27
CA VAL I 168 23.53 8.50 3.94
C VAL I 168 22.62 9.75 3.91
N ASP I 169 23.19 10.95 3.82
CA ASP I 169 22.44 12.20 3.56
C ASP I 169 22.47 12.49 2.06
N VAL I 170 21.29 12.80 1.49
CA VAL I 170 21.04 13.06 0.04
C VAL I 170 20.30 14.41 -0.05
N PRO I 171 20.58 15.28 -1.05
CA PRO I 171 19.86 16.55 -1.19
C PRO I 171 18.32 16.40 -1.14
N ALA I 172 17.66 17.46 -0.66
CA ALA I 172 16.21 17.50 -0.32
C ALA I 172 15.35 17.15 -1.54
N GLY I 173 15.30 18.04 -2.55
CA GLY I 173 14.39 17.93 -3.71
C GLY I 173 15.03 17.11 -4.84
N SER I 174 15.73 16.00 -4.53
CA SER I 174 16.57 15.22 -5.47
C SER I 174 16.53 13.71 -5.16
N VAL I 175 17.00 12.90 -6.11
CA VAL I 175 17.03 11.40 -6.09
C VAL I 175 18.27 10.86 -6.83
N ALA I 176 18.96 11.72 -7.61
CA ALA I 176 19.97 11.35 -8.63
C ALA I 176 21.19 10.66 -7.98
N GLU I 177 21.75 11.30 -6.95
CA GLU I 177 23.06 10.95 -6.32
C GLU I 177 22.96 9.56 -5.66
N LEU I 178 21.78 9.24 -5.12
CA LEU I 178 21.46 7.94 -4.46
C LEU I 178 21.64 6.79 -5.47
N ALA I 179 20.93 6.85 -6.61
CA ALA I 179 20.91 5.83 -7.69
C ALA I 179 22.34 5.43 -8.07
N ARG I 180 23.24 6.42 -8.21
CA ARG I 180 24.63 6.24 -8.72
C ARG I 180 25.41 5.33 -7.79
N HIS I 181 25.44 5.67 -6.49
CA HIS I 181 26.42 5.18 -5.49
C HIS I 181 25.82 4.10 -4.58
N LEU I 182 24.49 3.88 -4.63
CA LEU I 182 23.75 2.95 -3.73
C LEU I 182 24.41 1.57 -3.71
N ALA I 183 24.65 0.97 -4.89
CA ALA I 183 25.36 -0.32 -5.02
C ALA I 183 26.59 -0.31 -4.10
N ALA I 184 27.39 0.76 -4.19
CA ALA I 184 28.73 0.88 -3.57
C ALA I 184 28.63 1.06 -2.04
N VAL I 185 27.73 1.92 -1.55
CA VAL I 185 27.65 2.31 -0.11
C VAL I 185 27.40 1.07 0.77
N VAL I 186 26.58 0.12 0.30
CA VAL I 186 26.15 -1.08 1.08
C VAL I 186 27.30 -2.10 1.07
N SER I 187 27.70 -2.57 -0.13
CA SER I 187 28.65 -3.68 -0.35
C SER I 187 30.11 -3.22 -0.27
N GLY I 188 30.44 -2.06 -0.84
CA GLY I 188 31.82 -1.50 -0.90
C GLY I 188 32.57 -1.67 0.40
N GLY I 189 33.77 -2.26 0.34
CA GLY I 189 34.54 -2.70 1.52
C GLY I 189 35.36 -1.59 2.15
N ALA I 190 35.00 -0.32 1.91
CA ALA I 190 35.66 0.87 2.51
C ALA I 190 35.46 0.88 4.04
N GLY I 191 34.38 0.26 4.52
CA GLY I 191 33.98 0.28 5.95
C GLY I 191 33.42 1.63 6.35
N GLU I 192 33.15 2.50 5.36
CA GLU I 192 32.61 3.88 5.56
C GLU I 192 31.10 3.80 5.79
N ASP I 193 30.64 4.29 6.95
CA ASP I 193 29.23 4.19 7.43
C ASP I 193 28.57 5.57 7.36
N GLN I 194 29.25 6.62 7.78
CA GLN I 194 28.72 8.02 7.79
C GLN I 194 29.09 8.73 6.48
N LEU I 195 28.22 8.57 5.47
CA LEU I 195 28.40 9.11 4.09
C LEU I 195 27.32 10.15 3.82
N ALA I 196 27.65 11.19 3.05
CA ALA I 196 26.68 12.14 2.44
C ALA I 196 26.91 12.15 0.94
N LEU I 197 25.83 12.26 0.16
CA LEU I 197 25.90 12.33 -1.33
C LEU I 197 25.53 13.75 -1.77
N ARG I 198 26.24 14.29 -2.77
CA ARG I 198 26.04 15.65 -3.33
C ARG I 198 26.10 15.55 -4.86
N ALA I 199 26.24 16.69 -5.54
CA ALA I 199 26.29 16.81 -7.02
C ALA I 199 27.73 17.08 -7.49
N ASP I 200 28.74 16.64 -6.73
CA ASP I 200 30.17 16.69 -7.15
C ASP I 200 30.93 15.49 -6.54
N GLY I 201 30.27 14.33 -6.46
CA GLY I 201 30.83 13.08 -5.92
C GLY I 201 30.23 12.73 -4.56
N VAL I 202 30.91 11.87 -3.79
CA VAL I 202 30.48 11.39 -2.44
C VAL I 202 31.44 11.96 -1.39
N TYR I 203 31.00 11.95 -0.11
CA TYR I 203 31.74 12.52 1.06
C TYR I 203 31.64 11.58 2.26
N GLY I 204 32.59 11.73 3.19
CA GLY I 204 32.70 10.93 4.44
C GLY I 204 32.93 11.81 5.66
N ARG I 205 32.33 11.45 6.79
CA ARG I 205 32.41 12.18 8.09
C ARG I 205 33.77 11.87 8.73
N ARG I 206 34.52 12.92 9.11
CA ARG I 206 35.92 12.80 9.62
C ARG I 206 36.15 13.77 10.79
N TRP I 207 36.98 13.35 11.76
CA TRP I 207 37.51 14.18 12.88
C TRP I 207 38.85 14.82 12.46
N VAL I 208 39.03 16.10 12.78
CA VAL I 208 40.23 16.93 12.46
C VAL I 208 40.41 17.96 13.59
N ARG I 209 41.64 18.45 13.79
CA ARG I 209 41.98 19.45 14.83
C ARG I 209 41.91 20.87 14.22
N ALA I 210 42.17 21.91 15.03
CA ALA I 210 42.09 23.33 14.62
C ALA I 210 43.09 24.20 15.41
N PRO I 221 30.32 39.22 27.47
CA PRO I 221 29.98 40.30 28.40
C PRO I 221 29.46 41.56 27.71
N THR I 222 28.19 41.89 27.95
CA THR I 222 27.45 43.11 27.51
C THR I 222 26.05 43.03 28.10
N GLY I 223 25.37 44.17 28.28
CA GLY I 223 24.01 44.30 28.84
C GLY I 223 23.69 43.27 29.91
N THR I 224 22.53 42.60 29.80
CA THR I 224 22.20 41.34 30.51
C THR I 224 22.49 40.17 29.57
N VAL I 225 22.91 39.03 30.13
CA VAL I 225 23.14 37.77 29.36
C VAL I 225 22.59 36.59 30.19
N LEU I 226 21.55 35.93 29.70
CA LEU I 226 20.85 34.88 30.48
C LEU I 226 21.58 33.55 30.24
N VAL I 227 21.66 32.71 31.27
CA VAL I 227 22.15 31.30 31.18
C VAL I 227 21.05 30.36 31.72
N THR I 228 20.60 29.43 30.87
CA THR I 228 19.60 28.40 31.21
C THR I 228 20.31 27.26 31.95
N GLY I 229 19.60 26.52 32.79
CA GLY I 229 20.15 25.59 33.80
C GLY I 229 21.07 26.35 34.72
N GLY I 230 20.73 27.61 34.99
CA GLY I 230 21.62 28.63 35.57
C GLY I 230 21.90 28.41 37.05
N THR I 231 20.99 27.75 37.76
CA THR I 231 21.12 27.42 39.21
C THR I 231 21.88 26.10 39.37
N GLY I 232 22.24 25.44 38.27
CA GLY I 232 22.65 24.02 38.25
C GLY I 232 24.15 23.85 38.31
N GLY I 233 24.65 22.66 37.94
CA GLY I 233 26.06 22.29 38.04
C GLY I 233 26.91 22.98 36.99
N VAL I 234 26.60 22.73 35.71
CA VAL I 234 27.40 23.23 34.55
C VAL I 234 26.99 24.68 34.26
N GLY I 235 25.69 24.97 34.22
CA GLY I 235 25.19 26.36 34.14
C GLY I 235 25.74 27.22 35.26
N GLY I 236 25.96 26.63 36.44
CA GLY I 236 26.44 27.32 37.65
C GLY I 236 27.80 27.97 37.44
N GLN I 237 28.75 27.27 36.79
CA GLN I 237 30.15 27.73 36.62
C GLN I 237 30.22 28.78 35.51
N ILE I 238 29.46 28.58 34.43
CA ILE I 238 29.36 29.52 33.27
C ILE I 238 28.94 30.90 33.78
N ALA I 239 28.09 30.95 34.79
CA ALA I 239 27.65 32.21 35.46
C ALA I 239 28.88 32.93 36.02
N ARG I 240 29.65 32.24 36.86
CA ARG I 240 30.86 32.78 37.54
C ARG I 240 31.93 33.15 36.51
N TRP I 241 32.17 32.27 35.53
CA TRP I 241 33.05 32.52 34.36
C TRP I 241 32.72 33.89 33.75
N LEU I 242 31.45 34.15 33.44
CA LEU I 242 31.00 35.43 32.83
C LEU I 242 31.27 36.59 33.80
N ALA I 243 31.18 36.32 35.11
CA ALA I 243 31.44 37.29 36.21
C ALA I 243 32.95 37.53 36.35
N ARG I 244 33.75 36.46 36.28
CA ARG I 244 35.25 36.52 36.19
C ARG I 244 35.65 37.35 34.96
N ARG I 245 35.05 37.02 33.81
CA ARG I 245 35.28 37.68 32.50
C ARG I 245 34.47 39.00 32.44
N GLY I 246 34.01 39.49 33.60
CA GLY I 246 33.62 40.89 33.84
C GLY I 246 32.26 41.27 33.27
N ALA I 247 31.36 40.31 33.05
CA ALA I 247 30.00 40.53 32.47
C ALA I 247 29.22 41.47 33.38
N PRO I 248 28.67 42.58 32.86
CA PRO I 248 28.05 43.61 33.70
C PRO I 248 26.84 43.10 34.49
N HIS I 249 25.85 42.53 33.80
CA HIS I 249 24.55 42.07 34.36
C HIS I 249 24.25 40.65 33.88
N LEU I 250 23.76 39.77 34.77
CA LEU I 250 23.38 38.37 34.44
C LEU I 250 21.87 38.15 34.70
N LEU I 251 21.35 37.01 34.25
CA LEU I 251 19.95 36.59 34.47
C LEU I 251 19.87 35.07 34.37
N LEU I 252 20.07 34.39 35.50
CA LEU I 252 20.09 32.91 35.58
C LEU I 252 18.63 32.43 35.66
N VAL I 253 18.18 31.63 34.69
CA VAL I 253 16.82 31.00 34.69
C VAL I 253 16.94 29.49 34.85
N SER I 254 15.92 28.89 35.43
CA SER I 254 15.76 27.43 35.66
C SER I 254 14.34 27.21 36.22
N ARG I 255 13.87 25.96 36.28
CA ARG I 255 12.51 25.68 36.78
C ARG I 255 12.41 26.20 38.21
N SER I 256 13.39 25.87 39.04
CA SER I 256 13.40 26.18 40.50
C SER I 256 13.65 27.67 40.74
N GLY I 257 14.48 28.31 39.90
CA GLY I 257 14.84 29.72 40.05
C GLY I 257 15.38 30.04 41.45
N PRO I 258 14.83 31.07 42.13
CA PRO I 258 15.27 31.44 43.48
C PRO I 258 14.96 30.40 44.56
N ASP I 259 14.22 29.35 44.20
CA ASP I 259 13.79 28.29 45.13
C ASP I 259 14.78 27.11 44.99
N ALA I 260 15.70 27.19 44.03
CA ALA I 260 16.85 26.27 43.91
C ALA I 260 17.74 26.39 45.15
N ASP I 261 18.37 25.29 45.55
CA ASP I 261 19.30 25.25 46.71
C ASP I 261 20.44 26.25 46.48
N GLY I 262 20.92 26.87 47.56
CA GLY I 262 22.04 27.83 47.59
C GLY I 262 22.08 28.73 46.37
N ALA I 263 20.91 29.17 45.89
CA ALA I 263 20.76 30.14 44.79
C ALA I 263 21.15 31.53 45.31
N GLY I 264 20.69 31.89 46.52
CA GLY I 264 21.06 33.15 47.21
C GLY I 264 22.49 33.16 47.70
N GLU I 265 22.98 31.99 48.14
CA GLU I 265 24.41 31.67 48.41
C GLU I 265 25.25 32.06 47.19
N LEU I 266 24.78 31.66 45.99
CA LEU I 266 25.49 31.78 44.69
C LEU I 266 25.30 33.18 44.08
N VAL I 267 24.10 33.77 44.20
CA VAL I 267 23.81 35.14 43.66
C VAL I 267 24.85 36.12 44.25
N ALA I 268 25.24 35.89 45.50
CA ALA I 268 26.24 36.67 46.26
C ALA I 268 27.63 36.52 45.63
N GLU I 269 27.99 35.30 45.23
CA GLU I 269 29.33 34.95 44.66
C GLU I 269 29.62 35.77 43.41
N LEU I 270 28.58 36.15 42.65
CA LEU I 270 28.68 36.93 41.39
C LEU I 270 28.56 38.42 41.70
N GLU I 271 27.65 38.79 42.61
CA GLU I 271 27.48 40.19 43.10
C GLU I 271 28.80 40.66 43.71
N ALA I 272 29.58 39.72 44.28
CA ALA I 272 30.96 39.95 44.79
C ALA I 272 31.91 40.33 43.65
N LEU I 273 31.71 39.73 42.46
CA LEU I 273 32.58 39.93 41.27
C LEU I 273 31.92 40.87 40.26
N GLY I 274 31.30 41.96 40.76
CA GLY I 274 30.83 43.11 39.96
C GLY I 274 29.70 42.80 38.99
N ALA I 275 28.99 41.68 39.18
CA ALA I 275 27.86 41.21 38.32
C ALA I 275 26.53 41.46 39.04
N ARG I 276 25.66 42.28 38.46
CA ARG I 276 24.32 42.62 39.02
C ARG I 276 23.29 41.60 38.50
N THR I 277 23.24 40.41 39.11
CA THR I 277 22.54 39.21 38.58
C THR I 277 21.18 38.99 39.30
N THR I 278 20.10 38.89 38.53
CA THR I 278 18.76 38.46 39.02
C THR I 278 18.55 36.99 38.62
N VAL I 279 17.97 36.18 39.52
CA VAL I 279 17.66 34.74 39.28
C VAL I 279 16.14 34.58 39.23
N ALA I 280 15.59 34.09 38.11
CA ALA I 280 14.13 34.00 37.87
C ALA I 280 13.70 32.57 37.48
N ALA I 281 12.63 32.08 38.11
CA ALA I 281 11.97 30.81 37.73
C ALA I 281 11.43 30.97 36.29
N CYS I 282 11.57 29.91 35.48
CA CYS I 282 11.12 29.88 34.06
C CYS I 282 11.18 28.44 33.53
N ASP I 283 10.12 28.01 32.85
CA ASP I 283 10.08 26.73 32.08
C ASP I 283 10.48 27.08 30.65
N VAL I 284 11.69 26.70 30.23
CA VAL I 284 12.21 27.00 28.87
C VAL I 284 11.39 26.23 27.83
N THR I 285 10.74 25.11 28.19
CA THR I 285 9.95 24.27 27.24
C THR I 285 8.64 24.96 26.85
N ASP I 286 8.19 25.98 27.62
CA ASP I 286 6.93 26.74 27.35
C ASP I 286 7.28 28.10 26.75
N ARG I 287 6.68 28.45 25.62
CA ARG I 287 7.01 29.67 24.84
C ARG I 287 6.58 30.89 25.64
N GLU I 288 5.38 30.86 26.21
CA GLU I 288 4.79 32.03 26.92
C GLU I 288 5.62 32.31 28.17
N SER I 289 6.18 31.26 28.77
CA SER I 289 7.05 31.34 29.98
C SER I 289 8.32 32.15 29.70
N VAL I 290 8.99 31.89 28.57
CA VAL I 290 10.26 32.61 28.18
C VAL I 290 9.87 33.97 27.58
N ARG I 291 8.74 34.04 26.86
CA ARG I 291 8.17 35.30 26.33
C ARG I 291 8.19 36.36 27.45
N GLU I 292 7.60 36.06 28.61
CA GLU I 292 7.41 37.06 29.70
C GLU I 292 8.73 37.25 30.44
N LEU I 293 9.61 36.24 30.43
CA LEU I 293 11.00 36.33 30.98
C LEU I 293 11.75 37.47 30.27
N LEU I 294 12.10 37.28 29.00
CA LEU I 294 12.93 38.25 28.24
C LEU I 294 12.09 39.46 27.81
N GLY I 295 10.82 39.53 28.23
CA GLY I 295 10.01 40.77 28.21
C GLY I 295 10.03 41.48 29.56
N GLY I 296 10.83 40.96 30.49
CA GLY I 296 11.01 41.51 31.86
C GLY I 296 12.38 42.15 32.04
N ILE I 297 13.33 41.87 31.15
CA ILE I 297 14.67 42.54 31.08
C ILE I 297 14.41 44.03 30.82
N GLY I 298 15.04 44.91 31.63
CA GLY I 298 14.92 46.37 31.50
C GLY I 298 15.39 46.87 30.14
N ASP I 299 14.63 47.77 29.51
CA ASP I 299 15.00 48.40 28.21
C ASP I 299 16.29 49.20 28.39
N ASP I 300 16.62 49.56 29.64
CA ASP I 300 17.87 50.25 30.02
C ASP I 300 19.08 49.36 29.74
N VAL I 301 19.05 48.10 30.19
CA VAL I 301 20.20 47.13 30.14
C VAL I 301 19.79 45.92 29.29
N PRO I 302 19.76 46.05 27.94
CA PRO I 302 19.10 45.07 27.07
C PRO I 302 19.81 43.71 27.01
N LEU I 303 19.19 42.73 26.33
CA LEU I 303 19.72 41.36 26.18
C LEU I 303 20.85 41.36 25.16
N SER I 304 21.96 40.71 25.49
CA SER I 304 23.28 40.80 24.79
C SER I 304 23.65 39.45 24.17
N ALA I 305 23.42 38.36 24.90
CA ALA I 305 23.84 36.98 24.53
C ALA I 305 23.10 35.97 25.42
N VAL I 306 23.01 34.72 24.97
CA VAL I 306 22.36 33.63 25.77
C VAL I 306 23.18 32.36 25.62
N PHE I 307 23.39 31.69 26.76
CA PHE I 307 24.10 30.40 26.91
C PHE I 307 23.06 29.38 27.36
N HIS I 308 22.74 28.42 26.48
CA HIS I 308 21.67 27.40 26.71
C HIS I 308 22.32 26.13 27.23
N ALA I 309 22.31 25.95 28.56
CA ALA I 309 22.98 24.85 29.27
C ALA I 309 21.96 23.98 30.02
N ALA I 310 20.66 24.14 29.74
CA ALA I 310 19.58 23.25 30.20
C ALA I 310 19.93 21.80 29.83
N ALA I 311 19.85 20.91 30.82
CA ALA I 311 20.43 19.54 30.80
C ALA I 311 19.34 18.51 30.46
N THR I 312 19.75 17.29 30.11
CA THR I 312 18.85 16.11 30.04
C THR I 312 19.47 14.99 30.88
N LEU I 313 18.73 13.90 31.06
CA LEU I 313 19.02 12.83 32.07
C LEU I 313 18.31 11.56 31.61
N ASP I 314 18.99 10.75 30.81
CA ASP I 314 18.45 9.52 30.17
C ASP I 314 19.63 8.57 29.91
N ASP I 315 19.90 7.66 30.85
CA ASP I 315 21.02 6.69 30.77
C ASP I 315 20.45 5.31 30.44
N GLY I 316 21.03 4.60 29.46
CA GLY I 316 20.68 3.20 29.20
C GLY I 316 20.94 2.80 27.76
N THR I 317 20.72 1.52 27.47
CA THR I 317 21.06 0.87 26.18
C THR I 317 19.99 1.24 25.17
N VAL I 318 20.13 0.80 23.91
CA VAL I 318 19.17 1.08 22.80
C VAL I 318 18.25 -0.13 22.59
N ASP I 319 18.50 -1.26 23.27
CA ASP I 319 17.60 -2.45 23.25
C ASP I 319 16.19 -2.03 23.73
N THR I 320 16.10 -1.02 24.59
CA THR I 320 14.85 -0.61 25.30
C THR I 320 14.50 0.87 25.07
N LEU I 321 15.44 1.70 24.61
CA LEU I 321 15.21 3.15 24.39
C LEU I 321 14.27 3.35 23.19
N THR I 322 13.20 4.15 23.38
CA THR I 322 12.19 4.55 22.34
C THR I 322 12.29 6.06 22.03
N GLY I 323 11.60 6.52 20.99
CA GLY I 323 11.54 7.95 20.62
C GLY I 323 10.65 8.74 21.55
N GLU I 324 9.49 8.19 21.91
CA GLU I 324 8.60 8.71 22.97
C GLU I 324 9.44 9.02 24.23
N ARG I 325 10.40 8.17 24.58
CA ARG I 325 11.26 8.37 25.78
C ARG I 325 12.23 9.53 25.53
N ILE I 326 12.88 9.52 24.35
CA ILE I 326 13.91 10.53 23.93
C ILE I 326 13.27 11.91 23.89
N GLU I 327 12.21 12.03 23.09
CA GLU I 327 11.44 13.28 22.85
C GLU I 327 11.21 13.92 24.21
N ARG I 328 10.65 13.14 25.15
CA ARG I 328 10.14 13.62 26.46
C ARG I 328 11.29 14.16 27.32
N ALA I 329 12.36 13.38 27.51
CA ALA I 329 13.47 13.68 28.44
C ALA I 329 14.24 14.90 27.96
N SER I 330 14.35 15.07 26.63
CA SER I 330 15.25 16.07 25.99
C SER I 330 14.55 17.43 25.83
N ARG I 331 13.28 17.54 26.23
CA ARG I 331 12.44 18.76 25.98
C ARG I 331 13.19 20.04 26.41
N ALA I 332 13.62 20.14 27.66
CA ALA I 332 14.41 21.29 28.19
C ALA I 332 15.45 21.74 27.16
N LYS I 333 16.40 20.87 26.82
CA LYS I 333 17.50 21.15 25.86
C LYS I 333 16.94 21.66 24.52
N VAL I 334 16.00 20.90 23.94
CA VAL I 334 15.58 21.03 22.52
C VAL I 334 14.60 22.22 22.39
N LEU I 335 13.44 22.11 23.02
CA LEU I 335 12.37 23.13 22.98
C LEU I 335 12.90 24.46 23.55
N GLY I 336 13.72 24.41 24.59
CA GLY I 336 14.37 25.59 25.16
C GLY I 336 15.29 26.28 24.16
N ALA I 337 15.96 25.51 23.30
CA ALA I 337 16.76 26.06 22.19
C ALA I 337 15.80 26.68 21.16
N ARG I 338 14.85 25.88 20.66
CA ARG I 338 13.91 26.30 19.60
C ARG I 338 13.19 27.57 20.09
N ASN I 339 12.77 27.59 21.35
CA ASN I 339 12.01 28.73 21.96
C ASN I 339 12.89 29.97 22.05
N LEU I 340 14.14 29.83 22.51
CA LEU I 340 15.04 31.00 22.68
C LEU I 340 15.43 31.51 21.28
N HIS I 341 15.71 30.61 20.32
CA HIS I 341 16.04 30.97 18.91
C HIS I 341 14.90 31.80 18.31
N GLU I 342 13.68 31.26 18.33
CA GLU I 342 12.49 31.86 17.69
C GLU I 342 12.29 33.29 18.21
N LEU I 343 12.57 33.55 19.49
CA LEU I 343 12.26 34.83 20.17
C LEU I 343 13.47 35.78 20.23
N THR I 344 14.65 35.38 19.71
CA THR I 344 15.86 36.24 19.63
C THR I 344 16.34 36.44 18.17
N ARG I 345 15.68 35.83 17.18
CA ARG I 345 16.15 35.82 15.78
C ARG I 345 16.17 37.27 15.23
N GLU I 346 15.49 38.20 15.91
CA GLU I 346 15.37 39.64 15.50
C GLU I 346 15.95 40.55 16.60
N LEU I 347 17.02 40.10 17.25
CA LEU I 347 17.87 40.88 18.19
C LEU I 347 19.34 40.60 17.84
N ASP I 348 20.13 41.63 17.50
CA ASP I 348 21.59 41.44 17.25
C ASP I 348 22.26 41.23 18.62
N LEU I 349 22.36 39.97 19.02
CA LEU I 349 23.12 39.54 20.22
C LEU I 349 24.55 39.26 19.77
N THR I 350 25.52 39.36 20.70
CA THR I 350 26.95 39.00 20.48
C THR I 350 27.01 37.55 19.98
N ALA I 351 26.43 36.62 20.76
CA ALA I 351 26.49 35.16 20.53
C ALA I 351 25.21 34.48 21.01
N PHE I 352 25.04 33.22 20.63
CA PHE I 352 23.90 32.35 21.02
C PHE I 352 24.43 30.91 21.21
N VAL I 353 24.87 30.59 22.43
CA VAL I 353 25.73 29.41 22.73
C VAL I 353 24.89 28.23 23.20
N LEU I 354 24.74 27.23 22.32
CA LEU I 354 24.08 25.94 22.61
C LEU I 354 25.12 24.94 23.11
N PHE I 355 24.77 24.14 24.11
CA PHE I 355 25.69 23.22 24.81
C PHE I 355 25.43 21.78 24.34
N SER I 356 26.06 21.39 23.23
CA SER I 356 26.02 20.01 22.68
C SER I 356 26.84 19.12 23.61
N SER I 357 27.23 17.93 23.16
CA SER I 357 28.08 16.99 23.92
C SER I 357 28.73 15.97 22.99
N PHE I 358 29.74 15.27 23.50
CA PHE I 358 30.48 14.19 22.79
C PHE I 358 29.52 13.05 22.40
N ALA I 359 28.27 13.07 22.88
CA ALA I 359 27.25 12.05 22.54
C ALA I 359 26.88 12.14 21.06
N SER I 360 26.77 13.37 20.54
CA SER I 360 26.39 13.68 19.13
C SER I 360 27.61 13.58 18.22
N ALA I 361 28.82 13.77 18.77
CA ALA I 361 30.08 13.95 18.02
C ALA I 361 30.67 12.61 17.57
N PHE I 362 30.95 11.68 18.49
CA PHE I 362 31.43 10.31 18.17
C PHE I 362 30.38 9.29 18.62
N GLY I 363 29.78 9.49 19.80
CA GLY I 363 28.69 8.67 20.38
C GLY I 363 29.22 7.38 20.95
N ALA I 364 28.85 7.07 22.20
CA ALA I 364 29.42 5.96 23.00
C ALA I 364 28.29 5.09 23.55
N PRO I 365 28.52 3.79 23.82
CA PRO I 365 27.49 2.95 24.42
C PRO I 365 26.98 3.58 25.73
N GLY I 366 25.65 3.64 25.89
CA GLY I 366 24.98 4.21 27.08
C GLY I 366 24.91 5.73 27.05
N LEU I 367 24.99 6.35 25.86
CA LEU I 367 24.70 7.78 25.60
C LEU I 367 23.63 7.91 24.51
N GLY I 368 22.82 6.86 24.32
CA GLY I 368 21.70 6.90 23.36
C GLY I 368 20.74 8.03 23.65
N GLY I 369 20.59 8.42 24.93
CA GLY I 369 19.63 9.44 25.39
C GLY I 369 20.07 10.85 25.07
N TYR I 370 21.38 11.09 25.07
CA TYR I 370 21.99 12.44 24.96
C TYR I 370 22.23 12.77 23.50
N ALA I 371 22.52 11.76 22.68
CA ALA I 371 22.88 11.91 21.26
C ALA I 371 21.76 12.67 20.53
N PRO I 372 20.50 12.20 20.55
CA PRO I 372 19.44 12.80 19.74
C PRO I 372 19.25 14.29 20.04
N GLY I 373 19.19 14.64 21.34
CA GLY I 373 19.05 16.04 21.81
C GLY I 373 20.15 16.93 21.26
N ASN I 374 21.40 16.55 21.53
CA ASN I 374 22.60 17.39 21.23
C ASN I 374 22.73 17.55 19.71
N ALA I 375 22.39 16.52 18.95
CA ALA I 375 22.43 16.54 17.47
C ALA I 375 21.53 17.69 16.95
N TYR I 376 20.35 17.90 17.56
CA TYR I 376 19.38 18.97 17.19
C TYR I 376 20.07 20.34 17.24
N LEU I 377 20.80 20.63 18.33
CA LEU I 377 21.46 21.93 18.54
C LEU I 377 22.57 22.10 17.50
N ASP I 378 23.33 21.04 17.21
CA ASP I 378 24.36 21.06 16.13
C ASP I 378 23.68 21.46 14.81
N GLY I 379 22.48 20.93 14.57
CA GLY I 379 21.62 21.31 13.43
C GLY I 379 21.24 22.78 13.50
N LEU I 380 20.62 23.19 14.60
CA LEU I 380 20.01 24.54 14.78
C LEU I 380 21.08 25.63 14.62
N ALA I 381 22.29 25.39 15.15
CA ALA I 381 23.44 26.31 15.03
C ALA I 381 23.74 26.56 13.54
N GLN I 382 24.04 25.50 12.80
CA GLN I 382 24.45 25.52 11.36
C GLN I 382 23.41 26.30 10.54
N GLN I 383 22.11 26.05 10.75
CA GLN I 383 21.03 26.73 9.99
C GLN I 383 20.77 28.13 10.57
N ARG I 384 21.32 28.45 11.74
CA ARG I 384 21.28 29.82 12.32
C ARG I 384 22.38 30.66 11.65
N ARG I 385 23.56 30.06 11.47
CA ARG I 385 24.70 30.66 10.71
C ARG I 385 24.33 30.77 9.23
N SER I 386 23.62 29.76 8.70
CA SER I 386 23.14 29.67 7.30
C SER I 386 22.13 30.80 7.02
N ASP I 387 21.28 31.15 7.99
CA ASP I 387 20.28 32.25 7.89
C ASP I 387 20.97 33.61 8.02
N GLY I 388 22.15 33.65 8.64
CA GLY I 388 22.96 34.87 8.87
C GLY I 388 22.71 35.45 10.24
N LEU I 389 22.88 34.64 11.30
CA LEU I 389 22.73 35.04 12.72
C LEU I 389 23.88 34.47 13.53
N PRO I 390 24.18 35.02 14.73
CA PRO I 390 25.23 34.47 15.58
C PRO I 390 24.79 33.11 16.15
N ALA I 391 25.68 32.12 16.16
CA ALA I 391 25.42 30.75 16.65
C ALA I 391 26.72 30.01 16.95
N THR I 392 26.64 29.03 17.85
CA THR I 392 27.72 28.05 18.13
C THR I 392 27.12 26.90 18.95
N ALA I 393 27.45 25.65 18.59
CA ALA I 393 26.99 24.40 19.24
C ALA I 393 28.20 23.63 19.78
N VAL I 394 28.66 24.01 20.97
CA VAL I 394 29.90 23.47 21.60
C VAL I 394 29.65 22.05 22.09
N ALA I 395 30.25 21.06 21.44
CA ALA I 395 30.18 19.62 21.82
C ALA I 395 31.25 19.35 22.88
N TRP I 396 30.84 19.33 24.15
CA TRP I 396 31.70 19.09 25.35
C TRP I 396 31.98 17.59 25.53
N GLY I 397 33.11 17.29 26.17
CA GLY I 397 33.38 16.00 26.85
C GLY I 397 33.01 16.09 28.32
N THR I 398 33.53 15.15 29.13
CA THR I 398 33.32 15.07 30.60
C THR I 398 33.84 16.35 31.29
N TRP I 399 33.21 16.74 32.41
CA TRP I 399 33.61 17.86 33.32
C TRP I 399 33.81 17.30 34.73
N ARG I 412 35.03 5.02 35.08
CA ARG I 412 34.76 3.89 34.15
C ARG I 412 34.71 4.41 32.70
N PHE I 413 34.02 5.53 32.45
CA PHE I 413 34.02 6.28 31.16
C PHE I 413 35.40 6.89 30.90
N ARG I 414 36.18 7.11 31.97
CA ARG I 414 37.60 7.60 31.94
C ARG I 414 38.56 6.40 31.81
N ARG I 415 38.18 5.22 32.34
CA ARG I 415 38.88 3.93 32.09
C ARG I 415 38.90 3.63 30.58
N HIS I 416 38.05 4.30 29.80
CA HIS I 416 37.86 4.14 28.32
C HIS I 416 38.51 5.29 27.54
N GLY I 417 39.30 6.15 28.18
CA GLY I 417 40.19 7.11 27.50
C GLY I 417 39.60 8.49 27.29
N VAL I 418 38.50 8.83 27.98
CA VAL I 418 37.93 10.21 28.01
C VAL I 418 38.25 10.82 29.38
N ILE I 419 39.14 11.82 29.41
CA ILE I 419 39.60 12.50 30.66
C ILE I 419 38.66 13.66 31.00
N GLU I 420 38.06 13.63 32.20
CA GLU I 420 37.28 14.76 32.77
C GLU I 420 38.13 16.03 32.70
N MET I 421 37.61 17.10 32.10
CA MET I 421 38.26 18.43 32.01
C MET I 421 37.92 19.25 33.25
N PRO I 422 38.81 20.14 33.73
CA PRO I 422 38.45 21.10 34.78
C PRO I 422 37.59 22.22 34.20
N PRO I 423 36.55 22.70 34.93
CA PRO I 423 35.61 23.68 34.38
C PRO I 423 36.27 24.98 33.88
N GLU I 424 37.30 25.47 34.59
CA GLU I 424 37.96 26.76 34.22
C GLU I 424 38.70 26.58 32.88
N THR I 425 39.21 25.37 32.60
CA THR I 425 39.86 24.97 31.31
C THR I 425 38.81 24.96 30.20
N ALA I 426 37.69 24.25 30.41
CA ALA I 426 36.54 24.14 29.48
C ALA I 426 36.03 25.55 29.12
N CYS I 427 35.90 26.41 30.13
CA CYS I 427 35.36 27.79 30.05
C CYS I 427 36.31 28.70 29.25
N ARG I 428 37.61 28.46 29.33
CA ARG I 428 38.65 29.13 28.49
C ARG I 428 38.49 28.60 27.05
N ALA I 429 38.30 27.28 26.88
CA ALA I 429 38.06 26.62 25.58
C ALA I 429 36.80 27.20 24.91
N LEU I 430 35.79 27.55 25.71
CA LEU I 430 34.57 28.26 25.25
C LEU I 430 34.97 29.67 24.77
N GLN I 431 35.81 30.38 25.56
CA GLN I 431 36.29 31.75 25.22
C GLN I 431 36.96 31.70 23.84
N ASN I 432 37.85 30.74 23.61
CA ASN I 432 38.61 30.56 22.34
C ASN I 432 37.64 30.21 21.20
N ALA I 433 36.72 29.28 21.44
CA ALA I 433 35.70 28.82 20.45
C ALA I 433 34.74 29.96 20.11
N LEU I 434 34.53 30.92 21.01
CA LEU I 434 33.62 32.09 20.86
C LEU I 434 34.24 33.16 19.95
N ASP I 435 35.55 33.38 20.07
CA ASP I 435 36.33 34.43 19.36
C ASP I 435 36.90 33.89 18.04
N ARG I 436 37.09 32.57 17.93
CA ARG I 436 37.38 31.85 16.65
C ARG I 436 36.06 31.76 15.86
N ALA I 437 34.95 31.54 16.56
CA ALA I 437 33.57 31.59 16.02
C ALA I 437 33.34 30.49 14.98
N GLU I 438 33.66 29.24 15.33
CA GLU I 438 33.26 28.03 14.56
C GLU I 438 31.86 27.62 15.04
N VAL I 439 31.05 27.01 14.17
CA VAL I 439 29.61 26.70 14.45
C VAL I 439 29.50 25.51 15.42
N CYS I 440 30.34 24.47 15.26
CA CYS I 440 30.24 23.19 16.03
C CYS I 440 31.61 22.76 16.54
N PRO I 441 32.28 23.58 17.39
CA PRO I 441 33.62 23.26 17.89
C PRO I 441 33.53 22.15 18.95
N ILE I 442 34.29 21.07 18.77
CA ILE I 442 34.40 19.97 19.77
C ILE I 442 35.49 20.38 20.75
N VAL I 443 35.27 20.10 22.04
CA VAL I 443 36.20 20.39 23.16
C VAL I 443 36.21 19.17 24.09
N ILE I 444 37.30 18.39 24.08
CA ILE I 444 37.35 17.08 24.80
C ILE I 444 38.82 16.65 24.92
N ASP I 445 39.27 16.41 26.15
CA ASP I 445 40.59 15.78 26.46
C ASP I 445 40.41 14.28 26.28
N VAL I 446 41.28 13.64 25.50
CA VAL I 446 41.10 12.24 25.05
C VAL I 446 42.48 11.60 24.82
N ARG I 447 42.82 10.60 25.63
CA ARG I 447 44.02 9.73 25.44
C ARG I 447 43.68 8.76 24.30
N TRP I 448 43.91 9.20 23.06
CA TRP I 448 43.71 8.41 21.82
C TRP I 448 44.33 7.01 22.02
N ASP I 449 45.48 6.94 22.69
CA ASP I 449 46.17 5.67 23.06
C ASP I 449 45.10 4.57 23.20
N ARG I 450 44.39 4.52 24.34
CA ARG I 450 43.48 3.39 24.69
C ARG I 450 42.01 3.80 24.48
N PHE I 451 41.76 4.98 23.91
CA PHE I 451 40.42 5.41 23.44
C PHE I 451 40.05 4.63 22.17
N LEU I 452 40.96 4.57 21.20
CA LEU I 452 40.78 3.85 19.91
C LEU I 452 40.48 2.37 20.19
N LEU I 453 41.35 1.70 20.94
CA LEU I 453 41.25 0.26 21.30
C LEU I 453 39.86 -0.04 21.89
N ALA I 454 39.26 0.94 22.58
CA ALA I 454 37.93 0.84 23.24
C ALA I 454 36.80 1.17 22.26
N TYR I 455 36.94 2.27 21.49
CA TYR I 455 35.93 2.75 20.51
C TYR I 455 35.96 1.87 19.25
N THR I 456 37.03 1.09 19.05
CA THR I 456 37.24 0.19 17.88
C THR I 456 37.03 -1.27 18.30
N ALA I 457 36.74 -1.50 19.59
CA ALA I 457 36.68 -2.84 20.25
C ALA I 457 36.07 -3.91 19.33
N GLN I 458 34.86 -3.68 18.81
CA GLN I 458 34.16 -4.67 17.93
C GLN I 458 33.41 -3.98 16.79
N ARG I 459 33.77 -2.73 16.46
CA ARG I 459 33.27 -2.01 15.25
C ARG I 459 34.34 -1.03 14.79
N PRO I 460 35.16 -1.42 13.78
CA PRO I 460 36.13 -0.51 13.19
C PRO I 460 35.41 0.58 12.38
N THR I 461 35.80 1.85 12.57
CA THR I 461 35.29 3.02 11.81
C THR I 461 36.45 3.83 11.23
N ARG I 462 36.14 4.71 10.29
CA ARG I 462 37.09 5.66 9.65
C ARG I 462 36.58 7.09 9.83
N LEU I 463 35.87 7.33 10.94
CA LEU I 463 35.50 8.68 11.41
C LEU I 463 36.78 9.34 11.94
N PHE I 464 37.51 8.61 12.78
CA PHE I 464 38.82 9.00 13.33
C PHE I 464 39.91 8.30 12.51
N ASP I 465 40.37 8.93 11.42
CA ASP I 465 41.54 8.53 10.59
C ASP I 465 42.66 9.58 10.73
N GLU I 466 42.31 10.83 11.06
CA GLU I 466 43.19 12.03 10.95
C GLU I 466 43.37 12.65 12.34
S SO4 J . -23.18 -9.20 13.81
O1 SO4 J . -22.43 -9.51 12.63
O2 SO4 J . -24.19 -8.23 13.49
O3 SO4 J . -22.29 -8.64 14.79
O4 SO4 J . -23.79 -10.38 14.36
S SO4 K . 4.20 -17.01 -61.97
O1 SO4 K . 5.50 -16.78 -61.42
O2 SO4 K . 4.33 -17.70 -63.23
O3 SO4 K . 3.54 -15.76 -62.19
O4 SO4 K . 3.44 -17.81 -61.06
S SO4 L . 25.70 -26.59 -68.28
O1 SO4 L . 26.54 -25.48 -67.88
O2 SO4 L . 25.76 -26.76 -69.71
O3 SO4 L . 24.34 -26.32 -67.89
O4 SO4 L . 26.15 -27.79 -67.64
S SO4 M . -51.46 9.11 6.03
O1 SO4 M . -50.05 9.11 6.32
O2 SO4 M . -51.68 8.33 4.85
O3 SO4 M . -51.91 10.45 5.82
O4 SO4 M . -52.17 8.51 7.14
S SO4 N . -52.56 16.38 47.58
O1 SO4 N . -51.95 17.46 46.86
O2 SO4 N . -51.86 15.15 47.30
O3 SO4 N . -53.94 16.25 47.19
O4 SO4 N . -52.50 16.65 48.99
S SO4 O . 29.45 -2.86 -43.29
O1 SO4 O . 29.70 -1.80 -44.23
O2 SO4 O . 30.63 -3.67 -43.13
O3 SO4 O . 28.37 -3.67 -43.77
O4 SO4 O . 29.08 -2.32 -42.01
S SO4 P . 16.12 23.12 34.46
O1 SO4 P . 16.74 22.06 33.72
O2 SO4 P . 15.96 24.28 33.62
O3 SO4 P . 16.96 23.46 35.59
O4 SO4 P . 14.84 22.68 34.95
#